data_8YIO
#
_entry.id   8YIO
#
_cell.length_a   1.00
_cell.length_b   1.00
_cell.length_c   1.00
_cell.angle_alpha   90.00
_cell.angle_beta   90.00
_cell.angle_gamma   90.00
#
_symmetry.space_group_name_H-M   'P 1'
#
loop_
_entity.id
_entity.type
_entity.pdbx_description
1 polymer 'COR1 isoform 1'
2 polymer 'Cytochrome b'
3 polymer 'Cytochrome b-c1 complex subunit 2, mitochondrial'
4 polymer 'Cytochrome c1, heme protein, mitochondrial'
5 polymer 'Cytochrome b-c1 complex subunit Rieske, mitochondrial'
6 polymer 'QCR6 isoform 1'
7 polymer 'Cytochrome b-c1 complex subunit 7'
8 polymer 'Cytochrome b-c1 complex subunit 8'
9 polymer 'Cytochrome b-c1 complex subunit 9, mitochondrial'
10 polymer 'Cytochrome b-c1 complex subunit 10, mitochondrial'
11 non-polymer 'METHYL (2Z)-2-(2-{[6-(2-CYANOPHENOXY)PYRIMIDIN-4-YL]OXY}PHENYL)-3-METHOXYACRYLATE'
12 non-polymer 5-(3,7,11,15,19,23-HEXAMETHYL-TETRACOSA-2,6,10,14,18,22-HEXAENYL)-2,3-DIMETHOXY-6-METHYL-BENZENE-1,4-DIOL
13 non-polymer '(2R)-3-{[(S)-(2-aminoethoxy)(hydroxy)phosphoryl]oxy}-2-(tetradecanoyloxy)propyl octadecanoate'
14 non-polymer '(1R)-2-{[(S)-(2-aminoethoxy)(hydroxy)phosphoryl]oxy}-1-[(heptanoyloxy)methyl]ethyl octadecanoate'
15 non-polymer 'PROTOPORPHYRIN IX CONTAINING FE'
16 non-polymer '(5S,11R)-5,8,11-trihydroxy-5,11-dioxido-17-oxo-4,6,10,12,16-pentaoxa-5,11-diphosphaoctadec-1-yl pentadecanoate'
17 non-polymer '(2R,5S,11R,14R)-5,8,11-trihydroxy-2-(nonanoyloxy)-5,11-dioxido-16-oxo-14-[(propanoyloxy)methyl]-4,6,10,12,15-pentaoxa-5,11-diphosphanonadec-1-yl undecanoate'
18 non-polymer '(1R)-2-(phosphonooxy)-1-[(tridecanoyloxy)methyl]ethyl pentadecanoate'
#
loop_
_entity_poly.entity_id
_entity_poly.type
_entity_poly.pdbx_seq_one_letter_code
_entity_poly.pdbx_strand_id
1 'polypeptide(L)'
;AEVTQLSNGIVVATEHNPSAHTASVGVVFGSGAANENPYNNGVSNLWKNIFLSKENSAVAAKEGLALSSNISRDFQSYIV
SSLPGSTDKSLDFLNQSFIQQKANLLSSSNFEATKKSVLKQVQDFEENDHPNRVLEHLHSTAFQNTPLSLPTRGTLESLE
NLVVADLESFANNHFLNSNAVVVGTGNIKHEDLVNSIESKNLSLQTGTKPVLKKKAAFLGSEVRLRDDTLPKAWISLAVE
GEPVNSPNYFVAKLAAQIFGSYNAFEPASRLQGIKLLDNIQEYQLCDNFNHFSLSYKDSGLWGFSTATRNVTMIDDLIHF
TLKQWNRLTISVTDTEVERAKSLLKLQLGQLYESGNPVNDANLLGAEVLIKGSKLSLGEAFKKIDAITVKDVKAWAGKRL
WDQDIAIAGTGQIEGLLDYMRIRSDMSMMRW
;
A,L
2 'polypeptide(L)'
;MAFRKSNVYLSLVNSYIIDSPQPSSINYWWNMGSLLGLCLVIQIVTGIFMAMHYSSNIELAFSSVEHIMRDVHNGYILRY
LHANGASFFFMVMFMHMAKGLYYGSYRSPRVTLWNVGVIIFILTIATAFLGYCCVYGQMSHWGATVITNLFSAIPFVGND
IVSWLWGGFSVSNPTIQRFFALHYLVPFIIAAMVIMHLMALHIHGSSNPLGITGNLDRIPMHSYFIFKDLVTVFLFMLIL
ALFVFYSPNTLGHPDNYIPGNPLVTPASIVPEWYLLPFYAILRSIPDKLLGVITMFAAILVLLVLPFTDRSVVRGNTFKV
LSKFFFFIFVFNFVLLGQIGACHVEVPYVLMGQIATFIYFAYFLIIVPVISTIENVLFYIGRVNK
;
C,N
3 'polypeptide(L)'
;LTVSARDAPTKISTLAVKVHGGSRYATKDGVAHLLNRFNFQNTNTRSALKLVRESELLGGTFKSTLDREYITLKATFLKD
DLPYYVNALADVLYKTAFKPHELTESVLPAARYDYAVAEQCPVKSAEDQLYAITFRKGLGNPLLYDGVERVSLQDIKDFA
DKVYTKENLEVSGENVVEADLKRFVDESLLSTLPAGKSLVSKSEPKFFLGEENRVRFIGDSVAAIGIPVNKASLAQYEVL
ANYLTSALSELSGLISSAKLDKFTDGGLFTLFVRDQDSAVVSSNIKKIVADLKKGKDLSPAINYTKLKNAVQNESVSSPI
ELNFDAVKDFKLGKFNYVAVGDVSNLPYLDEL
;
B,M
4 'polypeptide(L)'
;MTAAEHGLHAPAYAWSHNGPFETFDHASIRRGYQVYREVCAACHSLDRVAWRTLVGVSHTNEEVRNMAEEFEYDDEPDEQ
GNPKKRPGKLSDYIPGPYPNEQAARAANQGALPPDLSLIVKARHGGCDYIFSLLTGYPDEPPAGVALPPGSNYNPYFPGG
SIAMARVLFDDMVEYEDGTPATTSQMAKDVTTFLNWCAEPEHDERKRLGLKTVIILSSLYLLSIWVKKFKWAGIKTRKFV
FNPPKPRK
;
D,O
5 'polypeptide(L)'
;KSTYRTPNFDDVLKENNDADKGRSYAYFMVGAMGLLSSAGAKSTVETFISSMTATADVLAMAKVEVNLAAIPLGKNVVVK
WQGKPVFIRHRTPHEIQEANSVDMSALKDPQTDADRVKDPQWLIMLGICTHLGCVPIGEAGDFGGWFCPCHGSHYDISGR
IRKGPAPLNLEIPAYEFDGDKVIVG
;
E,P
6 'polypeptide(L)' EVTDQLEDLREHFKNTEEGKALVHHYEECAERVKIQQQQPGYADLEHKEDCVEEFFHLQHYLDTATAPRLFDKLK F,Q
7 'polypeptide(L)'
;PQSFTSIARIGDYILKSPVLSKLCVPVANQFINLAGYKKLGLKFDDLIAEENPIMQTALRRLPEDESYARAYRIIRAHQT
ELTHHLLPRNEWIKAQEDVPYLLPYILEAEAAAKEKDELDNIEVSK
;
G,R
8 'polypeptide(L)'
;GPPSGKTYMGWWGHMGGPKQKGITSYAVSPYAQKPLQGIFHNAVFNSFRRFKSQFLYVLIPAGIYWYWWKNGNEYNEFLY
SKAGREELERVNV
;
H,S
9 'polypeptide(L)' SSLYKTFFKRNAVFVGTIFAGAFVFQTVFDTAITSWYENHNKGKLWKDVKARIAA I,T
10 'polypeptide(L)' KTGLHFGRLSLRSLTAYAPNLMLWGGASMLGLFVFTEGWPKFQDTLYKKIPL U,V
#
# COMPACT_ATOMS: atom_id res chain seq x y z
N ALA A 1 -38.77 -58.77 -0.52
CA ALA A 1 -37.53 -58.50 -1.25
C ALA A 1 -36.50 -59.60 -1.00
N GLU A 2 -36.18 -60.37 -2.05
CA GLU A 2 -35.25 -61.48 -1.92
C GLU A 2 -34.64 -61.77 -3.29
N VAL A 3 -33.34 -62.05 -3.29
CA VAL A 3 -32.65 -62.49 -4.49
C VAL A 3 -32.45 -63.99 -4.43
N THR A 4 -32.30 -64.61 -5.59
CA THR A 4 -32.11 -66.06 -5.68
C THR A 4 -31.04 -66.34 -6.72
N GLN A 5 -29.96 -66.97 -6.28
CA GLN A 5 -28.88 -67.39 -7.16
C GLN A 5 -28.92 -68.91 -7.32
N LEU A 6 -28.76 -69.37 -8.55
CA LEU A 6 -28.76 -70.80 -8.86
C LEU A 6 -27.79 -71.06 -10.00
N SER A 7 -27.03 -72.14 -9.90
CA SER A 7 -26.09 -72.54 -10.93
C SER A 7 -26.43 -73.94 -11.43
N ASN A 8 -26.50 -74.10 -12.74
CA ASN A 8 -26.62 -75.40 -13.38
C ASN A 8 -25.57 -75.59 -14.47
N GLY A 9 -24.50 -74.79 -14.42
CA GLY A 9 -23.59 -74.60 -15.53
C GLY A 9 -23.60 -73.13 -15.92
N ILE A 10 -24.78 -72.52 -15.85
CA ILE A 10 -24.97 -71.10 -16.07
C ILE A 10 -25.47 -70.48 -14.77
N VAL A 11 -24.86 -69.38 -14.35
CA VAL A 11 -25.30 -68.67 -13.16
C VAL A 11 -26.52 -67.83 -13.50
N VAL A 12 -27.62 -68.06 -12.78
CA VAL A 12 -28.89 -67.39 -13.00
C VAL A 12 -29.29 -66.69 -11.71
N ALA A 13 -29.53 -65.38 -11.78
CA ALA A 13 -29.92 -64.58 -10.63
C ALA A 13 -31.19 -63.80 -10.95
N THR A 14 -32.12 -63.74 -10.00
CA THR A 14 -33.38 -63.03 -10.17
C THR A 14 -33.69 -62.16 -8.97
N GLU A 15 -34.65 -61.25 -9.15
CA GLU A 15 -35.14 -60.37 -8.10
C GLU A 15 -36.62 -60.09 -8.39
N HIS A 16 -37.50 -60.89 -7.82
CA HIS A 16 -38.91 -60.86 -8.17
C HIS A 16 -39.64 -59.70 -7.52
N ASN A 17 -40.50 -59.04 -8.29
CA ASN A 17 -41.33 -57.95 -7.80
C ASN A 17 -42.71 -58.08 -8.45
N PRO A 18 -43.70 -58.64 -7.75
CA PRO A 18 -45.03 -58.82 -8.34
C PRO A 18 -45.87 -57.56 -8.40
N SER A 19 -45.37 -56.41 -7.94
CA SER A 19 -46.10 -55.15 -8.08
C SER A 19 -45.72 -54.39 -9.34
N ALA A 20 -44.60 -54.73 -9.98
CA ALA A 20 -44.16 -54.01 -11.17
C ALA A 20 -45.00 -54.42 -12.38
N HIS A 21 -44.98 -53.55 -13.40
CA HIS A 21 -45.79 -53.75 -14.59
C HIS A 21 -44.97 -54.11 -15.82
N THR A 22 -43.65 -54.24 -15.70
CA THR A 22 -42.78 -54.71 -16.77
C THR A 22 -41.81 -55.74 -16.23
N ALA A 23 -41.08 -56.39 -17.15
CA ALA A 23 -40.03 -57.33 -16.82
C ALA A 23 -38.79 -57.03 -17.65
N SER A 24 -37.64 -57.49 -17.17
CA SER A 24 -36.37 -57.18 -17.81
C SER A 24 -35.43 -58.37 -17.67
N VAL A 25 -34.82 -58.79 -18.78
CA VAL A 25 -34.02 -60.01 -18.87
C VAL A 25 -32.78 -59.72 -19.71
N GLY A 26 -31.61 -60.09 -19.22
CA GLY A 26 -30.40 -59.84 -19.97
C GLY A 26 -29.22 -60.67 -19.49
N VAL A 27 -28.04 -60.32 -20.00
CA VAL A 27 -26.79 -60.99 -19.65
C VAL A 27 -25.74 -59.93 -19.34
N VAL A 28 -24.98 -60.15 -18.26
CA VAL A 28 -23.91 -59.25 -17.83
C VAL A 28 -22.60 -60.01 -17.87
N PHE A 29 -21.59 -59.41 -18.48
CA PHE A 29 -20.25 -59.99 -18.59
C PHE A 29 -19.31 -59.31 -17.62
N GLY A 30 -18.32 -60.06 -17.14
CA GLY A 30 -17.41 -59.57 -16.13
C GLY A 30 -16.15 -58.89 -16.66
N SER A 31 -16.19 -58.37 -17.88
CA SER A 31 -15.10 -57.59 -18.44
C SER A 31 -15.60 -56.20 -18.81
N GLY A 32 -14.74 -55.21 -18.65
CA GLY A 32 -15.06 -53.84 -18.95
C GLY A 32 -13.96 -53.18 -19.76
N ALA A 33 -13.82 -51.87 -19.55
CA ALA A 33 -12.77 -51.11 -20.22
C ALA A 33 -11.39 -51.36 -19.62
N ALA A 34 -11.33 -51.90 -18.41
CA ALA A 34 -10.05 -52.23 -17.78
C ALA A 34 -9.51 -53.60 -18.20
N ASN A 35 -10.13 -54.25 -19.18
CA ASN A 35 -9.62 -55.47 -19.77
C ASN A 35 -9.14 -55.27 -21.19
N GLU A 36 -8.97 -54.02 -21.62
CA GLU A 36 -8.46 -53.69 -22.94
C GLU A 36 -7.01 -53.20 -22.82
N ASN A 37 -6.39 -52.97 -23.97
CA ASN A 37 -5.03 -52.48 -24.06
C ASN A 37 -5.09 -51.13 -24.78
N PRO A 38 -4.02 -50.31 -24.83
CA PRO A 38 -4.13 -49.01 -25.50
C PRO A 38 -4.34 -49.05 -27.02
N TYR A 39 -4.37 -50.22 -27.67
CA TYR A 39 -4.56 -50.26 -29.11
C TYR A 39 -5.96 -50.67 -29.54
N ASN A 40 -6.71 -51.37 -28.71
CA ASN A 40 -8.10 -51.68 -29.00
C ASN A 40 -9.06 -50.98 -28.04
N ASN A 41 -8.65 -49.83 -27.50
CA ASN A 41 -9.48 -49.07 -26.58
C ASN A 41 -10.68 -48.49 -27.32
N GLY A 42 -11.88 -48.81 -26.85
CA GLY A 42 -13.11 -48.46 -27.52
C GLY A 42 -13.81 -49.63 -28.18
N VAL A 43 -13.30 -50.85 -28.02
CA VAL A 43 -13.94 -52.00 -28.65
C VAL A 43 -15.21 -52.40 -27.91
N SER A 44 -15.30 -52.11 -26.60
CA SER A 44 -16.54 -52.39 -25.87
C SER A 44 -17.63 -51.41 -26.23
N ASN A 45 -17.26 -50.14 -26.43
CA ASN A 45 -18.22 -49.12 -26.82
C ASN A 45 -18.75 -49.34 -28.24
N LEU A 46 -17.98 -50.02 -29.10
CA LEU A 46 -18.47 -50.36 -30.42
C LEU A 46 -19.43 -51.55 -30.38
N TRP A 47 -19.20 -52.50 -29.47
CA TRP A 47 -20.10 -53.64 -29.34
C TRP A 47 -21.46 -53.23 -28.80
N LYS A 48 -21.51 -52.16 -28.00
CA LYS A 48 -22.78 -51.65 -27.50
C LYS A 48 -23.62 -51.06 -28.62
N ASN A 49 -23.01 -50.26 -29.49
CA ASN A 49 -23.75 -49.62 -30.57
C ASN A 49 -24.04 -50.55 -31.73
N ILE A 50 -23.36 -51.70 -31.81
CA ILE A 50 -23.75 -52.74 -32.75
C ILE A 50 -25.05 -53.40 -32.28
N PHE A 51 -25.15 -53.65 -30.97
CA PHE A 51 -26.35 -54.25 -30.39
C PHE A 51 -27.55 -53.30 -30.45
N LEU A 52 -27.30 -51.99 -30.39
CA LEU A 52 -28.36 -50.99 -30.43
C LEU A 52 -28.56 -50.40 -31.82
N SER A 53 -28.07 -51.07 -32.87
CA SER A 53 -28.19 -50.54 -34.23
C SER A 53 -29.63 -50.68 -34.73
N LYS A 54 -29.88 -50.09 -35.90
CA LYS A 54 -31.25 -49.83 -36.34
C LYS A 54 -31.97 -51.09 -36.79
N GLU A 55 -31.27 -51.98 -37.50
CA GLU A 55 -31.90 -53.21 -37.97
C GLU A 55 -32.13 -54.20 -36.83
N ASN A 56 -31.26 -54.18 -35.82
CA ASN A 56 -31.46 -55.03 -34.65
C ASN A 56 -32.59 -54.49 -33.77
N SER A 57 -32.71 -53.17 -33.66
CA SER A 57 -33.78 -52.58 -32.88
C SER A 57 -35.14 -52.71 -33.56
N ALA A 58 -35.17 -52.84 -34.89
CA ALA A 58 -36.43 -52.96 -35.61
C ALA A 58 -37.03 -54.35 -35.49
N VAL A 59 -36.18 -55.39 -35.43
CA VAL A 59 -36.68 -56.75 -35.21
C VAL A 59 -37.28 -56.87 -33.82
N ALA A 60 -36.66 -56.21 -32.83
CA ALA A 60 -37.17 -56.26 -31.46
C ALA A 60 -38.48 -55.48 -31.32
N ALA A 61 -38.63 -54.38 -32.06
CA ALA A 61 -39.77 -53.50 -31.89
C ALA A 61 -41.05 -54.09 -32.47
N LYS A 62 -40.95 -54.94 -33.49
CA LYS A 62 -42.12 -55.64 -34.02
C LYS A 62 -42.65 -56.69 -33.05
N GLU A 63 -41.81 -57.17 -32.13
CA GLU A 63 -42.25 -58.08 -31.08
C GLU A 63 -42.78 -57.35 -29.85
N GLY A 64 -42.41 -56.09 -29.66
CA GLY A 64 -42.75 -55.36 -28.47
C GLY A 64 -41.66 -55.25 -27.44
N LEU A 65 -40.39 -55.26 -27.86
CA LEU A 65 -39.26 -55.27 -26.95
C LEU A 65 -38.44 -53.99 -27.09
N ALA A 66 -37.75 -53.63 -26.02
CA ALA A 66 -36.83 -52.50 -26.00
C ALA A 66 -35.46 -52.98 -25.53
N LEU A 67 -34.42 -52.28 -25.97
CA LEU A 67 -33.04 -52.71 -25.76
C LEU A 67 -32.25 -51.65 -25.00
N SER A 68 -31.36 -52.09 -24.12
CA SER A 68 -30.45 -51.22 -23.38
C SER A 68 -29.08 -51.87 -23.31
N SER A 69 -28.06 -51.04 -23.07
CA SER A 69 -26.69 -51.53 -22.93
C SER A 69 -25.87 -50.49 -22.17
N ASN A 70 -24.92 -50.97 -21.38
CA ASN A 70 -24.11 -50.12 -20.51
C ASN A 70 -22.67 -50.62 -20.48
N ILE A 71 -21.72 -49.70 -20.56
CA ILE A 71 -20.30 -50.02 -20.53
C ILE A 71 -19.68 -49.36 -19.31
N SER A 72 -19.03 -50.15 -18.46
CA SER A 72 -18.32 -49.63 -17.30
C SER A 72 -16.87 -50.11 -17.29
N ARG A 73 -16.16 -49.88 -16.19
CA ARG A 73 -14.77 -50.27 -16.11
C ARG A 73 -14.59 -51.76 -15.78
N ASP A 74 -15.56 -52.37 -15.11
CA ASP A 74 -15.45 -53.76 -14.71
C ASP A 74 -16.46 -54.69 -15.35
N PHE A 75 -17.50 -54.17 -15.99
CA PHE A 75 -18.57 -55.01 -16.51
C PHE A 75 -19.23 -54.34 -17.71
N GLN A 76 -20.07 -55.12 -18.40
CA GLN A 76 -20.92 -54.64 -19.47
C GLN A 76 -22.14 -55.54 -19.60
N SER A 77 -23.27 -54.95 -19.97
CA SER A 77 -24.55 -55.66 -19.97
C SER A 77 -25.33 -55.40 -21.25
N TYR A 78 -26.24 -56.33 -21.56
CA TYR A 78 -27.08 -56.29 -22.75
C TYR A 78 -28.47 -56.78 -22.35
N ILE A 79 -29.46 -55.87 -22.35
CA ILE A 79 -30.72 -56.06 -21.62
C ILE A 79 -31.90 -55.89 -22.57
N VAL A 80 -32.87 -56.82 -22.48
CA VAL A 80 -34.13 -56.77 -23.22
C VAL A 80 -35.27 -56.60 -22.22
N SER A 81 -36.22 -55.70 -22.53
CA SER A 81 -37.37 -55.42 -21.67
C SER A 81 -38.67 -55.70 -22.42
N SER A 82 -39.71 -56.05 -21.67
CA SER A 82 -40.99 -56.44 -22.26
C SER A 82 -42.09 -56.35 -21.19
N LEU A 83 -43.32 -56.63 -21.63
CA LEU A 83 -44.45 -56.81 -20.73
C LEU A 83 -44.29 -58.16 -20.00
N PRO A 84 -44.93 -58.34 -18.83
CA PRO A 84 -44.68 -59.56 -18.04
C PRO A 84 -45.19 -60.85 -18.68
N GLY A 85 -46.05 -60.78 -19.68
CA GLY A 85 -46.52 -61.98 -20.35
C GLY A 85 -45.71 -62.43 -21.54
N SER A 86 -44.58 -61.78 -21.83
CA SER A 86 -43.81 -62.09 -23.03
C SER A 86 -42.32 -62.14 -22.73
N THR A 87 -41.94 -62.78 -21.62
CA THR A 87 -40.53 -62.99 -21.33
C THR A 87 -39.94 -64.16 -22.11
N ASP A 88 -40.77 -64.98 -22.76
CA ASP A 88 -40.25 -66.04 -23.61
C ASP A 88 -39.79 -65.50 -24.96
N LYS A 89 -40.44 -64.45 -25.46
CA LYS A 89 -40.00 -63.81 -26.68
C LYS A 89 -38.72 -63.02 -26.47
N SER A 90 -38.54 -62.44 -25.28
CA SER A 90 -37.34 -61.66 -25.00
C SER A 90 -36.12 -62.55 -24.80
N LEU A 91 -36.32 -63.76 -24.27
CA LEU A 91 -35.22 -64.71 -24.14
C LEU A 91 -34.87 -65.37 -25.46
N ASP A 92 -35.82 -65.45 -26.39
CA ASP A 92 -35.50 -65.93 -27.74
C ASP A 92 -34.67 -64.91 -28.50
N PHE A 93 -34.97 -63.62 -28.35
CA PHE A 93 -34.25 -62.57 -29.07
C PHE A 93 -32.80 -62.50 -28.61
N LEU A 94 -32.55 -62.73 -27.33
CA LEU A 94 -31.19 -62.77 -26.82
C LEU A 94 -30.42 -63.99 -27.33
N ASN A 95 -31.12 -65.05 -27.72
CA ASN A 95 -30.47 -66.25 -28.22
C ASN A 95 -30.09 -66.12 -29.69
N GLN A 96 -31.01 -65.62 -30.52
CA GLN A 96 -30.76 -65.57 -31.97
C GLN A 96 -29.77 -64.47 -32.33
N SER A 97 -30.02 -63.25 -31.87
CA SER A 97 -29.28 -62.10 -32.37
C SER A 97 -27.91 -61.97 -31.75
N PHE A 98 -27.71 -62.48 -30.54
CA PHE A 98 -26.48 -62.22 -29.79
C PHE A 98 -25.64 -63.45 -29.51
N ILE A 99 -26.21 -64.65 -29.50
CA ILE A 99 -25.46 -65.84 -29.13
C ILE A 99 -25.12 -66.66 -30.36
N GLN A 100 -26.15 -67.01 -31.15
CA GLN A 100 -25.95 -67.85 -32.33
C GLN A 100 -25.29 -67.08 -33.47
N GLN A 101 -26.00 -66.12 -34.03
CA GLN A 101 -25.57 -65.41 -35.22
C GLN A 101 -24.99 -64.05 -34.85
N LYS A 102 -23.80 -63.75 -35.37
CA LYS A 102 -23.26 -62.40 -35.31
C LYS A 102 -22.71 -61.92 -36.64
N ALA A 103 -22.79 -62.74 -37.70
CA ALA A 103 -22.46 -62.28 -39.04
C ALA A 103 -23.55 -61.41 -39.65
N ASN A 104 -24.76 -61.45 -39.11
CA ASN A 104 -25.79 -60.51 -39.53
C ASN A 104 -25.49 -59.10 -39.06
N LEU A 105 -25.05 -58.97 -37.80
CA LEU A 105 -24.77 -57.65 -37.24
C LEU A 105 -23.44 -57.09 -37.73
N LEU A 106 -22.47 -57.96 -38.01
CA LEU A 106 -21.12 -57.53 -38.39
C LEU A 106 -20.92 -57.46 -39.90
N SER A 107 -21.97 -57.16 -40.66
CA SER A 107 -21.80 -56.92 -42.09
C SER A 107 -21.07 -55.61 -42.31
N SER A 108 -20.48 -55.48 -43.51
CA SER A 108 -19.62 -54.34 -43.81
C SER A 108 -20.42 -53.04 -43.90
N SER A 109 -21.66 -53.13 -44.37
CA SER A 109 -22.48 -51.92 -44.47
C SER A 109 -22.96 -51.45 -43.10
N ASN A 110 -23.20 -52.38 -42.17
CA ASN A 110 -23.63 -52.02 -40.82
C ASN A 110 -22.46 -51.56 -39.96
N PHE A 111 -21.26 -52.09 -40.20
CA PHE A 111 -20.12 -51.75 -39.36
C PHE A 111 -19.60 -50.35 -39.66
N GLU A 112 -19.58 -49.95 -40.93
CA GLU A 112 -19.07 -48.63 -41.29
C GLU A 112 -20.02 -47.52 -40.87
N ALA A 113 -21.33 -47.78 -40.90
CA ALA A 113 -22.29 -46.78 -40.44
C ALA A 113 -22.27 -46.62 -38.93
N THR A 114 -22.02 -47.71 -38.20
CA THR A 114 -21.97 -47.63 -36.74
C THR A 114 -20.69 -46.93 -36.27
N LYS A 115 -19.56 -47.19 -36.95
CA LYS A 115 -18.29 -46.57 -36.59
C LYS A 115 -18.30 -45.07 -36.86
N LYS A 116 -19.06 -44.61 -37.85
CA LYS A 116 -19.20 -43.18 -38.09
C LYS A 116 -19.99 -42.50 -36.98
N SER A 117 -21.03 -43.17 -36.47
CA SER A 117 -21.87 -42.59 -35.44
C SER A 117 -21.16 -42.52 -34.09
N VAL A 118 -20.28 -43.48 -33.81
CA VAL A 118 -19.55 -43.49 -32.54
C VAL A 118 -18.47 -42.42 -32.53
N LEU A 119 -17.80 -42.20 -33.67
CA LEU A 119 -16.75 -41.20 -33.76
C LEU A 119 -17.28 -39.79 -33.57
N LYS A 120 -18.53 -39.54 -33.97
CA LYS A 120 -19.14 -38.23 -33.76
C LYS A 120 -19.51 -38.02 -32.29
N GLN A 121 -19.91 -39.09 -31.59
CA GLN A 121 -20.26 -38.99 -30.17
C GLN A 121 -19.04 -38.67 -29.31
N VAL A 122 -17.92 -39.31 -29.60
CA VAL A 122 -16.70 -39.08 -28.83
C VAL A 122 -16.13 -37.69 -29.09
N GLN A 123 -16.31 -37.18 -30.31
CA GLN A 123 -15.83 -35.83 -30.63
C GLN A 123 -16.66 -34.76 -29.94
N ASP A 124 -17.97 -34.96 -29.83
CA ASP A 124 -18.80 -33.99 -29.14
C ASP A 124 -18.65 -34.08 -27.63
N PHE A 125 -18.25 -35.24 -27.11
CA PHE A 125 -17.96 -35.38 -25.68
C PHE A 125 -16.71 -34.59 -25.30
N GLU A 126 -15.67 -34.66 -26.12
CA GLU A 126 -14.40 -34.02 -25.79
C GLU A 126 -14.44 -32.51 -25.96
N GLU A 127 -15.45 -31.97 -26.63
CA GLU A 127 -15.52 -30.54 -26.87
C GLU A 127 -16.51 -29.80 -25.98
N ASN A 128 -17.53 -30.49 -25.45
CA ASN A 128 -18.62 -29.80 -24.77
C ASN A 128 -18.85 -30.22 -23.33
N ASP A 129 -18.55 -31.47 -22.96
CA ASP A 129 -18.94 -32.01 -21.65
C ASP A 129 -17.75 -31.89 -20.69
N HIS A 130 -17.60 -30.70 -20.13
CA HIS A 130 -16.44 -30.36 -19.30
C HIS A 130 -16.40 -30.99 -17.89
N PRO A 131 -17.49 -31.15 -17.12
CA PRO A 131 -17.33 -31.85 -15.84
C PRO A 131 -17.00 -33.34 -15.97
N ASN A 132 -17.59 -34.03 -16.95
CA ASN A 132 -17.37 -35.46 -17.07
C ASN A 132 -16.03 -35.81 -17.71
N ARG A 133 -15.47 -34.93 -18.53
CA ARG A 133 -14.18 -35.23 -19.13
C ARG A 133 -13.01 -34.86 -18.23
N VAL A 134 -13.22 -33.99 -17.23
CA VAL A 134 -12.20 -33.76 -16.22
C VAL A 134 -12.09 -34.96 -15.29
N LEU A 135 -13.23 -35.59 -14.96
CA LEU A 135 -13.22 -36.80 -14.15
C LEU A 135 -12.62 -37.98 -14.90
N GLU A 136 -12.76 -38.01 -16.22
CA GLU A 136 -12.08 -39.03 -17.01
C GLU A 136 -10.58 -38.80 -17.03
N HIS A 137 -10.14 -37.55 -17.07
CA HIS A 137 -8.70 -37.25 -17.01
C HIS A 137 -8.12 -37.47 -15.62
N LEU A 138 -8.95 -37.46 -14.57
CA LEU A 138 -8.47 -37.78 -13.23
C LEU A 138 -8.12 -39.25 -13.10
N HIS A 139 -8.87 -40.12 -13.77
CA HIS A 139 -8.57 -41.55 -13.76
C HIS A 139 -7.28 -41.85 -14.51
N SER A 140 -7.02 -41.14 -15.62
CA SER A 140 -5.86 -41.47 -16.44
C SER A 140 -4.56 -40.98 -15.84
N THR A 141 -4.58 -39.95 -14.99
CA THR A 141 -3.36 -39.52 -14.34
C THR A 141 -3.09 -40.25 -13.02
N ALA A 142 -4.14 -40.69 -12.32
CA ALA A 142 -3.97 -41.36 -11.04
C ALA A 142 -3.52 -42.81 -11.21
N PHE A 143 -3.93 -43.46 -12.29
CA PHE A 143 -3.59 -44.85 -12.57
C PHE A 143 -2.81 -44.98 -13.86
N GLN A 144 -1.83 -44.10 -14.11
CA GLN A 144 -1.13 -44.11 -15.38
C GLN A 144 -0.26 -45.36 -15.56
N ASN A 145 -0.27 -45.89 -16.79
CA ASN A 145 0.43 -47.13 -17.19
C ASN A 145 -0.04 -48.34 -16.38
N THR A 146 -1.34 -48.58 -16.43
CA THR A 146 -2.11 -49.47 -15.57
C THR A 146 -3.51 -49.59 -16.17
N PRO A 147 -4.14 -50.78 -16.12
CA PRO A 147 -5.41 -50.98 -16.86
C PRO A 147 -6.59 -50.13 -16.40
N LEU A 148 -6.54 -49.54 -15.21
CA LEU A 148 -7.63 -48.71 -14.72
C LEU A 148 -7.59 -47.27 -15.27
N SER A 149 -6.71 -46.97 -16.23
CA SER A 149 -6.59 -45.62 -16.78
C SER A 149 -7.32 -45.42 -18.09
N LEU A 150 -7.73 -46.48 -18.76
CA LEU A 150 -8.29 -46.35 -20.10
C LEU A 150 -9.72 -45.80 -20.02
N PRO A 151 -10.07 -44.83 -20.86
CA PRO A 151 -11.44 -44.30 -20.85
C PRO A 151 -12.45 -45.30 -21.41
N THR A 152 -13.67 -45.23 -20.89
CA THR A 152 -14.70 -46.20 -21.23
C THR A 152 -15.25 -46.01 -22.64
N ARG A 153 -15.15 -44.81 -23.20
CA ARG A 153 -15.60 -44.58 -24.57
C ARG A 153 -14.52 -44.83 -25.61
N GLY A 154 -13.26 -44.86 -25.21
CA GLY A 154 -12.15 -44.87 -26.14
C GLY A 154 -11.78 -43.45 -26.56
N THR A 155 -10.68 -43.35 -27.30
CA THR A 155 -10.22 -42.09 -27.84
C THR A 155 -10.43 -42.07 -29.35
N LEU A 156 -10.36 -40.85 -29.91
CA LEU A 156 -10.53 -40.70 -31.36
C LEU A 156 -9.38 -41.32 -32.14
N GLU A 157 -8.18 -41.34 -31.56
CA GLU A 157 -7.01 -41.89 -32.25
C GLU A 157 -7.04 -43.41 -32.27
N SER A 158 -7.56 -44.02 -31.21
CA SER A 158 -7.61 -45.48 -31.12
C SER A 158 -8.84 -46.08 -31.79
N LEU A 159 -9.91 -45.29 -31.96
CA LEU A 159 -11.13 -45.84 -32.54
C LEU A 159 -11.05 -46.00 -34.05
N GLU A 160 -10.25 -45.17 -34.73
CA GLU A 160 -10.21 -45.23 -36.19
C GLU A 160 -9.38 -46.38 -36.72
N ASN A 161 -8.56 -47.01 -35.89
CA ASN A 161 -7.78 -48.17 -36.32
C ASN A 161 -8.53 -49.48 -36.16
N LEU A 162 -9.75 -49.46 -35.66
CA LEU A 162 -10.48 -50.69 -35.37
C LEU A 162 -11.16 -51.24 -36.61
N VAL A 163 -11.04 -52.55 -36.81
CA VAL A 163 -11.68 -53.25 -37.91
C VAL A 163 -12.59 -54.32 -37.35
N VAL A 164 -13.23 -55.10 -38.23
CA VAL A 164 -14.17 -56.13 -37.80
C VAL A 164 -13.46 -57.25 -37.05
N ALA A 165 -12.23 -57.58 -37.48
CA ALA A 165 -11.46 -58.65 -36.85
C ALA A 165 -11.02 -58.31 -35.43
N ASP A 166 -10.98 -57.02 -35.07
CA ASP A 166 -10.70 -56.65 -33.68
C ASP A 166 -11.90 -56.92 -32.78
N LEU A 167 -13.12 -56.78 -33.28
CA LEU A 167 -14.30 -57.04 -32.48
C LEU A 167 -14.54 -58.54 -32.29
N GLU A 168 -14.23 -59.35 -33.30
CA GLU A 168 -14.38 -60.79 -33.16
C GLU A 168 -13.31 -61.37 -32.25
N SER A 169 -12.14 -60.75 -32.19
CA SER A 169 -11.08 -61.22 -31.30
C SER A 169 -11.41 -60.91 -29.84
N PHE A 170 -12.10 -59.80 -29.57
CA PHE A 170 -12.51 -59.49 -28.21
C PHE A 170 -13.64 -60.40 -27.75
N ALA A 171 -14.54 -60.76 -28.66
CA ALA A 171 -15.69 -61.58 -28.29
C ALA A 171 -15.30 -63.02 -28.01
N ASN A 172 -14.26 -63.52 -28.67
CA ASN A 172 -13.80 -64.88 -28.43
C ASN A 172 -13.04 -65.02 -27.12
N ASN A 173 -12.59 -63.91 -26.53
CA ASN A 173 -11.82 -63.96 -25.30
C ASN A 173 -12.62 -63.61 -24.06
N HIS A 174 -13.75 -62.93 -24.20
CA HIS A 174 -14.43 -62.40 -23.03
C HIS A 174 -15.90 -62.80 -22.95
N PHE A 175 -16.55 -63.05 -24.08
CA PHE A 175 -17.98 -63.41 -24.08
C PHE A 175 -18.10 -64.92 -23.88
N LEU A 176 -17.85 -65.33 -22.65
CA LEU A 176 -17.75 -66.74 -22.29
C LEU A 176 -18.76 -67.09 -21.21
N ASN A 177 -18.99 -68.39 -21.04
CA ASN A 177 -19.96 -68.87 -20.06
C ASN A 177 -19.45 -68.69 -18.63
N SER A 178 -18.15 -68.78 -18.41
CA SER A 178 -17.57 -68.59 -17.09
C SER A 178 -17.36 -67.13 -16.72
N ASN A 179 -17.76 -66.20 -17.60
CA ASN A 179 -17.65 -64.77 -17.37
C ASN A 179 -19.00 -64.09 -17.34
N ALA A 180 -20.10 -64.85 -17.34
CA ALA A 180 -21.42 -64.31 -17.59
C ALA A 180 -22.39 -64.65 -16.48
N VAL A 181 -23.40 -63.79 -16.31
CA VAL A 181 -24.52 -64.01 -15.40
C VAL A 181 -25.80 -63.63 -16.15
N VAL A 182 -26.79 -64.51 -16.14
CA VAL A 182 -28.10 -64.21 -16.71
C VAL A 182 -28.98 -63.64 -15.60
N VAL A 183 -29.54 -62.45 -15.84
CA VAL A 183 -30.28 -61.72 -14.82
C VAL A 183 -31.74 -61.59 -15.24
N GLY A 184 -32.60 -61.39 -14.25
CA GLY A 184 -34.01 -61.13 -14.46
C GLY A 184 -34.60 -60.30 -13.35
N THR A 185 -35.23 -59.17 -13.68
CA THR A 185 -35.77 -58.25 -12.69
C THR A 185 -37.20 -57.88 -13.05
N GLY A 186 -37.90 -57.26 -12.10
CA GLY A 186 -39.28 -56.88 -12.31
C GLY A 186 -40.26 -57.99 -11.99
N ASN A 187 -41.24 -58.19 -12.86
CA ASN A 187 -42.33 -59.13 -12.61
C ASN A 187 -42.03 -60.44 -13.33
N ILE A 188 -41.12 -61.22 -12.74
CA ILE A 188 -40.73 -62.52 -13.29
C ILE A 188 -40.28 -63.42 -12.16
N LYS A 189 -40.81 -64.64 -12.12
CA LYS A 189 -40.50 -65.59 -11.07
C LYS A 189 -39.25 -66.39 -11.43
N HIS A 190 -38.56 -66.87 -10.39
CA HIS A 190 -37.23 -67.46 -10.56
C HIS A 190 -37.28 -68.80 -11.27
N GLU A 191 -38.21 -69.67 -10.87
CA GLU A 191 -38.25 -71.00 -11.46
C GLU A 191 -38.85 -71.00 -12.86
N ASP A 192 -39.58 -69.95 -13.24
CA ASP A 192 -40.02 -69.81 -14.62
C ASP A 192 -38.88 -69.44 -15.55
N LEU A 193 -37.85 -68.76 -15.03
CA LEU A 193 -36.72 -68.37 -15.87
C LEU A 193 -35.74 -69.53 -16.05
N VAL A 194 -35.50 -70.32 -15.00
CA VAL A 194 -34.54 -71.42 -15.11
C VAL A 194 -35.09 -72.60 -15.90
N ASN A 195 -36.42 -72.73 -16.02
CA ASN A 195 -37.00 -73.77 -16.86
C ASN A 195 -37.12 -73.36 -18.31
N SER A 196 -37.13 -72.05 -18.59
CA SER A 196 -37.10 -71.60 -19.98
C SER A 196 -35.70 -71.72 -20.57
N ILE A 197 -34.67 -71.53 -19.75
CA ILE A 197 -33.31 -71.72 -20.22
C ILE A 197 -33.00 -73.21 -20.35
N GLU A 198 -33.47 -74.02 -19.40
CA GLU A 198 -33.22 -75.46 -19.45
C GLU A 198 -34.08 -76.20 -20.46
N SER A 199 -35.16 -75.59 -20.97
CA SER A 199 -35.90 -76.16 -22.08
C SER A 199 -35.15 -76.08 -23.40
N LYS A 200 -34.08 -75.29 -23.43
CA LYS A 200 -33.05 -75.30 -24.46
C LYS A 200 -31.75 -75.74 -23.77
N ASN A 201 -30.64 -75.64 -24.49
CA ASN A 201 -29.33 -76.02 -23.96
C ASN A 201 -28.30 -74.93 -24.28
N LEU A 202 -28.61 -73.70 -23.88
CA LEU A 202 -27.72 -72.56 -24.05
C LEU A 202 -26.35 -72.79 -23.42
N SER A 203 -25.32 -72.36 -24.14
CA SER A 203 -23.93 -72.34 -23.69
C SER A 203 -23.15 -71.44 -24.64
N LEU A 204 -22.43 -70.45 -24.11
CA LEU A 204 -21.73 -69.52 -24.99
C LEU A 204 -20.45 -70.15 -25.54
N GLN A 205 -19.49 -70.43 -24.66
CA GLN A 205 -18.22 -71.04 -25.04
C GLN A 205 -17.55 -71.54 -23.77
N THR A 206 -16.78 -72.61 -23.90
CA THR A 206 -16.09 -73.22 -22.77
C THR A 206 -14.64 -72.75 -22.68
N GLY A 207 -14.25 -72.31 -21.50
CA GLY A 207 -12.92 -71.79 -21.29
C GLY A 207 -12.94 -70.52 -20.46
N THR A 208 -11.75 -70.04 -20.11
CA THR A 208 -11.63 -68.85 -19.27
C THR A 208 -10.98 -67.70 -20.05
N LYS A 209 -11.11 -66.51 -19.49
CA LYS A 209 -10.65 -65.29 -20.14
C LYS A 209 -9.17 -65.08 -19.86
N PRO A 210 -8.49 -64.21 -20.63
CA PRO A 210 -7.09 -63.90 -20.33
C PRO A 210 -6.91 -63.20 -18.99
N VAL A 211 -5.71 -63.36 -18.44
CA VAL A 211 -5.33 -62.78 -17.16
C VAL A 211 -4.31 -61.67 -17.43
N LEU A 212 -4.65 -60.46 -17.01
CA LEU A 212 -3.74 -59.34 -17.15
C LEU A 212 -2.65 -59.43 -16.09
N LYS A 213 -1.51 -58.80 -16.36
CA LYS A 213 -0.36 -58.98 -15.49
C LYS A 213 -0.11 -57.78 -14.57
N LYS A 214 -0.40 -56.56 -15.03
CA LYS A 214 -0.24 -55.39 -14.18
C LYS A 214 -1.49 -55.17 -13.35
N LYS A 215 -1.29 -55.02 -12.03
CA LYS A 215 -2.35 -54.68 -11.10
C LYS A 215 -2.42 -53.14 -10.98
N ALA A 216 -3.58 -52.65 -10.54
CA ALA A 216 -3.78 -51.22 -10.39
C ALA A 216 -2.92 -50.65 -9.27
N ALA A 217 -2.45 -49.41 -9.47
CA ALA A 217 -1.58 -48.74 -8.51
C ALA A 217 -1.77 -47.24 -8.60
N PHE A 218 -1.96 -46.59 -7.45
CA PHE A 218 -2.15 -45.15 -7.37
C PHE A 218 -0.81 -44.43 -7.47
N LEU A 219 -0.78 -43.33 -8.20
CA LEU A 219 0.40 -42.49 -8.31
C LEU A 219 0.00 -41.03 -8.16
N GLY A 220 0.69 -40.29 -7.28
CA GLY A 220 0.41 -38.89 -7.10
C GLY A 220 0.91 -38.07 -8.28
N SER A 221 0.01 -37.39 -8.97
CA SER A 221 0.32 -36.72 -10.22
C SER A 221 -0.68 -35.59 -10.47
N GLU A 222 -0.54 -34.93 -11.61
CA GLU A 222 -1.48 -33.90 -12.04
C GLU A 222 -1.44 -33.75 -13.55
N VAL A 223 -2.56 -33.29 -14.11
CA VAL A 223 -2.65 -32.96 -15.53
C VAL A 223 -3.49 -31.68 -15.67
N ARG A 224 -2.99 -30.71 -16.43
CA ARG A 224 -3.63 -29.41 -16.60
C ARG A 224 -3.94 -29.17 -18.07
N LEU A 225 -5.19 -28.84 -18.37
CA LEU A 225 -5.62 -28.55 -19.74
C LEU A 225 -6.20 -27.13 -19.78
N ARG A 226 -5.32 -26.14 -19.90
CA ARG A 226 -5.74 -24.75 -19.77
C ARG A 226 -6.40 -24.26 -21.05
N ASP A 227 -7.56 -23.62 -20.91
CA ASP A 227 -8.34 -23.10 -22.02
C ASP A 227 -8.97 -21.77 -21.60
N ASP A 228 -8.37 -20.67 -22.04
CA ASP A 228 -8.77 -19.34 -21.59
C ASP A 228 -10.02 -18.82 -22.29
N THR A 229 -10.51 -19.50 -23.32
CA THR A 229 -11.73 -19.07 -24.02
C THR A 229 -13.00 -19.67 -23.44
N LEU A 230 -12.89 -20.51 -22.39
CA LEU A 230 -14.02 -21.08 -21.67
C LEU A 230 -14.42 -20.19 -20.49
N PRO A 231 -15.70 -20.13 -20.12
CA PRO A 231 -16.12 -19.16 -19.10
C PRO A 231 -15.93 -19.57 -17.65
N LYS A 232 -15.59 -20.84 -17.35
CA LYS A 232 -15.47 -21.29 -15.98
C LYS A 232 -14.15 -22.03 -15.79
N ALA A 233 -13.96 -22.54 -14.57
CA ALA A 233 -12.91 -23.50 -14.24
C ALA A 233 -13.56 -24.75 -13.64
N TRP A 234 -13.05 -25.92 -14.03
CA TRP A 234 -13.54 -27.21 -13.56
C TRP A 234 -12.37 -28.01 -13.00
N ILE A 235 -12.47 -28.46 -11.75
CA ILE A 235 -11.37 -29.09 -11.02
C ILE A 235 -11.86 -30.35 -10.31
N SER A 236 -11.09 -31.44 -10.39
CA SER A 236 -11.28 -32.64 -9.59
C SER A 236 -10.01 -32.97 -8.81
N LEU A 237 -10.19 -33.53 -7.61
CA LEU A 237 -9.07 -33.84 -6.72
C LEU A 237 -9.45 -35.06 -5.87
N ALA A 238 -8.50 -35.99 -5.71
CA ALA A 238 -8.81 -37.23 -4.99
C ALA A 238 -7.55 -37.84 -4.39
N VAL A 239 -7.77 -38.70 -3.40
CA VAL A 239 -6.74 -39.60 -2.86
C VAL A 239 -7.11 -41.03 -3.25
N GLU A 240 -6.23 -41.96 -2.94
CA GLU A 240 -6.53 -43.38 -3.14
C GLU A 240 -7.58 -43.84 -2.13
N GLY A 241 -8.62 -44.52 -2.63
CA GLY A 241 -9.74 -44.93 -1.80
C GLY A 241 -9.85 -46.42 -1.54
N GLU A 242 -11.09 -46.94 -1.50
CA GLU A 242 -11.38 -48.32 -1.13
C GLU A 242 -11.89 -49.12 -2.32
N PRO A 243 -11.49 -50.38 -2.44
CA PRO A 243 -12.08 -51.25 -3.47
C PRO A 243 -13.37 -51.91 -2.98
N VAL A 244 -14.00 -52.64 -3.90
CA VAL A 244 -15.08 -53.54 -3.51
C VAL A 244 -14.46 -54.69 -2.71
N ASN A 245 -15.25 -55.22 -1.75
CA ASN A 245 -14.86 -56.21 -0.73
C ASN A 245 -13.85 -55.65 0.28
N SER A 246 -13.95 -54.39 0.59
CA SER A 246 -13.12 -53.79 1.62
C SER A 246 -13.89 -53.74 2.94
N PRO A 247 -13.19 -53.92 4.07
CA PRO A 247 -13.87 -53.76 5.38
C PRO A 247 -14.21 -52.32 5.72
N ASN A 248 -13.59 -51.34 5.06
CA ASN A 248 -13.88 -49.93 5.27
C ASN A 248 -14.71 -49.33 4.12
N TYR A 249 -15.53 -50.16 3.48
CA TYR A 249 -16.30 -49.71 2.32
C TYR A 249 -17.39 -48.73 2.70
N PHE A 250 -18.14 -49.02 3.77
CA PHE A 250 -19.22 -48.13 4.19
C PHE A 250 -18.72 -46.94 5.00
N VAL A 251 -17.56 -47.05 5.65
CA VAL A 251 -17.01 -45.92 6.38
C VAL A 251 -16.53 -44.83 5.42
N ALA A 252 -16.03 -45.22 4.24
CA ALA A 252 -15.59 -44.23 3.26
C ALA A 252 -16.77 -43.51 2.62
N LYS A 253 -17.89 -44.21 2.42
CA LYS A 253 -19.08 -43.56 1.89
C LYS A 253 -19.72 -42.59 2.89
N LEU A 254 -19.62 -42.90 4.19
CA LEU A 254 -20.16 -41.99 5.19
C LEU A 254 -19.31 -40.74 5.34
N ALA A 255 -17.99 -40.86 5.15
CA ALA A 255 -17.12 -39.69 5.23
C ALA A 255 -17.36 -38.72 4.08
N ALA A 256 -17.73 -39.21 2.90
CA ALA A 256 -18.08 -38.32 1.80
C ALA A 256 -19.43 -37.65 2.01
N GLN A 257 -20.35 -38.31 2.71
CA GLN A 257 -21.66 -37.75 3.01
C GLN A 257 -21.59 -36.61 4.02
N ILE A 258 -20.52 -36.53 4.81
CA ILE A 258 -20.35 -35.44 5.77
C ILE A 258 -20.19 -34.10 5.05
N PHE A 259 -19.44 -34.09 3.95
CA PHE A 259 -19.23 -32.85 3.21
C PHE A 259 -20.25 -32.65 2.08
N GLY A 260 -20.70 -33.74 1.44
CA GLY A 260 -21.90 -33.71 0.62
C GLY A 260 -21.80 -32.93 -0.70
N SER A 261 -22.96 -32.41 -1.11
CA SER A 261 -23.11 -31.70 -2.38
C SER A 261 -23.73 -30.33 -2.13
N TYR A 262 -23.59 -29.44 -3.11
CA TYR A 262 -24.00 -28.06 -2.93
C TYR A 262 -24.38 -27.45 -4.28
N ASN A 263 -25.38 -26.57 -4.26
CA ASN A 263 -25.80 -25.78 -5.41
C ASN A 263 -26.10 -24.38 -4.90
N ALA A 264 -25.34 -23.39 -5.40
CA ALA A 264 -25.46 -22.02 -4.93
C ALA A 264 -26.74 -21.33 -5.37
N PHE A 265 -27.45 -21.87 -6.36
CA PHE A 265 -28.67 -21.24 -6.85
C PHE A 265 -29.94 -21.87 -6.33
N GLU A 266 -29.84 -22.97 -5.57
CA GLU A 266 -31.01 -23.54 -4.92
C GLU A 266 -31.07 -23.06 -3.49
N PRO A 267 -32.18 -22.45 -3.04
CA PRO A 267 -32.21 -21.86 -1.69
C PRO A 267 -32.13 -22.86 -0.55
N ALA A 268 -32.70 -24.05 -0.70
CA ALA A 268 -32.60 -25.05 0.37
C ALA A 268 -31.23 -25.72 0.44
N SER A 269 -30.46 -25.69 -0.66
CA SER A 269 -29.12 -26.24 -0.64
C SER A 269 -28.17 -25.36 0.17
N ARG A 270 -28.49 -24.08 0.32
CA ARG A 270 -27.69 -23.14 1.08
C ARG A 270 -27.85 -23.26 2.60
N LEU A 271 -28.85 -24.03 3.07
CA LEU A 271 -29.14 -24.13 4.49
C LEU A 271 -28.74 -25.47 5.10
N GLN A 272 -27.88 -26.23 4.43
CA GLN A 272 -27.50 -27.56 4.92
C GLN A 272 -26.55 -27.47 6.09
N GLY A 273 -26.56 -28.52 6.93
CA GLY A 273 -25.69 -28.59 8.09
C GLY A 273 -24.26 -29.00 7.80
N ILE A 274 -23.58 -28.24 6.95
CA ILE A 274 -22.20 -28.50 6.56
C ILE A 274 -21.39 -27.27 6.95
N LYS A 275 -20.33 -27.48 7.73
CA LYS A 275 -19.53 -26.36 8.23
C LYS A 275 -18.65 -25.72 7.17
N LEU A 276 -18.44 -26.40 6.03
CA LEU A 276 -17.67 -25.81 4.94
C LEU A 276 -18.41 -24.66 4.27
N LEU A 277 -19.75 -24.66 4.33
CA LEU A 277 -20.56 -23.65 3.65
C LEU A 277 -20.45 -22.27 4.28
N ASP A 278 -19.89 -22.13 5.49
CA ASP A 278 -19.69 -20.81 6.07
C ASP A 278 -18.59 -20.04 5.36
N ASN A 279 -17.50 -20.72 4.99
CA ASN A 279 -16.39 -20.04 4.31
C ASN A 279 -16.73 -19.75 2.85
N ILE A 280 -17.49 -20.62 2.20
CA ILE A 280 -17.73 -20.53 0.77
C ILE A 280 -18.71 -19.41 0.43
N GLN A 281 -19.75 -19.24 1.24
CA GLN A 281 -20.80 -18.29 0.90
C GLN A 281 -20.44 -16.87 1.29
N GLU A 282 -19.36 -16.66 2.04
CA GLU A 282 -18.97 -15.31 2.44
C GLU A 282 -18.46 -14.50 1.25
N TYR A 283 -17.72 -15.14 0.34
CA TYR A 283 -17.21 -14.46 -0.84
C TYR A 283 -17.60 -15.15 -2.14
N GLN A 284 -18.51 -16.13 -2.08
CA GLN A 284 -19.06 -16.88 -3.22
C GLN A 284 -17.93 -17.56 -4.02
N LEU A 285 -17.35 -18.57 -3.38
CA LEU A 285 -16.13 -19.18 -3.90
C LEU A 285 -16.36 -20.19 -5.02
N CYS A 286 -17.59 -20.65 -5.24
CA CYS A 286 -17.88 -21.61 -6.30
C CYS A 286 -19.36 -21.57 -6.64
N ASP A 287 -19.73 -22.35 -7.66
CA ASP A 287 -21.11 -22.53 -8.09
C ASP A 287 -21.71 -23.85 -7.61
N ASN A 288 -20.95 -24.94 -7.62
CA ASN A 288 -21.40 -26.23 -7.11
C ASN A 288 -20.19 -27.08 -6.76
N PHE A 289 -20.40 -28.04 -5.85
CA PHE A 289 -19.45 -29.12 -5.65
C PHE A 289 -20.19 -30.39 -5.27
N ASN A 290 -19.49 -31.52 -5.32
CA ASN A 290 -20.01 -32.80 -4.89
C ASN A 290 -18.84 -33.71 -4.49
N HIS A 291 -19.02 -34.46 -3.41
CA HIS A 291 -18.02 -35.40 -2.93
C HIS A 291 -18.39 -36.82 -3.35
N PHE A 292 -17.39 -37.67 -3.54
CA PHE A 292 -17.63 -39.02 -4.04
C PHE A 292 -16.73 -40.02 -3.33
N SER A 293 -17.10 -41.30 -3.50
CA SER A 293 -16.30 -42.43 -3.03
C SER A 293 -16.52 -43.57 -4.03
N LEU A 294 -15.63 -43.68 -5.00
CA LEU A 294 -15.76 -44.69 -6.05
C LEU A 294 -14.95 -45.93 -5.70
N SER A 295 -15.47 -47.09 -6.11
CA SER A 295 -14.87 -48.38 -5.78
C SER A 295 -14.83 -49.26 -7.01
N TYR A 296 -13.70 -49.94 -7.20
CA TYR A 296 -13.55 -50.90 -8.29
C TYR A 296 -13.04 -52.21 -7.73
N LYS A 297 -12.68 -53.15 -8.60
CA LYS A 297 -12.27 -54.48 -8.15
C LYS A 297 -10.92 -54.46 -7.47
N ASP A 298 -10.06 -53.50 -7.79
CA ASP A 298 -8.71 -53.48 -7.26
C ASP A 298 -8.34 -52.22 -6.49
N SER A 299 -9.03 -51.11 -6.69
CA SER A 299 -8.66 -49.84 -6.07
C SER A 299 -9.89 -48.94 -6.01
N GLY A 300 -9.68 -47.68 -5.64
CA GLY A 300 -10.77 -46.72 -5.59
C GLY A 300 -10.25 -45.30 -5.48
N LEU A 301 -11.19 -44.35 -5.49
CA LEU A 301 -10.87 -42.92 -5.42
C LEU A 301 -11.84 -42.21 -4.49
N TRP A 302 -11.32 -41.34 -3.63
CA TRP A 302 -12.11 -40.57 -2.68
C TRP A 302 -11.76 -39.09 -2.84
N GLY A 303 -12.75 -38.26 -3.14
CA GLY A 303 -12.50 -36.83 -3.28
C GLY A 303 -13.70 -35.98 -3.69
N PHE A 304 -13.46 -34.90 -4.44
CA PHE A 304 -14.55 -34.00 -4.82
C PHE A 304 -14.27 -33.36 -6.18
N SER A 305 -15.34 -32.85 -6.79
CA SER A 305 -15.28 -32.05 -8.02
C SER A 305 -16.01 -30.74 -7.80
N THR A 306 -15.66 -29.72 -8.59
CA THR A 306 -16.26 -28.39 -8.41
C THR A 306 -16.16 -27.59 -9.70
N ALA A 307 -17.05 -26.59 -9.81
CA ALA A 307 -17.08 -25.66 -10.93
C ALA A 307 -17.23 -24.24 -10.41
N THR A 308 -16.50 -23.30 -11.01
CA THR A 308 -16.29 -21.97 -10.44
C THR A 308 -16.26 -20.90 -11.52
N ARG A 309 -16.93 -19.77 -11.26
CA ARG A 309 -16.76 -18.55 -12.05
C ARG A 309 -15.85 -17.52 -11.38
N ASN A 310 -15.54 -17.69 -10.10
CA ASN A 310 -14.65 -16.80 -9.34
C ASN A 310 -13.21 -17.28 -9.55
N VAL A 311 -12.60 -16.82 -10.64
CA VAL A 311 -11.32 -17.37 -11.07
C VAL A 311 -10.11 -16.73 -10.40
N THR A 312 -10.30 -15.65 -9.65
CA THR A 312 -9.18 -15.04 -8.93
C THR A 312 -9.07 -15.54 -7.50
N MET A 313 -10.01 -16.34 -7.01
CA MET A 313 -10.00 -16.85 -5.64
C MET A 313 -10.07 -18.37 -5.62
N ILE A 314 -9.42 -19.00 -6.59
CA ILE A 314 -9.41 -20.47 -6.67
C ILE A 314 -8.58 -21.06 -5.53
N ASP A 315 -7.50 -20.38 -5.15
CA ASP A 315 -6.63 -20.87 -4.09
C ASP A 315 -7.31 -20.86 -2.72
N ASP A 316 -8.26 -19.95 -2.50
CA ASP A 316 -9.02 -19.97 -1.25
C ASP A 316 -10.00 -21.13 -1.21
N LEU A 317 -10.52 -21.56 -2.37
CA LEU A 317 -11.50 -22.63 -2.41
C LEU A 317 -10.86 -23.98 -2.10
N ILE A 318 -9.66 -24.23 -2.63
CA ILE A 318 -8.95 -25.48 -2.36
C ILE A 318 -8.45 -25.51 -0.92
N HIS A 319 -8.03 -24.36 -0.39
CA HIS A 319 -7.47 -24.29 0.95
C HIS A 319 -8.54 -24.54 2.02
N PHE A 320 -9.74 -23.98 1.85
CA PHE A 320 -10.80 -24.18 2.83
C PHE A 320 -11.34 -25.59 2.82
N THR A 321 -11.38 -26.24 1.65
CA THR A 321 -11.89 -27.60 1.54
C THR A 321 -10.95 -28.60 2.21
N LEU A 322 -9.63 -28.42 2.02
CA LEU A 322 -8.66 -29.35 2.57
C LEU A 322 -8.46 -29.16 4.07
N LYS A 323 -8.73 -27.97 4.61
CA LYS A 323 -8.68 -27.79 6.07
C LYS A 323 -9.87 -28.45 6.76
N GLN A 324 -10.98 -28.65 6.06
CA GLN A 324 -12.09 -29.39 6.64
C GLN A 324 -11.84 -30.89 6.60
N TRP A 325 -11.08 -31.37 5.61
CA TRP A 325 -10.71 -32.79 5.58
C TRP A 325 -9.76 -33.15 6.71
N ASN A 326 -8.98 -32.19 7.21
CA ASN A 326 -8.10 -32.44 8.35
C ASN A 326 -8.88 -32.73 9.63
N ARG A 327 -10.11 -32.24 9.73
CA ARG A 327 -10.91 -32.42 10.94
C ARG A 327 -11.41 -33.84 11.12
N LEU A 328 -11.41 -34.66 10.06
CA LEU A 328 -11.82 -36.06 10.19
C LEU A 328 -10.83 -36.88 10.99
N THR A 329 -9.57 -36.45 11.05
CA THR A 329 -8.57 -37.08 11.90
C THR A 329 -8.57 -36.48 13.31
N ILE A 330 -8.85 -35.19 13.43
CA ILE A 330 -8.63 -34.47 14.67
C ILE A 330 -9.92 -34.26 15.47
N SER A 331 -10.90 -33.57 14.89
CA SER A 331 -11.98 -33.00 15.70
C SER A 331 -13.35 -33.15 15.06
N VAL A 332 -13.68 -34.32 14.53
CA VAL A 332 -15.02 -34.54 14.00
C VAL A 332 -15.98 -34.82 15.16
N THR A 333 -17.15 -34.19 15.14
CA THR A 333 -18.08 -34.25 16.26
C THR A 333 -19.11 -35.37 16.06
N ASP A 334 -19.85 -35.65 17.14
CA ASP A 334 -20.81 -36.75 17.14
C ASP A 334 -22.09 -36.38 16.41
N THR A 335 -22.47 -35.10 16.40
CA THR A 335 -23.67 -34.69 15.68
C THR A 335 -23.48 -34.65 14.16
N GLU A 336 -22.25 -34.50 13.68
CA GLU A 336 -22.00 -34.60 12.24
C GLU A 336 -22.10 -36.05 11.76
N VAL A 337 -21.73 -37.00 12.61
CA VAL A 337 -21.75 -38.41 12.23
C VAL A 337 -23.19 -38.93 12.18
N GLU A 338 -24.05 -38.46 13.11
CA GLU A 338 -25.44 -38.90 13.12
C GLU A 338 -26.22 -38.33 11.94
N ARG A 339 -25.88 -37.11 11.50
CA ARG A 339 -26.52 -36.52 10.33
C ARG A 339 -26.14 -37.29 9.06
N ALA A 340 -24.86 -37.68 8.95
CA ALA A 340 -24.40 -38.42 7.77
C ALA A 340 -24.95 -39.84 7.73
N LYS A 341 -25.35 -40.40 8.87
CA LYS A 341 -25.94 -41.73 8.89
C LYS A 341 -27.33 -41.74 8.26
N SER A 342 -28.14 -40.74 8.57
CA SER A 342 -29.50 -40.67 8.03
C SER A 342 -29.50 -40.34 6.55
N LEU A 343 -28.55 -39.51 6.10
CA LEU A 343 -28.52 -39.13 4.70
C LEU A 343 -27.91 -40.22 3.81
N LEU A 344 -26.98 -41.01 4.34
CA LEU A 344 -26.47 -42.15 3.59
C LEU A 344 -27.52 -43.24 3.43
N LYS A 345 -28.39 -43.41 4.42
CA LYS A 345 -29.44 -44.41 4.32
C LYS A 345 -30.52 -43.97 3.34
N LEU A 346 -30.78 -42.67 3.25
CA LEU A 346 -31.74 -42.16 2.26
C LEU A 346 -31.19 -42.25 0.85
N GLN A 347 -29.89 -42.01 0.68
CA GLN A 347 -29.27 -42.06 -0.64
C GLN A 347 -29.16 -43.50 -1.16
N LEU A 348 -28.78 -44.44 -0.28
CA LEU A 348 -28.70 -45.84 -0.68
C LEU A 348 -30.07 -46.43 -0.95
N GLY A 349 -31.08 -46.01 -0.19
CA GLY A 349 -32.42 -46.51 -0.42
C GLY A 349 -33.05 -46.01 -1.70
N GLN A 350 -32.63 -44.83 -2.18
CA GLN A 350 -33.14 -44.33 -3.44
C GLN A 350 -32.44 -44.97 -4.63
N LEU A 351 -31.20 -45.41 -4.45
CA LEU A 351 -30.46 -46.04 -5.54
C LEU A 351 -30.97 -47.45 -5.82
N TYR A 352 -31.28 -48.21 -4.76
CA TYR A 352 -31.65 -49.61 -4.92
C TYR A 352 -33.15 -49.84 -5.00
N GLU A 353 -33.98 -48.84 -4.72
CA GLU A 353 -35.43 -49.01 -4.72
C GLU A 353 -36.10 -48.00 -5.64
N SER A 354 -35.47 -47.71 -6.77
CA SER A 354 -36.17 -46.98 -7.81
C SER A 354 -37.11 -47.94 -8.56
N GLY A 355 -37.99 -47.37 -9.37
CA GLY A 355 -38.98 -48.18 -10.06
C GLY A 355 -38.56 -48.63 -11.44
N ASN A 356 -37.27 -48.67 -11.70
CA ASN A 356 -36.75 -49.00 -13.03
C ASN A 356 -36.09 -50.38 -13.00
N PRO A 357 -36.66 -51.40 -13.64
CA PRO A 357 -36.01 -52.72 -13.64
C PRO A 357 -34.72 -52.79 -14.44
N VAL A 358 -34.46 -51.83 -15.33
CA VAL A 358 -33.18 -51.82 -16.04
C VAL A 358 -32.06 -51.40 -15.11
N ASN A 359 -32.32 -50.45 -14.21
CA ASN A 359 -31.34 -50.07 -13.19
C ASN A 359 -31.07 -51.22 -12.22
N ASP A 360 -32.12 -51.99 -11.89
CA ASP A 360 -31.95 -53.11 -10.98
C ASP A 360 -31.18 -54.26 -11.61
N ALA A 361 -31.32 -54.44 -12.93
CA ALA A 361 -30.59 -55.51 -13.61
C ALA A 361 -29.10 -55.23 -13.69
N ASN A 362 -28.71 -53.95 -13.80
CA ASN A 362 -27.29 -53.62 -13.84
C ASN A 362 -26.65 -53.76 -12.46
N LEU A 363 -27.38 -53.40 -11.40
CA LEU A 363 -26.82 -53.47 -10.06
C LEU A 363 -26.72 -54.91 -9.57
N LEU A 364 -27.70 -55.75 -9.93
CA LEU A 364 -27.69 -57.13 -9.46
C LEU A 364 -26.60 -57.95 -10.14
N GLY A 365 -26.41 -57.78 -11.45
CA GLY A 365 -25.45 -58.59 -12.17
C GLY A 365 -24.01 -58.25 -11.85
N ALA A 366 -23.73 -56.97 -11.58
CA ALA A 366 -22.37 -56.55 -11.27
C ALA A 366 -21.92 -57.04 -9.90
N GLU A 367 -22.86 -57.21 -8.97
CA GLU A 367 -22.49 -57.61 -7.61
C GLU A 367 -22.35 -59.13 -7.48
N VAL A 368 -23.12 -59.90 -8.24
CA VAL A 368 -23.01 -61.36 -8.22
C VAL A 368 -21.72 -61.80 -8.92
N LEU A 369 -21.25 -61.02 -9.90
CA LEU A 369 -20.02 -61.38 -10.63
C LEU A 369 -18.79 -61.28 -9.74
N ILE A 370 -18.76 -60.32 -8.83
CA ILE A 370 -17.61 -60.15 -7.95
C ILE A 370 -17.73 -61.00 -6.69
N LYS A 371 -18.84 -60.86 -5.96
CA LYS A 371 -18.94 -61.49 -4.65
C LYS A 371 -19.53 -62.90 -4.69
N GLY A 372 -20.36 -63.21 -5.67
CA GLY A 372 -21.06 -64.48 -5.70
C GLY A 372 -22.44 -64.45 -5.11
N SER A 373 -22.84 -63.34 -4.49
CA SER A 373 -24.16 -63.18 -3.89
C SER A 373 -24.46 -61.68 -3.87
N LYS A 374 -25.55 -61.32 -3.21
CA LYS A 374 -25.95 -59.92 -3.10
C LYS A 374 -26.32 -59.60 -1.65
N LEU A 375 -25.75 -58.52 -1.13
CA LEU A 375 -26.09 -58.05 0.21
C LEU A 375 -27.42 -57.31 0.18
N SER A 376 -28.32 -57.66 1.10
CA SER A 376 -29.61 -57.03 1.14
C SER A 376 -29.52 -55.63 1.73
N LEU A 377 -30.56 -54.82 1.49
CA LEU A 377 -30.59 -53.47 2.01
C LEU A 377 -30.82 -53.44 3.52
N GLY A 378 -31.45 -54.46 4.08
CA GLY A 378 -31.61 -54.53 5.52
C GLY A 378 -30.31 -54.81 6.26
N GLU A 379 -29.42 -55.60 5.66
CA GLU A 379 -28.14 -55.87 6.30
C GLU A 379 -27.14 -54.73 6.07
N ALA A 380 -27.31 -53.96 4.99
CA ALA A 380 -26.46 -52.80 4.78
C ALA A 380 -26.80 -51.67 5.75
N PHE A 381 -28.06 -51.58 6.17
CA PHE A 381 -28.46 -50.54 7.11
C PHE A 381 -27.90 -50.79 8.50
N LYS A 382 -27.73 -52.06 8.89
CA LYS A 382 -27.21 -52.38 10.21
C LYS A 382 -25.70 -52.18 10.32
N LYS A 383 -24.96 -52.27 9.21
CA LYS A 383 -23.54 -51.95 9.23
C LYS A 383 -23.31 -50.44 9.32
N ILE A 384 -24.22 -49.64 8.76
CA ILE A 384 -24.06 -48.19 8.80
C ILE A 384 -24.35 -47.67 10.22
N ASP A 385 -25.34 -48.26 10.90
CA ASP A 385 -25.73 -47.81 12.23
C ASP A 385 -24.68 -48.10 13.29
N ALA A 386 -23.77 -49.04 13.05
CA ALA A 386 -22.77 -49.42 14.03
C ALA A 386 -21.48 -48.64 13.94
N ILE A 387 -21.38 -47.67 13.03
CA ILE A 387 -20.15 -46.89 12.87
C ILE A 387 -20.09 -45.83 13.96
N THR A 388 -18.93 -45.70 14.60
CA THR A 388 -18.71 -44.71 15.64
C THR A 388 -17.77 -43.61 15.15
N VAL A 389 -17.56 -42.61 16.01
CA VAL A 389 -16.63 -41.53 15.71
C VAL A 389 -15.20 -42.05 15.65
N LYS A 390 -14.86 -43.03 16.50
CA LYS A 390 -13.53 -43.60 16.50
C LYS A 390 -13.24 -44.42 15.24
N ASP A 391 -14.27 -44.96 14.59
CA ASP A 391 -14.08 -45.61 13.29
C ASP A 391 -13.71 -44.59 12.22
N VAL A 392 -14.30 -43.40 12.28
CA VAL A 392 -14.04 -42.37 11.28
C VAL A 392 -12.63 -41.81 11.46
N LYS A 393 -12.21 -41.59 12.70
CA LYS A 393 -10.89 -41.05 12.98
C LYS A 393 -9.78 -42.03 12.63
N ALA A 394 -10.02 -43.34 12.77
CA ALA A 394 -9.02 -44.32 12.41
C ALA A 394 -8.93 -44.53 10.91
N TRP A 395 -10.03 -44.36 10.18
CA TRP A 395 -9.98 -44.45 8.72
C TRP A 395 -9.26 -43.26 8.11
N ALA A 396 -9.52 -42.05 8.64
CA ALA A 396 -8.96 -40.85 8.05
C ALA A 396 -7.48 -40.68 8.38
N GLY A 397 -7.02 -41.22 9.50
CA GLY A 397 -5.61 -41.21 9.81
C GLY A 397 -4.78 -42.08 8.90
N LYS A 398 -5.39 -43.07 8.26
CA LYS A 398 -4.72 -43.95 7.32
C LYS A 398 -4.79 -43.44 5.88
N ARG A 399 -5.96 -42.96 5.44
CA ARG A 399 -6.17 -42.64 4.03
C ARG A 399 -6.04 -41.16 3.70
N LEU A 400 -6.19 -40.26 4.66
CA LEU A 400 -6.22 -38.83 4.37
C LEU A 400 -5.02 -38.05 4.90
N TRP A 401 -4.58 -38.34 6.12
CA TRP A 401 -3.57 -37.52 6.78
C TRP A 401 -2.19 -37.76 6.16
N ASP A 402 -1.63 -36.70 5.56
CA ASP A 402 -0.29 -36.66 4.96
C ASP A 402 -0.13 -37.68 3.83
N GLN A 403 -1.06 -37.66 2.87
CA GLN A 403 -1.05 -38.61 1.77
C GLN A 403 -0.96 -37.88 0.43
N ASP A 404 -0.59 -38.64 -0.60
CA ASP A 404 -0.46 -38.11 -1.96
C ASP A 404 -1.83 -37.94 -2.62
N ILE A 405 -1.91 -36.98 -3.52
CA ILE A 405 -3.16 -36.60 -4.18
C ILE A 405 -2.98 -36.63 -5.69
N ALA A 406 -4.11 -36.62 -6.41
CA ALA A 406 -4.15 -36.49 -7.86
C ALA A 406 -5.10 -35.38 -8.26
N ILE A 407 -4.68 -34.54 -9.20
CA ILE A 407 -5.40 -33.33 -9.58
C ILE A 407 -5.63 -33.32 -11.09
N ALA A 408 -6.81 -32.88 -11.52
CA ALA A 408 -7.10 -32.63 -12.92
C ALA A 408 -7.92 -31.35 -13.04
N GLY A 409 -7.74 -30.63 -14.15
CA GLY A 409 -8.42 -29.36 -14.34
C GLY A 409 -8.44 -28.82 -15.75
N THR A 410 -9.48 -28.04 -16.09
CA THR A 410 -9.57 -27.40 -17.40
C THR A 410 -10.23 -26.03 -17.26
N GLY A 411 -10.07 -25.22 -18.30
CA GLY A 411 -10.64 -23.89 -18.34
C GLY A 411 -9.69 -22.81 -17.84
N GLN A 412 -10.23 -21.83 -17.11
CA GLN A 412 -9.43 -20.70 -16.61
C GLN A 412 -8.81 -21.08 -15.26
N ILE A 413 -7.71 -21.84 -15.33
CA ILE A 413 -7.11 -22.44 -14.15
C ILE A 413 -5.76 -21.83 -13.85
N GLU A 414 -5.57 -20.56 -14.20
CA GLU A 414 -4.32 -19.87 -13.93
C GLU A 414 -4.11 -19.65 -12.43
N GLY A 415 -5.19 -19.41 -11.69
CA GLY A 415 -5.11 -19.23 -10.25
C GLY A 415 -4.93 -20.48 -9.44
N LEU A 416 -4.93 -21.65 -10.07
CA LEU A 416 -4.64 -22.89 -9.37
C LEU A 416 -3.14 -23.01 -9.16
N LEU A 417 -2.71 -23.07 -7.90
CA LEU A 417 -1.30 -23.12 -7.57
C LEU A 417 -0.74 -24.51 -7.86
N ASP A 418 0.59 -24.61 -7.75
CA ASP A 418 1.26 -25.83 -8.14
C ASP A 418 1.14 -26.91 -7.07
N TYR A 419 1.78 -28.06 -7.32
CA TYR A 419 1.47 -29.30 -6.62
C TYR A 419 1.87 -29.25 -5.14
N MET A 420 3.06 -28.72 -4.83
CA MET A 420 3.57 -28.81 -3.46
C MET A 420 2.86 -27.87 -2.50
N ARG A 421 2.28 -26.77 -3.00
CA ARG A 421 1.45 -25.92 -2.15
C ARG A 421 0.14 -26.61 -1.77
N ILE A 422 -0.40 -27.43 -2.66
CA ILE A 422 -1.64 -28.15 -2.37
C ILE A 422 -1.36 -29.43 -1.56
N ARG A 423 -0.22 -30.07 -1.82
CA ARG A 423 0.16 -31.28 -1.11
C ARG A 423 0.45 -31.01 0.37
N SER A 424 0.95 -29.82 0.70
CA SER A 424 1.27 -29.49 2.08
C SER A 424 0.03 -29.17 2.92
N ASP A 425 -1.13 -28.95 2.29
CA ASP A 425 -2.37 -28.72 3.01
C ASP A 425 -3.04 -30.01 3.46
N MET A 426 -2.46 -31.17 3.17
CA MET A 426 -3.01 -32.44 3.63
C MET A 426 -2.64 -32.75 5.07
N SER A 427 -1.81 -31.94 5.71
CA SER A 427 -1.59 -31.98 7.14
C SER A 427 -1.69 -30.58 7.71
N MET A 428 -2.03 -30.51 8.99
CA MET A 428 -1.79 -29.33 9.79
C MET A 428 -0.47 -29.50 10.54
N MET A 429 0.29 -28.41 10.62
CA MET A 429 1.43 -28.41 11.53
C MET A 429 1.04 -27.96 12.94
N ARG A 430 -0.19 -28.23 13.35
CA ARG A 430 -0.70 -28.03 14.68
C ARG A 430 -0.73 -29.35 15.45
N TRP A 431 -1.32 -30.39 14.88
CA TRP A 431 -1.19 -31.74 15.45
C TRP A 431 -0.30 -32.59 14.58
N MET B 1 -12.01 -14.95 3.14
CA MET B 1 -10.65 -15.30 2.74
C MET B 1 -9.81 -15.68 3.96
N ALA B 2 -8.56 -16.06 3.72
CA ALA B 2 -7.66 -16.40 4.81
C ALA B 2 -7.21 -15.14 5.55
N PHE B 3 -6.73 -15.34 6.78
CA PHE B 3 -6.35 -14.21 7.63
C PHE B 3 -5.08 -13.53 7.15
N ARG B 4 -4.21 -14.24 6.42
CA ARG B 4 -3.01 -13.63 5.86
C ARG B 4 -3.31 -12.67 4.71
N LYS B 5 -4.52 -12.68 4.16
CA LYS B 5 -4.92 -11.75 3.12
C LYS B 5 -5.86 -10.66 3.59
N SER B 6 -6.54 -10.84 4.73
CA SER B 6 -7.52 -9.87 5.19
C SER B 6 -6.97 -8.88 6.22
N ASN B 7 -5.98 -9.28 7.00
CA ASN B 7 -5.36 -8.39 7.98
C ASN B 7 -4.56 -7.29 7.28
N VAL B 8 -4.50 -6.12 7.92
CA VAL B 8 -3.88 -4.96 7.30
C VAL B 8 -2.35 -5.09 7.29
N TYR B 9 -1.78 -5.70 8.33
CA TYR B 9 -0.33 -5.83 8.40
C TYR B 9 0.19 -7.12 7.80
N LEU B 10 -0.63 -8.18 7.76
CA LEU B 10 -0.17 -9.46 7.21
C LEU B 10 -0.32 -9.55 5.71
N SER B 11 -1.20 -8.73 5.11
CA SER B 11 -1.33 -8.73 3.66
C SER B 11 -0.12 -8.11 2.97
N LEU B 12 0.56 -7.17 3.64
CA LEU B 12 1.84 -6.69 3.13
C LEU B 12 2.89 -7.77 3.19
N VAL B 13 2.88 -8.60 4.24
CA VAL B 13 3.81 -9.71 4.33
C VAL B 13 3.47 -10.77 3.30
N ASN B 14 2.17 -11.03 3.09
CA ASN B 14 1.75 -12.10 2.19
C ASN B 14 2.02 -11.76 0.73
N SER B 15 1.83 -10.50 0.34
CA SER B 15 2.04 -10.12 -1.05
C SER B 15 3.50 -9.93 -1.41
N TYR B 16 4.41 -9.96 -0.44
CA TYR B 16 5.82 -9.75 -0.70
C TYR B 16 6.66 -11.03 -0.61
N ILE B 17 6.45 -11.88 0.40
CA ILE B 17 7.31 -13.04 0.59
C ILE B 17 6.53 -14.36 0.62
N ILE B 18 5.22 -14.34 0.42
CA ILE B 18 4.45 -15.58 0.46
C ILE B 18 3.84 -15.90 -0.90
N ASP B 19 2.98 -15.01 -1.38
CA ASP B 19 2.17 -15.28 -2.57
C ASP B 19 2.65 -14.54 -3.82
N SER B 20 3.81 -13.90 -3.76
CA SER B 20 4.25 -13.06 -4.87
C SER B 20 4.68 -13.93 -6.05
N PRO B 21 4.20 -13.66 -7.26
CA PRO B 21 4.50 -14.52 -8.41
C PRO B 21 5.90 -14.24 -8.96
N GLN B 22 6.72 -15.26 -9.00
CA GLN B 22 8.08 -15.20 -9.50
C GLN B 22 8.18 -15.91 -10.85
N PRO B 23 9.08 -15.46 -11.73
CA PRO B 23 9.34 -16.24 -12.95
C PRO B 23 10.04 -17.54 -12.60
N SER B 24 9.68 -18.60 -13.32
CA SER B 24 10.13 -19.94 -12.96
C SER B 24 11.58 -20.22 -13.34
N SER B 25 12.25 -19.34 -14.07
CA SER B 25 13.55 -19.64 -14.64
C SER B 25 14.70 -18.78 -14.10
N ILE B 26 14.48 -18.03 -13.01
CA ILE B 26 15.56 -17.23 -12.44
C ILE B 26 16.58 -18.14 -11.76
N ASN B 27 17.86 -17.77 -11.86
CA ASN B 27 18.95 -18.56 -11.32
C ASN B 27 19.46 -17.95 -10.01
N TYR B 28 20.59 -18.45 -9.52
CA TYR B 28 21.14 -18.07 -8.23
C TYR B 28 21.66 -16.63 -8.16
N TRP B 29 21.83 -15.95 -9.30
CA TRP B 29 22.19 -14.53 -9.28
C TRP B 29 21.08 -13.65 -8.73
N TRP B 30 19.83 -14.11 -8.77
CA TRP B 30 18.69 -13.39 -8.24
C TRP B 30 18.54 -13.53 -6.72
N ASN B 31 19.49 -14.17 -6.04
CA ASN B 31 19.49 -14.31 -4.60
C ASN B 31 20.31 -13.25 -3.88
N MET B 32 21.00 -12.37 -4.62
CA MET B 32 21.90 -11.40 -3.97
C MET B 32 21.12 -10.30 -3.25
N GLY B 33 19.90 -10.01 -3.68
CA GLY B 33 19.13 -8.95 -3.07
C GLY B 33 18.69 -9.25 -1.64
N SER B 34 18.37 -10.51 -1.36
CA SER B 34 18.00 -10.91 -0.01
C SER B 34 19.20 -11.10 0.90
N LEU B 35 20.39 -11.36 0.35
CA LEU B 35 21.60 -11.36 1.15
C LEU B 35 21.96 -9.95 1.62
N LEU B 36 21.64 -8.93 0.81
CA LEU B 36 21.91 -7.55 1.21
C LEU B 36 21.01 -7.11 2.36
N GLY B 37 19.81 -7.68 2.45
CA GLY B 37 18.95 -7.38 3.58
C GLY B 37 19.46 -8.01 4.87
N LEU B 38 20.09 -9.18 4.78
CA LEU B 38 20.68 -9.81 5.96
C LEU B 38 21.93 -9.07 6.41
N CYS B 39 22.71 -8.55 5.47
CA CYS B 39 23.93 -7.81 5.81
C CYS B 39 23.61 -6.50 6.53
N LEU B 40 22.53 -5.84 6.14
CA LEU B 40 22.15 -4.58 6.78
C LEU B 40 21.68 -4.80 8.21
N VAL B 41 21.02 -5.93 8.48
CA VAL B 41 20.59 -6.25 9.84
C VAL B 41 21.80 -6.58 10.72
N ILE B 42 22.78 -7.28 10.15
CA ILE B 42 23.99 -7.65 10.89
C ILE B 42 24.81 -6.42 11.27
N GLN B 43 24.95 -5.48 10.33
CA GLN B 43 25.67 -4.24 10.62
C GLN B 43 24.94 -3.36 11.62
N ILE B 44 23.61 -3.37 11.64
CA ILE B 44 22.91 -2.51 12.58
C ILE B 44 22.97 -3.10 13.99
N VAL B 45 22.81 -4.41 14.13
CA VAL B 45 22.70 -5.03 15.45
C VAL B 45 24.05 -5.07 16.16
N THR B 46 25.13 -5.42 15.44
CA THR B 46 26.47 -5.32 16.03
C THR B 46 26.90 -3.88 16.27
N GLY B 47 26.29 -2.92 15.56
CA GLY B 47 26.60 -1.52 15.80
C GLY B 47 26.06 -0.97 17.10
N ILE B 48 24.84 -1.38 17.50
CA ILE B 48 24.25 -0.87 18.74
C ILE B 48 24.99 -1.40 19.96
N PHE B 49 25.38 -2.68 19.93
CA PHE B 49 25.99 -3.30 21.10
C PHE B 49 27.41 -2.79 21.33
N MET B 50 28.11 -2.41 20.26
CA MET B 50 29.42 -1.80 20.42
C MET B 50 29.31 -0.35 20.89
N ALA B 51 28.24 0.35 20.49
CA ALA B 51 28.06 1.75 20.85
C ALA B 51 27.77 1.95 22.34
N MET B 52 27.38 0.90 23.05
CA MET B 52 27.21 0.95 24.50
C MET B 52 28.54 1.05 25.25
N HIS B 53 29.68 0.84 24.58
CA HIS B 53 30.99 0.85 25.21
C HIS B 53 31.96 1.84 24.56
N TYR B 54 31.51 2.68 23.64
CA TYR B 54 32.40 3.50 22.83
C TYR B 54 32.40 4.95 23.30
N SER B 55 33.58 5.57 23.26
CA SER B 55 33.74 7.00 23.54
C SER B 55 34.30 7.69 22.32
N SER B 56 33.72 8.82 21.94
CA SER B 56 34.03 9.48 20.69
C SER B 56 34.96 10.69 20.83
N ASN B 57 35.47 10.95 22.04
CA ASN B 57 36.49 11.98 22.20
C ASN B 57 37.79 11.56 21.53
N ILE B 58 38.55 12.54 21.04
CA ILE B 58 39.77 12.23 20.30
C ILE B 58 40.88 11.71 21.21
N GLU B 59 40.80 11.96 22.51
CA GLU B 59 41.77 11.40 23.44
C GLU B 59 41.37 10.00 23.90
N LEU B 60 40.14 9.58 23.65
CA LEU B 60 39.62 8.32 24.17
C LEU B 60 39.18 7.33 23.11
N ALA B 61 39.18 7.70 21.82
CA ALA B 61 38.53 6.89 20.80
C ALA B 61 39.31 5.61 20.50
N PHE B 62 40.64 5.71 20.40
CA PHE B 62 41.45 4.54 20.09
C PHE B 62 41.46 3.54 21.25
N SER B 63 41.53 4.04 22.49
CA SER B 63 41.54 3.14 23.64
C SER B 63 40.16 2.54 23.93
N SER B 64 39.08 3.16 23.47
CA SER B 64 37.75 2.57 23.63
C SER B 64 37.60 1.31 22.78
N VAL B 65 38.17 1.31 21.58
CA VAL B 65 38.09 0.14 20.71
C VAL B 65 38.98 -0.98 21.24
N GLU B 66 40.12 -0.63 21.83
CA GLU B 66 40.97 -1.61 22.50
C GLU B 66 40.31 -2.14 23.77
N HIS B 67 39.48 -1.32 24.44
CA HIS B 67 38.72 -1.76 25.59
C HIS B 67 37.64 -2.77 25.19
N ILE B 68 37.07 -2.61 24.00
CA ILE B 68 36.08 -3.57 23.48
C ILE B 68 36.75 -4.91 23.17
N MET B 69 37.96 -4.88 22.63
CA MET B 69 38.65 -6.10 22.23
C MET B 69 39.15 -6.92 23.42
N ARG B 70 39.42 -6.27 24.55
CA ARG B 70 40.05 -6.94 25.68
C ARG B 70 39.12 -7.18 26.87
N ASP B 71 38.27 -6.22 27.23
CA ASP B 71 37.54 -6.28 28.50
C ASP B 71 36.08 -6.67 28.36
N VAL B 72 35.44 -6.36 27.23
CA VAL B 72 34.05 -6.73 27.03
C VAL B 72 33.95 -8.22 26.75
N HIS B 73 32.99 -8.88 27.40
CA HIS B 73 32.73 -10.31 27.17
C HIS B 73 32.23 -10.52 25.75
N ASN B 74 32.93 -11.36 24.98
CA ASN B 74 32.73 -11.58 23.55
C ASN B 74 32.83 -10.30 22.74
N GLY B 75 33.66 -9.34 23.19
CA GLY B 75 33.78 -8.08 22.50
C GLY B 75 34.58 -8.16 21.23
N TYR B 76 35.54 -9.10 21.16
CA TYR B 76 36.29 -9.30 19.93
C TYR B 76 35.43 -9.93 18.84
N ILE B 77 34.38 -10.67 19.22
CA ILE B 77 33.46 -11.21 18.24
C ILE B 77 32.62 -10.09 17.62
N LEU B 78 32.20 -9.12 18.44
CA LEU B 78 31.37 -8.01 17.95
C LEU B 78 32.14 -7.13 16.97
N ARG B 79 33.40 -6.85 17.24
CA ARG B 79 34.18 -5.98 16.37
C ARG B 79 34.55 -6.67 15.06
N TYR B 80 35.04 -7.91 15.14
CA TYR B 80 35.49 -8.64 13.96
C TYR B 80 34.33 -8.98 13.02
N LEU B 81 33.15 -9.26 13.57
CA LEU B 81 31.98 -9.46 12.72
C LEU B 81 31.53 -8.16 12.08
N HIS B 82 31.76 -7.04 12.76
CA HIS B 82 31.38 -5.74 12.22
C HIS B 82 32.32 -5.27 11.12
N ALA B 83 33.64 -5.41 11.34
CA ALA B 83 34.60 -4.92 10.36
C ALA B 83 34.65 -5.81 9.12
N ASN B 84 34.63 -7.12 9.31
CA ASN B 84 34.62 -8.03 8.16
C ASN B 84 33.25 -8.04 7.47
N GLY B 85 32.18 -7.78 8.23
CA GLY B 85 30.85 -7.71 7.65
C GLY B 85 30.64 -6.53 6.72
N ALA B 86 31.40 -5.46 6.90
CA ALA B 86 31.34 -4.34 5.97
C ALA B 86 31.99 -4.68 4.63
N SER B 87 33.05 -5.49 4.63
CA SER B 87 33.65 -5.93 3.36
C SER B 87 32.76 -6.92 2.62
N PHE B 88 32.01 -7.76 3.35
CA PHE B 88 31.10 -8.68 2.70
C PHE B 88 29.87 -7.96 2.14
N PHE B 89 29.49 -6.85 2.77
CA PHE B 89 28.38 -6.02 2.29
C PHE B 89 28.70 -5.40 0.93
N PHE B 90 29.94 -4.94 0.74
CA PHE B 90 30.32 -4.32 -0.53
C PHE B 90 30.53 -5.34 -1.64
N MET B 91 30.95 -6.56 -1.30
CA MET B 91 31.17 -7.59 -2.31
C MET B 91 29.84 -8.10 -2.88
N VAL B 92 28.84 -8.30 -2.02
CA VAL B 92 27.51 -8.71 -2.48
C VAL B 92 26.84 -7.60 -3.27
N MET B 93 27.08 -6.34 -2.89
CA MET B 93 26.49 -5.21 -3.61
C MET B 93 27.11 -5.03 -5.00
N PHE B 94 28.41 -5.32 -5.16
CA PHE B 94 29.05 -5.24 -6.47
C PHE B 94 28.51 -6.31 -7.41
N MET B 95 28.26 -7.51 -6.89
CA MET B 95 27.72 -8.59 -7.73
C MET B 95 26.25 -8.36 -8.05
N HIS B 96 25.52 -7.68 -7.16
CA HIS B 96 24.12 -7.37 -7.41
C HIS B 96 23.96 -6.33 -8.51
N MET B 97 24.83 -5.33 -8.55
CA MET B 97 24.79 -4.32 -9.61
C MET B 97 25.28 -4.87 -10.93
N ALA B 98 26.24 -5.78 -10.92
CA ALA B 98 26.77 -6.36 -12.16
C ALA B 98 25.77 -7.32 -12.78
N LYS B 99 24.90 -7.93 -11.97
CA LYS B 99 23.79 -8.71 -12.50
C LYS B 99 22.81 -7.83 -13.26
N GLY B 100 22.57 -6.61 -12.75
CA GLY B 100 21.66 -5.71 -13.42
C GLY B 100 22.18 -5.18 -14.75
N LEU B 101 23.50 -4.97 -14.84
CA LEU B 101 24.10 -4.55 -16.10
C LEU B 101 24.01 -5.63 -17.15
N TYR B 102 24.26 -6.88 -16.76
CA TYR B 102 24.32 -7.99 -17.71
C TYR B 102 22.95 -8.31 -18.29
N TYR B 103 21.91 -8.34 -17.45
CA TYR B 103 20.60 -8.78 -17.88
C TYR B 103 19.68 -7.64 -18.31
N GLY B 104 20.16 -6.40 -18.29
CA GLY B 104 19.35 -5.27 -18.70
C GLY B 104 18.24 -4.90 -17.75
N SER B 105 18.45 -5.06 -16.45
CA SER B 105 17.42 -4.77 -15.46
C SER B 105 17.15 -3.27 -15.31
N TYR B 106 18.06 -2.43 -15.79
CA TYR B 106 17.91 -0.98 -15.72
C TYR B 106 16.88 -0.44 -16.70
N ARG B 107 16.49 -1.23 -17.71
CA ARG B 107 15.65 -0.73 -18.79
C ARG B 107 14.20 -0.55 -18.34
N SER B 108 13.43 0.12 -19.20
CA SER B 108 12.02 0.36 -18.95
C SER B 108 11.26 -0.96 -18.92
N PRO B 109 10.30 -1.13 -17.99
CA PRO B 109 9.74 -0.18 -17.05
C PRO B 109 10.34 -0.18 -15.63
N ARG B 110 11.66 -0.35 -15.50
CA ARG B 110 12.30 -0.45 -14.21
C ARG B 110 13.35 0.64 -13.98
N VAL B 111 13.11 1.83 -14.53
CA VAL B 111 14.07 2.93 -14.41
C VAL B 111 14.07 3.53 -13.01
N THR B 112 12.89 3.65 -12.40
CA THR B 112 12.78 4.18 -11.03
C THR B 112 13.44 3.24 -10.03
N LEU B 113 13.35 1.93 -10.27
CA LEU B 113 14.00 0.95 -9.40
C LEU B 113 15.51 1.05 -9.49
N TRP B 114 16.05 1.34 -10.69
CA TRP B 114 17.48 1.49 -10.86
C TRP B 114 17.99 2.81 -10.27
N ASN B 115 17.18 3.87 -10.32
CA ASN B 115 17.61 5.17 -9.82
C ASN B 115 17.67 5.21 -8.29
N VAL B 116 16.72 4.54 -7.62
CA VAL B 116 16.74 4.45 -6.17
C VAL B 116 17.93 3.64 -5.69
N GLY B 117 18.33 2.62 -6.45
CA GLY B 117 19.51 1.84 -6.12
C GLY B 117 20.81 2.60 -6.18
N VAL B 118 20.92 3.58 -7.09
CA VAL B 118 22.12 4.41 -7.18
C VAL B 118 22.25 5.32 -5.96
N ILE B 119 21.12 5.79 -5.42
CA ILE B 119 21.13 6.59 -4.19
C ILE B 119 21.60 5.76 -3.00
N ILE B 120 21.19 4.49 -2.95
CA ILE B 120 21.59 3.57 -1.88
C ILE B 120 23.09 3.33 -1.90
N PHE B 121 23.67 3.21 -3.10
CA PHE B 121 25.10 2.98 -3.26
C PHE B 121 25.93 4.17 -2.78
N ILE B 122 25.43 5.39 -2.98
CA ILE B 122 26.12 6.59 -2.52
C ILE B 122 26.10 6.68 -1.00
N LEU B 123 24.95 6.36 -0.38
CA LEU B 123 24.83 6.43 1.07
C LEU B 123 25.64 5.35 1.77
N THR B 124 25.85 4.21 1.13
CA THR B 124 26.65 3.14 1.71
C THR B 124 28.14 3.51 1.72
N ILE B 125 28.60 4.20 0.67
CA ILE B 125 29.98 4.67 0.61
C ILE B 125 30.27 5.69 1.69
N ALA B 126 29.32 6.63 1.90
CA ALA B 126 29.49 7.64 2.92
C ALA B 126 29.45 7.05 4.33
N THR B 127 28.67 5.98 4.53
CA THR B 127 28.59 5.31 5.84
C THR B 127 29.92 4.67 6.21
N ALA B 128 30.53 3.93 5.28
CA ALA B 128 31.78 3.24 5.56
C ALA B 128 32.94 4.20 5.75
N PHE B 129 32.89 5.39 5.14
CA PHE B 129 33.90 6.40 5.35
C PHE B 129 33.85 6.95 6.77
N LEU B 130 32.64 7.17 7.31
CA LEU B 130 32.50 7.75 8.63
C LEU B 130 32.83 6.76 9.75
N GLY B 131 32.54 5.48 9.56
CA GLY B 131 32.90 4.49 10.57
C GLY B 131 34.39 4.23 10.66
N TYR B 132 35.10 4.35 9.54
CA TYR B 132 36.55 4.20 9.54
C TYR B 132 37.24 5.34 10.30
N CYS B 133 36.63 6.53 10.29
CA CYS B 133 37.18 7.65 11.06
C CYS B 133 37.07 7.43 12.56
N CYS B 134 36.07 6.68 13.02
CA CYS B 134 35.80 6.53 14.44
C CYS B 134 36.83 5.67 15.16
N VAL B 135 37.63 4.88 14.44
CA VAL B 135 38.72 4.14 15.05
C VAL B 135 39.80 5.09 15.55
N TYR B 136 40.03 6.17 14.81
CA TYR B 136 41.15 7.10 14.97
C TYR B 136 42.50 6.38 15.07
N GLY B 137 42.74 5.50 14.10
CA GLY B 137 44.06 5.00 13.85
C GLY B 137 44.84 5.97 12.98
N GLN B 138 46.03 5.54 12.58
CA GLN B 138 46.87 6.39 11.75
C GLN B 138 46.34 6.49 10.32
N MET B 139 45.76 5.41 9.79
CA MET B 139 45.09 5.49 8.50
C MET B 139 43.75 6.23 8.59
N SER B 140 43.15 6.30 9.78
CA SER B 140 41.89 7.03 9.95
C SER B 140 42.11 8.54 9.87
N HIS B 141 43.19 9.04 10.48
CA HIS B 141 43.43 10.48 10.52
C HIS B 141 43.83 11.02 9.16
N TRP B 142 44.76 10.35 8.47
CA TRP B 142 45.30 10.87 7.23
C TRP B 142 44.40 10.60 6.03
N GLY B 143 43.54 9.58 6.10
CA GLY B 143 42.54 9.40 5.07
C GLY B 143 41.44 10.45 5.12
N ALA B 144 41.10 10.91 6.32
CA ALA B 144 40.14 12.00 6.47
C ALA B 144 40.76 13.35 6.10
N THR B 145 42.08 13.49 6.27
CA THR B 145 42.77 14.72 5.89
C THR B 145 42.79 14.90 4.37
N VAL B 146 43.00 13.80 3.64
CA VAL B 146 43.12 13.87 2.18
C VAL B 146 41.77 14.15 1.53
N ILE B 147 40.71 13.50 2.00
CA ILE B 147 39.40 13.60 1.35
C ILE B 147 38.75 14.95 1.65
N THR B 148 38.82 15.42 2.89
CA THR B 148 38.18 16.68 3.25
C THR B 148 38.90 17.90 2.65
N ASN B 149 40.17 17.77 2.31
CA ASN B 149 40.89 18.87 1.66
C ASN B 149 40.55 19.01 0.18
N LEU B 150 39.85 18.05 -0.42
CA LEU B 150 39.46 18.16 -1.81
C LEU B 150 38.42 19.25 -2.04
N PHE B 151 37.59 19.52 -1.03
CA PHE B 151 36.47 20.44 -1.19
C PHE B 151 36.86 21.91 -1.10
N SER B 152 38.12 22.22 -0.80
CA SER B 152 38.56 23.61 -0.76
C SER B 152 38.85 24.17 -2.15
N ALA B 153 38.84 23.34 -3.19
CA ALA B 153 39.08 23.80 -4.56
C ALA B 153 37.79 24.23 -5.26
N ILE B 154 36.66 24.10 -4.61
CA ILE B 154 35.39 24.59 -5.17
C ILE B 154 35.40 26.11 -5.17
N PRO B 155 35.00 26.77 -6.27
CA PRO B 155 35.11 28.24 -6.33
C PRO B 155 34.13 28.94 -5.41
N PHE B 156 34.65 29.93 -4.69
CA PHE B 156 33.97 30.96 -3.89
C PHE B 156 33.32 30.46 -2.61
N VAL B 157 33.23 29.14 -2.41
CA VAL B 157 32.57 28.59 -1.23
C VAL B 157 33.44 27.49 -0.63
N GLY B 158 34.59 27.23 -1.26
CA GLY B 158 35.34 26.03 -0.94
C GLY B 158 36.05 26.10 0.41
N ASN B 159 36.69 27.23 0.70
CA ASN B 159 37.40 27.40 1.96
C ASN B 159 36.47 27.55 3.17
N ASP B 160 35.16 27.67 2.96
CA ASP B 160 34.21 27.70 4.06
C ASP B 160 33.35 26.46 4.19
N ILE B 161 33.35 25.57 3.19
CA ILE B 161 32.72 24.26 3.37
C ILE B 161 33.62 23.35 4.20
N VAL B 162 34.95 23.50 4.06
CA VAL B 162 35.89 22.61 4.72
C VAL B 162 35.96 22.88 6.21
N SER B 163 36.04 24.16 6.59
CA SER B 163 36.10 24.51 8.01
C SER B 163 34.75 24.35 8.69
N TRP B 164 33.66 24.32 7.93
CA TRP B 164 32.37 23.92 8.46
C TRP B 164 32.27 22.41 8.62
N LEU B 165 33.05 21.65 7.85
CA LEU B 165 33.13 20.20 7.98
C LEU B 165 34.11 19.77 9.07
N TRP B 166 35.12 20.60 9.35
CA TRP B 166 36.07 20.30 10.41
C TRP B 166 35.57 20.75 11.77
N GLY B 167 34.79 21.83 11.82
CA GLY B 167 34.50 22.50 13.08
C GLY B 167 35.71 23.20 13.67
N GLY B 168 36.66 23.60 12.82
CA GLY B 168 37.92 24.15 13.30
C GLY B 168 38.88 24.32 12.16
N PHE B 169 40.17 24.14 12.46
CA PHE B 169 41.24 24.42 11.51
C PHE B 169 41.89 23.18 10.90
N SER B 170 41.58 21.99 11.41
CA SER B 170 42.09 20.73 10.87
C SER B 170 41.19 19.61 11.37
N VAL B 171 41.59 18.36 11.09
CA VAL B 171 40.91 17.21 11.68
C VAL B 171 41.29 17.12 13.14
N SER B 172 40.30 17.28 14.02
CA SER B 172 40.54 17.46 15.44
C SER B 172 39.37 16.87 16.21
N ASN B 173 39.26 17.23 17.50
CA ASN B 173 38.21 16.68 18.36
C ASN B 173 36.77 16.97 17.93
N PRO B 174 36.37 18.17 17.48
CA PRO B 174 34.99 18.32 16.97
C PRO B 174 34.71 17.54 15.69
N THR B 175 35.73 17.16 14.93
CA THR B 175 35.50 16.39 13.71
C THR B 175 35.11 14.96 14.03
N ILE B 176 35.78 14.33 15.00
CA ILE B 176 35.50 12.93 15.34
C ILE B 176 34.16 12.80 16.05
N GLN B 177 33.77 13.81 16.85
CA GLN B 177 32.52 13.72 17.59
C GLN B 177 31.32 13.88 16.67
N ARG B 178 31.42 14.73 15.65
CA ARG B 178 30.32 14.86 14.71
C ARG B 178 30.29 13.74 13.69
N PHE B 179 31.42 13.07 13.43
CA PHE B 179 31.43 11.97 12.49
C PHE B 179 30.82 10.70 13.08
N PHE B 180 30.93 10.52 14.41
CA PHE B 180 30.27 9.38 15.04
C PHE B 180 28.77 9.56 15.12
N ALA B 181 28.29 10.80 15.33
CA ALA B 181 26.86 11.06 15.35
C ALA B 181 26.23 10.92 13.97
N LEU B 182 26.93 11.31 12.91
CA LEU B 182 26.43 11.07 11.56
C LEU B 182 26.48 9.58 11.20
N HIS B 183 27.39 8.83 11.80
CA HIS B 183 27.54 7.42 11.49
C HIS B 183 26.41 6.59 12.08
N TYR B 184 25.78 7.07 13.14
CA TYR B 184 24.65 6.41 13.74
C TYR B 184 23.39 6.55 12.86
N LEU B 185 23.22 7.69 12.19
CA LEU B 185 22.01 8.15 11.52
C LEU B 185 21.78 7.59 10.11
N VAL B 186 22.79 7.67 9.24
CA VAL B 186 22.73 7.28 7.82
C VAL B 186 22.31 5.82 7.56
N PRO B 187 22.65 4.81 8.40
CA PRO B 187 22.01 3.49 8.21
C PRO B 187 20.51 3.46 8.42
N PHE B 188 19.92 4.41 9.14
CA PHE B 188 18.47 4.46 9.22
C PHE B 188 17.85 5.12 8.00
N ILE B 189 18.58 6.02 7.34
CA ILE B 189 18.14 6.57 6.06
C ILE B 189 18.24 5.50 4.97
N ILE B 190 19.25 4.64 5.06
CA ILE B 190 19.42 3.54 4.10
C ILE B 190 18.25 2.56 4.21
N ALA B 191 17.80 2.29 5.44
CA ALA B 191 16.68 1.37 5.65
C ALA B 191 15.36 1.91 5.10
N ALA B 192 15.19 3.23 5.09
CA ALA B 192 14.00 3.82 4.49
C ALA B 192 14.05 3.80 2.97
N MET B 193 15.25 3.92 2.38
CA MET B 193 15.38 3.80 0.93
C MET B 193 15.17 2.38 0.44
N VAL B 194 15.49 1.38 1.28
CA VAL B 194 15.26 -0.01 0.93
C VAL B 194 13.76 -0.32 0.86
N ILE B 195 12.96 0.34 1.71
CA ILE B 195 11.51 0.18 1.66
C ILE B 195 10.93 0.80 0.40
N MET B 196 11.44 1.97 -0.01
CA MET B 196 11.04 2.57 -1.27
C MET B 196 11.54 1.75 -2.47
N HIS B 197 12.66 1.04 -2.29
CA HIS B 197 13.18 0.16 -3.33
C HIS B 197 12.28 -1.06 -3.53
N LEU B 198 11.74 -1.61 -2.45
CA LEU B 198 10.86 -2.76 -2.55
C LEU B 198 9.45 -2.41 -3.02
N MET B 199 9.02 -1.16 -2.87
CA MET B 199 7.71 -0.76 -3.38
C MET B 199 7.72 -0.68 -4.91
N ALA B 200 8.80 -0.18 -5.49
CA ALA B 200 8.90 -0.08 -6.94
C ALA B 200 9.05 -1.45 -7.58
N LEU B 201 9.63 -2.41 -6.84
CA LEU B 201 9.79 -3.76 -7.36
C LEU B 201 8.48 -4.52 -7.38
N HIS B 202 7.60 -4.25 -6.41
CA HIS B 202 6.29 -4.91 -6.32
C HIS B 202 5.37 -4.53 -7.47
N ILE B 203 5.62 -3.38 -8.10
CA ILE B 203 4.75 -2.90 -9.16
C ILE B 203 4.93 -3.72 -10.43
N HIS B 204 6.18 -4.01 -10.82
CA HIS B 204 6.44 -4.68 -12.07
C HIS B 204 6.98 -6.10 -11.92
N GLY B 205 7.48 -6.47 -10.74
CA GLY B 205 8.09 -7.78 -10.57
C GLY B 205 9.53 -7.81 -11.05
N SER B 206 10.08 -9.01 -11.06
CA SER B 206 11.46 -9.23 -11.48
C SER B 206 11.54 -9.60 -12.95
N SER B 207 12.72 -9.42 -13.52
CA SER B 207 13.04 -9.91 -14.84
C SER B 207 13.54 -11.36 -14.75
N ASN B 208 13.93 -11.93 -15.87
CA ASN B 208 14.35 -13.32 -15.95
C ASN B 208 15.55 -13.39 -16.89
N PRO B 209 16.36 -14.46 -16.81
CA PRO B 209 17.60 -14.49 -17.62
C PRO B 209 17.41 -14.66 -19.12
N LEU B 210 16.21 -14.91 -19.62
CA LEU B 210 15.99 -14.95 -21.07
C LEU B 210 15.66 -13.59 -21.66
N GLY B 211 15.25 -12.63 -20.83
CA GLY B 211 14.99 -11.28 -21.28
C GLY B 211 13.58 -11.03 -21.77
N ILE B 212 12.73 -12.05 -21.81
CA ILE B 212 11.39 -11.95 -22.39
C ILE B 212 10.37 -12.04 -21.27
N THR B 213 9.08 -11.98 -21.61
CA THR B 213 8.02 -11.86 -20.63
C THR B 213 7.90 -13.11 -19.76
N GLY B 214 7.62 -12.88 -18.47
CA GLY B 214 7.44 -13.93 -17.50
C GLY B 214 6.00 -14.16 -17.08
N ASN B 215 5.03 -13.51 -17.74
CA ASN B 215 3.64 -13.58 -17.32
C ASN B 215 2.96 -14.90 -17.67
N LEU B 216 3.62 -15.79 -18.41
CA LEU B 216 3.00 -17.02 -18.86
C LEU B 216 3.25 -18.21 -17.94
N ASP B 217 4.23 -18.14 -17.05
CA ASP B 217 4.57 -19.27 -16.18
C ASP B 217 5.15 -18.73 -14.88
N ARG B 218 4.34 -18.66 -13.84
CA ARG B 218 4.76 -18.15 -12.54
C ARG B 218 4.55 -19.20 -11.46
N ILE B 219 5.44 -19.20 -10.47
CA ILE B 219 5.31 -20.04 -9.28
C ILE B 219 5.38 -19.13 -8.06
N PRO B 220 4.68 -19.44 -6.97
CA PRO B 220 4.70 -18.57 -5.79
C PRO B 220 6.02 -18.67 -5.02
N MET B 221 6.24 -17.65 -4.19
CA MET B 221 7.52 -17.49 -3.50
C MET B 221 7.71 -18.55 -2.41
N HIS B 222 6.65 -18.89 -1.68
CA HIS B 222 6.78 -19.69 -0.47
C HIS B 222 7.02 -21.16 -0.79
N SER B 223 8.06 -21.71 -0.16
CA SER B 223 8.61 -23.07 -0.14
C SER B 223 9.39 -23.42 -1.41
N TYR B 224 9.43 -22.56 -2.42
CA TYR B 224 10.32 -22.79 -3.55
C TYR B 224 11.54 -21.87 -3.52
N PHE B 225 11.31 -20.57 -3.45
CA PHE B 225 12.39 -19.61 -3.36
C PHE B 225 12.75 -19.25 -1.92
N ILE B 226 11.91 -19.65 -0.95
CA ILE B 226 12.30 -19.58 0.45
C ILE B 226 13.40 -20.60 0.73
N PHE B 227 13.25 -21.82 0.22
CA PHE B 227 14.26 -22.85 0.43
C PHE B 227 15.45 -22.71 -0.52
N LYS B 228 15.28 -22.05 -1.66
CA LYS B 228 16.43 -21.71 -2.48
C LYS B 228 17.24 -20.58 -1.85
N ASP B 229 16.59 -19.70 -1.09
CA ASP B 229 17.30 -18.64 -0.38
C ASP B 229 18.10 -19.18 0.80
N LEU B 230 17.68 -20.32 1.37
CA LEU B 230 18.39 -20.87 2.52
C LEU B 230 19.75 -21.44 2.14
N VAL B 231 19.91 -21.85 0.88
CA VAL B 231 21.18 -22.42 0.43
C VAL B 231 22.26 -21.35 0.41
N THR B 232 21.94 -20.16 -0.09
CA THR B 232 22.93 -19.10 -0.16
C THR B 232 23.10 -18.34 1.15
N VAL B 233 22.12 -18.42 2.05
CA VAL B 233 22.27 -17.81 3.38
C VAL B 233 23.29 -18.58 4.21
N PHE B 234 23.22 -19.92 4.17
CA PHE B 234 24.16 -20.73 4.94
C PHE B 234 25.56 -20.75 4.35
N LEU B 235 25.69 -20.62 3.03
CA LEU B 235 27.02 -20.52 2.42
C LEU B 235 27.67 -19.19 2.74
N PHE B 236 26.87 -18.13 2.78
CA PHE B 236 27.36 -16.80 3.15
C PHE B 236 27.86 -16.77 4.59
N MET B 237 27.11 -17.37 5.51
CA MET B 237 27.49 -17.36 6.91
C MET B 237 28.71 -18.21 7.19
N LEU B 238 28.89 -19.29 6.43
CA LEU B 238 30.05 -20.17 6.62
C LEU B 238 31.34 -19.48 6.19
N ILE B 239 31.33 -18.78 5.06
CA ILE B 239 32.53 -18.09 4.58
C ILE B 239 32.84 -16.88 5.46
N LEU B 240 31.80 -16.21 5.97
CA LEU B 240 32.00 -15.10 6.90
C LEU B 240 32.57 -15.59 8.24
N ALA B 241 32.16 -16.77 8.69
CA ALA B 241 32.70 -17.32 9.94
C ALA B 241 34.15 -17.75 9.80
N LEU B 242 34.57 -18.15 8.60
CA LEU B 242 35.97 -18.51 8.39
C LEU B 242 36.88 -17.29 8.45
N PHE B 243 36.36 -16.12 8.09
CA PHE B 243 37.16 -14.90 8.18
C PHE B 243 37.17 -14.34 9.59
N VAL B 244 36.05 -14.44 10.31
CA VAL B 244 35.94 -13.81 11.63
C VAL B 244 36.79 -14.56 12.66
N PHE B 245 36.83 -15.88 12.58
CA PHE B 245 37.50 -16.69 13.60
C PHE B 245 38.90 -17.13 13.22
N TYR B 246 39.22 -17.27 11.94
CA TYR B 246 40.49 -17.86 11.54
C TYR B 246 41.46 -16.92 10.84
N SER B 247 40.99 -15.81 10.27
CA SER B 247 41.87 -14.85 9.61
C SER B 247 41.26 -13.46 9.69
N PRO B 248 41.21 -12.85 10.88
CA PRO B 248 40.37 -11.66 11.07
C PRO B 248 40.99 -10.34 10.63
N ASN B 249 42.27 -10.30 10.27
CA ASN B 249 42.92 -9.05 9.90
C ASN B 249 43.50 -9.10 8.49
N THR B 250 43.01 -10.01 7.65
CA THR B 250 43.51 -10.12 6.28
C THR B 250 43.02 -8.97 5.40
N LEU B 251 41.77 -8.55 5.59
CA LEU B 251 41.18 -7.50 4.77
C LEU B 251 41.35 -6.10 5.37
N GLY B 252 42.39 -5.88 6.17
CA GLY B 252 42.64 -4.57 6.74
C GLY B 252 44.08 -4.11 6.60
N HIS B 253 44.42 -2.96 7.19
CA HIS B 253 45.75 -2.40 7.10
C HIS B 253 46.40 -2.36 8.47
N PRO B 254 47.65 -2.81 8.62
CA PRO B 254 48.29 -2.82 9.94
C PRO B 254 48.63 -1.45 10.49
N ASP B 255 48.63 -0.39 9.66
CA ASP B 255 48.85 0.96 10.16
C ASP B 255 47.70 1.51 10.98
N ASN B 256 46.54 0.84 10.98
CA ASN B 256 45.39 1.31 11.72
C ASN B 256 45.43 0.85 13.17
N TYR B 257 46.44 0.08 13.56
CA TYR B 257 46.71 -0.27 14.95
C TYR B 257 47.76 0.65 15.59
N ILE B 258 48.16 1.70 14.87
CA ILE B 258 48.95 2.79 15.45
C ILE B 258 47.99 3.94 15.71
N PRO B 259 48.03 4.58 16.89
CA PRO B 259 47.14 5.71 17.14
C PRO B 259 47.49 6.91 16.28
N GLY B 260 46.44 7.67 15.94
CA GLY B 260 46.54 8.83 15.06
C GLY B 260 47.46 9.93 15.54
N ASN B 261 48.41 10.31 14.68
CA ASN B 261 49.43 11.30 15.01
C ASN B 261 49.42 12.34 13.90
N PRO B 262 49.00 13.58 14.17
CA PRO B 262 49.00 14.61 13.12
C PRO B 262 50.37 15.18 12.78
N LEU B 263 51.45 14.69 13.39
CA LEU B 263 52.79 15.17 13.07
C LEU B 263 53.63 14.16 12.30
N VAL B 264 53.18 12.92 12.15
CA VAL B 264 53.93 11.89 11.45
C VAL B 264 53.06 11.37 10.30
N THR B 265 53.54 11.53 9.11
CA THR B 265 52.87 11.03 7.92
C THR B 265 53.28 9.59 7.65
N PRO B 266 52.34 8.70 7.33
CA PRO B 266 52.71 7.34 6.96
C PRO B 266 53.37 7.30 5.59
N ALA B 267 54.09 6.21 5.34
CA ALA B 267 54.82 6.03 4.08
C ALA B 267 53.86 5.83 2.90
N SER B 268 52.67 5.31 3.16
CA SER B 268 51.69 5.08 2.11
C SER B 268 50.30 5.25 2.69
N ILE B 269 49.43 5.98 1.99
CA ILE B 269 48.08 6.24 2.43
C ILE B 269 47.14 5.50 1.49
N VAL B 270 46.55 4.40 1.97
CA VAL B 270 45.79 3.47 1.14
C VAL B 270 44.40 3.30 1.75
N PRO B 271 43.34 3.39 0.96
CA PRO B 271 42.00 3.09 1.48
C PRO B 271 41.75 1.58 1.58
N GLU B 272 40.56 1.23 2.09
CA GLU B 272 40.08 -0.14 2.02
C GLU B 272 39.88 -0.56 0.57
N TRP B 273 39.84 -1.89 0.35
CA TRP B 273 39.89 -2.46 -1.00
C TRP B 273 38.68 -2.07 -1.85
N TYR B 274 37.51 -1.88 -1.23
CA TYR B 274 36.31 -1.60 -2.00
C TYR B 274 36.20 -0.13 -2.42
N LEU B 275 37.09 0.75 -1.96
CA LEU B 275 37.16 2.13 -2.43
C LEU B 275 38.41 2.39 -3.27
N LEU B 276 39.22 1.38 -3.53
CA LEU B 276 40.44 1.56 -4.34
C LEU B 276 40.23 1.96 -5.80
N PRO B 277 39.21 1.49 -6.57
CA PRO B 277 39.08 2.00 -7.94
C PRO B 277 38.70 3.47 -8.05
N PHE B 278 37.91 4.00 -7.11
CA PHE B 278 37.58 5.41 -7.14
C PHE B 278 38.74 6.27 -6.68
N TYR B 279 39.68 5.70 -5.93
CA TYR B 279 40.88 6.43 -5.53
C TYR B 279 41.85 6.59 -6.68
N ALA B 280 41.91 5.61 -7.59
CA ALA B 280 42.81 5.68 -8.73
C ALA B 280 42.31 6.61 -9.82
N ILE B 281 40.98 6.76 -9.94
CA ILE B 281 40.39 7.71 -10.88
C ILE B 281 40.72 9.14 -10.47
N LEU B 282 40.71 9.41 -9.16
CA LEU B 282 40.99 10.75 -8.64
C LEU B 282 42.45 11.15 -8.87
N ARG B 283 43.38 10.21 -8.70
CA ARG B 283 44.80 10.50 -8.86
C ARG B 283 45.25 10.60 -10.31
N SER B 284 44.37 10.36 -11.28
CA SER B 284 44.75 10.40 -12.69
C SER B 284 44.49 11.74 -13.35
N ILE B 285 43.83 12.67 -12.67
CA ILE B 285 43.60 14.02 -13.16
C ILE B 285 44.54 14.95 -12.42
N PRO B 286 45.41 15.70 -13.11
CA PRO B 286 46.39 16.53 -12.39
C PRO B 286 45.79 17.77 -11.74
N ASP B 287 44.78 18.39 -12.36
CA ASP B 287 44.11 19.52 -11.73
C ASP B 287 43.21 19.06 -10.60
N LYS B 288 43.24 19.81 -9.50
CA LYS B 288 42.58 19.36 -8.28
C LYS B 288 41.06 19.52 -8.32
N LEU B 289 40.56 20.54 -9.04
CA LEU B 289 39.12 20.73 -9.12
C LEU B 289 38.47 19.73 -10.09
N LEU B 290 39.13 19.45 -11.21
CA LEU B 290 38.60 18.48 -12.15
C LEU B 290 38.73 17.05 -11.65
N GLY B 291 39.65 16.79 -10.71
CA GLY B 291 39.80 15.46 -10.17
C GLY B 291 38.68 15.05 -9.24
N VAL B 292 38.14 16.01 -8.47
CA VAL B 292 37.07 15.67 -7.55
C VAL B 292 35.72 15.62 -8.29
N ILE B 293 35.60 16.32 -9.41
CA ILE B 293 34.40 16.25 -10.23
C ILE B 293 34.33 14.91 -10.96
N THR B 294 35.48 14.45 -11.49
CA THR B 294 35.54 13.15 -12.17
C THR B 294 35.33 12.00 -11.19
N MET B 295 35.74 12.18 -9.93
CA MET B 295 35.55 11.15 -8.92
C MET B 295 34.08 10.93 -8.60
N PHE B 296 33.30 12.01 -8.53
CA PHE B 296 31.86 11.90 -8.30
C PHE B 296 31.09 11.58 -9.56
N ALA B 297 31.65 11.85 -10.74
CA ALA B 297 31.00 11.48 -12.00
C ALA B 297 31.06 9.98 -12.25
N ALA B 298 31.99 9.26 -11.61
CA ALA B 298 32.10 7.82 -11.79
C ALA B 298 30.92 7.07 -11.18
N ILE B 299 30.22 7.66 -10.23
CA ILE B 299 29.00 7.06 -9.70
C ILE B 299 27.78 7.54 -10.47
N LEU B 300 27.72 8.83 -10.80
CA LEU B 300 26.55 9.40 -11.47
C LEU B 300 26.41 8.99 -12.92
N VAL B 301 27.45 8.41 -13.54
CA VAL B 301 27.36 7.96 -14.92
C VAL B 301 26.54 6.69 -15.07
N LEU B 302 26.20 6.03 -13.95
CA LEU B 302 25.29 4.89 -14.00
C LEU B 302 23.87 5.27 -14.42
N LEU B 303 23.49 6.54 -14.28
CA LEU B 303 22.17 7.01 -14.65
C LEU B 303 21.96 7.20 -16.15
N VAL B 304 23.02 7.20 -16.96
CA VAL B 304 22.85 7.39 -18.41
C VAL B 304 22.55 6.10 -19.16
N LEU B 305 22.68 4.94 -18.50
CA LEU B 305 22.47 3.66 -19.19
C LEU B 305 21.06 3.39 -19.72
N PRO B 306 19.94 3.84 -19.13
CA PRO B 306 18.65 3.68 -19.82
C PRO B 306 18.53 4.45 -21.13
N PHE B 307 19.39 5.43 -21.39
CA PHE B 307 19.30 6.23 -22.60
C PHE B 307 20.35 5.89 -23.65
N THR B 308 21.45 5.26 -23.27
CA THR B 308 22.50 4.93 -24.23
C THR B 308 22.41 3.50 -24.76
N ASP B 309 21.62 2.63 -24.14
CA ASP B 309 21.38 1.30 -24.68
C ASP B 309 20.31 1.39 -25.77
N ARG B 310 20.68 1.05 -27.00
CA ARG B 310 19.83 1.22 -28.18
C ARG B 310 19.21 -0.08 -28.67
N SER B 311 19.47 -1.20 -28.01
CA SER B 311 19.03 -2.50 -28.49
C SER B 311 17.52 -2.69 -28.32
N VAL B 312 16.93 -3.50 -29.21
CA VAL B 312 15.53 -3.88 -29.07
C VAL B 312 15.35 -5.15 -28.26
N VAL B 313 16.44 -5.74 -27.77
CA VAL B 313 16.41 -6.95 -26.95
C VAL B 313 16.97 -6.60 -25.58
N ARG B 314 16.31 -7.09 -24.53
CA ARG B 314 16.76 -6.87 -23.15
C ARG B 314 17.71 -7.98 -22.72
N GLY B 315 18.93 -7.62 -22.36
CA GLY B 315 19.90 -8.54 -21.79
C GLY B 315 21.01 -8.93 -22.76
N ASN B 316 21.98 -9.67 -22.22
CA ASN B 316 23.19 -10.04 -22.95
C ASN B 316 23.27 -11.52 -23.33
N THR B 317 22.18 -12.28 -23.14
CA THR B 317 22.24 -13.73 -23.30
C THR B 317 22.47 -14.15 -24.75
N PHE B 318 21.89 -13.45 -25.71
CA PHE B 318 21.99 -13.81 -27.12
C PHE B 318 22.83 -12.83 -27.93
N LYS B 319 23.76 -12.11 -27.30
CA LYS B 319 24.58 -11.11 -27.97
C LYS B 319 26.05 -11.41 -27.70
N VAL B 320 26.80 -11.78 -28.75
CA VAL B 320 28.18 -12.18 -28.52
C VAL B 320 29.12 -10.99 -28.39
N LEU B 321 28.81 -9.86 -29.04
CA LEU B 321 29.68 -8.69 -28.92
C LEU B 321 29.47 -7.96 -27.59
N SER B 322 28.24 -7.94 -27.08
CA SER B 322 27.99 -7.32 -25.79
C SER B 322 28.52 -8.17 -24.65
N LYS B 323 28.63 -9.49 -24.86
CA LYS B 323 29.24 -10.36 -23.86
C LYS B 323 30.73 -10.08 -23.72
N PHE B 324 31.41 -9.85 -24.84
CA PHE B 324 32.85 -9.63 -24.83
C PHE B 324 33.21 -8.32 -24.14
N PHE B 325 32.48 -7.24 -24.43
CA PHE B 325 32.82 -5.95 -23.87
C PHE B 325 32.31 -5.77 -22.45
N PHE B 326 31.38 -6.61 -21.99
CA PHE B 326 31.01 -6.61 -20.58
C PHE B 326 32.17 -7.10 -19.71
N PHE B 327 32.86 -8.16 -20.14
CA PHE B 327 33.96 -8.68 -19.35
C PHE B 327 35.24 -7.88 -19.53
N ILE B 328 35.35 -7.08 -20.59
CA ILE B 328 36.40 -6.07 -20.67
C ILE B 328 36.21 -5.02 -19.58
N PHE B 329 34.96 -4.62 -19.34
CA PHE B 329 34.66 -3.63 -18.31
C PHE B 329 34.88 -4.19 -16.90
N VAL B 330 34.70 -5.50 -16.70
CA VAL B 330 34.85 -6.08 -15.38
C VAL B 330 36.32 -6.15 -14.98
N PHE B 331 37.18 -6.61 -15.88
CA PHE B 331 38.60 -6.69 -15.56
C PHE B 331 39.30 -5.34 -15.59
N ASN B 332 38.71 -4.34 -16.24
CA ASN B 332 39.20 -2.97 -16.13
C ASN B 332 38.95 -2.40 -14.74
N PHE B 333 37.85 -2.80 -14.10
CA PHE B 333 37.55 -2.35 -12.74
C PHE B 333 38.50 -2.96 -11.72
N VAL B 334 38.94 -4.20 -11.95
CA VAL B 334 39.89 -4.84 -11.05
C VAL B 334 41.28 -4.21 -11.20
N LEU B 335 41.65 -3.84 -12.43
CA LEU B 335 42.95 -3.21 -12.66
C LEU B 335 43.01 -1.82 -12.04
N LEU B 336 41.90 -1.08 -12.05
CA LEU B 336 41.87 0.24 -11.42
C LEU B 336 42.01 0.13 -9.90
N GLY B 337 41.51 -0.95 -9.30
CA GLY B 337 41.72 -1.14 -7.87
C GLY B 337 43.16 -1.46 -7.52
N GLN B 338 43.87 -2.14 -8.41
CA GLN B 338 45.26 -2.48 -8.18
C GLN B 338 46.18 -1.26 -8.38
N ILE B 339 45.86 -0.39 -9.33
CA ILE B 339 46.63 0.84 -9.53
C ILE B 339 46.48 1.79 -8.34
N GLY B 340 45.30 1.82 -7.73
CA GLY B 340 45.04 2.66 -6.57
C GLY B 340 45.80 2.28 -5.31
N ALA B 341 46.40 1.10 -5.27
CA ALA B 341 47.22 0.66 -4.15
C ALA B 341 48.72 0.77 -4.42
N CYS B 342 49.12 1.27 -5.58
CA CYS B 342 50.53 1.45 -5.93
C CYS B 342 50.98 2.88 -5.66
N HIS B 343 52.30 3.09 -5.71
CA HIS B 343 52.86 4.42 -5.63
C HIS B 343 52.65 5.18 -6.94
N VAL B 344 52.81 6.49 -6.88
CA VAL B 344 52.73 7.33 -8.08
C VAL B 344 54.06 7.22 -8.79
N GLU B 345 54.17 6.26 -9.70
CA GLU B 345 55.44 5.94 -10.33
C GLU B 345 55.19 5.53 -11.78
N VAL B 346 56.24 5.66 -12.59
CA VAL B 346 56.24 5.13 -13.96
C VAL B 346 56.29 3.60 -13.88
N PRO B 347 55.45 2.87 -14.63
CA PRO B 347 54.44 3.28 -15.60
C PRO B 347 53.01 3.23 -15.10
N TYR B 348 52.79 3.26 -13.78
CA TYR B 348 51.45 3.16 -13.25
C TYR B 348 50.63 4.44 -13.46
N VAL B 349 51.29 5.56 -13.76
CA VAL B 349 50.56 6.81 -13.95
C VAL B 349 49.81 6.81 -15.28
N LEU B 350 50.48 6.38 -16.35
CA LEU B 350 49.84 6.31 -17.66
C LEU B 350 48.82 5.17 -17.72
N MET B 351 49.09 4.06 -17.02
CA MET B 351 48.16 2.93 -17.01
C MET B 351 46.84 3.30 -16.33
N GLY B 352 46.91 4.14 -15.30
CA GLY B 352 45.69 4.58 -14.64
C GLY B 352 44.90 5.58 -15.46
N GLN B 353 45.58 6.34 -16.32
CA GLN B 353 44.89 7.30 -17.17
C GLN B 353 44.18 6.63 -18.34
N ILE B 354 44.74 5.54 -18.87
CA ILE B 354 44.08 4.79 -19.93
C ILE B 354 42.90 4.02 -19.38
N ALA B 355 43.04 3.44 -18.18
CA ALA B 355 41.96 2.67 -17.57
C ALA B 355 40.81 3.57 -17.12
N THR B 356 41.10 4.82 -16.77
CA THR B 356 40.05 5.78 -16.45
C THR B 356 39.22 6.12 -17.69
N PHE B 357 39.89 6.24 -18.85
CA PHE B 357 39.19 6.53 -20.10
C PHE B 357 38.30 5.37 -20.52
N ILE B 358 38.76 4.13 -20.32
CA ILE B 358 38.01 2.94 -20.70
C ILE B 358 36.74 2.80 -19.85
N TYR B 359 36.80 3.24 -18.58
CA TYR B 359 35.64 3.19 -17.70
C TYR B 359 34.52 4.09 -18.21
N PHE B 360 34.83 5.34 -18.57
CA PHE B 360 33.81 6.26 -19.03
C PHE B 360 33.39 6.00 -20.47
N ALA B 361 34.27 5.43 -21.31
CA ALA B 361 33.93 5.16 -22.69
C ALA B 361 33.00 3.96 -22.85
N TYR B 362 32.90 3.10 -21.83
CA TYR B 362 31.96 1.99 -21.89
C TYR B 362 30.51 2.48 -21.86
N PHE B 363 30.20 3.43 -20.98
CA PHE B 363 28.84 3.91 -20.84
C PHE B 363 28.42 4.85 -21.96
N LEU B 364 29.35 5.60 -22.53
CA LEU B 364 29.00 6.69 -23.43
C LEU B 364 29.33 6.45 -24.90
N ILE B 365 30.23 5.52 -25.21
CA ILE B 365 30.66 5.27 -26.58
C ILE B 365 30.42 3.81 -26.99
N ILE B 366 30.85 2.87 -26.16
CA ILE B 366 30.88 1.46 -26.58
C ILE B 366 29.48 0.87 -26.61
N VAL B 367 28.69 1.11 -25.55
CA VAL B 367 27.32 0.56 -25.50
C VAL B 367 26.40 1.07 -26.60
N PRO B 368 26.32 2.38 -26.91
CA PRO B 368 25.44 2.76 -28.04
C PRO B 368 25.93 2.34 -29.42
N VAL B 369 27.24 2.17 -29.62
CA VAL B 369 27.73 1.79 -30.95
C VAL B 369 27.54 0.29 -31.19
N ILE B 370 27.85 -0.54 -30.19
CA ILE B 370 27.79 -1.99 -30.35
C ILE B 370 26.33 -2.46 -30.44
N SER B 371 25.45 -1.87 -29.64
CA SER B 371 24.05 -2.27 -29.67
C SER B 371 23.32 -1.80 -30.92
N THR B 372 23.82 -0.77 -31.61
CA THR B 372 23.27 -0.38 -32.90
C THR B 372 23.69 -1.38 -33.98
N ILE B 373 24.94 -1.86 -33.93
CA ILE B 373 25.44 -2.83 -34.89
C ILE B 373 24.74 -4.17 -34.73
N GLU B 374 24.45 -4.57 -33.50
CA GLU B 374 23.78 -5.84 -33.27
C GLU B 374 22.31 -5.82 -33.67
N ASN B 375 21.68 -4.64 -33.69
CA ASN B 375 20.34 -4.50 -34.24
C ASN B 375 20.32 -4.80 -35.74
N VAL B 376 21.34 -4.34 -36.47
CA VAL B 376 21.37 -4.49 -37.93
C VAL B 376 21.77 -5.91 -38.34
N LEU B 377 22.65 -6.56 -37.58
CA LEU B 377 23.08 -7.92 -37.92
C LEU B 377 21.96 -8.93 -37.74
N PHE B 378 21.06 -8.70 -36.77
CA PHE B 378 19.90 -9.57 -36.61
C PHE B 378 18.94 -9.43 -37.79
N TYR B 379 18.83 -8.21 -38.33
CA TYR B 379 17.90 -7.95 -39.44
C TYR B 379 18.39 -8.60 -40.74
N ILE B 380 19.60 -8.27 -41.17
CA ILE B 380 20.07 -8.70 -42.50
C ILE B 380 20.46 -10.16 -42.55
N GLY B 381 20.60 -10.83 -41.41
CA GLY B 381 20.80 -12.26 -41.39
C GLY B 381 19.55 -13.09 -41.56
N ARG B 382 18.37 -12.45 -41.61
CA ARG B 382 17.10 -13.13 -41.78
C ARG B 382 16.31 -12.66 -42.98
N VAL B 383 16.36 -11.37 -43.30
CA VAL B 383 15.50 -10.80 -44.33
C VAL B 383 16.08 -11.09 -45.71
N ASN B 384 15.26 -11.67 -46.58
CA ASN B 384 15.66 -11.98 -47.95
C ASN B 384 15.39 -10.76 -48.83
N LYS B 385 16.45 -10.10 -49.26
CA LYS B 385 16.33 -8.93 -50.13
C LYS B 385 17.48 -8.88 -51.12
N LEU C 1 -60.76 -33.28 -0.83
CA LEU C 1 -59.76 -33.95 -0.01
C LEU C 1 -59.77 -35.45 -0.26
N THR C 2 -59.24 -35.85 -1.42
CA THR C 2 -59.10 -37.26 -1.78
C THR C 2 -57.77 -37.78 -1.26
N VAL C 3 -57.82 -38.93 -0.57
CA VAL C 3 -56.63 -39.56 0.00
C VAL C 3 -56.56 -41.00 -0.51
N SER C 4 -55.41 -41.38 -1.07
CA SER C 4 -55.17 -42.75 -1.49
C SER C 4 -53.69 -43.07 -1.37
N ALA C 5 -53.37 -44.36 -1.20
CA ALA C 5 -52.00 -44.78 -1.00
C ALA C 5 -51.85 -46.24 -1.40
N ARG C 6 -50.59 -46.63 -1.67
CA ARG C 6 -50.22 -48.01 -1.94
C ARG C 6 -49.10 -48.41 -0.99
N ASP C 7 -49.01 -49.71 -0.71
CA ASP C 7 -48.09 -50.24 0.28
C ASP C 7 -47.13 -51.25 -0.36
N ALA C 8 -46.01 -51.48 0.33
CA ALA C 8 -44.92 -52.30 -0.15
C ALA C 8 -44.02 -52.66 1.03
N PRO C 9 -43.17 -53.70 0.91
CA PRO C 9 -42.13 -53.93 1.93
C PRO C 9 -40.82 -53.22 1.59
N THR C 10 -40.89 -51.89 1.54
CA THR C 10 -39.82 -51.03 1.04
C THR C 10 -39.39 -50.06 2.14
N LYS C 11 -38.09 -49.70 2.14
CA LYS C 11 -37.55 -48.80 3.17
C LYS C 11 -37.91 -47.34 2.97
N ILE C 12 -38.22 -46.89 1.76
CA ILE C 12 -38.38 -45.47 1.44
C ILE C 12 -39.84 -45.20 1.06
N SER C 13 -40.38 -44.10 1.57
CA SER C 13 -41.74 -43.67 1.26
C SER C 13 -41.73 -42.30 0.58
N THR C 14 -42.82 -42.00 -0.13
CA THR C 14 -42.99 -40.74 -0.83
C THR C 14 -44.41 -40.23 -0.59
N LEU C 15 -44.54 -38.94 -0.26
CA LEU C 15 -45.83 -38.31 -0.03
C LEU C 15 -45.95 -37.08 -0.92
N ALA C 16 -47.11 -36.91 -1.56
CA ALA C 16 -47.30 -35.81 -2.51
C ALA C 16 -48.67 -35.15 -2.34
N VAL C 17 -48.70 -33.83 -2.51
CA VAL C 17 -49.94 -33.05 -2.52
C VAL C 17 -50.05 -32.34 -3.86
N LYS C 18 -51.09 -32.67 -4.62
CA LYS C 18 -51.30 -32.17 -5.98
C LYS C 18 -52.36 -31.07 -5.96
N VAL C 19 -51.96 -29.85 -6.31
CA VAL C 19 -52.85 -28.70 -6.30
C VAL C 19 -53.13 -28.30 -7.75
N HIS C 20 -54.40 -28.06 -8.07
CA HIS C 20 -54.78 -27.51 -9.39
C HIS C 20 -54.49 -26.02 -9.42
N GLY C 21 -53.19 -25.71 -9.50
CA GLY C 21 -52.73 -24.34 -9.43
C GLY C 21 -51.60 -24.01 -10.39
N GLY C 22 -51.58 -24.67 -11.53
CA GLY C 22 -50.56 -24.44 -12.53
C GLY C 22 -50.74 -23.11 -13.25
N SER C 23 -49.91 -22.92 -14.28
CA SER C 23 -49.88 -21.65 -15.00
C SER C 23 -51.12 -21.42 -15.87
N ARG C 24 -51.94 -22.44 -16.10
CA ARG C 24 -53.18 -22.24 -16.84
C ARG C 24 -54.27 -21.58 -16.00
N TYR C 25 -54.05 -21.43 -14.68
CA TYR C 25 -55.00 -20.75 -13.80
C TYR C 25 -54.48 -19.42 -13.28
N ALA C 26 -53.33 -18.96 -13.76
CA ALA C 26 -52.65 -17.81 -13.18
C ALA C 26 -53.38 -16.51 -13.52
N THR C 27 -53.44 -15.60 -12.54
CA THR C 27 -54.16 -14.34 -12.71
C THR C 27 -53.34 -13.32 -13.49
N LYS C 28 -52.08 -13.15 -13.13
CA LYS C 28 -51.14 -12.37 -13.93
C LYS C 28 -50.05 -13.31 -14.45
N ASP C 29 -49.19 -12.76 -15.31
CA ASP C 29 -48.11 -13.55 -15.92
C ASP C 29 -47.03 -13.88 -14.90
N GLY C 30 -46.86 -15.16 -14.60
CA GLY C 30 -45.79 -15.62 -13.74
C GLY C 30 -46.09 -15.69 -12.26
N VAL C 31 -47.36 -15.62 -11.85
CA VAL C 31 -47.68 -15.67 -10.43
C VAL C 31 -47.56 -17.10 -9.90
N ALA C 32 -47.92 -18.10 -10.70
CA ALA C 32 -47.78 -19.49 -10.28
C ALA C 32 -46.32 -19.91 -10.16
N HIS C 33 -45.43 -19.27 -10.93
CA HIS C 33 -44.01 -19.53 -10.78
C HIS C 33 -43.47 -18.96 -9.48
N LEU C 34 -43.93 -17.77 -9.09
CA LEU C 34 -43.43 -17.15 -7.86
C LEU C 34 -44.04 -17.76 -6.61
N LEU C 35 -45.24 -18.34 -6.68
CA LEU C 35 -45.77 -19.08 -5.54
C LEU C 35 -45.04 -20.41 -5.36
N ASN C 36 -44.59 -21.03 -6.46
CA ASN C 36 -43.84 -22.27 -6.38
C ASN C 36 -42.50 -22.08 -5.70
N ARG C 37 -41.86 -20.92 -5.88
CA ARG C 37 -40.61 -20.64 -5.21
C ARG C 37 -40.79 -20.14 -3.78
N PHE C 38 -42.02 -19.81 -3.36
CA PHE C 38 -42.29 -19.45 -1.98
C PHE C 38 -42.52 -20.66 -1.08
N ASN C 39 -42.77 -21.84 -1.64
CA ASN C 39 -42.99 -23.04 -0.83
C ASN C 39 -41.72 -23.42 -0.09
N PHE C 40 -41.90 -23.88 1.16
CA PHE C 40 -40.83 -24.25 2.10
C PHE C 40 -39.91 -23.09 2.46
N GLN C 41 -40.44 -21.86 2.43
CA GLN C 41 -39.83 -20.71 3.07
C GLN C 41 -40.31 -20.65 4.52
N ASN C 42 -40.14 -19.50 5.19
CA ASN C 42 -40.50 -19.36 6.60
C ASN C 42 -42.00 -19.54 6.83
N THR C 43 -42.33 -20.32 7.85
CA THR C 43 -43.67 -20.52 8.37
C THR C 43 -43.79 -19.65 9.63
N ASN C 44 -45.04 -19.37 10.04
CA ASN C 44 -45.29 -18.58 11.24
C ASN C 44 -44.74 -19.22 12.51
N THR C 45 -44.61 -20.55 12.54
CA THR C 45 -44.11 -21.25 13.71
C THR C 45 -42.72 -21.84 13.54
N ARG C 46 -42.17 -21.86 12.33
CA ARG C 46 -40.88 -22.52 12.10
C ARG C 46 -40.18 -21.87 10.92
N SER C 47 -38.90 -21.55 11.10
CA SER C 47 -38.12 -20.95 10.03
C SER C 47 -37.69 -22.01 9.02
N ALA C 48 -37.28 -21.55 7.84
CA ALA C 48 -36.84 -22.46 6.78
C ALA C 48 -35.52 -23.13 7.13
N LEU C 49 -34.66 -22.46 7.90
CA LEU C 49 -33.42 -23.08 8.35
C LEU C 49 -33.69 -24.23 9.34
N LYS C 50 -34.68 -24.04 10.22
CA LYS C 50 -35.03 -25.07 11.19
C LYS C 50 -35.64 -26.30 10.53
N LEU C 51 -36.39 -26.11 9.44
CA LEU C 51 -37.00 -27.24 8.72
C LEU C 51 -35.95 -28.10 8.02
N VAL C 52 -34.88 -27.49 7.51
CA VAL C 52 -33.84 -28.26 6.82
C VAL C 52 -33.00 -29.05 7.82
N ARG C 53 -32.63 -28.43 8.95
CA ARG C 53 -31.80 -29.10 9.94
C ARG C 53 -32.53 -30.24 10.64
N GLU C 54 -33.83 -30.12 10.84
CA GLU C 54 -34.57 -31.16 11.56
C GLU C 54 -34.82 -32.39 10.69
N SER C 55 -35.17 -32.18 9.43
CA SER C 55 -35.49 -33.31 8.56
C SER C 55 -34.24 -34.02 8.03
N GLU C 56 -33.07 -33.36 8.08
CA GLU C 56 -31.83 -34.02 7.71
C GLU C 56 -31.44 -35.07 8.74
N LEU C 57 -31.71 -34.82 10.03
CA LEU C 57 -31.41 -35.77 11.08
C LEU C 57 -32.38 -36.94 11.10
N LEU C 58 -33.57 -36.78 10.52
CA LEU C 58 -34.48 -37.89 10.33
C LEU C 58 -34.26 -38.63 9.01
N GLY C 59 -33.62 -37.98 8.04
CA GLY C 59 -33.43 -38.56 6.72
C GLY C 59 -34.55 -38.28 5.73
N GLY C 60 -34.83 -37.00 5.47
CA GLY C 60 -35.86 -36.63 4.52
C GLY C 60 -35.56 -35.32 3.83
N THR C 61 -36.18 -35.13 2.66
CA THR C 61 -36.01 -33.92 1.87
C THR C 61 -37.35 -33.48 1.29
N PHE C 62 -37.42 -32.21 0.88
CA PHE C 62 -38.62 -31.60 0.34
C PHE C 62 -38.35 -31.00 -1.04
N LYS C 63 -39.40 -30.91 -1.86
CA LYS C 63 -39.28 -30.34 -3.20
C LYS C 63 -40.65 -29.85 -3.68
N SER C 64 -40.62 -28.78 -4.48
CA SER C 64 -41.82 -28.21 -5.10
C SER C 64 -41.62 -28.10 -6.62
N THR C 65 -42.65 -28.44 -7.38
CA THR C 65 -42.55 -28.58 -8.83
C THR C 65 -43.75 -27.95 -9.51
N LEU C 66 -43.51 -27.18 -10.58
CA LEU C 66 -44.56 -26.49 -11.33
C LEU C 66 -44.66 -27.02 -12.75
N ASP C 67 -45.87 -27.26 -13.22
CA ASP C 67 -46.15 -27.50 -14.64
C ASP C 67 -47.39 -26.68 -15.02
N ARG C 68 -47.94 -26.95 -16.21
CA ARG C 68 -49.04 -26.15 -16.72
C ARG C 68 -50.37 -26.46 -16.05
N GLU C 69 -50.48 -27.59 -15.36
CA GLU C 69 -51.70 -27.96 -14.66
C GLU C 69 -51.57 -27.95 -13.14
N TYR C 70 -50.42 -28.35 -12.60
CA TYR C 70 -50.28 -28.64 -11.20
C TYR C 70 -49.17 -27.84 -10.54
N ILE C 71 -49.33 -27.60 -9.24
CA ILE C 71 -48.23 -27.36 -8.32
C ILE C 71 -48.17 -28.58 -7.40
N THR C 72 -46.99 -29.20 -7.30
CA THR C 72 -46.80 -30.43 -6.56
C THR C 72 -45.80 -30.24 -5.44
N LEU C 73 -46.21 -30.54 -4.21
CA LEU C 73 -45.33 -30.54 -3.06
C LEU C 73 -45.03 -31.98 -2.66
N LYS C 74 -43.75 -32.30 -2.49
CA LYS C 74 -43.32 -33.68 -2.35
C LYS C 74 -42.32 -33.85 -1.21
N ALA C 75 -42.39 -34.99 -0.54
CA ALA C 75 -41.41 -35.38 0.48
C ALA C 75 -41.00 -36.82 0.25
N THR C 76 -39.71 -37.11 0.49
CA THR C 76 -39.13 -38.44 0.37
C THR C 76 -38.35 -38.74 1.63
N PHE C 77 -38.62 -39.87 2.28
CA PHE C 77 -38.18 -40.06 3.66
C PHE C 77 -38.15 -41.53 4.01
N LEU C 78 -37.55 -41.82 5.17
CA LEU C 78 -37.57 -43.17 5.73
C LEU C 78 -38.94 -43.48 6.33
N LYS C 79 -39.35 -44.73 6.21
CA LYS C 79 -40.77 -45.10 6.18
C LYS C 79 -41.50 -44.80 7.49
N ASP C 80 -40.84 -45.01 8.64
CA ASP C 80 -41.53 -44.93 9.92
C ASP C 80 -41.68 -43.51 10.46
N ASP C 81 -41.32 -42.48 9.69
CA ASP C 81 -41.42 -41.10 10.14
C ASP C 81 -42.60 -40.36 9.51
N LEU C 82 -43.64 -41.10 9.12
CA LEU C 82 -44.79 -40.52 8.40
C LEU C 82 -45.53 -39.36 9.08
N PRO C 83 -45.85 -39.36 10.40
CA PRO C 83 -46.62 -38.22 10.94
C PRO C 83 -45.87 -36.89 10.99
N TYR C 84 -44.53 -36.90 10.96
CA TYR C 84 -43.79 -35.64 10.93
C TYR C 84 -43.97 -34.94 9.59
N TYR C 85 -44.03 -35.70 8.50
CA TYR C 85 -44.08 -35.10 7.16
C TYR C 85 -45.50 -34.77 6.71
N VAL C 86 -46.51 -35.39 7.30
CA VAL C 86 -47.89 -34.97 7.06
C VAL C 86 -48.13 -33.58 7.64
N ASN C 87 -47.60 -33.33 8.84
CA ASN C 87 -47.79 -32.04 9.49
C ASN C 87 -46.94 -30.95 8.87
N ALA C 88 -45.77 -31.29 8.33
CA ALA C 88 -44.92 -30.27 7.73
C ALA C 88 -45.48 -29.78 6.40
N LEU C 89 -46.08 -30.68 5.62
CA LEU C 89 -46.72 -30.26 4.37
C LEU C 89 -48.00 -29.47 4.63
N ALA C 90 -48.69 -29.76 5.73
CA ALA C 90 -49.91 -29.02 6.06
C ALA C 90 -49.62 -27.60 6.51
N ASP C 91 -48.47 -27.36 7.14
CA ASP C 91 -48.14 -26.02 7.60
C ASP C 91 -47.73 -25.10 6.45
N VAL C 92 -47.25 -25.66 5.34
CA VAL C 92 -46.87 -24.85 4.19
C VAL C 92 -48.12 -24.27 3.51
N LEU C 93 -49.14 -25.10 3.33
CA LEU C 93 -50.37 -24.64 2.68
C LEU C 93 -51.19 -23.72 3.57
N TYR C 94 -50.99 -23.75 4.88
CA TYR C 94 -51.85 -23.05 5.82
C TYR C 94 -51.27 -21.73 6.33
N LYS C 95 -50.01 -21.69 6.73
CA LYS C 95 -49.47 -20.54 7.45
C LYS C 95 -48.09 -20.14 6.97
N THR C 96 -47.89 -20.05 5.65
CA THR C 96 -46.68 -19.45 5.11
C THR C 96 -46.66 -17.96 5.43
N ALA C 97 -45.48 -17.46 5.82
CA ALA C 97 -45.36 -16.11 6.39
C ALA C 97 -45.48 -15.01 5.34
N PHE C 98 -44.85 -15.19 4.18
CA PHE C 98 -44.81 -14.22 3.06
C PHE C 98 -44.20 -12.88 3.49
N LYS C 99 -42.96 -12.95 3.94
CA LYS C 99 -42.25 -11.75 4.38
C LYS C 99 -41.72 -10.97 3.17
N PRO C 100 -41.69 -9.64 3.25
CA PRO C 100 -41.20 -8.85 2.11
C PRO C 100 -39.70 -8.97 1.88
N HIS C 101 -38.90 -9.21 2.92
CA HIS C 101 -37.48 -9.42 2.69
C HIS C 101 -37.18 -10.81 2.15
N GLU C 102 -38.10 -11.77 2.29
CA GLU C 102 -37.91 -13.07 1.68
C GLU C 102 -38.13 -13.02 0.18
N LEU C 103 -39.02 -12.13 -0.29
CA LEU C 103 -39.23 -11.96 -1.72
C LEU C 103 -38.01 -11.32 -2.38
N THR C 104 -37.37 -10.38 -1.70
CA THR C 104 -36.22 -9.67 -2.28
C THR C 104 -34.97 -10.55 -2.28
N GLU C 105 -34.72 -11.26 -1.19
CA GLU C 105 -33.44 -11.95 -1.03
C GLU C 105 -33.43 -13.38 -1.55
N SER C 106 -34.58 -14.07 -1.58
CA SER C 106 -34.60 -15.47 -1.95
C SER C 106 -35.44 -15.77 -3.20
N VAL C 107 -36.69 -15.32 -3.24
CA VAL C 107 -37.64 -15.81 -4.24
C VAL C 107 -37.35 -15.22 -5.62
N LEU C 108 -37.19 -13.91 -5.70
CA LEU C 108 -36.89 -13.24 -6.97
C LEU C 108 -35.50 -13.57 -7.55
N PRO C 109 -34.41 -13.71 -6.79
CA PRO C 109 -33.17 -14.21 -7.43
C PRO C 109 -33.24 -15.65 -7.88
N ALA C 110 -34.07 -16.49 -7.24
CA ALA C 110 -34.22 -17.87 -7.69
C ALA C 110 -35.04 -17.96 -8.96
N ALA C 111 -36.02 -17.08 -9.13
CA ALA C 111 -36.85 -17.10 -10.33
C ALA C 111 -36.13 -16.48 -11.53
N ARG C 112 -35.18 -15.58 -11.29
CA ARG C 112 -34.38 -15.04 -12.38
C ARG C 112 -33.41 -16.08 -12.93
N TYR C 113 -32.94 -16.98 -12.07
CA TYR C 113 -32.05 -18.05 -12.52
C TYR C 113 -32.81 -19.09 -13.32
N ASP C 114 -34.07 -19.37 -12.96
CA ASP C 114 -34.89 -20.31 -13.73
C ASP C 114 -35.17 -19.78 -15.13
N TYR C 115 -35.37 -18.47 -15.25
CA TYR C 115 -35.69 -17.89 -16.56
C TYR C 115 -34.46 -17.82 -17.46
N ALA C 116 -33.28 -17.57 -16.87
CA ALA C 116 -32.07 -17.43 -17.68
C ALA C 116 -31.55 -18.77 -18.18
N VAL C 117 -31.81 -19.85 -17.47
CA VAL C 117 -31.41 -21.18 -17.94
C VAL C 117 -32.28 -21.61 -19.11
N ALA C 118 -33.58 -21.41 -19.01
CA ALA C 118 -34.50 -21.83 -20.06
C ALA C 118 -34.44 -20.95 -21.29
N GLU C 119 -33.83 -19.77 -21.18
CA GLU C 119 -33.75 -18.84 -22.29
C GLU C 119 -32.71 -19.24 -23.32
N GLN C 120 -31.74 -20.09 -22.95
CA GLN C 120 -30.68 -20.51 -23.85
C GLN C 120 -31.01 -21.77 -24.63
N CYS C 121 -32.22 -22.31 -24.50
CA CYS C 121 -32.58 -23.54 -25.21
C CYS C 121 -33.62 -23.21 -26.28
N PRO C 122 -33.28 -23.28 -27.57
CA PRO C 122 -34.26 -22.93 -28.60
C PRO C 122 -35.37 -23.95 -28.79
N VAL C 123 -35.18 -25.19 -28.34
CA VAL C 123 -36.27 -26.17 -28.38
C VAL C 123 -37.36 -25.80 -27.38
N LYS C 124 -36.96 -25.31 -26.20
CA LYS C 124 -37.93 -24.93 -25.17
C LYS C 124 -38.69 -23.66 -25.57
N SER C 125 -38.01 -22.70 -26.19
CA SER C 125 -38.70 -21.50 -26.63
C SER C 125 -39.61 -21.74 -27.83
N ALA C 126 -39.36 -22.81 -28.61
CA ALA C 126 -40.28 -23.16 -29.67
C ALA C 126 -41.55 -23.82 -29.13
N GLU C 127 -41.43 -24.55 -28.03
CA GLU C 127 -42.60 -25.17 -27.41
C GLU C 127 -43.48 -24.13 -26.73
N ASP C 128 -42.89 -23.07 -26.16
CA ASP C 128 -43.66 -22.01 -25.55
C ASP C 128 -44.47 -21.24 -26.59
N GLN C 129 -43.90 -21.10 -27.79
CA GLN C 129 -44.58 -20.41 -28.92
C GLN C 129 -45.76 -21.26 -29.39
N LEU C 130 -45.61 -22.59 -29.43
CA LEU C 130 -46.64 -23.47 -29.95
C LEU C 130 -47.85 -23.52 -29.03
N TYR C 131 -47.65 -23.41 -27.71
CA TYR C 131 -48.76 -23.35 -26.78
C TYR C 131 -49.50 -22.02 -26.89
N ALA C 132 -48.77 -20.93 -27.13
CA ALA C 132 -49.37 -19.60 -27.15
C ALA C 132 -50.26 -19.39 -28.37
N ILE C 133 -49.85 -19.89 -29.54
CA ILE C 133 -50.66 -19.68 -30.75
C ILE C 133 -51.74 -20.74 -30.95
N THR C 134 -51.76 -21.80 -30.13
CA THR C 134 -52.80 -22.82 -30.27
C THR C 134 -54.01 -22.52 -29.39
N PHE C 135 -53.80 -22.08 -28.16
CA PHE C 135 -54.87 -21.95 -27.17
C PHE C 135 -55.15 -20.51 -26.74
N ARG C 136 -54.11 -19.68 -26.65
CA ARG C 136 -54.08 -18.22 -26.52
C ARG C 136 -54.44 -17.63 -25.16
N LYS C 137 -55.12 -18.41 -24.28
CA LYS C 137 -55.32 -17.84 -22.94
C LYS C 137 -55.08 -18.82 -21.81
N GLY C 138 -55.72 -19.98 -21.82
CA GLY C 138 -55.58 -20.86 -20.69
C GLY C 138 -54.29 -21.66 -20.73
N LEU C 139 -54.19 -22.60 -21.66
CA LEU C 139 -52.99 -23.39 -21.80
C LEU C 139 -51.86 -22.62 -22.48
N GLY C 140 -52.17 -21.49 -23.12
CA GLY C 140 -51.20 -20.63 -23.76
C GLY C 140 -50.52 -19.61 -22.88
N ASN C 141 -50.80 -19.61 -21.57
CA ASN C 141 -50.13 -18.72 -20.64
C ASN C 141 -48.64 -19.03 -20.57
N PRO C 142 -47.79 -18.02 -20.36
CA PRO C 142 -46.37 -18.28 -20.12
C PRO C 142 -46.16 -18.99 -18.79
N LEU C 143 -45.18 -19.89 -18.79
CA LEU C 143 -44.93 -20.72 -17.63
C LEU C 143 -44.12 -19.98 -16.56
N LEU C 144 -43.04 -19.31 -16.97
CA LEU C 144 -42.12 -18.69 -16.04
C LEU C 144 -42.38 -17.18 -15.95
N TYR C 145 -41.76 -16.57 -14.94
CA TYR C 145 -41.87 -15.14 -14.69
C TYR C 145 -40.71 -14.41 -15.36
N ASP C 146 -41.03 -13.40 -16.18
CA ASP C 146 -40.01 -12.59 -16.83
C ASP C 146 -40.09 -11.10 -16.52
N GLY C 147 -41.22 -10.62 -15.99
CA GLY C 147 -41.31 -9.25 -15.55
C GLY C 147 -41.92 -8.27 -16.52
N VAL C 148 -42.66 -8.74 -17.53
CA VAL C 148 -43.35 -7.77 -18.38
C VAL C 148 -44.64 -7.31 -17.70
N GLU C 149 -45.21 -8.14 -16.83
CA GLU C 149 -46.24 -7.73 -15.89
C GLU C 149 -45.63 -7.79 -14.50
N ARG C 150 -45.71 -6.69 -13.77
CA ARG C 150 -45.14 -6.69 -12.43
C ARG C 150 -46.11 -7.34 -11.45
N VAL C 151 -45.55 -8.13 -10.53
CA VAL C 151 -46.32 -8.92 -9.57
C VAL C 151 -45.88 -8.48 -8.19
N SER C 152 -46.82 -7.95 -7.41
CA SER C 152 -46.53 -7.50 -6.06
C SER C 152 -46.64 -8.67 -5.07
N LEU C 153 -46.30 -8.40 -3.81
CA LEU C 153 -46.41 -9.42 -2.77
C LEU C 153 -47.87 -9.74 -2.45
N GLN C 154 -48.76 -8.76 -2.57
CA GLN C 154 -50.18 -9.00 -2.33
C GLN C 154 -50.81 -9.82 -3.45
N ASP C 155 -50.24 -9.75 -4.66
CA ASP C 155 -50.73 -10.59 -5.76
C ASP C 155 -50.42 -12.06 -5.52
N ILE C 156 -49.28 -12.35 -4.89
CA ILE C 156 -48.91 -13.73 -4.59
C ILE C 156 -49.80 -14.29 -3.49
N LYS C 157 -50.12 -13.48 -2.48
CA LYS C 157 -50.96 -13.95 -1.38
C LYS C 157 -52.42 -14.11 -1.81
N ASP C 158 -52.86 -13.33 -2.80
CA ASP C 158 -54.21 -13.51 -3.32
C ASP C 158 -54.33 -14.78 -4.15
N PHE C 159 -53.26 -15.16 -4.85
CA PHE C 159 -53.28 -16.39 -5.64
C PHE C 159 -53.18 -17.62 -4.76
N ALA C 160 -52.48 -17.51 -3.61
CA ALA C 160 -52.39 -18.63 -2.69
C ALA C 160 -53.73 -18.90 -1.99
N ASP C 161 -54.50 -17.85 -1.71
CA ASP C 161 -55.81 -18.01 -1.11
C ASP C 161 -56.86 -18.51 -2.10
N LYS C 162 -56.55 -18.52 -3.39
CA LYS C 162 -57.46 -18.99 -4.42
C LYS C 162 -57.28 -20.48 -4.72
N VAL C 163 -56.06 -21.00 -4.64
CA VAL C 163 -55.79 -22.37 -5.05
C VAL C 163 -55.60 -23.35 -3.89
N TYR C 164 -55.29 -22.87 -2.68
CA TYR C 164 -55.05 -23.77 -1.55
C TYR C 164 -56.34 -23.98 -0.77
N THR C 165 -57.27 -24.71 -1.38
CA THR C 165 -58.56 -25.03 -0.79
C THR C 165 -58.78 -26.53 -0.82
N LYS C 166 -59.77 -27.01 -0.05
CA LYS C 166 -59.95 -28.44 0.16
C LYS C 166 -60.56 -29.13 -1.05
N GLU C 167 -61.40 -28.44 -1.82
CA GLU C 167 -61.94 -28.97 -3.06
C GLU C 167 -60.97 -28.90 -4.23
N ASN C 168 -59.77 -28.35 -4.03
CA ASN C 168 -58.84 -28.15 -5.13
C ASN C 168 -57.55 -28.97 -5.01
N LEU C 169 -57.48 -29.94 -4.09
CA LEU C 169 -56.25 -30.70 -3.93
C LEU C 169 -56.54 -32.18 -3.72
N GLU C 170 -55.49 -32.99 -3.88
CA GLU C 170 -55.55 -34.42 -3.60
C GLU C 170 -54.21 -34.89 -3.03
N VAL C 171 -54.27 -35.86 -2.14
CA VAL C 171 -53.11 -36.36 -1.40
C VAL C 171 -52.85 -37.80 -1.83
N SER C 172 -51.58 -38.12 -2.13
CA SER C 172 -51.19 -39.45 -2.56
C SER C 172 -49.92 -39.88 -1.85
N GLY C 173 -49.80 -41.19 -1.64
CA GLY C 173 -48.62 -41.74 -0.99
C GLY C 173 -48.15 -43.04 -1.61
N GLU C 174 -46.84 -43.22 -1.71
CA GLU C 174 -46.26 -44.46 -2.19
C GLU C 174 -45.45 -45.09 -1.07
N ASN C 175 -45.59 -46.42 -0.94
CA ASN C 175 -45.05 -47.20 0.19
C ASN C 175 -45.57 -46.67 1.52
N VAL C 176 -46.89 -46.55 1.61
CA VAL C 176 -47.57 -45.89 2.73
C VAL C 176 -48.80 -46.72 3.09
N VAL C 177 -48.97 -46.99 4.38
CA VAL C 177 -50.19 -47.63 4.86
C VAL C 177 -51.35 -46.66 4.72
N GLU C 178 -52.40 -47.07 4.02
CA GLU C 178 -53.49 -46.15 3.68
C GLU C 178 -54.36 -45.82 4.89
N ALA C 179 -54.56 -46.78 5.79
CA ALA C 179 -55.39 -46.54 6.97
C ALA C 179 -54.70 -45.60 7.95
N ASP C 180 -53.37 -45.60 7.98
CA ASP C 180 -52.65 -44.64 8.82
C ASP C 180 -52.62 -43.24 8.19
N LEU C 181 -52.63 -43.16 6.85
CA LEU C 181 -52.54 -41.86 6.20
C LEU C 181 -53.82 -41.06 6.34
N LYS C 182 -54.97 -41.75 6.26
CA LYS C 182 -56.26 -41.06 6.41
C LYS C 182 -56.49 -40.56 7.83
N ARG C 183 -55.88 -41.21 8.82
CA ARG C 183 -56.01 -40.77 10.20
C ARG C 183 -55.15 -39.54 10.48
N PHE C 184 -53.94 -39.49 9.90
CA PHE C 184 -53.05 -38.36 10.16
C PHE C 184 -53.47 -37.11 9.39
N VAL C 185 -54.15 -37.29 8.25
CA VAL C 185 -54.61 -36.14 7.47
C VAL C 185 -55.78 -35.46 8.16
N ASP C 186 -56.70 -36.24 8.73
CA ASP C 186 -57.86 -35.67 9.43
C ASP C 186 -57.49 -34.96 10.72
N GLU C 187 -56.32 -35.26 11.30
CA GLU C 187 -55.88 -34.58 12.52
C GLU C 187 -55.03 -33.36 12.25
N SER C 188 -54.63 -33.13 11.00
CA SER C 188 -53.70 -32.06 10.66
C SER C 188 -54.47 -30.79 10.29
N LEU C 189 -53.71 -29.76 9.90
CA LEU C 189 -54.27 -28.48 9.52
C LEU C 189 -54.86 -28.47 8.11
N LEU C 190 -54.76 -29.58 7.37
CA LEU C 190 -55.39 -29.66 6.06
C LEU C 190 -56.91 -29.65 6.18
N SER C 191 -57.45 -30.21 7.24
CA SER C 191 -58.89 -30.19 7.49
C SER C 191 -59.38 -28.85 8.02
N THR C 192 -58.48 -27.91 8.31
CA THR C 192 -58.83 -26.58 8.78
C THR C 192 -58.77 -25.56 7.64
N LEU C 193 -58.38 -25.99 6.44
CA LEU C 193 -58.36 -25.14 5.26
C LEU C 193 -59.79 -24.77 4.85
N PRO C 194 -59.97 -23.66 4.14
CA PRO C 194 -61.29 -23.35 3.58
C PRO C 194 -61.71 -24.36 2.53
N ALA C 195 -63.02 -24.53 2.38
CA ALA C 195 -63.54 -25.51 1.43
C ALA C 195 -63.31 -25.04 -0.02
N GLY C 196 -63.86 -23.88 -0.36
CA GLY C 196 -63.60 -23.30 -1.67
C GLY C 196 -64.32 -24.05 -2.77
N LYS C 197 -63.75 -23.99 -3.97
CA LYS C 197 -64.31 -24.66 -5.12
C LYS C 197 -63.18 -25.25 -5.95
N SER C 198 -63.53 -26.21 -6.79
CA SER C 198 -62.56 -26.78 -7.72
C SER C 198 -62.45 -25.90 -8.96
N LEU C 199 -61.23 -25.75 -9.45
CA LEU C 199 -60.96 -24.89 -10.59
C LEU C 199 -61.00 -25.62 -11.93
N VAL C 200 -61.19 -26.92 -11.92
CA VAL C 200 -61.08 -27.73 -13.14
C VAL C 200 -62.32 -27.54 -13.99
N SER C 201 -62.12 -27.07 -15.22
CA SER C 201 -63.22 -26.91 -16.16
C SER C 201 -63.55 -28.24 -16.82
N LYS C 202 -64.83 -28.39 -17.20
CA LYS C 202 -65.31 -29.65 -17.76
C LYS C 202 -65.32 -29.67 -19.28
N SER C 203 -65.60 -28.53 -19.92
CA SER C 203 -65.76 -28.48 -21.36
C SER C 203 -64.41 -28.54 -22.07
N GLU C 204 -64.47 -28.76 -23.38
CA GLU C 204 -63.29 -28.77 -24.22
C GLU C 204 -62.72 -27.35 -24.34
N PRO C 205 -61.39 -27.20 -24.35
CA PRO C 205 -60.82 -25.87 -24.56
C PRO C 205 -60.87 -25.43 -26.02
N LYS C 206 -60.85 -24.11 -26.20
CA LYS C 206 -60.90 -23.51 -27.52
C LYS C 206 -59.51 -23.54 -28.15
N PHE C 207 -59.43 -23.93 -29.42
CA PHE C 207 -58.15 -24.05 -30.13
C PHE C 207 -58.24 -23.35 -31.47
N PHE C 208 -57.07 -23.18 -32.10
CA PHE C 208 -56.93 -22.47 -33.37
C PHE C 208 -55.99 -23.25 -34.27
N LEU C 209 -56.28 -23.24 -35.57
CA LEU C 209 -55.52 -24.01 -36.55
C LEU C 209 -54.99 -23.10 -37.65
N GLY C 210 -53.78 -23.40 -38.11
CA GLY C 210 -53.19 -22.67 -39.22
C GLY C 210 -52.46 -21.39 -38.86
N GLU C 211 -51.71 -21.38 -37.76
CA GLU C 211 -51.04 -20.20 -37.26
C GLU C 211 -49.52 -20.34 -37.41
N GLU C 212 -48.82 -19.21 -37.32
CA GLU C 212 -47.39 -19.17 -37.60
C GLU C 212 -46.73 -18.09 -36.75
N ASN C 213 -45.45 -18.30 -36.42
CA ASN C 213 -44.66 -17.34 -35.65
C ASN C 213 -43.18 -17.61 -35.90
N ARG C 214 -42.38 -16.52 -35.96
CA ARG C 214 -40.96 -16.59 -36.27
C ARG C 214 -40.17 -15.74 -35.28
N VAL C 215 -39.09 -16.29 -34.73
CA VAL C 215 -38.25 -15.62 -33.73
C VAL C 215 -36.79 -15.71 -34.16
N ARG C 216 -36.07 -14.59 -34.10
CA ARG C 216 -34.63 -14.57 -34.39
C ARG C 216 -33.83 -14.96 -33.15
N PHE C 217 -32.76 -15.71 -33.35
CA PHE C 217 -32.02 -16.30 -32.23
C PHE C 217 -30.61 -16.65 -32.70
N ILE C 218 -29.63 -16.46 -31.82
CA ILE C 218 -28.24 -16.79 -32.08
C ILE C 218 -27.96 -18.18 -31.51
N GLY C 219 -27.74 -19.15 -32.39
CA GLY C 219 -27.46 -20.51 -31.99
C GLY C 219 -27.95 -21.49 -33.05
N ASP C 220 -28.48 -22.62 -32.58
CA ASP C 220 -29.05 -23.61 -33.48
C ASP C 220 -30.41 -23.15 -34.00
N SER C 221 -30.81 -23.72 -35.13
CA SER C 221 -32.12 -23.45 -35.72
C SER C 221 -33.07 -24.61 -35.42
N VAL C 222 -34.34 -24.27 -35.17
CA VAL C 222 -35.38 -25.24 -34.82
C VAL C 222 -36.59 -24.96 -35.70
N ALA C 223 -37.16 -26.02 -36.29
CA ALA C 223 -38.48 -25.97 -36.90
C ALA C 223 -39.40 -26.95 -36.18
N ALA C 224 -40.63 -26.54 -35.90
CA ALA C 224 -41.53 -27.33 -35.06
C ALA C 224 -42.97 -27.19 -35.51
N ILE C 225 -43.70 -28.31 -35.48
CA ILE C 225 -45.12 -28.32 -35.80
C ILE C 225 -45.90 -28.80 -34.58
N GLY C 226 -47.17 -28.41 -34.52
CA GLY C 226 -48.03 -28.73 -33.39
C GLY C 226 -49.48 -28.95 -33.74
N ILE C 227 -50.09 -30.02 -33.22
CA ILE C 227 -51.48 -30.38 -33.52
C ILE C 227 -52.28 -30.53 -32.22
N PRO C 228 -53.42 -29.86 -32.08
CA PRO C 228 -54.28 -30.09 -30.91
C PRO C 228 -55.14 -31.34 -31.07
N VAL C 229 -55.28 -32.09 -29.98
CA VAL C 229 -55.91 -33.41 -29.99
C VAL C 229 -57.10 -33.39 -29.03
N ASN C 230 -58.24 -33.93 -29.48
CA ASN C 230 -59.39 -34.09 -28.60
C ASN C 230 -59.28 -35.40 -27.82
N LYS C 231 -60.29 -35.66 -26.98
CA LYS C 231 -60.21 -36.79 -26.06
C LYS C 231 -60.41 -38.14 -26.75
N ALA C 232 -61.20 -38.18 -27.81
CA ALA C 232 -61.44 -39.42 -28.54
C ALA C 232 -60.28 -39.84 -29.42
N SER C 233 -59.33 -38.94 -29.69
CA SER C 233 -58.21 -39.23 -30.58
C SER C 233 -56.89 -39.38 -29.84
N LEU C 234 -56.92 -39.51 -28.52
CA LEU C 234 -55.66 -39.56 -27.74
C LEU C 234 -54.89 -40.84 -27.98
N ALA C 235 -55.58 -41.94 -28.30
CA ALA C 235 -54.89 -43.20 -28.54
C ALA C 235 -54.17 -43.23 -29.88
N GLN C 236 -54.72 -42.56 -30.89
CA GLN C 236 -54.10 -42.56 -32.21
C GLN C 236 -52.80 -41.77 -32.23
N TYR C 237 -52.77 -40.62 -31.57
CA TYR C 237 -51.58 -39.78 -31.56
C TYR C 237 -50.52 -40.27 -30.58
N GLU C 238 -50.87 -41.15 -29.65
CA GLU C 238 -49.87 -41.77 -28.79
C GLU C 238 -49.08 -42.83 -29.54
N VAL C 239 -49.74 -43.58 -30.42
CA VAL C 239 -49.06 -44.55 -31.27
C VAL C 239 -48.17 -43.84 -32.28
N LEU C 240 -48.61 -42.68 -32.78
CA LEU C 240 -47.84 -41.94 -33.77
C LEU C 240 -46.55 -41.37 -33.19
N ALA C 241 -46.58 -40.94 -31.93
CA ALA C 241 -45.38 -40.36 -31.32
C ALA C 241 -44.33 -41.42 -31.02
N ASN C 242 -44.74 -42.64 -30.69
CA ASN C 242 -43.78 -43.71 -30.46
C ASN C 242 -43.28 -44.33 -31.75
N TYR C 243 -44.11 -44.30 -32.81
CA TYR C 243 -43.71 -44.86 -34.09
C TYR C 243 -42.66 -43.98 -34.77
N LEU C 244 -42.80 -42.67 -34.65
CA LEU C 244 -41.91 -41.75 -35.36
C LEU C 244 -40.50 -41.71 -34.78
N THR C 245 -40.32 -42.06 -33.51
CA THR C 245 -39.01 -42.01 -32.87
C THR C 245 -38.41 -43.39 -32.66
N SER C 246 -38.94 -44.42 -33.31
CA SER C 246 -38.42 -45.78 -33.17
C SER C 246 -37.75 -46.22 -34.47
N ALA C 247 -37.22 -47.44 -34.45
CA ALA C 247 -36.55 -48.01 -35.62
C ALA C 247 -37.53 -48.52 -36.67
N LEU C 248 -38.84 -48.51 -36.39
CA LEU C 248 -39.83 -48.93 -37.37
C LEU C 248 -40.07 -47.88 -38.45
N SER C 249 -39.65 -46.64 -38.23
CA SER C 249 -39.88 -45.55 -39.15
C SER C 249 -38.56 -45.11 -39.78
N GLU C 250 -38.58 -44.89 -41.09
CA GLU C 250 -37.41 -44.39 -41.81
C GLU C 250 -37.16 -42.91 -41.58
N LEU C 251 -38.12 -42.18 -41.01
CA LEU C 251 -37.98 -40.75 -40.75
C LEU C 251 -37.35 -40.45 -39.40
N SER C 252 -36.98 -41.47 -38.61
CA SER C 252 -36.55 -41.24 -37.24
C SER C 252 -35.17 -40.62 -37.15
N GLY C 253 -34.34 -40.75 -38.20
CA GLY C 253 -33.05 -40.10 -38.21
C GLY C 253 -33.11 -38.60 -38.46
N LEU C 254 -34.22 -38.11 -38.99
CA LEU C 254 -34.38 -36.68 -39.26
C LEU C 254 -35.09 -35.94 -38.15
N ILE C 255 -35.78 -36.65 -37.25
CA ILE C 255 -36.58 -36.05 -36.19
C ILE C 255 -35.75 -35.99 -34.92
N SER C 256 -35.76 -34.83 -34.26
CA SER C 256 -35.04 -34.69 -33.00
C SER C 256 -35.88 -35.16 -31.81
N SER C 257 -37.18 -34.85 -31.79
CA SER C 257 -38.06 -35.21 -30.68
C SER C 257 -39.49 -35.22 -31.17
N ALA C 258 -40.32 -36.05 -30.53
CA ALA C 258 -41.75 -36.09 -30.78
C ALA C 258 -42.44 -36.65 -29.55
N LYS C 259 -43.51 -36.00 -29.10
CA LYS C 259 -44.20 -36.43 -27.89
C LYS C 259 -45.65 -35.96 -27.94
N LEU C 260 -46.42 -36.41 -26.95
CA LEU C 260 -47.82 -36.01 -26.77
C LEU C 260 -48.04 -35.67 -25.31
N ASP C 261 -48.33 -34.40 -25.02
CA ASP C 261 -48.67 -33.96 -23.68
C ASP C 261 -50.17 -34.17 -23.46
N LYS C 262 -50.52 -34.76 -22.32
CA LYS C 262 -51.89 -35.18 -22.06
C LYS C 262 -52.47 -34.41 -20.88
N PHE C 263 -53.75 -34.06 -20.99
CA PHE C 263 -54.51 -33.42 -19.93
C PHE C 263 -55.85 -34.15 -19.82
N THR C 264 -56.67 -33.74 -18.85
CA THR C 264 -57.96 -34.40 -18.65
C THR C 264 -58.99 -34.00 -19.71
N ASP C 265 -58.75 -32.92 -20.45
CA ASP C 265 -59.69 -32.45 -21.45
C ASP C 265 -59.16 -32.53 -22.88
N GLY C 266 -57.94 -33.01 -23.08
CA GLY C 266 -57.37 -33.10 -24.41
C GLY C 266 -55.86 -33.07 -24.34
N GLY C 267 -55.24 -32.81 -25.50
CA GLY C 267 -53.79 -32.81 -25.54
C GLY C 267 -53.23 -32.02 -26.71
N LEU C 268 -51.90 -32.07 -26.82
CA LEU C 268 -51.17 -31.37 -27.88
C LEU C 268 -50.01 -32.22 -28.34
N PHE C 269 -49.96 -32.52 -29.64
CA PHE C 269 -48.88 -33.26 -30.26
C PHE C 269 -47.81 -32.29 -30.75
N THR C 270 -46.55 -32.62 -30.49
CA THR C 270 -45.43 -31.79 -30.93
C THR C 270 -44.40 -32.62 -31.68
N LEU C 271 -43.61 -31.94 -32.51
CA LEU C 271 -42.53 -32.54 -33.29
C LEU C 271 -41.46 -31.48 -33.49
N PHE C 272 -40.19 -31.87 -33.39
CA PHE C 272 -39.09 -30.92 -33.44
C PHE C 272 -37.97 -31.39 -34.37
N VAL C 273 -37.35 -30.44 -35.05
CA VAL C 273 -36.19 -30.67 -35.92
C VAL C 273 -35.12 -29.65 -35.54
N ARG C 274 -33.92 -30.13 -35.18
CA ARG C 274 -32.86 -29.27 -34.66
C ARG C 274 -31.54 -29.57 -35.35
N ASP C 275 -30.85 -28.52 -35.80
CA ASP C 275 -29.50 -28.63 -36.35
C ASP C 275 -28.86 -27.26 -36.30
N GLN C 276 -27.52 -27.23 -36.37
CA GLN C 276 -26.81 -25.96 -36.35
C GLN C 276 -26.69 -25.33 -37.73
N ASP C 277 -26.93 -26.09 -38.79
CA ASP C 277 -26.96 -25.58 -40.16
C ASP C 277 -28.40 -25.55 -40.64
N SER C 278 -28.89 -24.38 -41.04
CA SER C 278 -30.29 -24.20 -41.37
C SER C 278 -30.67 -24.79 -42.74
N ALA C 279 -29.70 -25.15 -43.56
CA ALA C 279 -30.02 -25.86 -44.79
C ALA C 279 -30.39 -27.31 -44.53
N VAL C 280 -29.89 -27.89 -43.45
CA VAL C 280 -30.29 -29.24 -43.05
C VAL C 280 -31.70 -29.22 -42.47
N VAL C 281 -32.03 -28.17 -41.70
CA VAL C 281 -33.35 -28.05 -41.07
C VAL C 281 -34.44 -27.86 -42.13
N SER C 282 -34.14 -27.10 -43.18
CA SER C 282 -35.14 -26.85 -44.23
C SER C 282 -35.38 -28.10 -45.07
N SER C 283 -34.33 -28.89 -45.31
CA SER C 283 -34.49 -30.12 -46.07
C SER C 283 -35.23 -31.18 -45.26
N ASN C 284 -35.02 -31.21 -43.94
CA ASN C 284 -35.60 -32.27 -43.13
C ASN C 284 -37.10 -32.05 -42.92
N ILE C 285 -37.51 -30.82 -42.60
CA ILE C 285 -38.91 -30.55 -42.29
C ILE C 285 -39.78 -30.63 -43.54
N LYS C 286 -39.22 -30.44 -44.74
CA LYS C 286 -40.02 -30.59 -45.96
C LYS C 286 -40.31 -32.04 -46.27
N LYS C 287 -39.39 -32.94 -45.93
CA LYS C 287 -39.60 -34.36 -46.17
C LYS C 287 -40.56 -34.97 -45.15
N ILE C 288 -40.56 -34.46 -43.91
CA ILE C 288 -41.44 -34.97 -42.87
C ILE C 288 -42.90 -34.68 -43.20
N VAL C 289 -43.19 -33.43 -43.57
CA VAL C 289 -44.57 -33.00 -43.78
C VAL C 289 -45.15 -33.65 -45.04
N ALA C 290 -44.33 -33.79 -46.09
CA ALA C 290 -44.81 -34.39 -47.34
C ALA C 290 -45.08 -35.88 -47.19
N ASP C 291 -44.28 -36.59 -46.39
CA ASP C 291 -44.51 -38.01 -46.18
C ASP C 291 -45.67 -38.28 -45.24
N LEU C 292 -45.93 -37.39 -44.28
CA LEU C 292 -47.07 -37.58 -43.38
C LEU C 292 -48.39 -37.24 -44.05
N LYS C 293 -48.35 -36.43 -45.12
CA LYS C 293 -49.59 -36.09 -45.82
C LYS C 293 -50.07 -37.21 -46.73
N LYS C 294 -49.18 -38.11 -47.14
CA LYS C 294 -49.60 -39.23 -47.98
C LYS C 294 -50.28 -40.32 -47.15
N GLY C 295 -49.88 -40.47 -45.90
CA GLY C 295 -50.51 -41.43 -45.01
C GLY C 295 -49.55 -42.50 -44.54
N LYS C 296 -49.76 -42.96 -43.31
CA LYS C 296 -48.96 -44.02 -42.70
C LYS C 296 -49.87 -45.07 -42.10
N ASP C 297 -49.36 -46.30 -42.04
CA ASP C 297 -50.04 -47.40 -41.35
C ASP C 297 -49.37 -47.59 -40.00
N LEU C 298 -50.18 -47.49 -38.93
CA LEU C 298 -49.64 -47.43 -37.57
C LEU C 298 -49.74 -48.75 -36.81
N SER C 299 -50.50 -49.72 -37.32
CA SER C 299 -50.69 -51.01 -36.65
C SER C 299 -49.45 -51.88 -36.36
N PRO C 300 -48.32 -51.81 -37.08
CA PRO C 300 -47.13 -52.53 -36.60
C PRO C 300 -46.50 -52.00 -35.32
N ALA C 301 -46.88 -50.80 -34.84
CA ALA C 301 -46.24 -50.21 -33.68
C ALA C 301 -47.11 -50.24 -32.43
N ILE C 302 -48.17 -51.07 -32.43
CA ILE C 302 -49.12 -51.07 -31.33
C ILE C 302 -48.55 -51.76 -30.09
N ASN C 303 -47.91 -52.93 -30.29
CA ASN C 303 -47.33 -53.67 -29.16
C ASN C 303 -46.13 -52.95 -28.56
N TYR C 304 -45.42 -52.16 -29.37
CA TYR C 304 -44.31 -51.36 -28.85
C TYR C 304 -44.81 -50.18 -28.03
N THR C 305 -45.96 -49.62 -28.39
CA THR C 305 -46.55 -48.51 -27.64
C THR C 305 -47.08 -48.96 -26.29
N LYS C 306 -47.62 -50.19 -26.21
CA LYS C 306 -48.13 -50.70 -24.95
C LYS C 306 -47.03 -50.95 -23.94
N LEU C 307 -45.81 -51.26 -24.39
CA LEU C 307 -44.68 -51.37 -23.48
C LEU C 307 -44.23 -50.00 -22.99
N LYS C 308 -44.16 -49.02 -23.90
CA LYS C 308 -43.69 -47.68 -23.52
C LYS C 308 -44.68 -46.94 -22.65
N ASN C 309 -45.97 -47.25 -22.78
CA ASN C 309 -46.99 -46.62 -21.93
C ASN C 309 -46.90 -47.13 -20.50
N ALA C 310 -46.57 -48.41 -20.32
CA ALA C 310 -46.49 -48.99 -18.99
C ALA C 310 -45.23 -48.53 -18.25
N VAL C 311 -44.15 -48.26 -18.98
CA VAL C 311 -42.92 -47.76 -18.35
C VAL C 311 -43.12 -46.34 -17.86
N GLN C 312 -43.80 -45.51 -18.66
CA GLN C 312 -43.98 -44.11 -18.32
C GLN C 312 -45.00 -43.90 -17.21
N ASN C 313 -46.01 -44.77 -17.12
CA ASN C 313 -47.10 -44.62 -16.17
C ASN C 313 -46.75 -45.10 -14.77
N GLU C 314 -45.51 -45.50 -14.50
CA GLU C 314 -45.15 -45.93 -13.15
C GLU C 314 -45.01 -44.77 -12.18
N SER C 315 -44.89 -43.53 -12.68
CA SER C 315 -44.84 -42.35 -11.84
C SER C 315 -46.11 -41.50 -11.92
N VAL C 316 -47.02 -41.83 -12.84
CA VAL C 316 -48.20 -41.03 -13.10
C VAL C 316 -49.40 -41.80 -12.57
N SER C 317 -50.54 -41.19 -12.30
CA SER C 317 -51.78 -41.77 -11.78
C SER C 317 -52.67 -42.41 -12.86
N SER C 318 -52.06 -42.56 -13.95
CA SER C 318 -52.58 -43.36 -15.05
C SER C 318 -53.91 -42.89 -15.63
N PRO C 319 -53.95 -41.79 -16.41
CA PRO C 319 -55.09 -41.56 -17.30
C PRO C 319 -55.17 -42.64 -18.37
N ILE C 320 -56.23 -43.46 -18.32
CA ILE C 320 -56.27 -44.72 -19.06
C ILE C 320 -56.82 -44.41 -20.45
N GLU C 321 -55.93 -44.06 -21.37
CA GLU C 321 -56.23 -44.13 -22.81
C GLU C 321 -55.72 -45.43 -23.39
N LEU C 322 -56.00 -46.53 -22.69
CA LEU C 322 -55.46 -47.84 -23.07
C LEU C 322 -56.52 -48.62 -23.84
N ASN C 323 -56.81 -48.15 -25.04
CA ASN C 323 -57.36 -49.01 -26.09
C ASN C 323 -56.62 -48.66 -27.38
N PHE C 324 -55.47 -49.30 -27.57
CA PHE C 324 -54.66 -49.09 -28.75
C PHE C 324 -55.03 -50.03 -29.89
N ASP C 325 -56.00 -50.92 -29.67
CA ASP C 325 -56.31 -51.96 -30.63
C ASP C 325 -57.07 -51.46 -31.85
N ALA C 326 -57.75 -50.31 -31.74
CA ALA C 326 -58.52 -49.75 -32.84
C ALA C 326 -57.72 -48.78 -33.70
N VAL C 327 -56.46 -48.53 -33.36
CA VAL C 327 -55.63 -47.59 -34.11
C VAL C 327 -55.15 -48.26 -35.39
N LYS C 328 -55.52 -47.69 -36.53
CA LYS C 328 -55.06 -48.23 -37.81
C LYS C 328 -54.26 -47.22 -38.64
N ASP C 329 -54.81 -46.05 -38.94
CA ASP C 329 -54.20 -45.14 -39.91
C ASP C 329 -54.03 -43.75 -39.33
N PHE C 330 -53.35 -42.90 -40.11
CA PHE C 330 -53.19 -41.48 -39.82
C PHE C 330 -52.89 -40.75 -41.12
N LYS C 331 -53.50 -39.57 -41.28
CA LYS C 331 -53.17 -38.66 -42.37
C LYS C 331 -53.16 -37.24 -41.83
N LEU C 332 -52.13 -36.47 -42.19
CA LEU C 332 -51.95 -35.14 -41.62
C LEU C 332 -52.94 -34.14 -42.21
N GLY C 333 -53.57 -33.35 -41.35
CA GLY C 333 -54.48 -32.31 -41.77
C GLY C 333 -53.90 -30.91 -41.63
N LYS C 334 -54.55 -30.06 -40.84
CA LYS C 334 -54.08 -28.70 -40.59
C LYS C 334 -53.29 -28.66 -39.29
N PHE C 335 -52.34 -27.72 -39.21
CA PHE C 335 -51.39 -27.70 -38.11
C PHE C 335 -50.84 -26.29 -37.96
N ASN C 336 -50.11 -26.09 -36.86
CA ASN C 336 -49.43 -24.83 -36.57
C ASN C 336 -47.92 -25.03 -36.69
N TYR C 337 -47.19 -23.93 -36.83
CA TYR C 337 -45.78 -23.98 -37.21
C TYR C 337 -45.03 -22.82 -36.58
N VAL C 338 -43.85 -23.10 -36.04
CA VAL C 338 -42.96 -22.07 -35.52
C VAL C 338 -41.55 -22.30 -36.03
N ALA C 339 -40.78 -21.21 -36.13
CA ALA C 339 -39.40 -21.26 -36.59
C ALA C 339 -38.54 -20.37 -35.72
N VAL C 340 -37.45 -20.92 -35.19
CA VAL C 340 -36.57 -20.23 -34.25
C VAL C 340 -35.14 -20.31 -34.79
N GLY C 341 -34.46 -19.16 -34.85
CA GLY C 341 -33.07 -19.14 -35.24
C GLY C 341 -32.75 -18.25 -36.42
N ASP C 342 -32.18 -18.84 -37.47
CA ASP C 342 -31.84 -18.10 -38.69
C ASP C 342 -33.05 -18.13 -39.62
N VAL C 343 -34.00 -17.24 -39.34
CA VAL C 343 -35.32 -17.32 -39.97
C VAL C 343 -35.34 -16.83 -41.41
N SER C 344 -34.27 -16.19 -41.88
CA SER C 344 -34.18 -15.83 -43.29
C SER C 344 -33.95 -17.03 -44.20
N ASN C 345 -33.44 -18.13 -43.65
CA ASN C 345 -33.18 -19.35 -44.41
C ASN C 345 -34.03 -20.52 -43.92
N LEU C 346 -35.22 -20.23 -43.41
CA LEU C 346 -36.14 -21.26 -42.94
C LEU C 346 -37.45 -21.16 -43.71
N PRO C 347 -38.17 -22.27 -43.91
CA PRO C 347 -39.38 -22.23 -44.74
C PRO C 347 -40.53 -21.49 -44.07
N TYR C 348 -41.52 -21.15 -44.89
CA TYR C 348 -42.78 -20.59 -44.45
C TYR C 348 -43.86 -21.67 -44.48
N LEU C 349 -45.02 -21.34 -43.90
CA LEU C 349 -46.08 -22.33 -43.74
C LEU C 349 -46.70 -22.71 -45.07
N ASP C 350 -46.85 -21.76 -45.99
CA ASP C 350 -47.46 -22.06 -47.28
C ASP C 350 -46.47 -22.68 -48.28
N GLU C 351 -45.20 -22.82 -47.91
CA GLU C 351 -44.21 -23.49 -48.75
C GLU C 351 -44.07 -24.96 -48.44
N LEU C 352 -44.80 -25.49 -47.46
CA LEU C 352 -44.73 -26.89 -47.10
C LEU C 352 -46.10 -27.48 -46.85
N MET D 1 59.89 2.40 -5.65
CA MET D 1 61.04 2.66 -4.80
C MET D 1 62.04 1.51 -4.90
N THR D 2 63.26 1.76 -4.43
CA THR D 2 64.29 0.73 -4.43
C THR D 2 64.01 -0.31 -3.34
N ALA D 3 64.78 -1.39 -3.37
CA ALA D 3 64.59 -2.46 -2.40
C ALA D 3 65.09 -2.06 -1.01
N ALA D 4 66.04 -1.13 -0.93
CA ALA D 4 66.52 -0.67 0.36
C ALA D 4 65.51 0.22 1.06
N GLU D 5 64.77 1.03 0.31
CA GLU D 5 63.77 1.91 0.90
C GLU D 5 62.53 1.16 1.36
N HIS D 6 62.25 -0.01 0.79
CA HIS D 6 61.12 -0.81 1.22
C HIS D 6 61.48 -1.76 2.35
N GLY D 7 62.71 -2.24 2.40
CA GLY D 7 63.13 -3.19 3.41
C GLY D 7 63.22 -4.59 2.85
N LEU D 8 64.11 -5.39 3.44
CA LEU D 8 64.25 -6.79 3.03
C LEU D 8 63.08 -7.61 3.53
N HIS D 9 62.62 -8.54 2.70
CA HIS D 9 61.45 -9.36 3.01
C HIS D 9 61.80 -10.41 4.06
N ALA D 10 60.90 -10.58 5.03
CA ALA D 10 61.12 -11.52 6.12
C ALA D 10 60.62 -12.91 5.74
N PRO D 11 61.41 -13.95 5.94
CA PRO D 11 60.98 -15.30 5.55
C PRO D 11 59.97 -15.89 6.54
N ALA D 12 59.43 -17.04 6.16
CA ALA D 12 58.41 -17.72 6.95
C ALA D 12 59.05 -18.79 7.81
N TYR D 13 58.80 -18.72 9.12
CA TYR D 13 59.27 -19.71 10.08
C TYR D 13 58.09 -20.57 10.54
N ALA D 14 58.43 -21.73 11.11
CA ALA D 14 57.41 -22.70 11.52
C ALA D 14 57.02 -22.47 12.98
N TRP D 15 56.24 -21.40 13.18
CA TRP D 15 55.71 -21.09 14.50
C TRP D 15 54.68 -22.14 14.90
N SER D 16 54.72 -22.55 16.17
CA SER D 16 53.86 -23.64 16.63
C SER D 16 52.43 -23.21 16.89
N HIS D 17 52.11 -21.92 16.77
CA HIS D 17 50.73 -21.46 16.82
C HIS D 17 50.16 -21.14 15.44
N ASN D 18 50.90 -21.42 14.38
CA ASN D 18 50.36 -21.30 13.02
C ASN D 18 49.52 -22.52 12.70
N GLY D 19 48.30 -22.29 12.24
CA GLY D 19 47.39 -23.37 11.97
C GLY D 19 46.07 -23.18 12.66
N PRO D 20 44.98 -23.71 12.08
CA PRO D 20 43.65 -23.48 12.65
C PRO D 20 43.37 -24.24 13.93
N PHE D 21 44.17 -25.23 14.30
CA PHE D 21 43.92 -26.04 15.49
C PHE D 21 44.98 -25.88 16.57
N GLU D 22 45.83 -24.87 16.49
CA GLU D 22 46.96 -24.73 17.40
C GLU D 22 46.72 -23.63 18.43
N THR D 23 47.23 -23.87 19.63
CA THR D 23 47.26 -22.86 20.69
C THR D 23 48.67 -22.29 20.81
N PHE D 24 48.83 -21.34 21.73
CA PHE D 24 50.15 -20.84 22.08
C PHE D 24 50.92 -21.90 22.86
N ASP D 25 52.25 -21.81 22.80
CA ASP D 25 53.12 -22.57 23.68
C ASP D 25 53.33 -21.74 24.95
N HIS D 26 52.73 -22.17 26.05
CA HIS D 26 52.70 -21.36 27.25
C HIS D 26 53.99 -21.40 28.05
N ALA D 27 54.86 -22.39 27.82
CA ALA D 27 56.19 -22.35 28.41
C ALA D 27 57.09 -21.35 27.69
N SER D 28 56.88 -21.15 26.39
CA SER D 28 57.58 -20.12 25.64
C SER D 28 57.08 -18.72 25.98
N ILE D 29 55.84 -18.58 26.42
CA ILE D 29 55.33 -17.29 26.89
C ILE D 29 55.98 -16.92 28.22
N ARG D 30 56.16 -17.91 29.11
CA ARG D 30 56.71 -17.67 30.43
C ARG D 30 58.19 -17.29 30.36
N ARG D 31 58.95 -17.95 29.50
CA ARG D 31 60.34 -17.55 29.28
C ARG D 31 60.44 -16.21 28.57
N GLY D 32 59.44 -15.87 27.75
CA GLY D 32 59.46 -14.61 27.04
C GLY D 32 59.26 -13.40 27.91
N TYR D 33 58.51 -13.56 29.01
CA TYR D 33 58.35 -12.46 29.96
C TYR D 33 59.65 -12.16 30.69
N GLN D 34 60.48 -13.18 30.93
CA GLN D 34 61.77 -12.96 31.60
C GLN D 34 62.73 -12.18 30.73
N VAL D 35 62.67 -12.36 29.41
CA VAL D 35 63.47 -11.55 28.50
C VAL D 35 62.96 -10.12 28.46
N TYR D 36 61.65 -9.91 28.70
CA TYR D 36 61.12 -8.55 28.73
C TYR D 36 61.59 -7.79 29.96
N ARG D 37 61.59 -8.44 31.13
CA ARG D 37 61.92 -7.74 32.37
C ARG D 37 63.41 -7.42 32.45
N GLU D 38 64.26 -8.27 31.89
CA GLU D 38 65.70 -8.11 32.05
C GLU D 38 66.35 -7.33 30.91
N VAL D 39 65.72 -7.24 29.74
CA VAL D 39 66.32 -6.59 28.58
C VAL D 39 65.46 -5.44 28.08
N CYS D 40 64.21 -5.75 27.69
CA CYS D 40 63.41 -4.79 26.91
C CYS D 40 62.92 -3.64 27.76
N ALA D 41 62.59 -3.88 29.03
CA ALA D 41 61.84 -2.95 29.85
C ALA D 41 62.64 -1.73 30.29
N ALA D 42 63.94 -1.67 29.99
CA ALA D 42 64.74 -0.49 30.27
C ALA D 42 64.33 0.69 29.39
N CYS D 43 63.73 0.44 28.23
CA CYS D 43 63.35 1.51 27.33
C CYS D 43 61.96 1.39 26.74
N HIS D 44 61.28 0.26 26.89
CA HIS D 44 59.97 0.04 26.28
C HIS D 44 58.89 -0.13 27.34
N SER D 45 57.73 0.46 27.08
CA SER D 45 56.56 0.34 27.94
C SER D 45 55.61 -0.73 27.39
N LEU D 46 54.75 -1.23 28.29
CA LEU D 46 53.71 -2.19 27.95
C LEU D 46 52.45 -1.71 28.67
N ASP D 47 51.74 -0.79 28.02
CA ASP D 47 50.74 0.03 28.70
C ASP D 47 49.35 -0.56 28.72
N ARG D 48 49.04 -1.46 27.79
CA ARG D 48 47.70 -1.99 27.64
C ARG D 48 47.52 -3.35 28.31
N VAL D 49 48.50 -3.80 29.07
CA VAL D 49 48.47 -5.11 29.72
C VAL D 49 48.35 -4.91 31.22
N ALA D 50 47.31 -5.48 31.81
CA ALA D 50 47.10 -5.46 33.25
C ALA D 50 47.75 -6.67 33.90
N TRP D 51 48.03 -6.55 35.21
CA TRP D 51 48.74 -7.61 35.93
C TRP D 51 47.89 -8.87 36.06
N ARG D 52 46.57 -8.71 36.19
CA ARG D 52 45.66 -9.83 36.40
C ARG D 52 45.56 -10.76 35.19
N THR D 53 45.91 -10.28 34.00
CA THR D 53 45.81 -11.11 32.80
C THR D 53 46.89 -12.17 32.71
N LEU D 54 47.96 -12.07 33.49
CA LEU D 54 49.02 -13.06 33.50
C LEU D 54 48.69 -14.30 34.33
N VAL D 55 47.69 -14.25 35.19
CA VAL D 55 47.35 -15.36 36.07
C VAL D 55 46.64 -16.45 35.28
N GLY D 56 47.15 -17.67 35.37
CA GLY D 56 46.59 -18.78 34.63
C GLY D 56 47.03 -18.87 33.19
N VAL D 57 48.01 -18.08 32.78
CA VAL D 57 48.52 -18.09 31.42
C VAL D 57 50.01 -18.37 31.47
N SER D 58 50.73 -17.65 32.33
CA SER D 58 52.16 -17.84 32.49
C SER D 58 52.65 -17.92 33.92
N HIS D 59 51.89 -17.42 34.90
CA HIS D 59 52.31 -17.42 36.30
C HIS D 59 51.13 -17.78 37.19
N THR D 60 51.43 -18.18 38.42
CA THR D 60 50.40 -18.45 39.41
C THR D 60 49.97 -17.15 40.08
N ASN D 61 48.95 -17.25 40.94
CA ASN D 61 48.32 -16.05 41.50
C ASN D 61 49.22 -15.34 42.51
N GLU D 62 49.97 -16.08 43.31
CA GLU D 62 50.87 -15.44 44.26
C GLU D 62 52.19 -15.02 43.63
N GLU D 63 52.52 -15.54 42.44
CA GLU D 63 53.70 -15.05 41.74
C GLU D 63 53.47 -13.66 41.18
N VAL D 64 52.27 -13.39 40.67
CA VAL D 64 51.99 -12.07 40.09
C VAL D 64 51.81 -11.02 41.19
N ARG D 65 51.31 -11.42 42.36
CA ARG D 65 51.18 -10.50 43.48
C ARG D 65 52.54 -9.99 43.95
N ASN D 66 53.55 -10.85 43.94
CA ASN D 66 54.89 -10.44 44.33
C ASN D 66 55.56 -9.58 43.26
N MET D 67 55.21 -9.79 42.00
CA MET D 67 55.79 -9.00 40.91
C MET D 67 55.25 -7.57 40.93
N ALA D 68 53.95 -7.41 41.17
CA ALA D 68 53.34 -6.09 41.17
C ALA D 68 53.66 -5.29 42.41
N GLU D 69 54.11 -5.94 43.49
CA GLU D 69 54.41 -5.25 44.73
C GLU D 69 55.81 -4.65 44.77
N GLU D 70 56.56 -4.73 43.68
CA GLU D 70 57.87 -4.09 43.59
C GLU D 70 57.81 -2.74 42.89
N PHE D 71 56.62 -2.24 42.58
CA PHE D 71 56.44 -0.92 41.99
C PHE D 71 55.46 -0.15 42.85
N GLU D 72 55.58 1.18 42.84
CA GLU D 72 54.71 2.04 43.63
C GLU D 72 53.88 2.94 42.72
N TYR D 73 52.62 3.17 43.12
CA TYR D 73 51.63 3.86 42.32
C TYR D 73 51.08 5.05 43.11
N ASP D 74 50.36 5.91 42.42
CA ASP D 74 49.73 7.05 43.06
C ASP D 74 48.52 6.63 43.87
N ASP D 75 48.33 7.29 45.01
CA ASP D 75 47.23 7.01 45.91
C ASP D 75 46.37 8.26 46.06
N GLU D 76 45.21 8.10 46.69
CA GLU D 76 44.37 9.25 47.00
C GLU D 76 45.01 10.05 48.14
N PRO D 77 44.84 11.38 48.12
CA PRO D 77 45.50 12.21 49.15
C PRO D 77 44.90 11.99 50.53
N ASP D 78 45.68 12.40 51.54
CA ASP D 78 45.30 12.18 52.94
C ASP D 78 44.30 13.24 53.38
N GLU D 79 44.05 13.31 54.69
CA GLU D 79 43.03 14.21 55.23
C GLU D 79 43.44 15.67 55.16
N GLN D 80 44.73 15.97 54.99
CA GLN D 80 45.16 17.33 54.76
C GLN D 80 45.25 17.69 53.29
N GLY D 81 45.28 16.70 52.40
CA GLY D 81 45.30 16.94 50.97
C GLY D 81 46.63 16.72 50.29
N ASN D 82 47.63 16.14 50.97
CA ASN D 82 48.94 15.86 50.42
C ASN D 82 48.97 14.48 49.76
N PRO D 83 49.68 14.33 48.65
CA PRO D 83 49.66 13.06 47.92
C PRO D 83 50.46 11.96 48.61
N LYS D 84 50.07 10.72 48.30
CA LYS D 84 50.68 9.53 48.90
C LYS D 84 51.02 8.53 47.79
N LYS D 85 51.73 7.48 48.20
CA LYS D 85 52.09 6.35 47.33
C LYS D 85 51.64 5.05 47.97
N ARG D 86 51.58 3.99 47.16
CA ARG D 86 51.16 2.68 47.62
C ARG D 86 51.77 1.63 46.69
N PRO D 87 52.03 0.42 47.19
CA PRO D 87 52.49 -0.65 46.30
C PRO D 87 51.37 -1.15 45.38
N GLY D 88 51.79 -1.88 44.34
CA GLY D 88 50.87 -2.27 43.30
C GLY D 88 50.03 -3.48 43.63
N LYS D 89 48.96 -3.65 42.85
CA LYS D 89 48.02 -4.75 43.01
C LYS D 89 47.67 -5.30 41.64
N LEU D 90 46.78 -6.30 41.61
CA LEU D 90 46.46 -6.97 40.35
C LEU D 90 45.59 -6.12 39.43
N SER D 91 44.93 -5.08 39.95
CA SER D 91 44.13 -4.22 39.10
C SER D 91 44.97 -3.23 38.30
N ASP D 92 46.23 -3.00 38.69
CA ASP D 92 47.07 -2.02 38.05
C ASP D 92 47.59 -2.53 36.71
N TYR D 93 48.06 -1.59 35.89
CA TYR D 93 48.72 -1.89 34.63
C TYR D 93 50.22 -1.87 34.83
N ILE D 94 50.93 -2.58 33.95
CA ILE D 94 52.39 -2.70 34.04
C ILE D 94 53.02 -1.34 33.72
N PRO D 95 53.89 -0.81 34.58
CA PRO D 95 54.41 0.54 34.37
C PRO D 95 55.61 0.61 33.45
N GLY D 96 55.78 1.79 32.85
CA GLY D 96 56.84 2.04 31.90
C GLY D 96 58.02 2.77 32.50
N PRO D 97 59.13 2.85 31.76
CA PRO D 97 60.37 3.40 32.33
C PRO D 97 60.48 4.92 32.32
N TYR D 98 59.61 5.64 31.61
CA TYR D 98 59.77 7.08 31.48
C TYR D 98 58.51 7.82 31.90
N PRO D 99 58.66 9.02 32.49
CA PRO D 99 57.47 9.78 32.91
C PRO D 99 56.71 10.42 31.77
N ASN D 100 57.40 10.89 30.74
CA ASN D 100 56.75 11.52 29.59
C ASN D 100 57.58 11.29 28.34
N GLU D 101 57.09 11.83 27.22
CA GLU D 101 57.73 11.61 25.92
C GLU D 101 59.06 12.37 25.80
N GLN D 102 59.14 13.55 26.42
CA GLN D 102 60.37 14.34 26.33
C GLN D 102 61.52 13.70 27.09
N ALA D 103 61.24 13.01 28.19
CA ALA D 103 62.28 12.29 28.90
C ALA D 103 62.69 11.03 28.16
N ALA D 104 61.78 10.47 27.35
CA ALA D 104 62.12 9.27 26.58
C ALA D 104 63.05 9.61 25.42
N ARG D 105 62.81 10.74 24.74
CA ARG D 105 63.68 11.14 23.64
C ARG D 105 65.04 11.61 24.13
N ALA D 106 65.09 12.19 25.33
CA ALA D 106 66.36 12.68 25.86
C ALA D 106 67.31 11.55 26.25
N ALA D 107 66.77 10.37 26.55
CA ALA D 107 67.57 9.23 26.91
C ALA D 107 67.97 8.36 25.73
N ASN D 108 67.42 8.61 24.54
CA ASN D 108 67.67 7.78 23.36
C ASN D 108 68.04 8.61 22.15
N GLN D 109 68.74 9.74 22.37
CA GLN D 109 69.29 10.61 21.33
C GLN D 109 68.23 11.18 20.40
N GLY D 110 67.04 11.48 20.93
CA GLY D 110 65.97 12.08 20.16
C GLY D 110 64.97 11.10 19.58
N ALA D 111 65.26 9.81 19.62
CA ALA D 111 64.35 8.80 19.10
C ALA D 111 63.39 8.34 20.18
N LEU D 112 62.18 7.96 19.76
CA LEU D 112 61.13 7.53 20.68
C LEU D 112 60.87 6.04 20.52
N PRO D 113 61.18 5.21 21.51
CA PRO D 113 60.84 3.78 21.42
C PRO D 113 59.35 3.58 21.62
N PRO D 114 58.70 2.85 20.72
CA PRO D 114 57.24 2.73 20.78
C PRO D 114 56.76 1.72 21.82
N ASP D 115 55.50 1.87 22.21
CA ASP D 115 54.84 0.89 23.07
C ASP D 115 54.65 -0.43 22.34
N LEU D 116 54.92 -1.54 23.02
CA LEU D 116 55.01 -2.84 22.38
C LEU D 116 53.77 -3.71 22.62
N SER D 117 52.65 -3.13 23.06
CA SER D 117 51.47 -3.93 23.35
C SER D 117 50.77 -4.41 22.08
N LEU D 118 50.95 -3.72 20.96
CA LEU D 118 50.26 -4.07 19.72
C LEU D 118 51.23 -4.20 18.55
N ILE D 119 52.53 -4.36 18.82
CA ILE D 119 53.55 -4.26 17.78
C ILE D 119 53.52 -5.42 16.78
N VAL D 120 52.96 -6.57 17.16
CA VAL D 120 52.89 -7.70 16.23
C VAL D 120 51.82 -7.47 15.18
N LYS D 121 50.70 -6.86 15.56
CA LYS D 121 49.63 -6.57 14.62
C LYS D 121 49.80 -5.24 13.90
N ALA D 122 50.75 -4.40 14.31
CA ALA D 122 50.92 -3.07 13.73
C ALA D 122 52.04 -3.02 12.70
N ARG D 123 52.63 -4.15 12.34
CA ARG D 123 53.68 -4.21 11.33
C ARG D 123 53.33 -5.27 10.31
N HIS D 124 53.64 -5.00 9.05
CA HIS D 124 53.48 -6.01 8.01
C HIS D 124 54.58 -7.06 8.15
N GLY D 125 54.18 -8.33 8.25
CA GLY D 125 55.09 -9.44 8.50
C GLY D 125 54.79 -10.19 9.79
N GLY D 126 54.29 -9.49 10.81
CA GLY D 126 53.84 -10.16 12.02
C GLY D 126 54.99 -10.66 12.86
N CYS D 127 54.90 -11.94 13.28
CA CYS D 127 55.93 -12.54 14.10
C CYS D 127 57.23 -12.73 13.33
N ASP D 128 57.14 -12.93 12.02
CA ASP D 128 58.33 -13.13 11.19
C ASP D 128 59.17 -11.86 11.09
N TYR D 129 58.55 -10.69 11.10
CA TYR D 129 59.31 -9.44 10.99
C TYR D 129 60.01 -9.10 12.30
N ILE D 130 59.36 -9.33 13.45
CA ILE D 130 59.96 -9.02 14.74
C ILE D 130 61.14 -9.94 15.02
N PHE D 131 61.04 -11.22 14.64
CA PHE D 131 62.13 -12.15 14.84
C PHE D 131 63.32 -11.85 13.93
N SER D 132 63.05 -11.46 12.68
CA SER D 132 64.14 -11.21 11.74
C SER D 132 64.86 -9.90 12.04
N LEU D 133 64.17 -8.94 12.66
CA LEU D 133 64.80 -7.68 13.04
C LEU D 133 65.80 -7.89 14.17
N LEU D 134 65.45 -8.71 15.16
CA LEU D 134 66.31 -8.88 16.33
C LEU D 134 67.55 -9.70 16.03
N THR D 135 67.45 -10.69 15.14
CA THR D 135 68.58 -11.56 14.82
C THR D 135 69.24 -11.19 13.50
N GLY D 136 69.05 -9.97 13.02
CA GLY D 136 69.51 -9.62 11.69
C GLY D 136 70.47 -8.45 11.61
N TYR D 137 71.16 -8.17 12.70
CA TYR D 137 72.18 -7.11 12.68
C TYR D 137 73.48 -7.66 12.12
N PRO D 138 74.01 -7.12 11.02
CA PRO D 138 75.33 -7.54 10.55
C PRO D 138 76.43 -6.93 11.38
N ASP D 139 77.63 -7.50 11.24
CA ASP D 139 78.79 -6.98 11.98
C ASP D 139 79.23 -5.63 11.42
N GLU D 140 79.05 -5.41 10.12
CA GLU D 140 79.32 -4.11 9.51
C GLU D 140 78.36 -3.94 8.35
N PRO D 141 78.01 -2.70 7.99
CA PRO D 141 77.14 -2.47 6.83
C PRO D 141 77.83 -2.80 5.52
N PRO D 142 77.09 -2.95 4.42
CA PRO D 142 77.73 -3.16 3.12
C PRO D 142 78.57 -1.97 2.69
N ALA D 143 79.45 -2.22 1.71
CA ALA D 143 80.42 -1.23 1.28
C ALA D 143 79.74 -0.09 0.53
N GLY D 144 79.97 1.14 1.01
CA GLY D 144 79.41 2.33 0.43
C GLY D 144 78.40 3.03 1.34
N VAL D 145 77.71 2.27 2.17
CA VAL D 145 76.65 2.83 3.03
C VAL D 145 77.30 3.58 4.18
N ALA D 146 76.99 4.86 4.29
CA ALA D 146 77.52 5.72 5.35
C ALA D 146 76.37 6.07 6.29
N LEU D 147 76.35 5.45 7.47
CA LEU D 147 75.31 5.75 8.43
C LEU D 147 75.63 7.06 9.15
N PRO D 148 74.62 7.84 9.51
CA PRO D 148 74.84 8.97 10.39
C PRO D 148 75.24 8.49 11.77
N PRO D 149 76.01 9.29 12.51
CA PRO D 149 76.42 8.88 13.87
C PRO D 149 75.23 8.85 14.82
N GLY D 150 75.09 7.75 15.54
CA GLY D 150 73.94 7.52 16.39
C GLY D 150 72.93 6.54 15.83
N SER D 151 73.22 5.90 14.71
CA SER D 151 72.31 4.93 14.12
C SER D 151 73.09 3.68 13.74
N ASN D 152 72.34 2.63 13.42
CA ASN D 152 72.89 1.30 13.18
C ASN D 152 72.26 0.74 11.91
N TYR D 153 72.93 -0.25 11.32
CA TYR D 153 72.45 -0.86 10.08
C TYR D 153 71.68 -2.13 10.39
N ASN D 154 70.47 -2.24 9.83
CA ASN D 154 69.66 -3.44 9.84
C ASN D 154 68.91 -3.51 8.52
N PRO D 155 69.06 -4.58 7.74
CA PRO D 155 68.46 -4.60 6.39
C PRO D 155 66.96 -4.82 6.36
N TYR D 156 66.35 -5.28 7.46
CA TYR D 156 64.91 -5.48 7.49
C TYR D 156 64.14 -4.22 7.85
N PHE D 157 64.81 -3.19 8.33
CA PHE D 157 64.18 -1.91 8.61
C PHE D 157 64.10 -1.09 7.33
N PRO D 158 62.96 -0.45 7.05
CA PRO D 158 62.83 0.34 5.81
C PRO D 158 63.74 1.55 5.81
N GLY D 159 64.63 1.59 4.82
CA GLY D 159 65.69 2.56 4.75
C GLY D 159 67.04 2.03 5.19
N GLY D 160 67.05 1.05 6.10
CA GLY D 160 68.27 0.39 6.52
C GLY D 160 68.96 0.99 7.73
N SER D 161 68.53 2.16 8.19
CA SER D 161 69.16 2.87 9.30
C SER D 161 68.18 2.95 10.46
N ILE D 162 68.48 2.23 11.55
CA ILE D 162 67.58 2.15 12.70
C ILE D 162 68.30 2.74 13.92
N ALA D 163 67.53 3.35 14.81
CA ALA D 163 68.07 4.06 15.96
C ALA D 163 68.26 3.18 17.19
N MET D 164 68.03 1.88 17.10
CA MET D 164 68.32 0.96 18.20
C MET D 164 69.47 0.05 17.79
N ALA D 165 70.33 -0.28 18.76
CA ALA D 165 71.46 -1.15 18.51
C ALA D 165 71.08 -2.60 18.80
N ARG D 166 72.01 -3.50 18.52
CA ARG D 166 71.80 -4.91 18.82
C ARG D 166 71.88 -5.13 20.32
N VAL D 167 70.88 -5.83 20.88
CA VAL D 167 70.76 -5.97 22.32
C VAL D 167 70.88 -7.42 22.79
N LEU D 168 70.73 -8.41 21.93
CA LEU D 168 70.72 -9.80 22.34
C LEU D 168 72.08 -10.45 22.08
N PHE D 169 72.67 -11.00 23.12
CA PHE D 169 73.95 -11.71 23.02
C PHE D 169 73.83 -13.04 23.75
N ASP D 170 74.79 -13.93 23.51
CA ASP D 170 74.71 -15.30 23.99
C ASP D 170 74.87 -15.36 25.51
N ASP D 171 73.93 -16.04 26.17
CA ASP D 171 73.94 -16.33 27.61
C ASP D 171 73.96 -15.07 28.46
N MET D 172 73.05 -14.13 28.17
CA MET D 172 72.85 -12.96 28.99
C MET D 172 71.73 -13.11 29.99
N VAL D 173 70.97 -14.21 29.91
CA VAL D 173 69.81 -14.46 30.77
C VAL D 173 69.93 -15.90 31.28
N GLU D 174 69.71 -16.08 32.57
CA GLU D 174 69.66 -17.40 33.18
C GLU D 174 68.20 -17.85 33.32
N TYR D 175 67.83 -18.91 32.61
CA TYR D 175 66.46 -19.40 32.58
C TYR D 175 66.17 -20.27 33.79
N GLU D 176 64.89 -20.34 34.15
CA GLU D 176 64.48 -21.11 35.33
C GLU D 176 64.39 -22.60 35.02
N ASP D 177 63.88 -22.97 33.84
CA ASP D 177 63.72 -24.37 33.49
C ASP D 177 64.98 -24.99 32.91
N GLY D 178 66.04 -24.22 32.69
CA GLY D 178 67.32 -24.76 32.25
C GLY D 178 67.55 -24.74 30.76
N THR D 179 66.82 -23.93 30.00
CA THR D 179 67.02 -23.85 28.57
C THR D 179 68.30 -23.06 28.27
N PRO D 180 69.12 -23.51 27.31
CA PRO D 180 70.27 -22.69 26.88
C PRO D 180 69.81 -21.40 26.22
N ALA D 181 70.33 -20.28 26.69
CA ALA D 181 69.87 -18.97 26.26
C ALA D 181 70.81 -18.42 25.19
N THR D 182 70.65 -18.93 23.97
CA THR D 182 71.33 -18.38 22.82
C THR D 182 70.55 -17.18 22.28
N THR D 183 71.09 -16.56 21.22
CA THR D 183 70.44 -15.40 20.62
C THR D 183 69.14 -15.80 19.92
N SER D 184 69.14 -16.96 19.26
CA SER D 184 67.96 -17.40 18.52
C SER D 184 66.85 -17.88 19.46
N GLN D 185 67.21 -18.40 20.62
CA GLN D 185 66.21 -18.89 21.56
C GLN D 185 65.50 -17.73 22.26
N MET D 186 66.25 -16.70 22.64
CA MET D 186 65.66 -15.57 23.35
C MET D 186 64.81 -14.70 22.43
N ALA D 187 65.15 -14.62 21.15
CA ALA D 187 64.34 -13.87 20.21
C ALA D 187 63.03 -14.58 19.88
N LYS D 188 63.06 -15.92 19.91
CA LYS D 188 61.85 -16.69 19.64
C LYS D 188 60.86 -16.60 20.81
N ASP D 189 61.38 -16.56 22.04
CA ASP D 189 60.51 -16.55 23.22
C ASP D 189 59.83 -15.20 23.40
N VAL D 190 60.56 -14.11 23.20
CA VAL D 190 59.99 -12.79 23.42
C VAL D 190 59.02 -12.39 22.30
N THR D 191 59.16 -12.98 21.10
CA THR D 191 58.18 -12.74 20.05
C THR D 191 56.87 -13.47 20.34
N THR D 192 56.95 -14.66 20.95
CA THR D 192 55.74 -15.38 21.34
C THR D 192 55.02 -14.67 22.48
N PHE D 193 55.78 -14.07 23.42
CA PHE D 193 55.18 -13.32 24.51
C PHE D 193 54.51 -12.05 24.00
N LEU D 194 55.10 -11.40 23.01
CA LEU D 194 54.51 -10.19 22.44
C LEU D 194 53.30 -10.47 21.56
N ASN D 195 53.19 -11.69 20.99
CA ASN D 195 52.00 -12.05 20.24
C ASN D 195 50.81 -12.31 21.16
N TRP D 196 51.06 -12.85 22.36
CA TRP D 196 49.99 -12.99 23.34
C TRP D 196 49.54 -11.63 23.87
N CYS D 197 50.47 -10.67 24.00
CA CYS D 197 50.12 -9.33 24.44
C CYS D 197 49.21 -8.61 23.45
N ALA D 198 49.35 -8.90 22.16
CA ALA D 198 48.48 -8.31 21.15
C ALA D 198 47.19 -9.09 20.96
N GLU D 199 47.21 -10.41 21.12
CA GLU D 199 46.03 -11.27 20.89
C GLU D 199 45.82 -12.20 22.08
N PRO D 200 45.24 -11.70 23.18
CA PRO D 200 45.02 -12.58 24.35
C PRO D 200 43.86 -13.55 24.18
N GLU D 201 42.94 -13.30 23.25
CA GLU D 201 41.77 -14.13 23.00
C GLU D 201 42.06 -15.30 22.07
N HIS D 202 43.33 -15.47 21.66
CA HIS D 202 43.73 -16.32 20.54
C HIS D 202 43.34 -17.79 20.74
N ASP D 203 43.57 -18.32 21.94
CA ASP D 203 43.26 -19.72 22.19
C ASP D 203 41.76 -19.96 22.29
N GLU D 204 41.01 -18.99 22.79
CA GLU D 204 39.56 -19.10 22.89
C GLU D 204 38.86 -18.89 21.55
N ARG D 205 39.41 -18.01 20.70
CA ARG D 205 38.81 -17.71 19.40
C ARG D 205 38.86 -18.93 18.47
N LYS D 206 39.94 -19.69 18.54
CA LYS D 206 40.06 -20.85 17.66
C LYS D 206 39.22 -22.03 18.14
N ARG D 207 38.94 -22.12 19.44
CA ARG D 207 38.05 -23.17 19.93
C ARG D 207 36.60 -22.86 19.61
N LEU D 208 36.19 -21.60 19.71
CA LEU D 208 34.83 -21.21 19.36
C LEU D 208 34.59 -21.27 17.85
N GLY D 209 35.64 -21.05 17.06
CA GLY D 209 35.49 -21.13 15.62
C GLY D 209 35.28 -22.53 15.10
N LEU D 210 35.78 -23.53 15.83
CA LEU D 210 35.61 -24.92 15.41
C LEU D 210 34.17 -25.38 15.59
N LYS D 211 33.50 -24.94 16.65
CA LYS D 211 32.10 -25.26 16.84
C LYS D 211 31.21 -24.57 15.81
N THR D 212 31.58 -23.35 15.40
CA THR D 212 30.73 -22.59 14.48
C THR D 212 30.82 -23.12 13.06
N VAL D 213 32.02 -23.53 12.64
CA VAL D 213 32.21 -24.02 11.27
C VAL D 213 31.56 -25.39 11.08
N ILE D 214 31.59 -26.24 12.12
CA ILE D 214 30.97 -27.56 12.02
C ILE D 214 29.45 -27.46 11.94
N ILE D 215 28.85 -26.56 12.73
CA ILE D 215 27.40 -26.39 12.71
C ILE D 215 26.95 -25.76 11.40
N LEU D 216 27.65 -24.74 10.91
CA LEU D 216 27.27 -24.09 9.67
C LEU D 216 27.54 -24.93 8.43
N SER D 217 28.48 -25.89 8.50
CA SER D 217 28.69 -26.79 7.38
C SER D 217 27.56 -27.81 7.28
N SER D 218 27.05 -28.27 8.42
CA SER D 218 25.95 -29.24 8.41
C SER D 218 24.66 -28.60 7.91
N LEU D 219 24.41 -27.34 8.25
CA LEU D 219 23.21 -26.66 7.79
C LEU D 219 23.28 -26.35 6.30
N TYR D 220 24.49 -26.18 5.76
CA TYR D 220 24.64 -25.94 4.34
C TYR D 220 24.38 -27.21 3.53
N LEU D 221 24.87 -28.35 4.00
CA LEU D 221 24.69 -29.60 3.27
C LEU D 221 23.25 -30.11 3.37
N LEU D 222 22.57 -29.85 4.49
CA LEU D 222 21.18 -30.26 4.62
C LEU D 222 20.25 -29.41 3.76
N SER D 223 20.57 -28.13 3.57
CA SER D 223 19.72 -27.26 2.77
C SER D 223 19.80 -27.57 1.28
N ILE D 224 20.89 -28.18 0.83
CA ILE D 224 20.99 -28.59 -0.56
C ILE D 224 20.09 -29.80 -0.83
N TRP D 225 20.04 -30.75 0.11
CA TRP D 225 19.16 -31.91 -0.02
C TRP D 225 17.70 -31.49 0.01
N VAL D 226 17.33 -30.58 0.90
CA VAL D 226 15.93 -30.18 1.06
C VAL D 226 15.45 -29.37 -0.14
N LYS D 227 16.33 -28.53 -0.70
CA LYS D 227 15.96 -27.75 -1.88
C LYS D 227 15.78 -28.64 -3.10
N LYS D 228 16.62 -29.66 -3.25
CA LYS D 228 16.51 -30.54 -4.41
C LYS D 228 15.32 -31.49 -4.31
N PHE D 229 14.87 -31.79 -3.09
CA PHE D 229 13.66 -32.60 -2.91
C PHE D 229 12.42 -31.80 -3.27
N LYS D 230 12.35 -30.55 -2.80
CA LYS D 230 11.15 -29.75 -2.98
C LYS D 230 11.02 -29.14 -4.37
N TRP D 231 12.02 -29.29 -5.24
CA TRP D 231 11.98 -28.73 -6.58
C TRP D 231 11.82 -29.79 -7.66
N ALA D 232 11.73 -31.07 -7.29
CA ALA D 232 11.77 -32.16 -8.27
C ALA D 232 10.51 -32.25 -9.10
N GLY D 233 9.37 -31.77 -8.61
CA GLY D 233 8.16 -31.77 -9.41
C GLY D 233 8.20 -30.75 -10.55
N ILE D 234 8.83 -29.60 -10.31
CA ILE D 234 8.96 -28.58 -11.34
C ILE D 234 10.00 -28.99 -12.39
N LYS D 235 11.09 -29.61 -11.95
CA LYS D 235 12.21 -29.90 -12.84
C LYS D 235 11.91 -31.02 -13.84
N THR D 236 10.92 -31.88 -13.58
CA THR D 236 10.59 -32.97 -14.48
C THR D 236 9.25 -32.77 -15.19
N ARG D 237 8.74 -31.55 -15.19
CA ARG D 237 7.47 -31.22 -15.83
C ARG D 237 7.59 -31.26 -17.35
N LYS D 238 6.52 -31.75 -18.01
CA LYS D 238 6.51 -31.93 -19.46
C LYS D 238 5.32 -31.20 -20.09
N PHE D 239 5.51 -30.69 -21.31
CA PHE D 239 4.50 -29.92 -22.03
C PHE D 239 4.26 -30.52 -23.41
N VAL D 240 3.02 -30.44 -23.88
CA VAL D 240 2.60 -30.96 -25.17
C VAL D 240 1.67 -29.93 -25.82
N PHE D 241 1.90 -29.63 -27.11
CA PHE D 241 1.09 -28.68 -27.85
C PHE D 241 0.29 -29.37 -28.94
N ASN D 242 -1.02 -29.17 -28.94
CA ASN D 242 -1.90 -29.56 -30.03
C ASN D 242 -2.57 -28.32 -30.58
N PRO D 243 -2.37 -27.97 -31.86
CA PRO D 243 -2.92 -26.72 -32.40
C PRO D 243 -4.44 -26.75 -32.47
N PRO D 244 -5.10 -25.71 -31.97
CA PRO D 244 -6.57 -25.71 -31.94
C PRO D 244 -7.19 -25.54 -33.32
N LYS D 245 -8.45 -25.94 -33.41
CA LYS D 245 -9.20 -25.81 -34.65
C LYS D 245 -9.58 -24.35 -34.89
N PRO D 246 -9.53 -23.88 -36.13
CA PRO D 246 -9.88 -22.47 -36.42
C PRO D 246 -11.37 -22.18 -36.36
N ARG D 247 -11.74 -20.96 -36.77
CA ARG D 247 -13.13 -20.45 -36.78
C ARG D 247 -13.71 -20.45 -35.36
N LYS D 248 -13.14 -19.62 -34.50
CA LYS D 248 -13.73 -19.31 -33.20
C LYS D 248 -13.25 -17.93 -32.75
N MET E 1 -4.87 9.82 -16.20
CA MET E 1 -5.11 10.51 -14.94
C MET E 1 -3.99 11.51 -14.65
N ALA E 2 -4.12 12.24 -13.54
CA ALA E 2 -3.10 13.18 -13.15
C ALA E 2 -1.87 12.45 -12.60
N PHE E 3 -0.74 13.16 -12.59
CA PHE E 3 0.52 12.54 -12.18
C PHE E 3 0.56 12.27 -10.68
N ARG E 4 -0.20 13.01 -9.87
CA ARG E 4 -0.26 12.75 -8.44
C ARG E 4 -1.01 11.47 -8.09
N LYS E 5 -1.74 10.87 -9.04
CA LYS E 5 -2.41 9.61 -8.82
C LYS E 5 -1.75 8.42 -9.50
N SER E 6 -0.91 8.66 -10.52
CA SER E 6 -0.30 7.57 -11.27
C SER E 6 1.09 7.19 -10.80
N ASN E 7 1.84 8.13 -10.23
CA ASN E 7 3.17 7.86 -9.72
C ASN E 7 3.09 6.98 -8.47
N VAL E 8 4.12 6.16 -8.27
CA VAL E 8 4.10 5.18 -7.18
C VAL E 8 4.32 5.86 -5.83
N TYR E 9 5.15 6.91 -5.79
CA TYR E 9 5.42 7.58 -4.52
C TYR E 9 4.50 8.75 -4.24
N LEU E 10 3.92 9.36 -5.27
CA LEU E 10 3.04 10.50 -5.07
C LEU E 10 1.61 10.09 -4.78
N SER E 11 1.20 8.87 -5.16
CA SER E 11 -0.15 8.42 -4.86
C SER E 11 -0.32 8.12 -3.37
N LEU E 12 0.77 7.74 -2.68
CA LEU E 12 0.70 7.64 -1.22
C LEU E 12 0.55 9.00 -0.59
N VAL E 13 1.19 10.02 -1.15
CA VAL E 13 1.04 11.38 -0.65
C VAL E 13 -0.36 11.90 -0.95
N ASN E 14 -0.88 11.58 -2.14
CA ASN E 14 -2.18 12.12 -2.57
C ASN E 14 -3.33 11.50 -1.78
N SER E 15 -3.25 10.20 -1.49
CA SER E 15 -4.34 9.55 -0.77
C SER E 15 -4.32 9.82 0.72
N TYR E 16 -3.29 10.46 1.25
CA TYR E 16 -3.19 10.73 2.67
C TYR E 16 -3.42 12.19 3.04
N ILE E 17 -2.86 13.15 2.31
CA ILE E 17 -2.97 14.55 2.70
C ILE E 17 -3.56 15.43 1.61
N ILE E 18 -3.99 14.87 0.49
CA ILE E 18 -4.54 15.70 -0.59
C ILE E 18 -6.00 15.37 -0.83
N ASP E 19 -6.28 14.12 -1.22
CA ASP E 19 -7.61 13.73 -1.67
C ASP E 19 -8.37 12.89 -0.65
N SER E 20 -7.88 12.76 0.57
CA SER E 20 -8.51 11.87 1.54
C SER E 20 -9.82 12.47 2.04
N PRO E 21 -10.92 11.70 2.04
CA PRO E 21 -12.22 12.26 2.41
C PRO E 21 -12.36 12.36 3.92
N GLN E 22 -12.63 13.56 4.40
CA GLN E 22 -12.81 13.86 5.81
C GLN E 22 -14.28 14.14 6.10
N PRO E 23 -14.77 13.82 7.30
CA PRO E 23 -16.11 14.26 7.68
C PRO E 23 -16.15 15.78 7.84
N SER E 24 -17.26 16.38 7.42
CA SER E 24 -17.35 17.83 7.34
C SER E 24 -17.52 18.51 8.71
N SER E 25 -17.75 17.75 9.78
CA SER E 25 -18.14 18.35 11.06
C SER E 25 -17.11 18.17 12.17
N ILE E 26 -15.89 17.74 11.86
CA ILE E 26 -14.87 17.59 12.91
C ILE E 26 -14.40 18.96 13.39
N ASN E 27 -14.13 19.08 14.69
CA ASN E 27 -13.73 20.34 15.29
C ASN E 27 -12.21 20.36 15.53
N TYR E 28 -11.75 21.37 16.27
CA TYR E 28 -10.33 21.60 16.50
C TYR E 28 -9.66 20.54 17.37
N TRP E 29 -10.41 19.67 18.06
CA TRP E 29 -9.80 18.57 18.78
C TRP E 29 -9.16 17.53 17.85
N TRP E 30 -9.60 17.47 16.60
CA TRP E 30 -9.05 16.56 15.60
C TRP E 30 -7.75 17.06 14.97
N ASN E 31 -7.20 18.17 15.46
CA ASN E 31 -5.93 18.71 14.98
C ASN E 31 -4.74 18.27 15.83
N MET E 32 -4.95 17.54 16.92
CA MET E 32 -3.85 17.20 17.81
C MET E 32 -2.93 16.15 17.21
N GLY E 33 -3.43 15.32 16.31
CA GLY E 33 -2.61 14.27 15.73
C GLY E 33 -1.51 14.78 14.82
N SER E 34 -1.78 15.86 14.09
CA SER E 34 -0.76 16.45 13.23
C SER E 34 0.22 17.33 14.00
N LEU E 35 -0.18 17.83 15.17
CA LEU E 35 0.79 18.52 16.03
C LEU E 35 1.79 17.54 16.64
N LEU E 36 1.38 16.29 16.86
CA LEU E 36 2.29 15.28 17.39
C LEU E 36 3.35 14.89 16.35
N GLY E 37 3.00 14.97 15.06
CA GLY E 37 3.99 14.72 14.03
C GLY E 37 5.01 15.82 13.92
N LEU E 38 4.61 17.07 14.19
CA LEU E 38 5.56 18.18 14.20
C LEU E 38 6.48 18.11 15.41
N CYS E 39 5.96 17.68 16.56
CA CYS E 39 6.76 17.57 17.78
C CYS E 39 7.85 16.51 17.65
N LEU E 40 7.54 15.39 16.97
CA LEU E 40 8.52 14.34 16.79
C LEU E 40 9.65 14.76 15.86
N VAL E 41 9.36 15.59 14.86
CA VAL E 41 10.40 16.11 13.98
C VAL E 41 11.30 17.09 14.72
N ILE E 42 10.71 17.93 15.58
CA ILE E 42 11.46 18.91 16.36
C ILE E 42 12.41 18.22 17.35
N GLN E 43 11.93 17.17 18.02
CA GLN E 43 12.78 16.43 18.95
C GLN E 43 13.89 15.66 18.23
N ILE E 44 13.65 15.19 17.01
CA ILE E 44 14.71 14.44 16.34
C ILE E 44 15.79 15.38 15.80
N VAL E 45 15.40 16.53 15.24
CA VAL E 45 16.35 17.42 14.57
C VAL E 45 17.22 18.15 15.58
N THR E 46 16.64 18.65 16.68
CA THR E 46 17.46 19.23 17.74
C THR E 46 18.29 18.18 18.48
N GLY E 47 17.88 16.90 18.41
CA GLY E 47 18.67 15.85 19.03
C GLY E 47 19.97 15.54 18.30
N ILE E 48 19.95 15.56 16.96
CA ILE E 48 21.17 15.24 16.19
C ILE E 48 22.21 16.33 16.35
N PHE E 49 21.79 17.60 16.35
CA PHE E 49 22.74 18.70 16.37
C PHE E 49 23.39 18.85 17.75
N MET E 50 22.68 18.47 18.81
CA MET E 50 23.30 18.46 20.14
C MET E 50 24.24 17.27 20.31
N ALA E 51 23.94 16.15 19.65
CA ALA E 51 24.75 14.94 19.77
C ALA E 51 26.13 15.08 19.12
N MET E 52 26.32 16.07 18.25
CA MET E 52 27.63 16.38 17.69
C MET E 52 28.59 17.00 18.70
N HIS E 53 28.10 17.41 19.88
CA HIS E 53 28.93 18.06 20.89
C HIS E 53 28.88 17.37 22.25
N TYR E 54 28.27 16.19 22.35
CA TYR E 54 28.00 15.57 23.63
C TYR E 54 28.96 14.42 23.92
N SER E 55 29.37 14.29 25.18
CA SER E 55 30.19 13.18 25.64
C SER E 55 29.43 12.41 26.72
N SER E 56 29.40 11.10 26.62
CA SER E 56 28.56 10.27 27.47
C SER E 56 29.31 9.59 28.61
N ASN E 57 30.59 9.89 28.80
CA ASN E 57 31.31 9.40 29.98
C ASN E 57 30.78 10.07 31.24
N ILE E 58 30.84 9.34 32.36
CA ILE E 58 30.27 9.86 33.59
C ILE E 58 31.11 10.98 34.18
N GLU E 59 32.38 11.09 33.80
CA GLU E 59 33.20 12.23 34.23
C GLU E 59 33.01 13.45 33.34
N LEU E 60 32.40 13.29 32.18
CA LEU E 60 32.32 14.36 31.19
C LEU E 60 30.90 14.77 30.82
N ALA E 61 29.87 14.08 31.31
CA ALA E 61 28.52 14.27 30.79
C ALA E 61 27.92 15.59 31.22
N PHE E 62 28.10 15.98 32.49
CA PHE E 62 27.54 17.22 32.99
C PHE E 62 28.22 18.43 32.37
N SER E 63 29.55 18.37 32.21
CA SER E 63 30.27 19.50 31.61
C SER E 63 30.07 19.61 30.11
N SER E 64 29.67 18.52 29.44
CA SER E 64 29.36 18.60 28.01
C SER E 64 28.09 19.41 27.77
N VAL E 65 27.10 19.28 28.65
CA VAL E 65 25.86 20.03 28.49
C VAL E 65 26.09 21.50 28.82
N GLU E 66 26.97 21.79 29.80
CA GLU E 66 27.36 23.17 30.07
C GLU E 66 28.21 23.75 28.96
N HIS E 67 28.97 22.90 28.24
CA HIS E 67 29.72 23.34 27.07
C HIS E 67 28.78 23.73 25.92
N ILE E 68 27.64 23.03 25.80
CA ILE E 68 26.65 23.36 24.79
C ILE E 68 25.98 24.70 25.10
N MET E 69 25.72 24.97 26.38
CA MET E 69 25.03 26.19 26.78
C MET E 69 25.90 27.44 26.64
N ARG E 70 27.23 27.29 26.73
CA ARG E 70 28.13 28.44 26.78
C ARG E 70 28.95 28.65 25.51
N ASP E 71 29.48 27.59 24.90
CA ASP E 71 30.48 27.72 23.84
C ASP E 71 29.94 27.49 22.44
N VAL E 72 28.90 26.67 22.29
CA VAL E 72 28.33 26.41 20.97
C VAL E 72 27.51 27.61 20.53
N HIS E 73 27.68 28.03 19.28
CA HIS E 73 26.89 29.13 18.71
C HIS E 73 25.43 28.72 18.61
N ASN E 74 24.55 29.52 19.24
CA ASN E 74 23.12 29.23 19.43
C ASN E 74 22.89 27.89 20.12
N GLY E 75 23.80 27.49 21.01
CA GLY E 75 23.66 26.21 21.69
C GLY E 75 22.61 26.23 22.78
N TYR E 76 22.38 27.39 23.40
CA TYR E 76 21.32 27.49 24.40
C TYR E 76 19.94 27.42 23.77
N ILE E 77 19.83 27.79 22.48
CA ILE E 77 18.56 27.65 21.77
C ILE E 77 18.26 26.18 21.51
N LEU E 78 19.28 25.40 21.17
CA LEU E 78 19.10 23.97 20.89
C LEU E 78 18.67 23.19 22.12
N ARG E 79 19.26 23.49 23.28
CA ARG E 79 18.92 22.75 24.48
C ARG E 79 17.54 23.13 25.01
N TYR E 80 17.25 24.44 25.08
CA TYR E 80 15.98 24.90 25.64
C TYR E 80 14.79 24.52 24.77
N LEU E 81 14.97 24.48 23.44
CA LEU E 81 13.91 23.98 22.58
C LEU E 81 13.74 22.48 22.73
N HIS E 82 14.81 21.77 23.06
CA HIS E 82 14.73 20.33 23.24
C HIS E 82 14.07 19.95 24.56
N ALA E 83 14.45 20.62 25.65
CA ALA E 83 13.93 20.27 26.96
C ALA E 83 12.48 20.71 27.12
N ASN E 84 12.15 21.93 26.68
CA ASN E 84 10.76 22.39 26.75
C ASN E 84 9.90 21.69 25.71
N GLY E 85 10.48 21.29 24.58
CA GLY E 85 9.73 20.57 23.56
C GLY E 85 9.28 19.19 23.98
N ALA E 86 9.99 18.57 24.93
CA ALA E 86 9.54 17.30 25.48
C ALA E 86 8.31 17.45 26.36
N SER E 87 8.20 18.56 27.09
CA SER E 87 7.00 18.80 27.89
C SER E 87 5.79 19.14 27.02
N PHE E 88 6.02 19.81 25.89
CA PHE E 88 4.91 20.11 24.98
C PHE E 88 4.45 18.86 24.24
N PHE E 89 5.36 17.90 24.02
CA PHE E 89 5.03 16.63 23.40
C PHE E 89 4.08 15.82 24.27
N PHE E 90 4.29 15.81 25.58
CA PHE E 90 3.44 15.05 26.49
C PHE E 90 2.09 15.71 26.71
N MET E 91 2.03 17.04 26.65
CA MET E 91 0.77 17.74 26.85
C MET E 91 -0.18 17.54 25.67
N VAL E 92 0.34 17.59 24.45
CA VAL E 92 -0.47 17.33 23.26
C VAL E 92 -0.90 15.86 23.20
N MET E 93 -0.04 14.95 23.66
CA MET E 93 -0.39 13.53 23.66
C MET E 93 -1.47 13.21 24.69
N PHE E 94 -1.49 13.90 25.84
CA PHE E 94 -2.54 13.69 26.83
C PHE E 94 -3.88 14.16 26.32
N MET E 95 -3.91 15.29 25.59
CA MET E 95 -5.16 15.80 25.04
C MET E 95 -5.65 14.95 23.87
N HIS E 96 -4.72 14.35 23.14
CA HIS E 96 -5.07 13.48 22.02
C HIS E 96 -5.73 12.19 22.50
N MET E 97 -5.24 11.62 23.60
CA MET E 97 -5.83 10.41 24.15
C MET E 97 -7.15 10.69 24.85
N ALA E 98 -7.30 11.87 25.46
CA ALA E 98 -8.55 12.21 26.13
C ALA E 98 -9.66 12.52 25.14
N LYS E 99 -9.31 12.96 23.93
CA LYS E 99 -10.27 13.09 22.86
C LYS E 99 -10.82 11.73 22.44
N GLY E 100 -9.95 10.71 22.43
CA GLY E 100 -10.39 9.38 22.05
C GLY E 100 -11.31 8.73 23.07
N LEU E 101 -11.07 9.01 24.35
CA LEU E 101 -11.96 8.49 25.40
C LEU E 101 -13.33 9.13 25.33
N TYR E 102 -13.39 10.44 25.08
CA TYR E 102 -14.65 11.17 25.10
C TYR E 102 -15.55 10.78 23.93
N TYR E 103 -15.00 10.66 22.73
CA TYR E 103 -15.79 10.44 21.54
C TYR E 103 -15.91 8.97 21.15
N GLY E 104 -15.35 8.06 21.94
CA GLY E 104 -15.47 6.64 21.65
C GLY E 104 -14.66 6.16 20.45
N SER E 105 -13.49 6.76 20.22
CA SER E 105 -12.67 6.40 19.06
C SER E 105 -12.03 5.03 19.20
N TYR E 106 -11.99 4.47 20.42
CA TYR E 106 -11.42 3.16 20.66
C TYR E 106 -12.31 2.02 20.17
N ARG E 107 -13.58 2.29 19.89
CA ARG E 107 -14.53 1.23 19.59
C ARG E 107 -14.31 0.65 18.20
N SER E 108 -14.99 -0.46 17.94
CA SER E 108 -14.93 -1.13 16.64
C SER E 108 -15.53 -0.24 15.57
N PRO E 109 -14.94 -0.17 14.36
CA PRO E 109 -13.81 -0.95 13.84
C PRO E 109 -12.42 -0.32 13.98
N ARG E 110 -12.12 0.35 15.09
CA ARG E 110 -10.86 1.05 15.26
C ARG E 110 -10.07 0.54 16.45
N VAL E 111 -10.16 -0.76 16.74
CA VAL E 111 -9.48 -1.34 17.90
C VAL E 111 -7.98 -1.47 17.64
N THR E 112 -7.59 -1.85 16.42
CA THR E 112 -6.18 -1.96 16.06
C THR E 112 -5.49 -0.60 16.10
N LEU E 113 -6.20 0.45 15.72
CA LEU E 113 -5.67 1.80 15.78
C LEU E 113 -5.43 2.25 17.22
N TRP E 114 -6.32 1.86 18.13
CA TRP E 114 -6.15 2.20 19.54
C TRP E 114 -5.04 1.39 20.19
N ASN E 115 -4.84 0.14 19.76
CA ASN E 115 -3.82 -0.71 20.39
C ASN E 115 -2.41 -0.29 19.99
N VAL E 116 -2.22 0.15 18.74
CA VAL E 116 -0.91 0.65 18.30
C VAL E 116 -0.56 1.95 19.01
N GLY E 117 -1.57 2.78 19.31
CA GLY E 117 -1.33 4.00 20.06
C GLY E 117 -0.87 3.79 21.49
N VAL E 118 -1.32 2.70 22.13
CA VAL E 118 -0.88 2.39 23.48
C VAL E 118 0.59 1.98 23.50
N ILE E 119 1.06 1.30 22.44
CA ILE E 119 2.48 0.95 22.32
C ILE E 119 3.34 2.20 22.15
N ILE E 120 2.84 3.19 21.40
CA ILE E 120 3.55 4.45 21.18
C ILE E 120 3.71 5.21 22.49
N PHE E 121 2.68 5.17 23.34
CA PHE E 121 2.70 5.88 24.63
C PHE E 121 3.73 5.27 25.58
N ILE E 122 3.91 3.95 25.53
CA ILE E 122 4.90 3.28 26.36
C ILE E 122 6.33 3.62 25.91
N LEU E 123 6.56 3.65 24.60
CA LEU E 123 7.89 3.96 24.07
C LEU E 123 8.27 5.41 24.29
N THR E 124 7.29 6.32 24.35
CA THR E 124 7.59 7.73 24.60
C THR E 124 8.00 7.95 26.06
N ILE E 125 7.38 7.21 26.99
CA ILE E 125 7.74 7.30 28.40
C ILE E 125 9.17 6.80 28.62
N ALA E 126 9.53 5.69 27.98
CA ALA E 126 10.88 5.15 28.11
C ALA E 126 11.93 6.05 27.48
N THR E 127 11.57 6.77 26.40
CA THR E 127 12.50 7.70 25.76
C THR E 127 12.84 8.87 26.68
N ALA E 128 11.83 9.48 27.29
CA ALA E 128 12.06 10.64 28.15
C ALA E 128 12.80 10.28 29.43
N PHE E 129 12.66 9.03 29.90
CA PHE E 129 13.43 8.57 31.05
C PHE E 129 14.92 8.47 30.73
N LEU E 130 15.26 7.99 29.54
CA LEU E 130 16.66 7.79 29.18
C LEU E 130 17.38 9.11 28.87
N GLY E 131 16.67 10.09 28.30
CA GLY E 131 17.28 11.38 28.03
C GLY E 131 17.55 12.19 29.28
N TYR E 132 16.70 12.03 30.31
CA TYR E 132 16.92 12.69 31.59
C TYR E 132 18.14 12.15 32.31
N CYS E 133 18.48 10.87 32.10
CA CYS E 133 19.68 10.30 32.68
C CYS E 133 20.96 10.89 32.09
N CYS E 134 20.91 11.31 30.82
CA CYS E 134 22.11 11.75 30.11
C CYS E 134 22.63 13.10 30.58
N VAL E 135 21.81 13.88 31.30
CA VAL E 135 22.30 15.12 31.90
C VAL E 135 23.30 14.82 33.00
N TYR E 136 23.07 13.74 33.74
CA TYR E 136 23.77 13.37 34.99
C TYR E 136 23.83 14.54 35.97
N GLY E 137 22.67 15.13 36.22
CA GLY E 137 22.50 15.99 37.37
C GLY E 137 22.20 15.18 38.61
N GLN E 138 21.91 15.88 39.69
CA GLN E 138 21.62 15.20 40.95
C GLN E 138 20.26 14.51 40.92
N MET E 139 19.27 15.10 40.25
CA MET E 139 18.00 14.41 40.04
C MET E 139 18.11 13.29 39.01
N SER E 140 19.11 13.34 38.12
CA SER E 140 19.29 12.28 37.14
C SER E 140 19.82 11.00 37.78
N HIS E 141 20.76 11.14 38.72
CA HIS E 141 21.38 9.97 39.34
C HIS E 141 20.41 9.25 40.27
N TRP E 142 19.71 9.98 41.13
CA TRP E 142 18.88 9.37 42.14
C TRP E 142 17.52 8.93 41.60
N GLY E 143 17.05 9.54 40.51
CA GLY E 143 15.85 9.03 39.86
C GLY E 143 16.10 7.72 39.14
N ALA E 144 17.30 7.52 38.61
CA ALA E 144 17.66 6.25 38.00
C ALA E 144 17.93 5.19 39.05
N THR E 145 18.38 5.59 40.24
CA THR E 145 18.61 4.65 41.33
C THR E 145 17.30 4.06 41.85
N VAL E 146 16.27 4.91 41.96
CA VAL E 146 14.99 4.48 42.51
C VAL E 146 14.25 3.54 41.57
N ILE E 147 14.24 3.85 40.27
CA ILE E 147 13.45 3.10 39.31
C ILE E 147 14.10 1.74 39.00
N THR E 148 15.42 1.71 38.84
CA THR E 148 16.10 0.46 38.51
C THR E 148 16.13 -0.52 39.68
N ASN E 149 16.01 -0.03 40.92
CA ASN E 149 15.96 -0.91 42.07
C ASN E 149 14.61 -1.59 42.25
N LEU E 150 13.57 -1.17 41.51
CA LEU E 150 12.26 -1.81 41.60
C LEU E 150 12.28 -3.23 41.04
N PHE E 151 13.15 -3.49 40.05
CA PHE E 151 13.13 -4.76 39.34
C PHE E 151 13.83 -5.89 40.09
N SER E 152 14.45 -5.61 41.24
CA SER E 152 15.07 -6.66 42.02
C SER E 152 14.08 -7.45 42.86
N ALA E 153 12.82 -7.02 42.94
CA ALA E 153 11.78 -7.72 43.68
C ALA E 153 11.08 -8.78 42.85
N ILE E 154 11.41 -8.90 41.57
CA ILE E 154 10.84 -9.96 40.73
C ILE E 154 11.41 -11.30 41.17
N PRO E 155 10.59 -12.34 41.33
CA PRO E 155 11.10 -13.61 41.86
C PRO E 155 12.02 -14.35 40.89
N PHE E 156 13.14 -14.82 41.44
CA PHE E 156 14.11 -15.76 40.87
C PHE E 156 14.99 -15.18 39.75
N VAL E 157 14.65 -14.00 39.23
CA VAL E 157 15.41 -13.42 38.13
C VAL E 157 15.70 -11.96 38.42
N GLY E 158 15.24 -11.48 39.58
CA GLY E 158 15.24 -10.05 39.84
C GLY E 158 16.61 -9.47 40.10
N ASN E 159 17.42 -10.14 40.91
CA ASN E 159 18.77 -9.67 41.23
C ASN E 159 19.74 -9.79 40.06
N ASP E 160 19.35 -10.45 38.97
CA ASP E 160 20.20 -10.52 37.79
C ASP E 160 19.70 -9.70 36.62
N ILE E 161 18.46 -9.19 36.66
CA ILE E 161 18.02 -8.22 35.66
C ILE E 161 18.61 -6.85 35.98
N VAL E 162 18.78 -6.53 37.26
CA VAL E 162 19.21 -5.20 37.67
C VAL E 162 20.69 -5.00 37.37
N SER E 163 21.53 -5.99 37.70
CA SER E 163 22.96 -5.88 37.42
C SER E 163 23.27 -6.03 35.94
N TRP E 164 22.36 -6.63 35.18
CA TRP E 164 22.46 -6.60 33.72
C TRP E 164 22.04 -5.25 33.15
N LEU E 165 21.20 -4.52 33.87
CA LEU E 165 20.79 -3.17 33.50
C LEU E 165 21.80 -2.12 33.94
N TRP E 166 22.54 -2.39 35.01
CA TRP E 166 23.57 -1.47 35.47
C TRP E 166 24.90 -1.68 34.74
N GLY E 167 25.20 -2.90 34.32
CA GLY E 167 26.54 -3.23 33.88
C GLY E 167 27.55 -3.25 35.00
N GLY E 168 27.11 -3.48 36.23
CA GLY E 168 27.97 -3.36 37.39
C GLY E 168 27.17 -3.49 38.67
N PHE E 169 27.61 -2.75 39.70
CA PHE E 169 27.04 -2.89 41.03
C PHE E 169 26.15 -1.73 41.45
N SER E 170 26.12 -0.63 40.68
CA SER E 170 25.25 0.51 40.95
C SER E 170 25.12 1.31 39.66
N VAL E 171 24.48 2.47 39.75
CA VAL E 171 24.46 3.41 38.63
C VAL E 171 25.84 4.05 38.51
N SER E 172 26.51 3.80 37.39
CA SER E 172 27.92 4.13 37.24
C SER E 172 28.20 4.44 35.76
N ASN E 173 29.47 4.44 35.39
CA ASN E 173 29.87 4.79 34.03
C ASN E 173 29.33 3.88 32.92
N PRO E 174 29.28 2.53 33.04
CA PRO E 174 28.62 1.76 31.96
C PRO E 174 27.12 1.97 31.87
N THR E 175 26.47 2.46 32.92
CA THR E 175 25.03 2.71 32.86
C THR E 175 24.72 3.92 32.00
N ILE E 176 25.49 5.01 32.14
CA ILE E 176 25.23 6.24 31.39
C ILE E 176 25.59 6.05 29.92
N GLN E 177 26.62 5.26 29.61
CA GLN E 177 27.03 5.09 28.22
C GLN E 177 26.04 4.23 27.45
N ARG E 178 25.44 3.22 28.09
CA ARG E 178 24.43 2.43 27.41
C ARG E 178 23.07 3.13 27.36
N PHE E 179 22.81 4.05 28.28
CA PHE E 179 21.53 4.77 28.26
C PHE E 179 21.50 5.83 27.16
N PHE E 180 22.66 6.41 26.81
CA PHE E 180 22.69 7.36 25.70
C PHE E 180 22.55 6.66 24.36
N ALA E 181 23.12 5.45 24.22
CA ALA E 181 22.98 4.69 22.98
C ALA E 181 21.56 4.19 22.78
N LEU E 182 20.86 3.80 23.84
CA LEU E 182 19.44 3.46 23.72
C LEU E 182 18.57 4.68 23.44
N HIS E 183 19.01 5.86 23.89
CA HIS E 183 18.23 7.06 23.71
C HIS E 183 18.25 7.55 22.27
N TYR E 184 19.28 7.19 21.52
CA TYR E 184 19.39 7.53 20.12
C TYR E 184 18.40 6.69 19.28
N LEU E 185 18.18 5.43 19.65
CA LEU E 185 17.52 4.38 18.87
C LEU E 185 15.99 4.39 18.94
N VAL E 186 15.41 4.44 20.14
CA VAL E 186 13.96 4.37 20.39
C VAL E 186 13.11 5.42 19.66
N PRO E 187 13.55 6.68 19.44
CA PRO E 187 12.78 7.55 18.54
C PRO E 187 12.69 7.09 17.09
N PHE E 188 13.59 6.23 16.62
CA PHE E 188 13.42 5.68 15.28
C PHE E 188 12.44 4.51 15.27
N ILE E 189 12.30 3.80 16.39
CA ILE E 189 11.26 2.79 16.51
C ILE E 189 9.90 3.45 16.65
N ILE E 190 9.83 4.62 17.29
CA ILE E 190 8.59 5.38 17.41
C ILE E 190 8.11 5.85 16.04
N ALA E 191 9.04 6.27 15.18
CA ALA E 191 8.69 6.73 13.84
C ALA E 191 8.15 5.61 12.96
N ALA E 192 8.60 4.38 13.17
CA ALA E 192 8.06 3.24 12.44
C ALA E 192 6.67 2.84 12.94
N MET E 193 6.39 3.01 14.24
CA MET E 193 5.06 2.75 14.76
C MET E 193 4.05 3.79 14.30
N VAL E 194 4.50 5.02 14.06
CA VAL E 194 3.63 6.08 13.56
C VAL E 194 3.17 5.77 12.13
N ILE E 195 4.03 5.14 11.33
CA ILE E 195 3.67 4.73 9.98
C ILE E 195 2.64 3.61 10.01
N MET E 196 2.81 2.64 10.92
CA MET E 196 1.80 1.60 11.12
C MET E 196 0.50 2.17 11.69
N HIS E 197 0.60 3.26 12.45
CA HIS E 197 -0.57 3.94 12.98
C HIS E 197 -1.38 4.62 11.88
N LEU E 198 -0.69 5.21 10.90
CA LEU E 198 -1.37 5.88 9.80
C LEU E 198 -1.93 4.92 8.76
N MET E 199 -1.39 3.69 8.69
CA MET E 199 -1.95 2.71 7.76
C MET E 199 -3.31 2.20 8.24
N ALA E 200 -3.46 2.00 9.54
CA ALA E 200 -4.74 1.53 10.09
C ALA E 200 -5.80 2.62 10.03
N LEU E 201 -5.38 3.88 10.06
CA LEU E 201 -6.32 5.00 9.99
C LEU E 201 -6.85 5.17 8.57
N HIS E 202 -6.02 4.89 7.56
CA HIS E 202 -6.42 5.01 6.17
C HIS E 202 -7.50 4.01 5.78
N ILE E 203 -7.61 2.90 6.51
CA ILE E 203 -8.56 1.85 6.17
C ILE E 203 -9.99 2.29 6.48
N HIS E 204 -10.21 2.88 7.65
CA HIS E 204 -11.55 3.24 8.08
C HIS E 204 -11.84 4.73 8.12
N GLY E 205 -10.83 5.58 8.11
CA GLY E 205 -11.04 7.00 8.24
C GLY E 205 -11.23 7.43 9.69
N SER E 206 -11.57 8.70 9.85
CA SER E 206 -11.79 9.28 11.17
C SER E 206 -13.26 9.22 11.57
N SER E 207 -13.48 9.33 12.88
CA SER E 207 -14.82 9.51 13.42
C SER E 207 -15.17 10.99 13.42
N ASN E 208 -16.33 11.33 13.96
CA ASN E 208 -16.85 12.68 13.98
C ASN E 208 -17.51 12.92 15.33
N PRO E 209 -17.69 14.19 15.74
CA PRO E 209 -18.21 14.45 17.10
C PRO E 209 -19.68 14.10 17.33
N LEU E 210 -20.44 13.73 16.30
CA LEU E 210 -21.81 13.28 16.53
C LEU E 210 -21.90 11.78 16.79
N GLY E 211 -20.87 11.01 16.46
CA GLY E 211 -20.83 9.60 16.73
C GLY E 211 -21.43 8.71 15.65
N ILE E 212 -22.00 9.30 14.60
CA ILE E 212 -22.74 8.54 13.59
C ILE E 212 -21.94 8.57 12.30
N THR E 213 -22.48 7.93 11.25
CA THR E 213 -21.72 7.72 10.02
C THR E 213 -21.40 9.02 9.29
N GLY E 214 -20.21 9.08 8.72
CA GLY E 214 -19.74 10.22 7.95
C GLY E 214 -19.72 10.02 6.46
N ASN E 215 -20.24 8.90 5.96
CA ASN E 215 -20.15 8.56 4.55
C ASN E 215 -21.07 9.38 3.66
N LEU E 216 -21.95 10.20 4.23
CA LEU E 216 -22.95 10.93 3.45
C LEU E 216 -22.50 12.33 3.06
N ASP E 217 -21.48 12.89 3.72
CA ASP E 217 -21.05 14.26 3.43
C ASP E 217 -19.55 14.37 3.74
N ARG E 218 -18.73 14.30 2.70
CA ARG E 218 -17.28 14.38 2.84
C ARG E 218 -16.73 15.54 2.03
N ILE E 219 -15.66 16.15 2.54
CA ILE E 219 -14.92 17.17 1.83
C ILE E 219 -13.45 16.76 1.79
N PRO E 220 -12.70 17.08 0.73
CA PRO E 220 -11.30 16.65 0.66
C PRO E 220 -10.39 17.45 1.58
N MET E 221 -9.22 16.86 1.85
CA MET E 221 -8.30 17.40 2.84
C MET E 221 -7.67 18.71 2.40
N HIS E 222 -7.31 18.83 1.11
CA HIS E 222 -6.49 19.92 0.65
C HIS E 222 -7.28 21.22 0.54
N SER E 223 -6.71 22.28 1.15
CA SER E 223 -7.11 23.70 1.25
C SER E 223 -8.25 23.93 2.23
N TYR E 224 -8.84 22.89 2.83
CA TYR E 224 -9.79 23.10 3.91
C TYR E 224 -9.20 22.74 5.26
N PHE E 225 -8.69 21.53 5.40
CA PHE E 225 -8.06 21.11 6.65
C PHE E 225 -6.56 21.33 6.63
N ILE E 226 -5.98 21.65 5.48
CA ILE E 226 -4.60 22.15 5.43
C ILE E 226 -4.52 23.53 6.07
N PHE E 227 -5.47 24.41 5.72
CA PHE E 227 -5.48 25.76 6.28
C PHE E 227 -6.07 25.80 7.69
N LYS E 228 -6.90 24.82 8.07
CA LYS E 228 -7.30 24.72 9.46
C LYS E 228 -6.16 24.19 10.33
N ASP E 229 -5.26 23.39 9.75
CA ASP E 229 -4.10 22.92 10.49
C ASP E 229 -3.08 24.03 10.72
N LEU E 230 -3.05 25.04 9.85
CA LEU E 230 -2.08 26.12 9.99
C LEU E 230 -2.39 27.02 11.17
N VAL E 231 -3.66 27.09 11.58
CA VAL E 231 -4.05 27.93 12.71
C VAL E 231 -3.47 27.38 14.01
N THR E 232 -3.56 26.06 14.21
CA THR E 232 -3.04 25.48 15.43
C THR E 232 -1.54 25.24 15.40
N VAL E 233 -0.92 25.21 14.22
CA VAL E 233 0.54 25.10 14.14
C VAL E 233 1.19 26.41 14.60
N PHE E 234 0.65 27.55 14.18
CA PHE E 234 1.23 28.83 14.56
C PHE E 234 0.94 29.19 16.02
N LEU E 235 -0.19 28.75 16.56
CA LEU E 235 -0.47 28.99 17.98
C LEU E 235 0.44 28.14 18.86
N PHE E 236 0.71 26.91 18.42
CA PHE E 236 1.64 26.03 19.14
C PHE E 236 3.04 26.60 19.17
N MET E 237 3.52 27.11 18.04
CA MET E 237 4.89 27.64 17.96
C MET E 237 5.04 28.93 18.76
N LEU E 238 3.98 29.74 18.84
CA LEU E 238 4.03 30.99 19.58
C LEU E 238 4.14 30.74 21.09
N ILE E 239 3.36 29.80 21.61
CA ILE E 239 3.40 29.50 23.05
C ILE E 239 4.71 28.79 23.41
N LEU E 240 5.23 27.95 22.51
CA LEU E 240 6.53 27.32 22.73
C LEU E 240 7.67 28.33 22.70
N ALA E 241 7.57 29.37 21.86
CA ALA E 241 8.59 30.39 21.82
C ALA E 241 8.58 31.28 23.06
N LEU E 242 7.41 31.45 23.68
CA LEU E 242 7.35 32.22 24.92
C LEU E 242 8.01 31.50 26.08
N PHE E 243 8.03 30.17 26.06
CA PHE E 243 8.70 29.42 27.10
C PHE E 243 10.20 29.32 26.84
N VAL E 244 10.62 29.20 25.58
CA VAL E 244 12.03 28.99 25.28
C VAL E 244 12.85 30.25 25.52
N PHE E 245 12.29 31.42 25.20
CA PHE E 245 13.05 32.66 25.28
C PHE E 245 12.79 33.48 26.55
N TYR E 246 11.63 33.35 27.18
CA TYR E 246 11.27 34.22 28.28
C TYR E 246 11.17 33.55 29.64
N SER E 247 10.97 32.24 29.70
CA SER E 247 10.89 31.52 30.98
C SER E 247 11.36 30.08 30.79
N PRO E 248 12.66 29.87 30.56
CA PRO E 248 13.13 28.56 30.09
C PRO E 248 13.33 27.49 31.15
N ASN E 249 13.25 27.83 32.44
CA ASN E 249 13.49 26.87 33.51
C ASN E 249 12.30 26.73 34.44
N THR E 250 11.10 27.10 33.98
CA THR E 250 9.90 27.01 34.82
C THR E 250 9.45 25.55 34.95
N LEU E 251 9.54 24.77 33.89
CA LEU E 251 9.08 23.38 33.88
C LEU E 251 10.17 22.38 34.26
N GLY E 252 11.17 22.79 35.04
CA GLY E 252 12.23 21.90 35.47
C GLY E 252 12.53 21.98 36.95
N HIS E 253 13.55 21.26 37.40
CA HIS E 253 13.91 21.24 38.81
C HIS E 253 15.30 21.83 39.01
N PRO E 254 15.50 22.73 39.98
CA PRO E 254 16.81 23.36 40.16
C PRO E 254 17.89 22.43 40.70
N ASP E 255 17.52 21.26 41.24
CA ASP E 255 18.52 20.28 41.68
C ASP E 255 19.25 19.61 40.54
N ASN E 256 18.80 19.76 39.30
CA ASN E 256 19.43 19.13 38.16
C ASN E 256 20.59 19.97 37.63
N TYR E 257 20.85 21.14 38.22
CA TYR E 257 22.04 21.95 37.96
C TYR E 257 23.14 21.70 38.97
N ILE E 258 22.96 20.72 39.86
CA ILE E 258 24.02 20.21 40.71
C ILE E 258 24.52 18.91 40.09
N PRO E 259 25.83 18.70 39.95
CA PRO E 259 26.33 17.44 39.40
C PRO E 259 26.04 16.25 40.30
N GLY E 260 25.83 15.10 39.67
CA GLY E 260 25.47 13.87 40.36
C GLY E 260 26.48 13.38 41.37
N ASN E 261 26.02 13.15 42.60
CA ASN E 261 26.86 12.74 43.71
C ASN E 261 26.25 11.51 44.34
N PRO E 262 26.87 10.34 44.22
CA PRO E 262 26.30 9.11 44.82
C PRO E 262 26.45 9.02 46.33
N LEU E 263 27.01 10.03 47.00
CA LEU E 263 27.15 10.02 48.44
C LEU E 263 26.21 10.99 49.16
N VAL E 264 25.55 11.88 48.43
CA VAL E 264 24.65 12.87 49.04
C VAL E 264 23.27 12.68 48.44
N THR E 265 22.33 12.37 49.28
CA THR E 265 20.94 12.23 48.88
C THR E 265 20.24 13.58 48.93
N PRO E 266 19.45 13.93 47.90
CA PRO E 266 18.66 15.16 47.97
C PRO E 266 17.53 15.05 48.97
N ALA E 267 17.03 16.21 49.39
CA ALA E 267 15.95 16.27 50.37
C ALA E 267 14.62 15.76 49.80
N SER E 268 14.46 15.85 48.48
CA SER E 268 13.22 15.39 47.84
C SER E 268 13.56 14.90 46.45
N ILE E 269 13.04 13.73 46.08
CA ILE E 269 13.29 13.13 44.79
C ILE E 269 11.99 13.17 44.00
N VAL E 270 11.91 14.05 43.01
CA VAL E 270 10.68 14.36 42.30
C VAL E 270 10.91 14.16 40.81
N PRO E 271 10.04 13.48 40.09
CA PRO E 271 10.15 13.39 38.63
C PRO E 271 9.64 14.66 37.95
N GLU E 272 9.75 14.66 36.62
CA GLU E 272 9.10 15.69 35.81
C GLU E 272 7.58 15.57 35.93
N TRP E 273 6.88 16.66 35.58
CA TRP E 273 5.46 16.80 35.87
C TRP E 273 4.61 15.77 35.13
N TYR E 274 5.02 15.35 33.94
CA TYR E 274 4.21 14.42 33.16
C TYR E 274 4.33 12.97 33.60
N LEU E 275 5.26 12.66 34.53
CA LEU E 275 5.34 11.33 35.12
C LEU E 275 4.91 11.32 36.58
N LEU E 276 4.45 12.44 37.11
CA LEU E 276 4.00 12.50 38.51
C LEU E 276 2.77 11.66 38.87
N PRO E 277 1.72 11.48 38.04
CA PRO E 277 0.63 10.59 38.48
C PRO E 277 1.02 9.11 38.58
N PHE E 278 1.91 8.63 37.73
CA PHE E 278 2.36 7.24 37.84
C PHE E 278 3.30 7.04 39.01
N TYR E 279 3.95 8.10 39.48
CA TYR E 279 4.81 8.02 40.66
C TYR E 279 3.99 7.91 41.93
N ALA E 280 2.81 8.54 41.98
CA ALA E 280 1.95 8.49 43.16
C ALA E 280 1.21 7.17 43.29
N ILE E 281 0.93 6.51 42.16
CA ILE E 281 0.31 5.19 42.18
C ILE E 281 1.28 4.16 42.76
N LEU E 282 2.57 4.29 42.43
CA LEU E 282 3.58 3.36 42.93
C LEU E 282 3.79 3.48 44.43
N ARG E 283 3.77 4.70 44.96
CA ARG E 283 3.99 4.93 46.39
C ARG E 283 2.78 4.60 47.26
N SER E 284 1.66 4.19 46.68
CA SER E 284 0.46 3.90 47.45
C SER E 284 0.30 2.43 47.79
N ILE E 285 1.15 1.56 47.26
CA ILE E 285 1.15 0.14 47.57
C ILE E 285 2.35 -0.13 48.48
N PRO E 286 2.15 -0.65 49.70
CA PRO E 286 3.30 -0.83 50.60
C PRO E 286 4.23 -1.96 50.22
N ASP E 287 3.72 -3.05 49.66
CA ASP E 287 4.58 -4.13 49.18
C ASP E 287 5.28 -3.72 47.91
N LYS E 288 6.57 -4.06 47.81
CA LYS E 288 7.40 -3.56 46.71
C LYS E 288 7.14 -4.29 45.39
N LEU E 289 6.77 -5.56 45.44
CA LEU E 289 6.50 -6.30 44.20
C LEU E 289 5.14 -5.93 43.62
N LEU E 290 4.13 -5.76 44.47
CA LEU E 290 2.82 -5.36 43.99
C LEU E 290 2.77 -3.90 43.56
N GLY E 291 3.70 -3.07 44.04
CA GLY E 291 3.72 -1.68 43.64
C GLY E 291 4.21 -1.47 42.22
N VAL E 292 5.17 -2.30 41.78
CA VAL E 292 5.69 -2.14 40.42
C VAL E 292 4.75 -2.79 39.41
N ILE E 293 3.96 -3.78 39.84
CA ILE E 293 2.97 -4.40 38.96
C ILE E 293 1.80 -3.44 38.74
N THR E 294 1.35 -2.78 39.80
CA THR E 294 0.27 -1.79 39.70
C THR E 294 0.69 -0.57 38.89
N MET E 295 1.98 -0.22 38.92
CA MET E 295 2.48 0.91 38.16
C MET E 295 2.43 0.65 36.66
N PHE E 296 2.75 -0.57 36.24
CA PHE E 296 2.66 -0.94 34.83
C PHE E 296 1.24 -1.31 34.41
N ALA E 297 0.37 -1.67 35.36
CA ALA E 297 -1.02 -1.94 35.04
C ALA E 297 -1.80 -0.67 34.74
N ALA E 298 -1.31 0.49 35.18
CA ALA E 298 -1.98 1.75 34.92
C ALA E 298 -1.93 2.16 33.46
N ILE E 299 -0.97 1.65 32.70
CA ILE E 299 -0.94 1.87 31.26
C ILE E 299 -1.68 0.77 30.51
N LEU E 300 -1.52 -0.48 30.93
CA LEU E 300 -2.11 -1.61 30.22
C LEU E 300 -3.63 -1.72 30.42
N VAL E 301 -4.21 -0.99 31.38
CA VAL E 301 -5.66 -1.02 31.58
C VAL E 301 -6.41 -0.24 30.52
N LEU E 302 -5.70 0.53 29.69
CA LEU E 302 -6.33 1.20 28.55
C LEU E 302 -6.84 0.21 27.50
N LEU E 303 -6.30 -1.01 27.47
CA LEU E 303 -6.71 -2.02 26.50
C LEU E 303 -8.04 -2.69 26.81
N VAL E 304 -8.59 -2.53 28.03
CA VAL E 304 -9.86 -3.17 28.36
C VAL E 304 -11.08 -2.36 27.93
N LEU E 305 -10.89 -1.10 27.52
CA LEU E 305 -12.02 -0.24 27.18
C LEU E 305 -12.87 -0.67 25.98
N PRO E 306 -12.36 -1.31 24.91
CA PRO E 306 -13.29 -1.86 23.90
C PRO E 306 -14.22 -2.96 24.39
N PHE E 307 -13.93 -3.59 25.53
CA PHE E 307 -14.76 -4.66 26.03
C PHE E 307 -15.64 -4.27 27.21
N THR E 308 -15.33 -3.20 27.92
CA THR E 308 -16.14 -2.79 29.07
C THR E 308 -17.17 -1.71 28.74
N ASP E 309 -17.07 -1.06 27.59
CA ASP E 309 -18.11 -0.13 27.14
C ASP E 309 -19.25 -0.92 26.53
N ARG E 310 -20.44 -0.83 27.13
CA ARG E 310 -21.60 -1.63 26.75
C ARG E 310 -22.65 -0.84 25.97
N SER E 311 -22.41 0.43 25.69
CA SER E 311 -23.40 1.28 25.06
C SER E 311 -23.60 0.93 23.59
N VAL E 312 -24.81 1.17 23.09
CA VAL E 312 -25.08 1.02 21.66
C VAL E 312 -24.86 2.32 20.89
N VAL E 313 -24.42 3.38 21.56
CA VAL E 313 -24.14 4.67 20.95
C VAL E 313 -22.65 4.97 21.15
N ARG E 314 -21.99 5.45 20.10
CA ARG E 314 -20.57 5.82 20.15
C ARG E 314 -20.42 7.29 20.58
N GLY E 315 -19.74 7.51 21.69
CA GLY E 315 -19.38 8.85 22.13
C GLY E 315 -20.21 9.32 23.32
N ASN E 316 -19.82 10.50 23.84
CA ASN E 316 -20.39 11.06 25.06
C ASN E 316 -21.27 12.29 24.81
N THR E 317 -21.59 12.61 23.55
CA THR E 317 -22.25 13.87 23.23
C THR E 317 -23.69 13.92 23.76
N PHE E 318 -24.41 12.79 23.71
CA PHE E 318 -25.81 12.76 24.12
C PHE E 318 -26.03 11.98 25.42
N LYS E 319 -25.02 11.87 26.28
CA LYS E 319 -25.10 11.09 27.51
C LYS E 319 -24.71 11.98 28.69
N VAL E 320 -25.65 12.28 29.57
CA VAL E 320 -25.35 13.22 30.65
C VAL E 320 -24.62 12.54 31.80
N LEU E 321 -24.84 11.24 32.04
CA LEU E 321 -24.15 10.57 33.12
C LEU E 321 -22.71 10.22 32.75
N SER E 322 -22.47 9.89 31.49
CA SER E 322 -21.11 9.63 31.04
C SER E 322 -20.28 10.90 30.94
N LYS E 323 -20.94 12.04 30.72
CA LYS E 323 -20.23 13.32 30.74
C LYS E 323 -19.73 13.67 32.13
N PHE E 324 -20.55 13.40 33.15
CA PHE E 324 -20.20 13.73 34.53
C PHE E 324 -19.01 12.92 35.02
N PHE E 325 -19.01 11.60 34.75
CA PHE E 325 -17.96 10.74 35.26
C PHE E 325 -16.68 10.81 34.43
N PHE E 326 -16.76 11.33 33.20
CA PHE E 326 -15.54 11.59 32.44
C PHE E 326 -14.72 12.71 33.10
N PHE E 327 -15.38 13.77 33.55
CA PHE E 327 -14.65 14.87 34.18
C PHE E 327 -14.27 14.58 35.62
N ILE E 328 -14.93 13.61 36.26
CA ILE E 328 -14.44 13.09 37.53
C ILE E 328 -13.08 12.41 37.33
N PHE E 329 -12.95 11.66 36.23
CA PHE E 329 -11.70 10.96 35.93
C PHE E 329 -10.58 11.95 35.55
N VAL E 330 -10.93 13.09 34.96
CA VAL E 330 -9.91 14.04 34.53
C VAL E 330 -9.30 14.76 35.73
N PHE E 331 -10.14 15.22 36.67
CA PHE E 331 -9.62 15.91 37.84
C PHE E 331 -9.01 14.98 38.87
N ASN E 332 -9.34 13.69 38.81
CA ASN E 332 -8.64 12.68 39.61
C ASN E 332 -7.21 12.48 39.14
N PHE E 333 -6.98 12.60 37.83
CA PHE E 333 -5.62 12.49 37.27
C PHE E 333 -4.75 13.67 37.66
N VAL E 334 -5.34 14.87 37.78
CA VAL E 334 -4.59 16.05 38.20
C VAL E 334 -4.24 15.96 39.68
N LEU E 335 -5.15 15.42 40.49
CA LEU E 335 -4.89 15.28 41.92
C LEU E 335 -3.79 14.25 42.19
N LEU E 336 -3.74 13.17 41.40
CA LEU E 336 -2.67 12.18 41.55
C LEU E 336 -1.30 12.76 41.19
N GLY E 337 -1.25 13.70 40.25
CA GLY E 337 0.02 14.36 39.96
C GLY E 337 0.48 15.27 41.08
N GLN E 338 -0.45 15.88 41.79
CA GLN E 338 -0.12 16.76 42.91
C GLN E 338 0.32 15.98 44.14
N ILE E 339 -0.27 14.81 44.38
CA ILE E 339 0.13 13.95 45.49
C ILE E 339 1.54 13.40 45.27
N GLY E 340 1.90 13.10 44.02
CA GLY E 340 3.22 12.59 43.68
C GLY E 340 4.36 13.57 43.89
N ALA E 341 4.07 14.86 44.10
CA ALA E 341 5.07 15.86 44.39
C ALA E 341 5.14 16.24 45.86
N CYS E 342 4.34 15.62 46.71
CA CYS E 342 4.35 15.88 48.15
C CYS E 342 5.21 14.86 48.88
N HIS E 343 5.47 15.15 50.16
CA HIS E 343 6.15 14.20 51.02
C HIS E 343 5.20 13.08 51.45
N VAL E 344 5.77 12.00 51.94
CA VAL E 344 4.97 10.88 52.46
C VAL E 344 4.52 11.27 53.87
N GLU E 345 3.36 11.90 53.97
CA GLU E 345 2.90 12.48 55.22
C GLU E 345 1.39 12.33 55.31
N VAL E 346 0.89 12.36 56.54
CA VAL E 346 -0.55 12.46 56.80
C VAL E 346 -1.04 13.84 56.38
N PRO E 347 -2.15 13.97 55.64
CA PRO E 347 -3.07 12.95 55.12
C PRO E 347 -2.89 12.61 53.64
N TYR E 348 -1.72 12.88 53.07
CA TYR E 348 -1.52 12.62 51.65
C TYR E 348 -1.39 11.13 51.33
N VAL E 349 -1.12 10.29 52.34
CA VAL E 349 -0.96 8.86 52.10
C VAL E 349 -2.31 8.20 51.82
N LEU E 350 -3.32 8.52 52.63
CA LEU E 350 -4.66 7.98 52.40
C LEU E 350 -5.32 8.59 51.17
N MET E 351 -5.05 9.87 50.89
CA MET E 351 -5.63 10.52 49.72
C MET E 351 -5.12 9.91 48.43
N GLY E 352 -3.85 9.49 48.41
CA GLY E 352 -3.30 8.84 47.23
C GLY E 352 -3.82 7.43 47.05
N GLN E 353 -4.21 6.76 48.13
CA GLN E 353 -4.75 5.41 48.03
C GLN E 353 -6.18 5.41 47.54
N ILE E 354 -6.97 6.42 47.90
CA ILE E 354 -8.34 6.53 47.41
C ILE E 354 -8.34 6.95 45.94
N ALA E 355 -7.44 7.85 45.56
CA ALA E 355 -7.36 8.31 44.16
C ALA E 355 -6.82 7.22 43.24
N THR E 356 -5.99 6.31 43.77
CA THR E 356 -5.54 5.17 42.98
C THR E 356 -6.70 4.21 42.70
N PHE E 357 -7.58 4.02 43.68
CA PHE E 357 -8.74 3.16 43.49
C PHE E 357 -9.72 3.73 42.48
N ILE E 358 -9.91 5.05 42.50
CA ILE E 358 -10.84 5.71 41.58
C ILE E 358 -10.34 5.62 40.13
N TYR E 359 -9.02 5.61 39.93
CA TYR E 359 -8.44 5.46 38.60
C TYR E 359 -8.78 4.12 37.98
N PHE E 360 -8.59 3.03 38.73
CA PHE E 360 -8.85 1.70 38.20
C PHE E 360 -10.34 1.36 38.18
N ALA E 361 -11.14 1.95 39.06
CA ALA E 361 -12.57 1.68 39.09
C ALA E 361 -13.33 2.34 37.95
N TYR E 362 -12.73 3.34 37.30
CA TYR E 362 -13.37 3.97 36.16
C TYR E 362 -13.43 3.02 34.96
N PHE E 363 -12.34 2.31 34.69
CA PHE E 363 -12.28 1.43 33.54
C PHE E 363 -13.03 0.12 33.76
N LEU E 364 -13.10 -0.37 34.99
CA LEU E 364 -13.58 -1.72 35.25
C LEU E 364 -14.94 -1.79 35.92
N ILE E 365 -15.41 -0.73 36.57
CA ILE E 365 -16.67 -0.75 37.31
C ILE E 365 -17.63 0.33 36.79
N ILE E 366 -17.14 1.58 36.66
CA ILE E 366 -18.03 2.71 36.42
C ILE E 366 -18.54 2.70 34.97
N VAL E 367 -17.63 2.49 34.01
CA VAL E 367 -18.03 2.50 32.60
C VAL E 367 -19.02 1.39 32.22
N PRO E 368 -18.84 0.11 32.63
CA PRO E 368 -19.88 -0.88 32.27
C PRO E 368 -21.19 -0.72 33.02
N VAL E 369 -21.21 -0.14 34.22
CA VAL E 369 -22.47 0.00 34.94
C VAL E 369 -23.28 1.18 34.42
N ILE E 370 -22.62 2.33 34.17
CA ILE E 370 -23.32 3.54 33.74
C ILE E 370 -23.83 3.39 32.31
N SER E 371 -23.05 2.76 31.43
CA SER E 371 -23.48 2.59 30.05
C SER E 371 -24.58 1.55 29.89
N THR E 372 -24.73 0.63 30.84
CA THR E 372 -25.87 -0.28 30.85
C THR E 372 -27.14 0.44 31.26
N ILE E 373 -27.04 1.35 32.24
CA ILE E 373 -28.20 2.11 32.72
C ILE E 373 -28.67 3.08 31.64
N GLU E 374 -27.74 3.69 30.90
CA GLU E 374 -28.14 4.63 29.86
C GLU E 374 -28.76 3.94 28.65
N ASN E 375 -28.44 2.66 28.43
CA ASN E 375 -29.15 1.88 27.40
C ASN E 375 -30.63 1.72 27.74
N VAL E 376 -30.94 1.49 29.02
CA VAL E 376 -32.31 1.20 29.44
C VAL E 376 -33.14 2.48 29.53
N LEU E 377 -32.53 3.61 29.92
CA LEU E 377 -33.25 4.87 30.02
C LEU E 377 -33.67 5.40 28.66
N PHE E 378 -32.88 5.14 27.62
CA PHE E 378 -33.26 5.53 26.27
C PHE E 378 -34.45 4.71 25.78
N TYR E 379 -34.53 3.44 26.19
CA TYR E 379 -35.61 2.55 25.75
C TYR E 379 -36.94 2.94 26.39
N ILE E 380 -36.99 2.97 27.73
CA ILE E 380 -38.27 3.14 28.42
C ILE E 380 -38.80 4.57 28.37
N GLY E 381 -37.97 5.54 27.97
CA GLY E 381 -38.44 6.88 27.73
C GLY E 381 -39.14 7.09 26.41
N ARG E 382 -39.16 6.08 25.54
CA ARG E 382 -39.80 6.17 24.24
C ARG E 382 -40.87 5.11 24.01
N VAL E 383 -40.67 3.90 24.53
CA VAL E 383 -41.55 2.78 24.20
C VAL E 383 -42.81 2.85 25.06
N ASN E 384 -43.97 2.81 24.41
CA ASN E 384 -45.26 2.85 25.09
C ASN E 384 -45.66 1.42 25.46
N LYS E 385 -45.60 1.11 26.75
CA LYS E 385 -46.00 -0.22 27.22
C LYS E 385 -46.66 -0.12 28.59
N LYS F 1 -1.08 -36.15 -30.30
CA LYS F 1 -1.77 -37.41 -30.00
C LYS F 1 -2.80 -37.22 -28.88
N SER F 2 -3.30 -38.33 -28.34
CA SER F 2 -4.37 -38.27 -27.35
C SER F 2 -3.86 -37.75 -26.01
N THR F 3 -4.64 -36.87 -25.39
CA THR F 3 -4.28 -36.32 -24.08
C THR F 3 -4.40 -37.33 -22.95
N TYR F 4 -5.08 -38.46 -23.17
CA TYR F 4 -5.13 -39.53 -22.18
C TYR F 4 -3.84 -40.34 -22.10
N ARG F 5 -2.93 -40.19 -23.06
CA ARG F 5 -1.64 -40.85 -23.02
C ARG F 5 -0.65 -40.00 -22.23
N THR F 6 -0.15 -40.53 -21.15
CA THR F 6 0.80 -39.84 -20.27
C THR F 6 2.22 -40.08 -20.78
N PRO F 7 3.06 -39.04 -20.86
CA PRO F 7 4.44 -39.23 -21.35
C PRO F 7 5.30 -40.05 -20.38
N ASN F 8 6.49 -40.39 -20.86
CA ASN F 8 7.37 -41.34 -20.19
C ASN F 8 8.06 -40.69 -19.00
N PHE F 9 7.80 -41.21 -17.80
CA PHE F 9 8.39 -40.70 -16.56
C PHE F 9 9.29 -41.74 -15.89
N ASP F 10 9.80 -42.71 -16.64
CA ASP F 10 10.37 -43.90 -16.03
C ASP F 10 11.79 -43.72 -15.53
N ASP F 11 12.53 -42.72 -16.03
CA ASP F 11 13.91 -42.52 -15.60
C ASP F 11 14.02 -41.75 -14.28
N VAL F 12 12.90 -41.36 -13.67
CA VAL F 12 12.91 -40.71 -12.37
C VAL F 12 12.07 -41.45 -11.33
N LEU F 13 11.27 -42.44 -11.74
CA LEU F 13 10.37 -43.10 -10.80
C LEU F 13 11.11 -44.19 -10.02
N LYS F 14 10.72 -44.35 -8.77
CA LYS F 14 11.30 -45.40 -7.93
C LYS F 14 10.76 -46.76 -8.35
N GLU F 15 11.58 -47.81 -8.11
CA GLU F 15 11.20 -49.15 -8.49
C GLU F 15 10.08 -49.67 -7.59
N ASN F 16 10.05 -49.22 -6.34
CA ASN F 16 8.97 -49.52 -5.41
C ASN F 16 8.64 -48.21 -4.69
N ASN F 17 7.38 -47.81 -4.73
CA ASN F 17 7.01 -46.49 -4.23
C ASN F 17 7.07 -46.44 -2.70
N ASP F 18 6.25 -47.26 -2.03
CA ASP F 18 6.37 -47.60 -0.60
C ASP F 18 6.32 -46.35 0.29
N ALA F 19 5.12 -45.75 0.31
CA ALA F 19 4.86 -44.39 0.82
C ALA F 19 5.34 -44.12 2.24
N ASP F 20 5.57 -45.15 3.05
CA ASP F 20 6.04 -44.94 4.41
C ASP F 20 7.57 -44.91 4.53
N LYS F 21 8.29 -45.09 3.42
CA LYS F 21 9.74 -44.89 3.41
C LYS F 21 10.14 -43.59 2.76
N GLY F 22 9.43 -43.17 1.70
CA GLY F 22 9.73 -41.89 1.07
C GLY F 22 9.39 -40.70 1.94
N ARG F 23 8.31 -40.79 2.72
CA ARG F 23 7.97 -39.70 3.63
C ARG F 23 8.92 -39.66 4.81
N SER F 24 9.42 -40.83 5.24
CA SER F 24 10.22 -40.91 6.45
C SER F 24 11.61 -40.30 6.27
N TYR F 25 12.19 -40.43 5.08
CA TYR F 25 13.53 -39.89 4.88
C TYR F 25 13.50 -38.39 4.61
N ALA F 26 12.44 -37.89 3.98
CA ALA F 26 12.34 -36.45 3.74
C ALA F 26 12.08 -35.68 5.03
N TYR F 27 11.33 -36.28 5.96
CA TYR F 27 11.06 -35.61 7.22
C TYR F 27 12.20 -35.75 8.22
N PHE F 28 13.14 -36.66 7.97
CA PHE F 28 14.35 -36.72 8.78
C PHE F 28 15.27 -35.54 8.48
N MET F 29 15.36 -35.15 7.21
CA MET F 29 16.28 -34.08 6.82
C MET F 29 15.71 -32.71 7.15
N VAL F 30 14.39 -32.55 7.06
CA VAL F 30 13.77 -31.29 7.46
C VAL F 30 13.79 -31.15 8.97
N GLY F 31 13.65 -32.26 9.69
CA GLY F 31 13.70 -32.22 11.15
C GLY F 31 15.09 -31.98 11.69
N ALA F 32 16.11 -32.49 11.01
CA ALA F 32 17.49 -32.21 11.42
C ALA F 32 17.87 -30.76 11.17
N MET F 33 17.27 -30.11 10.16
CA MET F 33 17.57 -28.72 9.90
C MET F 33 16.94 -27.79 10.93
N GLY F 34 15.72 -28.08 11.37
CA GLY F 34 15.09 -27.29 12.41
C GLY F 34 15.73 -27.51 13.77
N LEU F 35 16.36 -28.67 13.97
CA LEU F 35 17.08 -28.95 15.20
C LEU F 35 18.35 -28.11 15.31
N LEU F 36 19.12 -28.03 14.22
CA LEU F 36 20.38 -27.29 14.25
C LEU F 36 20.16 -25.79 14.15
N SER F 37 19.09 -25.35 13.48
CA SER F 37 18.81 -23.92 13.38
C SER F 37 18.34 -23.33 14.70
N SER F 38 17.66 -24.14 15.53
CA SER F 38 17.20 -23.64 16.82
C SER F 38 18.34 -23.56 17.82
N ALA F 39 19.28 -24.51 17.75
CA ALA F 39 20.44 -24.46 18.64
C ALA F 39 21.42 -23.38 18.21
N GLY F 40 21.45 -23.03 16.93
CA GLY F 40 22.31 -21.98 16.45
C GLY F 40 21.78 -20.60 16.75
N ALA F 41 20.46 -20.43 16.66
CA ALA F 41 19.84 -19.14 16.97
C ALA F 41 19.85 -18.86 18.46
N LYS F 42 19.87 -19.90 19.29
CA LYS F 42 19.86 -19.69 20.73
C LYS F 42 21.20 -19.19 21.23
N SER F 43 22.30 -19.77 20.73
CA SER F 43 23.63 -19.32 21.16
C SER F 43 23.95 -17.94 20.62
N THR F 44 23.35 -17.58 19.48
CA THR F 44 23.57 -16.27 18.88
C THR F 44 22.99 -15.16 19.76
N VAL F 45 21.79 -15.35 20.29
CA VAL F 45 21.17 -14.35 21.15
C VAL F 45 21.90 -14.24 22.47
N GLU F 46 22.36 -15.37 23.02
CA GLU F 46 23.11 -15.36 24.27
C GLU F 46 24.50 -14.75 24.14
N THR F 47 25.07 -14.73 22.94
CA THR F 47 26.33 -14.01 22.75
C THR F 47 26.12 -12.50 22.81
N PHE F 48 25.04 -12.01 22.21
CA PHE F 48 24.76 -10.57 22.22
C PHE F 48 24.30 -10.10 23.59
N ILE F 49 23.52 -10.93 24.31
CA ILE F 49 22.96 -10.52 25.59
C ILE F 49 24.04 -10.47 26.67
N SER F 50 24.96 -11.44 26.66
CA SER F 50 26.00 -11.50 27.67
C SER F 50 27.07 -10.42 27.50
N SER F 51 27.09 -9.71 26.37
CA SER F 51 27.99 -8.57 26.22
C SER F 51 27.57 -7.36 27.03
N MET F 52 26.36 -7.36 27.59
CA MET F 52 25.89 -6.30 28.46
C MET F 52 26.14 -6.57 29.94
N THR F 53 26.70 -7.72 30.29
CA THR F 53 27.10 -7.93 31.68
C THR F 53 28.40 -7.18 31.97
N ALA F 54 28.78 -7.17 33.25
CA ALA F 54 29.88 -6.33 33.72
C ALA F 54 31.21 -6.74 33.12
N THR F 55 31.99 -5.76 32.69
CA THR F 55 33.23 -5.99 31.98
C THR F 55 34.32 -6.44 32.96
N ALA F 56 35.48 -6.80 32.39
CA ALA F 56 36.55 -7.40 33.18
C ALA F 56 37.22 -6.40 34.10
N ASP F 57 37.24 -5.13 33.73
CA ASP F 57 37.79 -4.09 34.60
C ASP F 57 36.84 -3.68 35.70
N VAL F 58 35.52 -3.86 35.50
CA VAL F 58 34.56 -3.57 36.54
C VAL F 58 34.58 -4.67 37.61
N LEU F 59 34.72 -5.92 37.19
CA LEU F 59 34.76 -7.05 38.13
C LEU F 59 36.04 -7.06 38.95
N ALA F 60 37.11 -6.42 38.49
CA ALA F 60 38.36 -6.39 39.23
C ALA F 60 38.32 -5.44 40.42
N MET F 61 37.38 -4.49 40.45
CA MET F 61 37.18 -3.62 41.58
C MET F 61 36.01 -4.07 42.47
N ALA F 62 35.64 -5.35 42.41
CA ALA F 62 34.55 -5.84 43.24
C ALA F 62 35.00 -6.11 44.67
N LYS F 63 36.29 -6.33 44.90
CA LYS F 63 36.82 -6.66 46.21
C LYS F 63 37.77 -5.58 46.67
N VAL F 64 37.85 -5.40 47.98
CA VAL F 64 38.78 -4.47 48.61
C VAL F 64 39.58 -5.22 49.67
N GLU F 65 40.91 -5.13 49.56
CA GLU F 65 41.83 -5.74 50.51
C GLU F 65 42.64 -4.65 51.19
N VAL F 66 42.35 -4.39 52.46
CA VAL F 66 43.19 -3.58 53.31
C VAL F 66 43.62 -4.45 54.49
N ASN F 67 44.90 -4.35 54.85
CA ASN F 67 45.42 -5.16 55.95
C ASN F 67 45.10 -4.51 57.30
N LEU F 68 45.34 -5.27 58.37
CA LEU F 68 44.69 -5.00 59.66
C LEU F 68 45.31 -3.82 60.40
N ALA F 69 46.65 -3.71 60.39
CA ALA F 69 47.34 -2.76 61.25
C ALA F 69 47.16 -1.30 60.82
N ALA F 70 46.66 -1.04 59.61
CA ALA F 70 46.64 0.32 59.11
C ALA F 70 45.42 1.11 59.55
N ILE F 71 44.39 0.44 60.08
CA ILE F 71 43.12 1.10 60.38
C ILE F 71 43.20 1.83 61.71
N PRO F 72 42.85 3.12 61.77
CA PRO F 72 42.79 3.82 63.07
C PRO F 72 41.45 3.67 63.75
N LEU F 73 41.36 4.01 65.04
CA LEU F 73 40.19 3.69 65.83
C LEU F 73 39.20 4.86 65.94
N GLY F 74 39.71 6.07 66.16
CA GLY F 74 38.85 7.23 66.33
C GLY F 74 38.52 7.96 65.05
N LYS F 75 39.12 7.55 63.93
CA LYS F 75 38.87 8.18 62.63
C LYS F 75 38.27 7.15 61.69
N ASN F 76 37.61 7.66 60.65
CA ASN F 76 36.70 6.87 59.81
C ASN F 76 37.38 6.53 58.49
N VAL F 77 37.21 5.28 58.07
CA VAL F 77 37.86 4.75 56.87
C VAL F 77 36.75 4.40 55.89
N VAL F 78 35.73 5.24 55.81
CA VAL F 78 34.58 5.02 54.92
C VAL F 78 35.05 4.96 53.47
N VAL F 79 34.68 3.88 52.79
CA VAL F 79 34.99 3.68 51.38
C VAL F 79 33.68 3.65 50.61
N LYS F 80 33.74 3.99 49.33
CA LYS F 80 32.63 3.86 48.40
C LYS F 80 32.72 2.58 47.58
N TRP F 81 33.14 1.48 48.24
CA TRP F 81 33.26 0.13 47.67
C TRP F 81 31.99 -0.31 46.95
N GLN F 82 32.12 -0.56 45.65
CA GLN F 82 31.03 -0.94 44.74
C GLN F 82 29.89 0.09 44.73
N GLY F 83 30.21 1.34 45.04
CA GLY F 83 29.17 2.36 45.20
C GLY F 83 28.34 2.23 46.45
N LYS F 84 28.92 1.73 47.55
CA LYS F 84 28.23 1.67 48.84
C LYS F 84 29.07 2.48 49.81
N PRO F 85 28.51 3.47 50.51
CA PRO F 85 29.25 4.08 51.63
C PRO F 85 29.25 3.17 52.86
N VAL F 86 30.44 2.85 53.34
CA VAL F 86 30.61 1.81 54.35
C VAL F 86 31.27 2.41 55.59
N PHE F 87 30.46 2.84 56.56
CA PHE F 87 30.93 3.60 57.73
C PHE F 87 31.48 2.65 58.78
N ILE F 88 32.79 2.43 58.74
CA ILE F 88 33.43 1.37 59.50
C ILE F 88 34.60 1.93 60.29
N ARG F 89 35.12 1.11 61.21
CA ARG F 89 35.91 1.56 62.34
C ARG F 89 36.88 0.45 62.75
N HIS F 90 37.95 0.82 63.46
CA HIS F 90 38.66 -0.09 64.34
C HIS F 90 38.00 0.04 65.71
N ARG F 91 37.39 -1.06 66.17
CA ARG F 91 36.59 -0.97 67.42
C ARG F 91 37.46 -0.98 68.66
N THR F 92 38.61 -1.68 68.63
CA THR F 92 39.38 -1.79 69.90
C THR F 92 38.34 -2.14 70.96
N PRO F 93 37.74 -3.35 70.95
CA PRO F 93 36.63 -3.72 71.84
C PRO F 93 36.02 -2.62 72.71
N HIS F 94 35.93 -2.84 74.03
CA HIS F 94 35.34 -1.85 74.97
C HIS F 94 33.83 -1.70 74.72
N GLU F 95 33.45 -1.04 73.62
CA GLU F 95 32.02 -0.81 73.32
C GLU F 95 31.33 -2.16 73.06
N ILE F 96 32.07 -3.25 73.14
CA ILE F 96 31.51 -4.62 72.93
C ILE F 96 30.33 -4.81 73.88
N GLN F 97 30.33 -4.10 75.01
CA GLN F 97 29.23 -4.19 75.96
C GLN F 97 28.32 -2.97 75.88
N GLU F 98 28.52 -2.11 74.89
CA GLU F 98 27.67 -0.95 74.61
C GLU F 98 26.54 -1.30 73.65
N ALA F 99 26.17 -2.58 73.57
CA ALA F 99 25.07 -3.01 72.70
C ALA F 99 24.14 -4.05 73.30
N ASN F 100 24.39 -4.60 74.50
CA ASN F 100 23.41 -5.48 75.11
C ASN F 100 22.51 -4.76 76.10
N SER F 101 22.74 -3.47 76.32
CA SER F 101 22.07 -2.77 77.42
C SER F 101 20.63 -2.44 77.06
N VAL F 102 20.36 -2.19 75.78
CA VAL F 102 18.98 -2.17 75.31
C VAL F 102 18.65 -3.56 74.78
N ASP F 103 17.66 -4.20 75.38
CA ASP F 103 17.28 -5.55 75.06
C ASP F 103 16.38 -5.52 73.82
N MET F 104 15.84 -6.68 73.42
CA MET F 104 14.96 -6.71 72.24
C MET F 104 13.56 -6.16 72.55
N SER F 105 13.27 -5.80 73.81
CA SER F 105 12.00 -5.24 74.27
C SER F 105 11.63 -3.90 73.64
N ALA F 106 12.48 -3.33 72.79
CA ALA F 106 12.17 -2.10 72.08
C ALA F 106 12.12 -2.23 70.56
N LEU F 107 12.56 -3.35 69.99
CA LEU F 107 12.73 -3.43 68.54
C LEU F 107 12.23 -4.79 68.03
N LYS F 108 11.87 -4.81 66.76
CA LYS F 108 11.17 -5.91 66.12
C LYS F 108 12.06 -7.07 65.68
N ASP F 109 13.35 -6.86 65.46
CA ASP F 109 14.16 -7.93 64.87
C ASP F 109 14.76 -8.83 65.95
N PRO F 110 14.70 -10.15 65.80
CA PRO F 110 15.51 -11.06 66.65
C PRO F 110 16.99 -10.98 66.28
N GLN F 111 17.61 -9.86 66.62
CA GLN F 111 19.03 -9.66 66.39
C GLN F 111 19.73 -9.38 67.71
N THR F 112 20.93 -9.93 67.85
CA THR F 112 21.80 -9.67 68.99
C THR F 112 23.20 -9.51 68.41
N ASP F 113 24.16 -9.09 69.26
CA ASP F 113 25.51 -8.77 68.81
C ASP F 113 26.25 -9.97 68.24
N ALA F 114 25.86 -11.18 68.65
CA ALA F 114 26.50 -12.39 68.13
C ALA F 114 26.17 -12.61 66.68
N ASP F 115 25.02 -12.10 66.22
CA ASP F 115 24.66 -12.13 64.81
C ASP F 115 25.06 -10.86 64.08
N ARG F 116 25.35 -9.78 64.81
CA ARG F 116 25.92 -8.57 64.22
C ARG F 116 27.30 -8.84 63.64
N VAL F 117 28.24 -9.19 64.51
CA VAL F 117 29.66 -9.23 64.20
C VAL F 117 30.15 -10.66 64.45
N LYS F 118 31.14 -11.09 63.67
CA LYS F 118 31.83 -12.34 63.90
C LYS F 118 32.81 -12.24 65.06
N ASP F 119 33.50 -11.11 65.16
CA ASP F 119 34.76 -10.99 65.88
C ASP F 119 34.73 -9.62 66.56
N PRO F 120 34.73 -9.58 67.89
CA PRO F 120 34.55 -8.30 68.60
C PRO F 120 35.73 -7.34 68.51
N GLN F 121 36.86 -7.77 67.96
CA GLN F 121 37.98 -6.84 67.75
C GLN F 121 37.66 -5.83 66.65
N TRP F 122 37.01 -6.27 65.57
CA TRP F 122 36.81 -5.45 64.38
C TRP F 122 35.33 -5.26 64.11
N LEU F 123 34.88 -4.01 64.14
CA LEU F 123 33.49 -3.63 63.91
C LEU F 123 33.31 -3.10 62.50
N ILE F 124 32.49 -3.82 61.72
CA ILE F 124 32.27 -3.48 60.31
C ILE F 124 30.81 -3.76 59.98
N MET F 125 30.10 -2.75 59.47
CA MET F 125 28.75 -2.90 58.96
C MET F 125 28.53 -1.85 57.88
N LEU F 126 27.57 -2.12 56.99
CA LEU F 126 27.36 -1.29 55.82
C LEU F 126 26.18 -0.35 56.02
N GLY F 127 26.24 0.80 55.36
CA GLY F 127 25.46 1.94 55.75
C GLY F 127 24.71 2.75 54.70
N ILE F 128 23.85 2.06 53.77
CA ILE F 128 23.34 2.93 52.69
C ILE F 128 22.16 3.77 53.19
N CYS F 129 20.99 3.10 53.35
CA CYS F 129 19.76 3.71 54.00
C CYS F 129 18.54 2.81 53.65
N THR F 130 17.60 2.66 54.60
CA THR F 130 16.57 1.53 54.44
C THR F 130 15.54 2.00 53.43
N HIS F 131 15.77 3.18 52.95
CA HIS F 131 14.88 3.79 51.98
C HIS F 131 15.62 4.35 50.77
N LEU F 132 16.52 5.32 50.96
CA LEU F 132 17.13 6.00 49.83
C LEU F 132 18.66 5.99 49.88
N GLY F 133 19.25 6.28 51.05
CA GLY F 133 20.70 6.24 51.13
C GLY F 133 21.53 7.39 51.69
N CYS F 134 20.98 8.30 52.50
CA CYS F 134 21.80 9.43 52.96
C CYS F 134 22.84 9.01 54.00
N VAL F 135 23.78 9.91 54.25
CA VAL F 135 24.96 9.66 55.08
C VAL F 135 24.87 10.50 56.36
N PRO F 136 25.42 10.03 57.47
CA PRO F 136 25.30 10.75 58.74
C PRO F 136 26.47 11.68 58.99
N ILE F 137 26.38 12.44 60.09
CA ILE F 137 27.49 13.23 60.63
C ILE F 137 28.26 12.34 61.59
N GLY F 138 29.58 12.49 61.61
CA GLY F 138 30.44 11.66 62.44
C GLY F 138 30.42 12.00 63.93
N GLU F 139 30.19 10.97 64.76
CA GLU F 139 30.31 10.97 66.22
C GLU F 139 29.33 11.90 66.93
N ALA F 140 28.33 12.45 66.24
CA ALA F 140 27.29 13.25 66.90
C ALA F 140 26.02 12.41 66.90
N GLY F 141 25.83 11.65 67.99
CA GLY F 141 24.67 10.79 68.14
C GLY F 141 24.10 10.82 69.54
N ASP F 142 23.14 9.93 69.84
CA ASP F 142 22.47 10.00 71.12
C ASP F 142 23.28 9.33 72.23
N PHE F 143 23.79 8.13 71.97
CA PHE F 143 24.74 7.55 72.93
C PHE F 143 25.70 6.74 72.04
N GLY F 144 26.83 7.36 71.70
CA GLY F 144 27.90 6.73 70.97
C GLY F 144 27.60 6.29 69.55
N GLY F 145 26.90 7.10 68.74
CA GLY F 145 26.55 6.71 67.40
C GLY F 145 26.61 7.87 66.41
N TRP F 146 25.83 7.74 65.33
CA TRP F 146 25.78 8.68 64.21
C TRP F 146 24.36 9.25 64.08
N PHE F 147 24.17 10.14 63.08
CA PHE F 147 22.87 10.77 62.82
C PHE F 147 22.85 11.40 61.43
N CYS F 148 22.05 10.84 60.51
CA CYS F 148 21.68 11.58 59.30
C CYS F 148 20.47 12.45 59.62
N PRO F 149 20.46 13.73 59.27
CA PRO F 149 19.27 14.56 59.47
C PRO F 149 18.23 14.41 58.37
N CYS F 150 18.34 13.33 57.60
CA CYS F 150 17.33 12.84 56.68
C CYS F 150 15.93 12.88 57.27
N HIS F 151 15.74 12.16 58.37
CA HIS F 151 14.44 11.66 58.81
C HIS F 151 14.26 11.79 60.33
N GLY F 152 15.27 12.26 61.04
CA GLY F 152 15.41 11.88 62.43
C GLY F 152 16.16 10.57 62.58
N SER F 153 17.00 10.23 61.59
CA SER F 153 17.65 8.93 61.56
C SER F 153 18.78 8.85 62.57
N HIS F 154 18.45 8.50 63.81
CA HIS F 154 19.45 8.44 64.86
C HIS F 154 20.06 7.04 64.91
N TYR F 155 21.38 6.99 64.73
CA TYR F 155 22.15 5.75 64.68
C TYR F 155 22.89 5.59 66.00
N ASP F 156 22.91 4.38 66.52
CA ASP F 156 23.71 4.04 67.70
C ASP F 156 25.00 3.39 67.22
N ILE F 157 25.75 2.74 68.11
CA ILE F 157 26.87 1.94 67.66
C ILE F 157 26.35 0.73 66.88
N SER F 158 26.96 0.48 65.71
CA SER F 158 26.64 -0.55 64.73
C SER F 158 25.21 -0.45 64.19
N GLY F 159 24.54 0.70 64.35
CA GLY F 159 23.31 0.98 63.63
C GLY F 159 22.07 0.17 63.96
N ARG F 160 21.41 0.47 65.07
CA ARG F 160 20.07 -0.05 65.36
C ARG F 160 19.11 1.13 65.50
N ILE F 161 18.34 1.36 64.43
CA ILE F 161 17.27 2.34 64.32
C ILE F 161 16.04 1.70 64.97
N ARG F 162 14.82 2.44 65.01
CA ARG F 162 13.92 2.53 66.19
C ARG F 162 14.46 3.50 67.24
N LYS F 163 15.35 4.29 67.04
CA LYS F 163 15.51 5.60 67.66
C LYS F 163 14.91 6.67 66.77
N GLY F 164 14.38 6.25 65.62
CA GLY F 164 13.52 7.03 64.78
C GLY F 164 12.43 6.13 64.21
N PRO F 165 12.01 6.37 62.97
CA PRO F 165 10.93 5.58 62.39
C PRO F 165 11.32 4.19 61.91
N ALA F 166 12.46 4.03 61.24
CA ALA F 166 12.82 2.81 60.52
C ALA F 166 13.10 1.64 61.47
N PRO F 167 12.33 0.55 61.39
CA PRO F 167 12.59 -0.58 62.30
C PRO F 167 13.66 -1.55 61.81
N LEU F 168 13.85 -1.64 60.50
CA LEU F 168 14.80 -2.60 59.93
C LEU F 168 16.22 -2.04 59.97
N ASN F 169 17.18 -2.89 60.35
CA ASN F 169 18.59 -2.54 60.28
C ASN F 169 19.22 -3.20 59.05
N LEU F 170 20.24 -2.54 58.50
CA LEU F 170 20.51 -2.65 57.07
C LEU F 170 21.19 -3.93 56.59
N GLU F 171 22.48 -4.11 56.92
CA GLU F 171 23.32 -5.06 56.22
C GLU F 171 24.70 -5.20 56.86
N ILE F 172 25.28 -6.40 56.79
CA ILE F 172 26.68 -6.66 57.10
C ILE F 172 27.37 -7.04 55.79
N PRO F 173 28.47 -6.37 55.42
CA PRO F 173 29.17 -6.78 54.19
C PRO F 173 29.87 -8.11 54.36
N ALA F 174 30.19 -8.73 53.23
CA ALA F 174 30.87 -10.02 53.24
C ALA F 174 32.36 -9.77 53.43
N TYR F 175 32.80 -9.74 54.69
CA TYR F 175 34.21 -9.57 54.99
C TYR F 175 34.80 -10.86 55.57
N GLU F 176 35.99 -11.22 55.08
CA GLU F 176 36.52 -12.56 55.20
C GLU F 176 38.00 -12.50 55.55
N PHE F 177 38.41 -13.34 56.51
CA PHE F 177 39.80 -13.47 56.91
C PHE F 177 40.35 -14.78 56.36
N ASP F 178 41.53 -14.71 55.74
CA ASP F 178 42.31 -15.88 55.36
C ASP F 178 43.67 -15.88 56.04
N GLY F 179 43.76 -15.22 57.18
CA GLY F 179 45.02 -15.05 57.88
C GLY F 179 45.56 -13.64 57.75
N ASP F 180 45.34 -12.84 58.81
CA ASP F 180 45.59 -11.39 58.94
C ASP F 180 45.37 -10.60 57.66
N LYS F 181 44.23 -10.84 57.01
CA LYS F 181 43.93 -10.22 55.73
C LYS F 181 42.42 -10.21 55.58
N VAL F 182 41.78 -9.07 55.86
CA VAL F 182 40.35 -8.91 55.72
C VAL F 182 40.05 -8.47 54.29
N ILE F 183 39.00 -9.03 53.71
CA ILE F 183 38.63 -8.78 52.33
C ILE F 183 37.15 -8.40 52.32
N VAL F 184 36.87 -7.10 52.23
CA VAL F 184 35.49 -6.61 52.21
C VAL F 184 34.90 -6.86 50.83
N GLY F 185 34.11 -7.93 50.70
CA GLY F 185 33.49 -8.26 49.44
C GLY F 185 33.17 -9.74 49.26
N VAL G 2 76.87 -24.36 24.35
CA VAL G 2 75.92 -24.27 23.24
C VAL G 2 76.06 -22.94 22.53
N THR G 3 76.43 -22.99 21.26
CA THR G 3 76.54 -21.80 20.42
C THR G 3 75.22 -21.53 19.71
N ASP G 4 75.16 -20.40 19.02
CA ASP G 4 73.91 -19.95 18.40
C ASP G 4 73.55 -20.80 17.20
N GLN G 5 72.30 -21.28 17.16
CA GLN G 5 71.88 -22.20 16.12
C GLN G 5 71.68 -21.52 14.77
N LEU G 6 71.30 -20.23 14.78
CA LEU G 6 71.14 -19.52 13.52
C LEU G 6 72.48 -19.22 12.87
N GLU G 7 73.53 -19.02 13.67
CA GLU G 7 74.85 -18.77 13.12
C GLU G 7 75.47 -20.03 12.51
N ASP G 8 75.10 -21.20 13.01
CA ASP G 8 75.62 -22.44 12.46
C ASP G 8 75.01 -22.74 11.10
N LEU G 9 73.71 -22.53 10.95
CA LEU G 9 73.03 -22.81 9.70
C LEU G 9 73.42 -21.81 8.62
N ARG G 10 73.64 -20.55 8.99
CA ARG G 10 74.09 -19.56 8.01
C ARG G 10 75.54 -19.81 7.60
N GLU G 11 76.33 -20.42 8.47
CA GLU G 11 77.71 -20.76 8.12
C GLU G 11 77.77 -21.92 7.15
N HIS G 12 76.85 -22.88 7.27
CA HIS G 12 76.88 -24.07 6.43
C HIS G 12 76.47 -23.76 4.99
N PHE G 13 75.41 -22.98 4.82
CA PHE G 13 74.88 -22.71 3.49
C PHE G 13 75.66 -21.63 2.75
N LYS G 14 76.55 -20.92 3.42
CA LYS G 14 77.47 -20.02 2.73
C LYS G 14 78.65 -20.76 2.11
N ASN G 15 78.74 -22.08 2.30
CA ASN G 15 79.76 -22.91 1.66
C ASN G 15 79.16 -24.04 0.84
N THR G 16 77.96 -23.84 0.29
CA THR G 16 77.43 -24.73 -0.74
C THR G 16 77.98 -24.29 -2.09
N GLU G 17 77.55 -24.94 -3.17
CA GLU G 17 78.00 -24.52 -4.49
C GLU G 17 77.34 -23.21 -4.90
N GLU G 18 76.09 -23.00 -4.48
CA GLU G 18 75.40 -21.75 -4.77
C GLU G 18 75.85 -20.62 -3.85
N GLY G 19 76.17 -20.95 -2.59
CA GLY G 19 76.57 -19.94 -1.64
C GLY G 19 77.94 -19.36 -1.93
N LYS G 20 78.85 -20.17 -2.48
CA LYS G 20 80.16 -19.66 -2.89
C LYS G 20 80.06 -18.67 -4.04
N ALA G 21 79.08 -18.84 -4.92
CA ALA G 21 78.93 -17.94 -6.05
C ALA G 21 78.41 -16.58 -5.61
N LEU G 22 77.49 -16.55 -4.63
CA LEU G 22 76.92 -15.29 -4.19
C LEU G 22 77.79 -14.56 -3.19
N VAL G 23 78.57 -15.29 -2.39
CA VAL G 23 79.58 -14.64 -1.54
C VAL G 23 80.65 -14.01 -2.41
N HIS G 24 81.02 -14.67 -3.52
CA HIS G 24 82.03 -14.13 -4.43
C HIS G 24 81.54 -12.88 -5.15
N HIS G 25 80.25 -12.83 -5.51
CA HIS G 25 79.74 -11.67 -6.24
C HIS G 25 79.65 -10.44 -5.36
N TYR G 26 79.49 -10.61 -4.05
CA TYR G 26 79.51 -9.46 -3.15
C TYR G 26 80.93 -8.94 -2.95
N GLU G 27 81.93 -9.82 -3.02
CA GLU G 27 83.32 -9.45 -2.79
C GLU G 27 83.91 -8.61 -3.91
N GLU G 28 83.47 -8.82 -5.15
CA GLU G 28 83.97 -8.00 -6.26
C GLU G 28 83.37 -6.62 -6.27
N CYS G 29 82.14 -6.47 -5.80
CA CYS G 29 81.64 -5.08 -5.70
C CYS G 29 82.32 -4.38 -4.51
N ALA G 30 82.77 -5.07 -3.45
CA ALA G 30 83.33 -4.43 -2.27
C ALA G 30 84.68 -3.81 -2.56
N GLU G 31 85.45 -4.38 -3.49
CA GLU G 31 86.71 -3.73 -3.86
C GLU G 31 86.49 -2.62 -4.87
N ARG G 32 85.41 -2.68 -5.66
CA ARG G 32 85.13 -1.63 -6.62
C ARG G 32 84.79 -0.32 -5.94
N VAL G 33 84.18 -0.38 -4.76
CA VAL G 33 84.01 0.80 -3.93
C VAL G 33 85.31 1.15 -3.22
N LYS G 34 86.21 0.18 -3.04
CA LYS G 34 87.45 0.44 -2.32
C LYS G 34 88.45 1.23 -3.17
N ILE G 35 88.52 0.91 -4.47
CA ILE G 35 89.29 1.76 -5.39
C ILE G 35 88.65 3.13 -5.52
N GLN G 36 87.31 3.19 -5.51
CA GLN G 36 86.58 4.41 -5.82
C GLN G 36 86.72 5.49 -4.74
N GLN G 37 87.07 5.13 -3.51
CA GLN G 37 87.06 6.07 -2.40
C GLN G 37 88.46 6.57 -2.03
N GLN G 38 89.40 6.60 -2.97
CA GLN G 38 90.72 7.17 -2.73
C GLN G 38 91.15 8.13 -3.83
N GLN G 39 90.21 8.68 -4.59
CA GLN G 39 90.48 9.67 -5.63
C GLN G 39 89.91 11.01 -5.18
N PRO G 40 90.12 12.10 -5.92
CA PRO G 40 89.16 13.21 -5.86
C PRO G 40 87.78 12.70 -6.24
N GLY G 41 86.80 13.01 -5.40
CA GLY G 41 85.54 12.30 -5.49
C GLY G 41 84.93 11.92 -4.17
N TYR G 42 85.40 12.55 -3.08
CA TYR G 42 84.77 12.38 -1.78
C TYR G 42 83.39 13.01 -1.77
N ALA G 43 83.31 14.32 -1.98
CA ALA G 43 82.04 15.04 -2.02
C ALA G 43 81.54 15.26 -3.46
N ASP G 44 82.12 14.56 -4.43
CA ASP G 44 81.82 14.83 -5.83
C ASP G 44 80.75 13.86 -6.34
N LEU G 45 80.47 13.93 -7.67
CA LEU G 45 80.02 12.82 -8.51
C LEU G 45 78.57 12.38 -8.36
N GLU G 46 77.89 12.72 -7.23
CA GLU G 46 76.44 12.62 -7.03
C GLU G 46 75.84 11.21 -7.23
N HIS G 47 76.76 10.22 -7.52
CA HIS G 47 76.33 8.92 -8.03
C HIS G 47 77.21 7.81 -7.48
N LYS G 48 77.61 7.92 -6.22
CA LYS G 48 78.53 6.93 -5.68
C LYS G 48 77.78 5.63 -5.35
N GLU G 49 78.52 4.53 -5.45
CA GLU G 49 77.91 3.20 -5.54
C GLU G 49 77.89 2.50 -4.18
N ASP G 50 76.91 1.61 -4.02
CA ASP G 50 76.78 0.74 -2.86
C ASP G 50 76.91 -0.71 -3.30
N CYS G 51 76.90 -1.63 -2.37
CA CYS G 51 76.78 -3.06 -2.63
C CYS G 51 75.53 -3.59 -1.94
N VAL G 52 74.43 -2.82 -1.76
CA VAL G 52 73.21 -3.25 -1.07
C VAL G 52 72.49 -4.33 -1.90
N GLU G 53 72.52 -4.18 -3.23
CA GLU G 53 71.84 -5.13 -4.10
C GLU G 53 72.54 -6.48 -4.11
N GLU G 54 73.87 -6.48 -4.04
CA GLU G 54 74.61 -7.73 -3.94
C GLU G 54 74.47 -8.35 -2.56
N PHE G 55 74.36 -7.52 -1.52
CA PHE G 55 74.14 -8.02 -0.17
C PHE G 55 72.73 -8.60 0.00
N PHE G 56 71.76 -8.00 -0.68
CA PHE G 56 70.38 -8.49 -0.59
C PHE G 56 70.20 -9.82 -1.30
N HIS G 57 71.00 -10.09 -2.34
CA HIS G 57 70.87 -11.35 -3.07
C HIS G 57 71.41 -12.52 -2.26
N LEU G 58 72.47 -12.29 -1.49
CA LEU G 58 73.02 -13.35 -0.65
C LEU G 58 72.12 -13.61 0.55
N GLN G 59 71.52 -12.56 1.12
CA GLN G 59 70.65 -12.74 2.28
C GLN G 59 69.33 -13.40 1.89
N HIS G 60 68.88 -13.20 0.64
CA HIS G 60 67.63 -13.84 0.22
C HIS G 60 67.85 -15.31 -0.08
N TYR G 61 69.06 -15.72 -0.43
CA TYR G 61 69.33 -17.14 -0.61
C TYR G 61 69.43 -17.86 0.73
N LEU G 62 70.10 -17.24 1.71
CA LEU G 62 70.27 -17.86 3.01
C LEU G 62 68.97 -17.93 3.78
N ASP G 63 68.01 -17.05 3.49
CA ASP G 63 66.75 -17.04 4.21
C ASP G 63 65.81 -18.15 3.74
N THR G 64 65.81 -18.47 2.44
CA THR G 64 64.96 -19.55 1.97
C THR G 64 65.50 -20.94 2.29
N ALA G 65 66.75 -21.05 2.73
CA ALA G 65 67.32 -22.32 3.15
C ALA G 65 67.27 -22.52 4.66
N THR G 66 67.43 -21.46 5.45
CA THR G 66 67.55 -21.60 6.90
C THR G 66 66.18 -21.65 7.57
N ALA G 67 65.24 -20.84 7.10
CA ALA G 67 63.96 -20.66 7.80
C ALA G 67 63.07 -21.90 7.93
N PRO G 68 62.93 -22.82 6.95
CA PRO G 68 62.09 -23.99 7.22
C PRO G 68 62.73 -25.06 8.11
N ARG G 69 63.93 -24.83 8.66
CA ARG G 69 64.57 -25.87 9.46
C ARG G 69 65.20 -25.34 10.74
N LEU G 70 65.05 -24.06 11.07
CA LEU G 70 65.67 -23.53 12.28
C LEU G 70 64.88 -23.92 13.53
N PHE G 71 63.56 -23.88 13.48
CA PHE G 71 62.74 -24.08 14.67
C PHE G 71 62.68 -25.53 15.12
N ASP G 72 63.20 -26.47 14.32
CA ASP G 72 63.35 -27.84 14.79
C ASP G 72 64.52 -27.96 15.78
N LYS G 73 65.48 -27.05 15.71
CA LYS G 73 66.66 -27.08 16.56
C LYS G 73 66.50 -26.25 17.83
N LEU G 74 65.37 -25.59 18.02
CA LEU G 74 65.14 -24.76 19.19
C LEU G 74 64.11 -25.40 20.11
N LYS G 75 64.25 -25.14 21.40
CA LYS G 75 63.32 -25.68 22.38
C LYS G 75 62.05 -24.85 22.42
N PRO H 1 14.54 1.18 -28.29
CA PRO H 1 15.08 2.54 -28.36
C PRO H 1 15.33 3.00 -29.80
N GLN H 2 16.11 2.24 -30.57
CA GLN H 2 16.18 2.48 -32.01
C GLN H 2 14.96 1.87 -32.68
N SER H 3 14.28 2.67 -33.50
CA SER H 3 13.04 2.21 -34.12
C SER H 3 13.32 1.21 -35.23
N PHE H 4 12.33 0.36 -35.51
CA PHE H 4 12.44 -0.62 -36.57
C PHE H 4 12.38 0.01 -37.96
N THR H 5 11.84 1.22 -38.07
CA THR H 5 11.92 1.96 -39.33
C THR H 5 13.36 2.34 -39.65
N SER H 6 14.13 2.73 -38.63
CA SER H 6 15.53 3.06 -38.81
C SER H 6 16.39 1.83 -39.08
N ILE H 7 16.05 0.69 -38.47
CA ILE H 7 16.80 -0.55 -38.69
C ILE H 7 16.59 -1.06 -40.11
N ALA H 8 15.34 -0.96 -40.61
CA ALA H 8 15.06 -1.43 -41.96
C ALA H 8 15.64 -0.51 -43.03
N ARG H 9 15.82 0.78 -42.70
CA ARG H 9 16.40 1.72 -43.67
C ARG H 9 17.89 1.44 -43.87
N ILE H 10 18.61 1.16 -42.78
CA ILE H 10 20.03 0.82 -42.88
C ILE H 10 20.21 -0.57 -43.51
N GLY H 11 19.36 -1.52 -43.11
CA GLY H 11 19.53 -2.89 -43.56
C GLY H 11 19.19 -3.11 -45.01
N ASP H 12 18.21 -2.38 -45.55
CA ASP H 12 17.86 -2.53 -46.96
C ASP H 12 18.86 -1.82 -47.86
N TYR H 13 19.60 -0.85 -47.33
CA TYR H 13 20.65 -0.21 -48.11
C TYR H 13 21.84 -1.15 -48.31
N ILE H 14 22.16 -1.95 -47.30
CA ILE H 14 23.25 -2.92 -47.41
C ILE H 14 22.88 -4.04 -48.37
N LEU H 15 21.62 -4.51 -48.30
CA LEU H 15 21.21 -5.67 -49.08
C LEU H 15 21.06 -5.35 -50.56
N LYS H 16 20.89 -4.08 -50.93
CA LYS H 16 20.84 -3.72 -52.34
C LYS H 16 22.22 -3.50 -52.93
N SER H 17 23.20 -3.13 -52.10
CA SER H 17 24.56 -2.96 -52.58
C SER H 17 25.19 -4.31 -52.85
N PRO H 18 25.73 -4.55 -54.05
CA PRO H 18 26.33 -5.86 -54.34
C PRO H 18 27.69 -6.07 -53.68
N VAL H 19 28.34 -5.01 -53.20
CA VAL H 19 29.66 -5.14 -52.58
C VAL H 19 29.52 -5.20 -51.07
N LEU H 20 28.50 -4.52 -50.52
CA LEU H 20 28.28 -4.57 -49.08
C LEU H 20 27.55 -5.84 -48.64
N SER H 21 26.78 -6.45 -49.54
CA SER H 21 26.11 -7.70 -49.23
C SER H 21 27.02 -8.92 -49.39
N LYS H 22 28.25 -8.73 -49.88
CA LYS H 22 29.22 -9.80 -49.88
C LYS H 22 30.11 -9.79 -48.63
N LEU H 23 30.16 -8.66 -47.92
CA LEU H 23 30.98 -8.54 -46.73
C LEU H 23 30.19 -8.79 -45.45
N CYS H 24 29.03 -8.13 -45.30
CA CYS H 24 28.33 -8.14 -44.03
C CYS H 24 27.44 -9.37 -43.83
N VAL H 25 26.88 -9.90 -44.91
CA VAL H 25 25.95 -11.03 -44.85
C VAL H 25 26.60 -12.34 -44.40
N PRO H 26 27.85 -12.69 -44.79
CA PRO H 26 28.50 -13.83 -44.12
C PRO H 26 28.78 -13.61 -42.63
N VAL H 27 29.05 -12.37 -42.22
CA VAL H 27 29.29 -12.08 -40.81
C VAL H 27 27.99 -12.18 -40.02
N ALA H 28 26.86 -11.81 -40.61
CA ALA H 28 25.58 -11.87 -39.91
C ALA H 28 25.09 -13.29 -39.72
N ASN H 29 25.46 -14.22 -40.62
CA ASN H 29 25.06 -15.61 -40.46
C ASN H 29 25.83 -16.30 -39.35
N GLN H 30 27.10 -15.91 -39.15
CA GLN H 30 27.87 -16.46 -38.04
C GLN H 30 27.41 -15.86 -36.71
N PHE H 31 26.92 -14.62 -36.73
CA PHE H 31 26.45 -13.95 -35.52
C PHE H 31 25.18 -14.59 -34.98
N ILE H 32 24.28 -15.01 -35.86
CA ILE H 32 23.01 -15.62 -35.43
C ILE H 32 23.23 -17.04 -34.90
N ASN H 33 24.12 -17.80 -35.54
CA ASN H 33 24.39 -19.16 -35.08
C ASN H 33 25.12 -19.18 -33.74
N LEU H 34 25.95 -18.16 -33.47
CA LEU H 34 26.61 -18.05 -32.18
C LEU H 34 25.67 -17.52 -31.09
N ALA H 35 24.55 -16.91 -31.47
CA ALA H 35 23.61 -16.40 -30.48
C ALA H 35 22.89 -17.52 -29.75
N GLY H 36 22.43 -18.53 -30.47
CA GLY H 36 21.94 -19.75 -29.86
C GLY H 36 20.48 -19.77 -29.46
N TYR H 37 19.67 -18.81 -29.90
CA TYR H 37 18.27 -18.81 -29.54
C TYR H 37 17.47 -19.90 -30.26
N LYS H 38 17.96 -20.37 -31.42
CA LYS H 38 17.27 -21.41 -32.16
C LYS H 38 17.40 -22.78 -31.50
N LYS H 39 18.43 -23.00 -30.69
CA LYS H 39 18.58 -24.25 -29.97
C LYS H 39 17.66 -24.35 -28.76
N LEU H 40 17.04 -23.26 -28.34
CA LEU H 40 15.98 -23.28 -27.35
C LEU H 40 14.59 -23.31 -27.97
N GLY H 41 14.51 -23.34 -29.30
CA GLY H 41 13.23 -23.40 -29.98
C GLY H 41 12.56 -22.07 -30.20
N LEU H 42 13.31 -20.98 -30.29
CA LEU H 42 12.76 -19.65 -30.44
C LEU H 42 13.09 -19.08 -31.82
N LYS H 43 12.17 -18.25 -32.32
CA LYS H 43 12.42 -17.35 -33.44
C LYS H 43 12.86 -16.00 -32.88
N PHE H 44 13.40 -15.15 -33.76
CA PHE H 44 13.96 -13.87 -33.29
C PHE H 44 12.86 -12.93 -32.82
N ASP H 45 11.69 -12.94 -33.49
CA ASP H 45 10.60 -12.05 -33.09
C ASP H 45 9.97 -12.42 -31.75
N ASP H 46 10.27 -13.61 -31.22
CA ASP H 46 9.90 -13.93 -29.83
C ASP H 46 10.74 -13.17 -28.82
N LEU H 47 11.92 -12.67 -29.21
CA LEU H 47 12.87 -12.06 -28.29
C LEU H 47 12.70 -10.56 -28.13
N ILE H 48 11.78 -9.94 -28.86
CA ILE H 48 11.62 -8.49 -28.84
C ILE H 48 10.90 -8.09 -27.55
N ALA H 49 11.44 -7.08 -26.87
CA ALA H 49 10.85 -6.60 -25.62
C ALA H 49 9.51 -5.92 -25.90
N GLU H 50 8.50 -6.24 -25.08
CA GLU H 50 7.12 -5.95 -25.42
C GLU H 50 6.46 -4.89 -24.54
N GLU H 51 7.19 -4.31 -23.59
CA GLU H 51 6.58 -3.42 -22.60
C GLU H 51 6.58 -1.96 -23.08
N ASN H 52 5.92 -1.74 -24.22
CA ASN H 52 5.82 -0.41 -24.81
C ASN H 52 4.56 -0.38 -25.68
N PRO H 53 3.98 0.80 -25.93
CA PRO H 53 2.68 0.85 -26.62
C PRO H 53 2.70 0.39 -28.08
N ILE H 54 3.82 0.52 -28.79
CA ILE H 54 3.88 0.06 -30.17
C ILE H 54 3.81 -1.47 -30.24
N MET H 55 4.54 -2.15 -29.36
CA MET H 55 4.55 -3.61 -29.37
C MET H 55 3.25 -4.19 -28.84
N GLN H 56 2.55 -3.48 -27.95
CA GLN H 56 1.24 -3.96 -27.50
C GLN H 56 0.19 -3.85 -28.59
N THR H 57 0.30 -2.84 -29.46
CA THR H 57 -0.59 -2.73 -30.61
C THR H 57 -0.36 -3.85 -31.61
N ALA H 58 0.90 -4.17 -31.90
CA ALA H 58 1.22 -5.20 -32.88
C ALA H 58 0.86 -6.59 -32.39
N LEU H 59 0.93 -6.84 -31.09
CA LEU H 59 0.59 -8.16 -30.56
C LEU H 59 -0.92 -8.37 -30.50
N ARG H 60 -1.71 -7.30 -30.44
CA ARG H 60 -3.16 -7.42 -30.48
C ARG H 60 -3.66 -7.80 -31.87
N ARG H 61 -2.98 -7.33 -32.91
CA ARG H 61 -3.43 -7.51 -34.29
C ARG H 61 -2.90 -8.79 -34.92
N LEU H 62 -2.13 -9.58 -34.18
CA LEU H 62 -1.65 -10.85 -34.70
C LEU H 62 -2.81 -11.85 -34.80
N PRO H 63 -2.87 -12.64 -35.87
CA PRO H 63 -3.91 -13.67 -35.97
C PRO H 63 -3.74 -14.73 -34.89
N GLU H 64 -4.88 -15.30 -34.47
CA GLU H 64 -4.92 -16.08 -33.24
C GLU H 64 -4.22 -17.43 -33.34
N ASP H 65 -4.11 -18.01 -34.55
CA ASP H 65 -3.39 -19.28 -34.67
C ASP H 65 -1.88 -19.07 -34.51
N GLU H 66 -1.36 -17.91 -34.90
CA GLU H 66 0.03 -17.58 -34.65
C GLU H 66 0.27 -17.12 -33.23
N SER H 67 -0.76 -16.60 -32.55
CA SER H 67 -0.61 -16.19 -31.17
C SER H 67 -0.57 -17.40 -30.23
N TYR H 68 -1.27 -18.48 -30.57
CA TYR H 68 -1.21 -19.69 -29.76
C TYR H 68 0.15 -20.38 -29.90
N ALA H 69 0.73 -20.36 -31.10
CA ALA H 69 2.01 -21.01 -31.31
C ALA H 69 3.16 -20.22 -30.70
N ARG H 70 3.04 -18.89 -30.62
CA ARG H 70 4.06 -18.08 -29.98
C ARG H 70 4.08 -18.32 -28.48
N ALA H 71 2.92 -18.54 -27.87
CA ALA H 71 2.84 -18.78 -26.43
C ALA H 71 3.45 -20.12 -26.05
N TYR H 72 3.35 -21.13 -26.91
CA TYR H 72 3.94 -22.43 -26.61
C TYR H 72 5.46 -22.41 -26.71
N ARG H 73 6.02 -21.62 -27.64
CA ARG H 73 7.47 -21.55 -27.80
C ARG H 73 8.13 -20.83 -26.63
N ILE H 74 7.46 -19.83 -26.07
CA ILE H 74 8.00 -19.08 -24.95
C ILE H 74 7.98 -19.94 -23.68
N ILE H 75 6.90 -20.71 -23.49
CA ILE H 75 6.76 -21.56 -22.31
C ILE H 75 7.76 -22.71 -22.34
N ARG H 76 7.95 -23.31 -23.52
CA ARG H 76 8.92 -24.40 -23.68
C ARG H 76 10.36 -23.91 -23.48
N ALA H 77 10.67 -22.66 -23.83
CA ALA H 77 12.01 -22.12 -23.63
C ALA H 77 12.30 -21.83 -22.17
N HIS H 78 11.28 -21.48 -21.37
CA HIS H 78 11.50 -21.25 -19.95
C HIS H 78 11.76 -22.56 -19.21
N GLN H 79 11.08 -23.64 -19.61
CA GLN H 79 11.26 -24.94 -18.96
C GLN H 79 12.60 -25.55 -19.30
N THR H 80 13.08 -25.36 -20.53
CA THR H 80 14.39 -25.86 -20.92
C THR H 80 15.51 -25.10 -20.21
N GLU H 81 15.29 -23.81 -19.93
CA GLU H 81 16.31 -22.98 -19.30
C GLU H 81 16.53 -23.37 -17.83
N LEU H 82 15.45 -23.69 -17.11
CA LEU H 82 15.60 -24.03 -15.70
C LEU H 82 16.19 -25.42 -15.47
N THR H 83 16.13 -26.30 -16.46
CA THR H 83 16.77 -27.61 -16.35
C THR H 83 18.23 -27.59 -16.79
N HIS H 84 18.71 -26.26 -17.35
CA HIS H 84 20.12 -26.18 -17.78
C HIS H 84 20.45 -27.20 -18.86
N HIS H 85 19.52 -27.39 -19.79
CA HIS H 85 19.70 -28.26 -20.94
C HIS H 85 19.37 -27.51 -22.22
N LEU H 86 19.58 -28.20 -23.34
CA LEU H 86 19.11 -27.77 -24.65
C LEU H 86 18.07 -28.75 -25.16
N LEU H 87 17.34 -28.32 -26.18
CA LEU H 87 16.36 -29.17 -26.81
C LEU H 87 17.07 -30.27 -27.61
N PRO H 88 16.37 -31.38 -27.89
CA PRO H 88 16.89 -32.34 -28.88
C PRO H 88 17.04 -31.71 -30.25
N ARG H 89 18.04 -32.19 -30.99
CA ARG H 89 18.47 -31.56 -32.23
C ARG H 89 17.42 -31.61 -33.33
N ASN H 90 16.47 -32.53 -33.27
CA ASN H 90 15.38 -32.56 -34.22
C ASN H 90 14.24 -31.60 -33.87
N GLU H 91 14.37 -30.85 -32.78
CA GLU H 91 13.37 -29.85 -32.39
C GLU H 91 13.90 -28.43 -32.49
N TRP H 92 15.07 -28.24 -33.10
CA TRP H 92 15.63 -26.91 -33.27
C TRP H 92 14.92 -26.17 -34.40
N ILE H 93 14.87 -24.85 -34.29
CA ILE H 93 14.32 -24.01 -35.35
C ILE H 93 15.28 -24.00 -36.53
N LYS H 94 14.76 -24.28 -37.72
CA LYS H 94 15.56 -24.21 -38.93
C LYS H 94 15.56 -22.78 -39.47
N ALA H 95 16.54 -22.49 -40.33
CA ALA H 95 16.73 -21.13 -40.84
C ALA H 95 15.59 -20.70 -41.76
N GLN H 96 14.99 -21.64 -42.48
CA GLN H 96 13.85 -21.31 -43.33
C GLN H 96 12.55 -21.15 -42.56
N GLU H 97 12.55 -21.45 -41.25
CA GLU H 97 11.41 -21.18 -40.38
C GLU H 97 11.59 -19.91 -39.55
N ASP H 98 12.79 -19.33 -39.52
CA ASP H 98 13.07 -18.13 -38.73
C ASP H 98 12.74 -16.89 -39.57
N VAL H 99 11.44 -16.68 -39.76
CA VAL H 99 10.94 -15.61 -40.61
C VAL H 99 10.44 -14.46 -39.75
N PRO H 100 10.49 -13.22 -40.22
CA PRO H 100 9.92 -12.10 -39.44
C PRO H 100 8.40 -11.99 -39.55
N TYR H 101 7.70 -12.77 -38.71
CA TYR H 101 6.24 -12.81 -38.75
C TYR H 101 5.60 -11.57 -38.14
N LEU H 102 6.27 -10.90 -37.19
CA LEU H 102 5.71 -9.77 -36.48
C LEU H 102 6.12 -8.43 -37.09
N LEU H 103 7.14 -8.40 -37.93
CA LEU H 103 7.67 -7.16 -38.49
C LEU H 103 6.69 -6.32 -39.33
N PRO H 104 5.81 -6.86 -40.20
CA PRO H 104 4.86 -5.95 -40.88
C PRO H 104 3.83 -5.30 -39.96
N TYR H 105 3.46 -5.94 -38.85
CA TYR H 105 2.54 -5.31 -37.91
C TYR H 105 3.23 -4.21 -37.11
N ILE H 106 4.53 -4.34 -36.85
CA ILE H 106 5.27 -3.33 -36.12
C ILE H 106 5.48 -2.08 -36.98
N LEU H 107 5.83 -2.27 -38.25
CA LEU H 107 6.12 -1.14 -39.14
C LEU H 107 4.86 -0.36 -39.48
N GLU H 108 3.70 -1.00 -39.47
CA GLU H 108 2.45 -0.29 -39.74
C GLU H 108 2.04 0.58 -38.55
N ALA H 109 2.26 0.09 -37.33
CA ALA H 109 1.92 0.87 -36.15
C ALA H 109 2.90 2.02 -35.94
N GLU H 110 4.14 1.88 -36.38
CA GLU H 110 5.12 2.96 -36.24
C GLU H 110 4.83 4.10 -37.20
N ALA H 111 4.38 3.79 -38.41
CA ALA H 111 4.08 4.83 -39.39
C ALA H 111 2.84 5.64 -39.00
N ALA H 112 1.87 4.99 -38.36
CA ALA H 112 0.67 5.71 -37.92
C ALA H 112 0.96 6.63 -36.75
N ALA H 113 1.88 6.24 -35.86
CA ALA H 113 2.24 7.10 -34.74
C ALA H 113 3.10 8.28 -35.17
N LYS H 114 3.86 8.13 -36.26
CA LYS H 114 4.66 9.24 -36.76
C LYS H 114 3.79 10.28 -37.45
N GLU H 115 2.77 9.83 -38.19
CA GLU H 115 1.86 10.76 -38.87
C GLU H 115 0.99 11.52 -37.88
N LYS H 116 0.63 10.89 -36.76
CA LYS H 116 -0.15 11.58 -35.74
C LYS H 116 0.68 12.63 -35.03
N ASP H 117 1.98 12.35 -34.82
CA ASP H 117 2.85 13.30 -34.15
C ASP H 117 3.17 14.51 -35.04
N GLU H 118 3.19 14.32 -36.36
CA GLU H 118 3.45 15.44 -37.25
C GLU H 118 2.24 16.35 -37.40
N LEU H 119 1.03 15.80 -37.31
CA LEU H 119 -0.18 16.62 -37.41
C LEU H 119 -0.51 17.34 -36.11
N ASP H 120 0.02 16.89 -34.98
CA ASP H 120 -0.26 17.52 -33.69
C ASP H 120 0.68 18.68 -33.38
N ASN H 121 1.84 18.76 -34.02
CA ASN H 121 2.80 19.86 -33.83
C ASN H 121 3.11 20.40 -35.23
N ILE H 122 2.27 21.30 -35.73
CA ILE H 122 2.24 21.63 -37.14
C ILE H 122 2.15 23.14 -37.32
N GLU H 123 2.68 23.63 -38.44
CA GLU H 123 2.62 25.03 -38.83
C GLU H 123 1.61 25.20 -39.95
N VAL H 124 1.21 26.45 -40.18
CA VAL H 124 0.39 26.84 -41.32
C VAL H 124 0.99 28.08 -41.95
N SER H 125 0.53 28.39 -43.17
CA SER H 125 0.92 29.60 -43.87
C SER H 125 -0.21 30.05 -44.78
N LYS H 126 -0.41 31.35 -44.86
CA LYS H 126 -1.51 31.94 -45.62
C LYS H 126 -1.30 31.81 -47.12
N GLY I 1 -9.31 3.16 -1.44
CA GLY I 1 -8.36 4.08 -2.03
C GLY I 1 -8.58 4.31 -3.51
N PRO I 2 -7.77 5.19 -4.11
CA PRO I 2 -7.89 5.43 -5.54
C PRO I 2 -7.30 4.28 -6.33
N PRO I 3 -7.76 4.05 -7.56
CA PRO I 3 -7.11 3.04 -8.41
C PRO I 3 -5.74 3.51 -8.87
N SER I 4 -4.88 2.54 -9.18
CA SER I 4 -3.49 2.80 -9.50
C SER I 4 -3.32 3.06 -11.00
N GLY I 5 -2.07 3.21 -11.44
CA GLY I 5 -1.76 3.35 -12.84
C GLY I 5 -1.65 2.00 -13.55
N LYS I 6 -1.38 2.08 -14.85
CA LYS I 6 -1.33 0.89 -15.71
C LYS I 6 0.07 0.29 -15.68
N THR I 7 0.16 -1.00 -15.37
CA THR I 7 1.41 -1.72 -15.25
C THR I 7 1.46 -2.82 -16.30
N TYR I 8 2.49 -3.67 -16.21
CA TYR I 8 2.66 -4.79 -17.14
C TYR I 8 2.62 -6.14 -16.42
N MET I 9 2.15 -6.18 -15.18
CA MET I 9 2.00 -7.41 -14.43
C MET I 9 0.76 -7.31 -13.55
N GLY I 10 0.00 -8.41 -13.49
CA GLY I 10 -1.17 -8.48 -12.63
C GLY I 10 -0.99 -9.38 -11.43
N TRP I 11 -1.98 -10.21 -11.13
CA TRP I 11 -1.95 -11.14 -10.01
C TRP I 11 -2.54 -12.47 -10.49
N TRP I 12 -2.68 -13.41 -9.54
CA TRP I 12 -3.14 -14.77 -9.87
C TRP I 12 -4.58 -14.75 -10.38
N GLY I 13 -4.77 -15.23 -11.62
CA GLY I 13 -6.03 -15.19 -12.30
C GLY I 13 -6.15 -14.12 -13.37
N HIS I 14 -5.43 -13.01 -13.22
CA HIS I 14 -5.42 -11.92 -14.18
C HIS I 14 -3.98 -11.41 -14.41
N MET I 15 -3.07 -12.34 -14.70
CA MET I 15 -1.64 -12.04 -14.72
C MET I 15 -1.25 -11.10 -15.87
N GLY I 16 -1.95 -11.16 -16.99
CA GLY I 16 -1.74 -10.21 -18.06
C GLY I 16 -0.94 -10.67 -19.27
N GLY I 17 -0.90 -11.97 -19.55
CA GLY I 17 -0.26 -12.47 -20.74
C GLY I 17 -1.28 -12.71 -21.85
N PRO I 18 -0.87 -13.38 -22.92
CA PRO I 18 -1.81 -13.74 -23.97
C PRO I 18 -2.69 -14.90 -23.55
N LYS I 19 -3.73 -15.15 -24.35
CA LYS I 19 -4.63 -16.26 -24.08
C LYS I 19 -4.01 -17.57 -24.53
N GLN I 20 -4.13 -18.59 -23.68
CA GLN I 20 -3.53 -19.88 -23.92
C GLN I 20 -4.61 -20.90 -24.29
N LYS I 21 -4.30 -21.72 -25.29
CA LYS I 21 -5.23 -22.75 -25.76
C LYS I 21 -4.42 -23.84 -26.46
N GLY I 22 -4.60 -25.08 -26.02
CA GLY I 22 -4.00 -26.21 -26.68
C GLY I 22 -2.79 -26.82 -26.02
N ILE I 23 -2.38 -26.34 -24.85
CA ILE I 23 -1.18 -26.79 -24.16
C ILE I 23 -1.59 -27.63 -22.94
N THR I 24 -1.04 -28.83 -22.86
CA THR I 24 -1.25 -29.73 -21.73
C THR I 24 0.05 -29.93 -20.98
N SER I 25 -0.01 -29.98 -19.64
CA SER I 25 1.17 -30.21 -18.82
C SER I 25 0.95 -31.39 -17.87
N TYR I 26 2.05 -32.06 -17.52
CA TYR I 26 2.05 -33.25 -16.69
C TYR I 26 3.14 -33.14 -15.63
N ALA I 27 2.89 -33.67 -14.44
CA ALA I 27 3.87 -33.65 -13.35
C ALA I 27 3.63 -34.83 -12.42
N VAL I 28 4.69 -35.24 -11.73
CA VAL I 28 4.67 -36.35 -10.78
C VAL I 28 5.09 -35.81 -9.41
N SER I 29 4.50 -36.35 -8.34
CA SER I 29 4.79 -35.95 -6.97
C SER I 29 6.26 -36.19 -6.62
N PRO I 30 6.89 -35.28 -5.87
CA PRO I 30 8.27 -35.52 -5.42
C PRO I 30 8.41 -36.67 -4.43
N TYR I 31 7.34 -37.06 -3.73
CA TYR I 31 7.39 -38.20 -2.83
C TYR I 31 7.49 -39.53 -3.55
N ALA I 32 7.22 -39.56 -4.85
CA ALA I 32 7.25 -40.79 -5.63
C ALA I 32 8.44 -40.84 -6.60
N GLN I 33 9.45 -39.99 -6.39
CA GLN I 33 10.60 -39.94 -7.27
C GLN I 33 11.86 -40.44 -6.55
N LYS I 34 12.89 -40.72 -7.33
CA LYS I 34 14.14 -41.21 -6.78
C LYS I 34 14.87 -40.09 -6.03
N PRO I 35 15.44 -40.39 -4.86
CA PRO I 35 16.15 -39.35 -4.11
C PRO I 35 17.56 -39.13 -4.68
N LEU I 36 17.76 -37.95 -5.18
CA LEU I 36 19.05 -37.30 -5.55
C LEU I 36 19.83 -38.07 -6.64
N GLN I 37 19.43 -37.69 -7.86
CA GLN I 37 19.84 -38.46 -9.02
C GLN I 37 20.63 -37.51 -9.93
N GLY I 38 21.40 -36.67 -9.30
CA GLY I 38 22.12 -35.70 -10.10
C GLY I 38 23.60 -35.73 -10.09
N ILE I 39 24.29 -35.95 -8.95
CA ILE I 39 25.71 -35.66 -9.10
C ILE I 39 26.29 -36.33 -10.35
N PHE I 40 25.82 -37.51 -10.71
CA PHE I 40 26.24 -38.10 -11.98
C PHE I 40 25.19 -37.80 -13.05
N HIS I 41 25.65 -37.78 -14.31
CA HIS I 41 25.02 -37.27 -15.54
C HIS I 41 24.90 -35.73 -15.52
N ASN I 42 25.41 -35.08 -14.49
CA ASN I 42 25.52 -33.63 -14.45
C ASN I 42 26.95 -33.15 -14.24
N ALA I 43 27.75 -33.85 -13.44
CA ALA I 43 29.19 -33.62 -13.39
C ALA I 43 29.94 -34.42 -14.44
N VAL I 44 29.27 -35.38 -15.10
CA VAL I 44 29.89 -36.08 -16.21
C VAL I 44 30.08 -35.14 -17.40
N PHE I 45 28.98 -34.64 -17.94
CA PHE I 45 28.98 -33.86 -19.18
C PHE I 45 28.28 -32.52 -19.07
N ASN I 46 27.33 -32.37 -18.14
CA ASN I 46 26.52 -31.15 -18.11
C ASN I 46 27.29 -29.98 -17.53
N SER I 47 28.00 -30.19 -16.43
CA SER I 47 28.79 -29.11 -15.85
C SER I 47 30.21 -29.07 -16.40
N PHE I 48 30.34 -29.19 -17.70
CA PHE I 48 31.54 -28.82 -18.45
C PHE I 48 31.20 -27.99 -19.67
N ARG I 49 30.11 -28.31 -20.36
CA ARG I 49 29.73 -27.54 -21.55
C ARG I 49 29.04 -26.24 -21.17
N ARG I 50 28.52 -26.15 -19.95
CA ARG I 50 27.78 -24.96 -19.54
C ARG I 50 28.71 -23.75 -19.33
N PHE I 51 30.01 -23.98 -19.14
CA PHE I 51 30.97 -22.90 -19.06
C PHE I 51 32.01 -22.92 -20.16
N LYS I 52 32.31 -24.08 -20.76
CA LYS I 52 33.26 -24.15 -21.86
C LYS I 52 32.61 -23.95 -23.22
N SER I 53 31.32 -23.63 -23.27
CA SER I 53 30.75 -22.95 -24.41
C SER I 53 30.66 -21.45 -24.17
N GLN I 54 31.24 -20.99 -23.07
CA GLN I 54 31.19 -19.62 -22.62
C GLN I 54 32.57 -19.12 -22.20
N PHE I 55 33.56 -20.01 -22.08
CA PHE I 55 34.87 -19.69 -21.52
C PHE I 55 35.66 -18.70 -22.35
N LEU I 56 35.38 -18.61 -23.65
CA LEU I 56 36.19 -17.77 -24.51
C LEU I 56 35.81 -16.29 -24.41
N TYR I 57 34.60 -15.98 -23.93
CA TYR I 57 34.21 -14.60 -23.70
C TYR I 57 34.78 -14.04 -22.40
N VAL I 58 35.29 -14.90 -21.53
CA VAL I 58 35.86 -14.49 -20.26
C VAL I 58 37.38 -14.48 -20.31
N LEU I 59 37.99 -15.50 -20.90
CA LEU I 59 39.44 -15.68 -20.79
C LEU I 59 40.24 -14.89 -21.82
N ILE I 60 39.64 -14.45 -22.92
CA ILE I 60 40.33 -13.52 -23.81
C ILE I 60 40.41 -12.12 -23.17
N PRO I 61 39.36 -11.54 -22.55
CA PRO I 61 39.59 -10.30 -21.80
C PRO I 61 40.45 -10.49 -20.55
N ALA I 62 40.46 -11.68 -19.95
CA ALA I 62 41.31 -11.90 -18.78
C ALA I 62 42.77 -12.02 -19.15
N GLY I 63 43.06 -12.60 -20.32
CA GLY I 63 44.44 -12.72 -20.75
C GLY I 63 45.03 -11.41 -21.24
N ILE I 64 44.19 -10.50 -21.74
CA ILE I 64 44.66 -9.19 -22.16
C ILE I 64 45.06 -8.35 -20.96
N TYR I 65 44.25 -8.37 -19.91
CA TYR I 65 44.52 -7.54 -18.74
C TYR I 65 45.60 -8.12 -17.85
N TRP I 66 45.77 -9.45 -17.85
CA TRP I 66 46.85 -10.03 -17.07
C TRP I 66 48.21 -9.85 -17.75
N TYR I 67 48.24 -9.83 -19.08
CA TYR I 67 49.48 -9.56 -19.79
C TYR I 67 49.91 -8.11 -19.60
N TRP I 68 48.94 -7.20 -19.52
CA TRP I 68 49.25 -5.77 -19.39
C TRP I 68 49.78 -5.45 -17.99
N TRP I 69 49.21 -6.07 -16.96
CA TRP I 69 49.65 -5.79 -15.58
C TRP I 69 51.01 -6.41 -15.31
N LYS I 70 51.26 -7.62 -15.81
CA LYS I 70 52.53 -8.30 -15.59
C LYS I 70 53.67 -7.61 -16.33
N ASN I 71 53.39 -7.02 -17.49
CA ASN I 71 54.43 -6.33 -18.24
C ASN I 71 54.81 -5.01 -17.58
N GLY I 72 53.84 -4.30 -17.01
CA GLY I 72 54.12 -3.04 -16.34
C GLY I 72 54.81 -3.22 -15.00
N ASN I 73 54.58 -4.36 -14.34
CA ASN I 73 55.22 -4.61 -13.06
C ASN I 73 56.69 -4.95 -13.21
N GLU I 74 57.07 -5.62 -14.29
CA GLU I 74 58.47 -5.93 -14.54
C GLU I 74 59.26 -4.71 -15.02
N TYR I 75 58.59 -3.73 -15.62
CA TYR I 75 59.27 -2.52 -16.06
C TYR I 75 59.54 -1.57 -14.90
N ASN I 76 58.62 -1.51 -13.94
CA ASN I 76 58.84 -0.73 -12.72
C ASN I 76 59.94 -1.34 -11.87
N GLU I 77 60.06 -2.67 -11.88
CA GLU I 77 61.12 -3.34 -11.14
C GLU I 77 62.49 -3.09 -11.77
N PHE I 78 62.54 -2.94 -13.09
CA PHE I 78 63.79 -2.66 -13.77
C PHE I 78 64.25 -1.23 -13.51
N LEU I 79 63.31 -0.29 -13.40
CA LEU I 79 63.66 1.12 -13.33
C LEU I 79 64.28 1.50 -11.99
N TYR I 80 63.95 0.76 -10.92
CA TYR I 80 64.43 1.08 -9.59
C TYR I 80 65.56 0.16 -9.14
N SER I 81 66.14 -0.61 -10.07
CA SER I 81 67.32 -1.42 -9.78
C SER I 81 68.57 -0.63 -10.16
N LYS I 82 69.74 -1.28 -10.09
CA LYS I 82 70.98 -0.60 -10.46
C LYS I 82 71.12 -0.46 -11.97
N ALA I 83 70.70 -1.46 -12.72
CA ALA I 83 70.86 -1.46 -14.16
C ALA I 83 69.93 -0.48 -14.86
N GLY I 84 68.80 -0.13 -14.24
CA GLY I 84 67.86 0.79 -14.85
C GLY I 84 67.94 2.18 -14.28
N ARG I 85 69.11 2.55 -13.75
CA ARG I 85 69.24 3.87 -13.13
C ARG I 85 69.31 4.98 -14.17
N GLU I 86 69.95 4.72 -15.32
CA GLU I 86 70.11 5.76 -16.35
C GLU I 86 68.81 6.06 -17.08
N GLU I 87 67.96 5.06 -17.27
CA GLU I 87 66.67 5.31 -17.90
C GLU I 87 65.73 6.06 -16.95
N LEU I 88 65.95 5.92 -15.64
CA LEU I 88 65.05 6.52 -14.65
C LEU I 88 65.11 8.04 -14.65
N GLU I 89 66.29 8.65 -14.87
CA GLU I 89 66.34 10.11 -14.95
C GLU I 89 65.72 10.60 -16.26
N ARG I 90 65.73 9.77 -17.30
CA ARG I 90 65.23 10.19 -18.60
C ARG I 90 63.70 10.26 -18.61
N VAL I 91 63.04 9.29 -17.97
CA VAL I 91 61.58 9.20 -18.05
C VAL I 91 60.86 9.93 -16.92
N ASN I 92 61.58 10.44 -15.92
CA ASN I 92 60.98 11.31 -14.92
C ASN I 92 61.06 12.78 -15.28
N VAL I 93 61.53 13.10 -16.49
CA VAL I 93 61.53 14.46 -16.97
C VAL I 93 60.10 14.88 -17.31
N SER J 2 3.71 -46.06 13.67
CA SER J 2 4.79 -46.02 12.72
C SER J 2 5.64 -44.78 12.96
N LEU J 3 6.92 -44.87 12.59
CA LEU J 3 7.93 -43.96 13.14
C LEU J 3 7.90 -42.57 12.50
N TYR J 4 7.11 -42.37 11.44
CA TYR J 4 6.74 -40.99 11.11
C TYR J 4 5.78 -40.45 12.16
N LYS J 5 4.74 -41.21 12.47
CA LYS J 5 3.67 -40.67 13.30
C LYS J 5 4.03 -40.66 14.78
N THR J 6 5.16 -41.24 15.16
CA THR J 6 5.64 -41.15 16.53
C THR J 6 6.76 -40.12 16.70
N PHE J 7 7.26 -39.53 15.61
CA PHE J 7 8.37 -38.58 15.69
C PHE J 7 8.09 -37.24 15.03
N PHE J 8 7.40 -37.21 13.89
CA PHE J 8 7.26 -35.97 13.12
C PHE J 8 5.84 -35.59 12.75
N LYS J 9 4.84 -36.41 13.09
CA LYS J 9 3.46 -36.02 12.80
C LYS J 9 2.96 -35.01 13.81
N ARG J 10 3.04 -35.34 15.09
CA ARG J 10 2.42 -34.54 16.14
C ARG J 10 3.25 -33.28 16.31
N ASN J 11 2.78 -32.20 15.69
CA ASN J 11 3.50 -30.96 15.58
C ASN J 11 3.19 -30.01 16.73
N ALA J 12 2.68 -30.56 17.83
CA ALA J 12 2.81 -29.97 19.15
C ALA J 12 4.16 -30.28 19.76
N VAL J 13 4.82 -31.36 19.33
CA VAL J 13 6.19 -31.65 19.73
C VAL J 13 7.15 -31.76 18.56
N PHE J 14 6.71 -31.60 17.32
CA PHE J 14 7.69 -31.42 16.26
C PHE J 14 8.34 -30.04 16.38
N VAL J 15 7.57 -29.05 16.84
CA VAL J 15 8.18 -27.81 17.30
C VAL J 15 8.88 -28.05 18.64
N GLY J 16 8.34 -28.95 19.46
CA GLY J 16 8.89 -29.27 20.76
C GLY J 16 10.18 -30.07 20.79
N THR J 17 10.26 -31.16 20.00
CA THR J 17 11.44 -32.02 20.05
C THR J 17 12.65 -31.34 19.41
N ILE J 18 12.44 -30.55 18.35
CA ILE J 18 13.54 -29.76 17.82
C ILE J 18 13.91 -28.62 18.77
N PHE J 19 12.99 -28.29 19.73
CA PHE J 19 13.33 -27.27 20.77
C PHE J 19 13.92 -27.98 21.98
N ALA J 20 13.50 -29.18 22.41
CA ALA J 20 14.19 -30.00 23.48
C ALA J 20 15.38 -30.86 23.02
N GLY J 21 15.44 -31.45 21.81
CA GLY J 21 16.69 -32.10 21.45
C GLY J 21 17.84 -31.15 21.28
N ALA J 22 17.57 -29.86 21.08
CA ALA J 22 18.63 -28.86 20.94
C ALA J 22 19.20 -28.41 22.28
N PHE J 23 18.54 -28.74 23.39
CA PHE J 23 19.06 -28.38 24.71
C PHE J 23 20.16 -29.34 25.15
N VAL J 24 19.90 -30.64 25.06
CA VAL J 24 20.93 -31.62 25.42
C VAL J 24 22.02 -31.69 24.34
N PHE J 25 21.75 -31.17 23.15
CA PHE J 25 22.75 -31.13 22.08
C PHE J 25 23.89 -30.19 22.43
N GLN J 26 23.62 -29.14 23.21
CA GLN J 26 24.63 -28.11 23.48
C GLN J 26 25.74 -28.62 24.39
N THR J 27 25.39 -29.42 25.40
CA THR J 27 26.38 -29.86 26.37
C THR J 27 27.22 -31.03 25.86
N VAL J 28 26.63 -31.92 25.06
CA VAL J 28 27.39 -33.06 24.53
C VAL J 28 28.36 -32.59 23.44
N PHE J 29 27.94 -31.62 22.62
CA PHE J 29 28.77 -31.10 21.56
C PHE J 29 29.95 -30.30 22.12
N ASP J 30 29.71 -29.51 23.18
CA ASP J 30 30.78 -28.70 23.75
C ASP J 30 31.77 -29.53 24.54
N THR J 31 31.33 -30.66 25.09
CA THR J 31 32.25 -31.54 25.82
C THR J 31 33.14 -32.31 24.86
N ALA J 32 32.61 -32.69 23.69
CA ALA J 32 33.36 -33.50 22.74
C ALA J 32 34.45 -32.70 22.04
N ILE J 33 34.17 -31.44 21.70
CA ILE J 33 35.14 -30.63 20.97
C ILE J 33 36.27 -30.16 21.89
N THR J 34 35.93 -29.75 23.12
CA THR J 34 36.93 -29.29 24.08
C THR J 34 37.91 -30.39 24.44
N SER J 35 37.43 -31.63 24.54
CA SER J 35 38.30 -32.76 24.82
C SER J 35 39.22 -33.07 23.63
N TRP J 36 38.70 -32.91 22.41
CA TRP J 36 39.54 -33.12 21.23
C TRP J 36 40.55 -31.99 21.06
N TYR J 37 40.14 -30.76 21.36
CA TYR J 37 41.00 -29.59 21.15
C TYR J 37 42.15 -29.55 22.15
N GLU J 38 41.92 -30.00 23.38
CA GLU J 38 42.98 -30.01 24.38
C GLU J 38 43.93 -31.18 24.22
N ASN J 39 43.45 -32.31 23.69
CA ASN J 39 44.34 -33.45 23.45
C ASN J 39 45.23 -33.21 22.25
N HIS J 40 44.76 -32.44 21.26
CA HIS J 40 45.58 -32.10 20.11
C HIS J 40 46.71 -31.16 20.49
N ASN J 41 46.54 -30.37 21.56
CA ASN J 41 47.51 -29.39 22.01
C ASN J 41 48.10 -29.74 23.36
N LYS J 42 48.30 -31.02 23.64
CA LYS J 42 48.84 -31.43 24.93
C LYS J 42 50.32 -31.12 25.04
N GLY J 43 50.76 -30.79 26.25
CA GLY J 43 52.11 -30.34 26.48
C GLY J 43 52.33 -28.86 26.26
N LYS J 44 51.32 -28.13 25.78
CA LYS J 44 51.45 -26.70 25.53
C LYS J 44 50.57 -25.84 26.40
N LEU J 45 49.56 -26.41 27.06
CA LEU J 45 48.64 -25.63 27.88
C LEU J 45 49.31 -25.25 29.21
N TRP J 46 48.65 -24.34 29.93
CA TRP J 46 49.19 -23.89 31.22
C TRP J 46 49.08 -24.99 32.27
N LYS J 47 48.07 -25.85 32.18
CA LYS J 47 47.96 -26.94 33.14
C LYS J 47 49.04 -28.00 32.93
N ASP J 48 49.53 -28.16 31.71
CA ASP J 48 50.66 -29.04 31.48
C ASP J 48 51.98 -28.40 31.88
N VAL J 49 52.01 -27.06 31.95
CA VAL J 49 53.21 -26.36 32.39
C VAL J 49 53.29 -26.33 33.91
N LYS J 50 52.15 -26.05 34.58
CA LYS J 50 52.13 -25.94 36.04
C LYS J 50 52.43 -27.27 36.72
N ALA J 51 52.17 -28.39 36.03
CA ALA J 51 52.44 -29.71 36.58
C ALA J 51 53.93 -30.04 36.69
N ARG J 52 54.83 -29.26 36.09
CA ARG J 52 56.25 -29.46 36.31
C ARG J 52 57.05 -28.16 36.46
N ILE J 53 56.39 -27.02 36.62
CA ILE J 53 56.98 -25.83 37.22
C ILE J 53 56.62 -25.79 38.71
N ALA J 54 56.14 -26.93 39.24
CA ALA J 54 55.94 -27.08 40.67
C ALA J 54 57.27 -27.09 41.42
N ALA J 55 58.34 -27.54 40.77
CA ALA J 55 59.73 -27.50 41.25
C ALA J 55 59.93 -28.18 42.62
N ALA K 1 -29.30 37.59 -52.00
CA ALA K 1 -29.64 37.59 -50.58
C ALA K 1 -29.64 39.01 -50.02
N GLU K 2 -30.81 39.51 -49.64
CA GLU K 2 -30.95 40.88 -49.15
C GLU K 2 -32.18 40.97 -48.27
N VAL K 3 -32.05 41.71 -47.16
CA VAL K 3 -33.18 41.99 -46.30
C VAL K 3 -33.65 43.42 -46.57
N THR K 4 -34.91 43.69 -46.25
CA THR K 4 -35.49 45.01 -46.48
C THR K 4 -36.35 45.38 -45.28
N GLN K 5 -35.99 46.46 -44.60
CA GLN K 5 -36.75 46.98 -43.47
C GLN K 5 -37.46 48.25 -43.90
N LEU K 6 -38.73 48.37 -43.52
CA LEU K 6 -39.53 49.54 -43.84
C LEU K 6 -40.49 49.80 -42.68
N SER K 7 -40.65 51.07 -42.33
CA SER K 7 -41.57 51.48 -41.28
C SER K 7 -42.60 52.45 -41.84
N ASN K 8 -43.88 52.19 -41.55
CA ASN K 8 -44.96 53.12 -41.85
C ASN K 8 -45.83 53.35 -40.62
N GLY K 9 -45.30 53.06 -39.44
CA GLY K 9 -46.07 52.91 -38.22
C GLY K 9 -45.87 51.51 -37.69
N ILE K 10 -45.80 50.56 -38.62
CA ILE K 10 -45.52 49.15 -38.32
C ILE K 10 -44.20 48.80 -38.98
N VAL K 11 -43.30 48.17 -38.24
CA VAL K 11 -42.02 47.72 -38.78
C VAL K 11 -42.25 46.43 -39.56
N VAL K 12 -41.88 46.44 -40.84
CA VAL K 12 -42.06 45.30 -41.74
C VAL K 12 -40.70 44.89 -42.29
N ALA K 13 -40.33 43.64 -42.11
CA ALA K 13 -39.05 43.10 -42.58
C ALA K 13 -39.29 41.85 -43.42
N THR K 14 -38.56 41.73 -44.53
CA THR K 14 -38.69 40.60 -45.43
C THR K 14 -37.33 40.05 -45.82
N GLU K 15 -37.34 38.84 -46.38
CA GLU K 15 -36.14 38.18 -46.89
C GLU K 15 -36.57 37.29 -48.06
N HIS K 16 -36.50 37.83 -49.27
CA HIS K 16 -37.08 37.20 -50.44
C HIS K 16 -36.17 36.08 -50.97
N ASN K 17 -36.79 34.96 -51.33
CA ASN K 17 -36.09 33.82 -51.93
C ASN K 17 -36.99 33.25 -53.02
N PRO K 18 -36.73 33.58 -54.29
CA PRO K 18 -37.59 33.08 -55.38
C PRO K 18 -37.33 31.62 -55.77
N SER K 19 -36.39 30.93 -55.12
CA SER K 19 -36.18 29.51 -55.38
C SER K 19 -36.98 28.62 -54.45
N ALA K 20 -37.49 29.14 -53.33
CA ALA K 20 -38.22 28.34 -52.37
C ALA K 20 -39.63 28.03 -52.89
N HIS K 21 -40.23 26.99 -52.32
CA HIS K 21 -41.54 26.52 -52.76
C HIS K 21 -42.64 26.80 -51.75
N THR K 22 -42.35 27.43 -50.62
CA THR K 22 -43.34 27.86 -49.64
C THR K 22 -43.05 29.29 -49.21
N ALA K 23 -43.99 29.87 -48.47
CA ALA K 23 -43.84 31.19 -47.87
C ALA K 23 -44.26 31.15 -46.41
N SER K 24 -43.79 32.12 -45.64
CA SER K 24 -44.03 32.13 -44.20
C SER K 24 -44.16 33.58 -43.72
N VAL K 25 -45.23 33.85 -42.96
CA VAL K 25 -45.60 35.21 -42.55
C VAL K 25 -46.05 35.16 -41.09
N GLY K 26 -45.52 36.06 -40.27
CA GLY K 26 -45.89 36.09 -38.87
C GLY K 26 -45.55 37.39 -38.19
N VAL K 27 -45.66 37.38 -36.86
CA VAL K 27 -45.37 38.52 -36.01
C VAL K 27 -44.49 38.07 -34.84
N VAL K 28 -43.45 38.85 -34.55
CA VAL K 28 -42.54 38.58 -33.45
C VAL K 28 -42.62 39.73 -32.46
N PHE K 29 -42.77 39.39 -31.17
CA PHE K 29 -42.84 40.38 -30.10
C PHE K 29 -41.53 40.39 -29.32
N GLY K 30 -41.19 41.56 -28.78
CA GLY K 30 -39.92 41.75 -28.11
C GLY K 30 -39.92 41.48 -26.62
N SER K 31 -40.85 40.65 -26.15
CA SER K 31 -40.87 40.20 -24.76
C SER K 31 -40.78 38.69 -24.71
N GLY K 32 -40.11 38.18 -23.69
CA GLY K 32 -39.94 36.75 -23.50
C GLY K 32 -40.23 36.35 -22.06
N ALA K 33 -39.53 35.31 -21.62
CA ALA K 33 -39.67 34.83 -20.25
C ALA K 33 -38.96 35.73 -19.24
N ALA K 34 -38.04 36.59 -19.70
CA ALA K 34 -37.36 37.52 -18.83
C ALA K 34 -38.14 38.81 -18.60
N ASN K 35 -39.40 38.88 -19.05
CA ASN K 35 -40.29 39.99 -18.76
C ASN K 35 -41.42 39.58 -17.85
N GLU K 36 -41.32 38.42 -17.21
CA GLU K 36 -42.31 37.93 -16.25
C GLU K 36 -41.76 38.07 -14.84
N ASN K 37 -42.62 37.76 -13.86
CA ASN K 37 -42.25 37.82 -12.44
C ASN K 37 -42.42 36.39 -11.90
N PRO K 38 -41.97 36.06 -10.69
CA PRO K 38 -42.12 34.67 -10.21
C PRO K 38 -43.56 34.19 -9.95
N TYR K 39 -44.58 35.03 -10.13
CA TYR K 39 -45.95 34.58 -9.88
C TYR K 39 -46.75 34.31 -11.14
N ASN K 40 -46.38 34.89 -12.27
CA ASN K 40 -47.03 34.57 -13.55
C ASN K 40 -46.06 33.87 -14.50
N ASN K 41 -45.08 33.15 -13.96
CA ASN K 41 -44.11 32.44 -14.78
C ASN K 41 -44.78 31.27 -15.48
N GLY K 42 -44.68 31.24 -16.81
CA GLY K 42 -45.40 30.28 -17.63
C GLY K 42 -46.55 30.86 -18.40
N VAL K 43 -46.77 32.18 -18.33
CA VAL K 43 -47.89 32.78 -19.05
C VAL K 43 -47.59 32.87 -20.55
N SER K 44 -46.31 32.96 -20.93
CA SER K 44 -45.97 32.97 -22.36
C SER K 44 -46.15 31.58 -22.97
N ASN K 45 -45.78 30.54 -22.21
CA ASN K 45 -45.94 29.17 -22.68
C ASN K 45 -47.40 28.77 -22.79
N LEU K 46 -48.29 29.40 -22.03
CA LEU K 46 -49.72 29.15 -22.18
C LEU K 46 -50.29 29.85 -23.41
N TRP K 47 -49.78 31.04 -23.74
CA TRP K 47 -50.25 31.75 -24.92
C TRP K 47 -49.85 31.03 -26.21
N LYS K 48 -48.74 30.30 -26.19
CA LYS K 48 -48.32 29.52 -27.35
C LYS K 48 -49.28 28.37 -27.62
N ASN K 49 -49.66 27.64 -26.57
CA ASN K 49 -50.54 26.49 -26.74
C ASN K 49 -52.00 26.88 -26.93
N ILE K 50 -52.38 28.11 -26.60
CA ILE K 50 -53.69 28.63 -26.98
C ILE K 50 -53.74 28.86 -28.48
N PHE K 51 -52.66 29.42 -29.05
CA PHE K 51 -52.57 29.67 -30.48
C PHE K 51 -52.50 28.38 -31.28
N LEU K 52 -51.91 27.32 -30.71
CA LEU K 52 -51.77 26.04 -31.37
C LEU K 52 -52.85 25.03 -30.96
N SER K 53 -53.96 25.50 -30.40
CA SER K 53 -55.03 24.61 -29.95
C SER K 53 -55.81 24.07 -31.16
N LYS K 54 -56.70 23.11 -30.86
CA LYS K 54 -57.24 22.25 -31.90
C LYS K 54 -58.25 22.97 -32.79
N GLU K 55 -59.11 23.81 -32.19
CA GLU K 55 -60.10 24.53 -32.97
C GLU K 55 -59.47 25.64 -33.80
N ASN K 56 -58.38 26.24 -33.31
CA ASN K 56 -57.67 27.24 -34.09
C ASN K 56 -56.88 26.61 -35.21
N SER K 57 -56.32 25.43 -34.99
CA SER K 57 -55.58 24.72 -36.03
C SER K 57 -56.50 24.15 -37.10
N ALA K 58 -57.75 23.87 -36.76
CA ALA K 58 -58.69 23.30 -37.73
C ALA K 58 -59.19 24.35 -38.71
N VAL K 59 -59.37 25.60 -38.26
CA VAL K 59 -59.77 26.68 -39.15
C VAL K 59 -58.65 26.96 -40.15
N ALA K 60 -57.40 26.88 -39.71
CA ALA K 60 -56.27 27.13 -40.59
C ALA K 60 -56.08 26.00 -41.60
N ALA K 61 -56.37 24.75 -41.19
CA ALA K 61 -56.10 23.60 -42.05
C ALA K 61 -57.09 23.48 -43.20
N LYS K 62 -58.32 23.98 -43.04
CA LYS K 62 -59.26 24.01 -44.16
C LYS K 62 -58.86 25.02 -45.23
N GLU K 63 -58.05 26.02 -44.88
CA GLU K 63 -57.52 26.96 -45.85
C GLU K 63 -56.22 26.47 -46.49
N GLY K 64 -55.52 25.55 -45.85
CA GLY K 64 -54.23 25.10 -46.30
C GLY K 64 -53.05 25.72 -45.58
N LEU K 65 -53.20 26.08 -44.31
CA LEU K 65 -52.17 26.77 -43.56
C LEU K 65 -51.67 25.90 -42.40
N ALA K 66 -50.43 26.14 -41.99
CA ALA K 66 -49.84 25.49 -40.84
C ALA K 66 -49.34 26.56 -39.86
N LEU K 67 -49.29 26.20 -38.58
CA LEU K 67 -49.00 27.15 -37.51
C LEU K 67 -47.77 26.71 -36.72
N SER K 68 -46.98 27.69 -36.29
CA SER K 68 -45.81 27.47 -35.44
C SER K 68 -45.74 28.57 -34.40
N SER K 69 -45.03 28.30 -33.31
CA SER K 69 -44.83 29.27 -32.24
C SER K 69 -43.60 28.87 -31.43
N ASN K 70 -42.89 29.88 -30.93
CA ASN K 70 -41.63 29.68 -30.21
C ASN K 70 -41.53 30.66 -29.06
N ILE K 71 -41.09 30.18 -27.89
CA ILE K 71 -40.93 31.00 -26.70
C ILE K 71 -39.45 30.98 -26.32
N SER K 72 -38.85 32.17 -26.21
CA SER K 72 -37.47 32.29 -25.76
C SER K 72 -37.38 33.26 -24.58
N ARG K 73 -36.15 33.64 -24.20
CA ARG K 73 -35.98 34.53 -23.06
C ARG K 73 -36.20 35.99 -23.42
N ASP K 74 -35.99 36.37 -24.69
CA ASP K 74 -36.11 37.76 -25.10
C ASP K 74 -37.24 38.01 -26.09
N PHE K 75 -37.81 36.98 -26.69
CA PHE K 75 -38.79 37.19 -27.75
C PHE K 75 -39.75 36.02 -27.82
N GLN K 76 -40.82 36.19 -28.59
CA GLN K 76 -41.78 35.14 -28.90
C GLN K 76 -42.45 35.45 -30.24
N SER K 77 -42.78 34.40 -31.00
CA SER K 77 -43.28 34.56 -32.36
C SER K 77 -44.48 33.68 -32.61
N TYR K 78 -45.28 34.07 -33.61
CA TYR K 78 -46.50 33.38 -34.01
C TYR K 78 -46.57 33.40 -35.53
N ILE K 79 -46.41 32.24 -36.18
CA ILE K 79 -46.05 32.14 -37.59
C ILE K 79 -47.07 31.30 -38.33
N VAL K 80 -47.51 31.78 -39.51
CA VAL K 80 -48.38 31.05 -40.43
C VAL K 80 -47.62 30.77 -41.72
N SER K 81 -47.74 29.53 -42.22
CA SER K 81 -47.07 29.11 -43.45
C SER K 81 -48.09 28.66 -44.49
N SER K 82 -47.74 28.80 -45.77
CA SER K 82 -48.64 28.49 -46.87
C SER K 82 -47.84 28.31 -48.15
N LEU K 83 -48.56 27.97 -49.22
CA LEU K 83 -48.02 27.99 -50.57
C LEU K 83 -47.83 29.44 -51.03
N PRO K 84 -46.95 29.69 -52.02
CA PRO K 84 -46.63 31.09 -52.39
C PRO K 84 -47.79 31.86 -53.02
N GLY K 85 -48.83 31.19 -53.49
CA GLY K 85 -49.97 31.89 -54.05
C GLY K 85 -51.07 32.24 -53.08
N SER K 86 -50.89 32.00 -51.78
CA SER K 86 -51.96 32.22 -50.81
C SER K 86 -51.43 32.91 -49.55
N THR K 87 -50.58 33.93 -49.73
CA THR K 87 -50.15 34.72 -48.60
C THR K 87 -51.18 35.75 -48.16
N ASP K 88 -52.22 35.98 -48.96
CA ASP K 88 -53.30 36.87 -48.53
C ASP K 88 -54.24 36.18 -47.55
N LYS K 89 -54.43 34.87 -47.71
CA LYS K 89 -55.23 34.12 -46.75
C LYS K 89 -54.50 33.95 -45.42
N SER K 90 -53.18 33.84 -45.45
CA SER K 90 -52.41 33.68 -44.22
C SER K 90 -52.34 34.98 -43.42
N LEU K 91 -52.34 36.12 -44.10
CA LEU K 91 -52.37 37.41 -43.41
C LEU K 91 -53.75 37.75 -42.89
N ASP K 92 -54.81 37.20 -43.50
CA ASP K 92 -56.15 37.35 -42.94
C ASP K 92 -56.31 36.56 -41.66
N PHE K 93 -55.75 35.34 -41.62
CA PHE K 93 -55.90 34.48 -40.44
C PHE K 93 -55.18 35.07 -39.24
N LEU K 94 -54.05 35.74 -39.47
CA LEU K 94 -53.35 36.42 -38.39
C LEU K 94 -54.12 37.64 -37.88
N ASN K 95 -55.01 38.21 -38.71
CA ASN K 95 -55.78 39.37 -38.30
C ASN K 95 -57.01 38.97 -37.48
N GLN K 96 -57.75 37.95 -37.92
CA GLN K 96 -59.00 37.59 -37.26
C GLN K 96 -58.74 36.88 -35.94
N SER K 97 -57.92 35.83 -35.95
CA SER K 97 -57.82 34.95 -34.80
C SER K 97 -56.95 35.53 -33.69
N PHE K 98 -56.00 36.40 -34.03
CA PHE K 98 -55.00 36.83 -33.06
C PHE K 98 -55.05 38.31 -32.72
N ILE K 99 -55.58 39.17 -33.59
CA ILE K 99 -55.55 40.61 -33.36
C ILE K 99 -56.92 41.10 -32.91
N GLN K 100 -57.95 40.81 -33.72
CA GLN K 100 -59.30 41.30 -33.42
C GLN K 100 -59.93 40.53 -32.27
N GLN K 101 -60.22 39.25 -32.47
CA GLN K 101 -60.97 38.45 -31.51
C GLN K 101 -60.02 37.57 -30.71
N LYS K 102 -60.17 37.59 -29.38
CA LYS K 102 -59.51 36.62 -28.52
C LYS K 102 -60.44 36.02 -27.49
N ALA K 103 -61.72 36.41 -27.49
CA ALA K 103 -62.71 35.75 -26.64
C ALA K 103 -63.14 34.40 -27.21
N ASN K 104 -62.88 34.14 -28.48
CA ASN K 104 -63.12 32.81 -29.04
C ASN K 104 -62.11 31.80 -28.49
N LEU K 105 -60.83 32.21 -28.44
CA LEU K 105 -59.78 31.32 -27.97
C LEU K 105 -59.78 31.17 -26.45
N LEU K 106 -60.18 32.21 -25.72
CA LEU K 106 -60.12 32.23 -24.27
C LEU K 106 -61.42 31.81 -23.61
N SER K 107 -62.21 30.94 -24.25
CA SER K 107 -63.38 30.39 -23.61
C SER K 107 -62.97 29.43 -22.49
N SER K 108 -63.91 29.20 -21.57
CA SER K 108 -63.60 28.42 -20.37
C SER K 108 -63.35 26.95 -20.70
N SER K 109 -64.04 26.42 -21.71
CA SER K 109 -63.82 25.04 -22.09
C SER K 109 -62.49 24.84 -22.80
N ASN K 110 -62.03 25.83 -23.56
CA ASN K 110 -60.75 25.73 -24.24
C ASN K 110 -59.58 26.00 -23.31
N PHE K 111 -59.77 26.85 -22.30
CA PHE K 111 -58.67 27.22 -21.41
C PHE K 111 -58.33 26.08 -20.45
N GLU K 112 -59.34 25.38 -19.95
CA GLU K 112 -59.09 24.30 -19.00
C GLU K 112 -58.47 23.09 -19.66
N ALA K 113 -58.83 22.82 -20.93
CA ALA K 113 -58.21 21.70 -21.64
C ALA K 113 -56.78 22.00 -22.04
N THR K 114 -56.46 23.27 -22.34
CA THR K 114 -55.10 23.64 -22.70
C THR K 114 -54.18 23.63 -21.48
N LYS K 115 -54.69 24.08 -20.33
CA LYS K 115 -53.90 24.10 -19.10
C LYS K 115 -53.58 22.69 -18.60
N LYS K 116 -54.47 21.73 -18.87
CA LYS K 116 -54.18 20.34 -18.51
C LYS K 116 -53.06 19.76 -19.37
N SER K 117 -53.04 20.12 -20.66
CA SER K 117 -52.03 19.59 -21.56
C SER K 117 -50.65 20.17 -21.30
N VAL K 118 -50.59 21.43 -20.85
CA VAL K 118 -49.31 22.07 -20.58
C VAL K 118 -48.70 21.53 -19.28
N LEU K 119 -49.54 21.25 -18.28
CA LEU K 119 -49.05 20.73 -17.00
C LEU K 119 -48.46 19.35 -17.14
N LYS K 120 -48.96 18.55 -18.09
CA LYS K 120 -48.38 17.23 -18.33
C LYS K 120 -47.04 17.32 -19.05
N GLN K 121 -46.88 18.32 -19.93
CA GLN K 121 -45.61 18.49 -20.64
C GLN K 121 -44.49 18.91 -19.70
N VAL K 122 -44.78 19.82 -18.77
CA VAL K 122 -43.77 20.29 -17.82
C VAL K 122 -43.39 19.19 -16.83
N GLN K 123 -44.34 18.33 -16.48
CA GLN K 123 -44.05 17.23 -15.56
C GLN K 123 -43.17 16.17 -16.22
N ASP K 124 -43.39 15.89 -17.50
CA ASP K 124 -42.56 14.92 -18.19
C ASP K 124 -41.19 15.48 -18.54
N PHE K 125 -41.07 16.81 -18.65
CA PHE K 125 -39.77 17.44 -18.86
C PHE K 125 -38.89 17.32 -17.61
N GLU K 126 -39.48 17.54 -16.43
CA GLU K 126 -38.71 17.53 -15.19
C GLU K 126 -38.31 16.14 -14.74
N GLU K 127 -38.91 15.09 -15.31
CA GLU K 127 -38.61 13.73 -14.89
C GLU K 127 -37.71 12.97 -15.85
N ASN K 128 -37.66 13.35 -17.13
CA ASN K 128 -36.99 12.53 -18.13
C ASN K 128 -35.87 13.23 -18.90
N ASP K 129 -35.94 14.55 -19.09
CA ASP K 129 -35.02 15.25 -19.98
C ASP K 129 -33.88 15.87 -19.16
N HIS K 130 -32.90 15.03 -18.84
CA HIS K 130 -31.80 15.39 -17.95
C HIS K 130 -30.75 16.36 -18.50
N PRO K 131 -30.32 16.32 -19.78
CA PRO K 131 -29.38 17.38 -20.22
C PRO K 131 -29.99 18.76 -20.30
N ASN K 132 -31.24 18.88 -20.74
CA ASN K 132 -31.83 20.20 -20.91
C ASN K 132 -32.32 20.82 -19.61
N ARG K 133 -32.63 20.01 -18.59
CA ARG K 133 -33.05 20.58 -17.32
C ARG K 133 -31.87 20.94 -16.42
N VAL K 134 -30.69 20.38 -16.67
CA VAL K 134 -29.48 20.85 -15.97
C VAL K 134 -29.07 22.22 -16.50
N LEU K 135 -29.21 22.43 -17.81
CA LEU K 135 -28.92 23.74 -18.39
C LEU K 135 -29.93 24.80 -17.96
N GLU K 136 -31.18 24.39 -17.70
CA GLU K 136 -32.15 25.32 -17.14
C GLU K 136 -31.80 25.68 -15.69
N HIS K 137 -31.28 24.72 -14.92
CA HIS K 137 -30.87 25.00 -13.56
C HIS K 137 -29.58 25.82 -13.50
N LEU K 138 -28.77 25.79 -14.57
CA LEU K 138 -27.58 26.63 -14.61
C LEU K 138 -27.94 28.10 -14.76
N HIS K 139 -29.02 28.41 -15.49
CA HIS K 139 -29.47 29.78 -15.62
C HIS K 139 -30.03 30.31 -14.31
N SER K 140 -30.73 29.47 -13.54
CA SER K 140 -31.40 29.95 -12.34
C SER K 140 -30.43 30.17 -11.19
N THR K 141 -29.28 29.49 -11.18
CA THR K 141 -28.29 29.75 -10.13
C THR K 141 -27.32 30.87 -10.49
N ALA K 142 -27.04 31.07 -11.78
CA ALA K 142 -26.09 32.10 -12.19
C ALA K 142 -26.69 33.49 -12.16
N PHE K 143 -28.00 33.61 -12.38
CA PHE K 143 -28.70 34.88 -12.38
C PHE K 143 -29.78 34.92 -11.33
N GLN K 144 -29.51 34.44 -10.11
CA GLN K 144 -30.54 34.34 -9.09
C GLN K 144 -31.02 35.72 -8.62
N ASN K 145 -32.32 35.84 -8.40
CA ASN K 145 -33.03 37.07 -8.00
C ASN K 145 -32.82 38.20 -9.01
N THR K 146 -33.20 37.91 -10.25
CA THR K 146 -32.87 38.65 -11.47
C THR K 146 -33.73 38.08 -12.60
N PRO K 147 -34.23 38.91 -13.52
CA PRO K 147 -35.21 38.41 -14.52
C PRO K 147 -34.70 37.35 -15.48
N LEU K 148 -33.39 37.18 -15.63
CA LEU K 148 -32.83 36.18 -16.53
C LEU K 148 -32.79 34.78 -15.92
N SER K 149 -33.39 34.55 -14.75
CA SER K 149 -33.36 33.25 -14.09
C SER K 149 -34.62 32.43 -14.30
N LEU K 150 -35.70 33.02 -14.78
CA LEU K 150 -36.97 32.32 -14.85
C LEU K 150 -36.96 31.33 -16.03
N PRO K 151 -37.43 30.10 -15.82
CA PRO K 151 -37.48 29.13 -16.91
C PRO K 151 -38.54 29.47 -17.94
N THR K 152 -38.26 29.11 -19.20
CA THR K 152 -39.12 29.49 -20.31
C THR K 152 -40.43 28.71 -20.33
N ARG K 153 -40.48 27.53 -19.73
CA ARG K 153 -41.72 26.77 -19.67
C ARG K 153 -42.57 27.09 -18.44
N GLY K 154 -41.99 27.72 -17.42
CA GLY K 154 -42.64 27.84 -16.14
C GLY K 154 -42.42 26.62 -15.27
N THR K 155 -42.86 26.74 -14.02
CA THR K 155 -42.80 25.63 -13.08
C THR K 155 -44.20 25.10 -12.81
N LEU K 156 -44.26 23.90 -12.23
CA LEU K 156 -45.55 23.28 -11.91
C LEU K 156 -46.28 24.04 -10.82
N GLU K 157 -45.54 24.67 -9.90
CA GLU K 157 -46.16 25.38 -8.79
C GLU K 157 -46.74 26.72 -9.24
N SER K 158 -46.10 27.37 -10.20
CA SER K 158 -46.56 28.66 -10.69
C SER K 158 -47.62 28.54 -11.78
N LEU K 159 -47.69 27.41 -12.48
CA LEU K 159 -48.64 27.27 -13.58
C LEU K 159 -50.06 27.01 -13.09
N GLU K 160 -50.22 26.38 -11.93
CA GLU K 160 -51.56 26.03 -11.47
C GLU K 160 -52.33 27.21 -10.89
N ASN K 161 -51.65 28.30 -10.57
CA ASN K 161 -52.33 29.49 -10.06
C ASN K 161 -52.81 30.42 -11.16
N LEU K 162 -52.56 30.09 -12.43
CA LEU K 162 -52.88 30.99 -13.53
C LEU K 162 -54.35 30.87 -13.92
N VAL K 163 -54.99 32.02 -14.14
CA VAL K 163 -56.38 32.08 -14.59
C VAL K 163 -56.42 32.85 -15.91
N VAL K 164 -57.63 33.06 -16.43
CA VAL K 164 -57.79 33.74 -17.71
C VAL K 164 -57.40 35.20 -17.60
N ALA K 165 -57.69 35.83 -16.45
CA ALA K 165 -57.36 37.24 -16.25
C ALA K 165 -55.86 37.51 -16.18
N ASP K 166 -55.05 36.48 -15.89
CA ASP K 166 -53.60 36.64 -15.94
C ASP K 166 -53.10 36.72 -17.37
N LEU K 167 -53.73 35.98 -18.29
CA LEU K 167 -53.30 36.01 -19.69
C LEU K 167 -53.73 37.29 -20.38
N GLU K 168 -54.90 37.83 -20.04
CA GLU K 168 -55.33 39.10 -20.62
C GLU K 168 -54.53 40.28 -20.09
N SER K 169 -54.02 40.17 -18.85
CA SER K 169 -53.19 41.23 -18.31
C SER K 169 -51.81 41.26 -18.95
N PHE K 170 -51.29 40.10 -19.33
CA PHE K 170 -50.00 40.06 -20.03
C PHE K 170 -50.12 40.57 -21.45
N ALA K 171 -51.26 40.29 -22.11
CA ALA K 171 -51.43 40.70 -23.49
C ALA K 171 -51.64 42.19 -23.64
N ASN K 172 -52.24 42.84 -22.63
CA ASN K 172 -52.43 44.28 -22.68
C ASN K 172 -51.15 45.06 -22.42
N ASN K 173 -50.13 44.42 -21.86
CA ASN K 173 -48.88 45.10 -21.54
C ASN K 173 -47.77 44.84 -22.54
N HIS K 174 -47.85 43.78 -23.34
CA HIS K 174 -46.71 43.40 -24.16
C HIS K 174 -47.05 43.23 -25.64
N PHE K 175 -48.30 42.88 -25.95
CA PHE K 175 -48.69 42.67 -27.35
C PHE K 175 -49.09 44.01 -27.95
N LEU K 176 -48.07 44.83 -28.22
CA LEU K 176 -48.25 46.21 -28.63
C LEU K 176 -47.57 46.45 -29.98
N ASN K 177 -47.95 47.57 -30.61
CA ASN K 177 -47.41 47.91 -31.92
C ASN K 177 -45.95 48.35 -31.83
N SER K 178 -45.55 48.97 -30.73
CA SER K 178 -44.16 49.40 -30.56
C SER K 178 -43.25 48.28 -30.05
N ASN K 179 -43.78 47.07 -29.89
CA ASN K 179 -43.01 45.92 -29.45
C ASN K 179 -42.99 44.81 -30.50
N ALA K 180 -43.47 45.08 -31.71
CA ALA K 180 -43.74 44.03 -32.69
C ALA K 180 -43.03 44.30 -34.01
N VAL K 181 -42.74 43.22 -34.72
CA VAL K 181 -42.19 43.25 -36.08
C VAL K 181 -42.97 42.22 -36.90
N VAL K 182 -43.47 42.65 -38.06
CA VAL K 182 -44.11 41.73 -39.00
C VAL K 182 -43.05 41.22 -39.97
N VAL K 183 -42.93 39.89 -40.07
CA VAL K 183 -41.88 39.26 -40.85
C VAL K 183 -42.47 38.47 -42.00
N GLY K 184 -41.65 38.27 -43.03
CA GLY K 184 -42.01 37.45 -44.17
C GLY K 184 -40.79 36.81 -44.80
N THR K 185 -40.80 35.50 -44.97
CA THR K 185 -39.65 34.77 -45.49
C THR K 185 -40.11 33.80 -46.58
N GLY K 186 -39.14 33.26 -47.32
CA GLY K 186 -39.43 32.36 -48.40
C GLY K 186 -39.73 33.07 -49.71
N ASN K 187 -40.77 32.63 -50.40
CA ASN K 187 -41.10 33.12 -51.73
C ASN K 187 -42.19 34.20 -51.62
N ILE K 188 -41.77 35.39 -51.19
CA ILE K 188 -42.69 36.52 -51.04
C ILE K 188 -41.90 37.81 -51.23
N LYS K 189 -42.42 38.70 -52.07
CA LYS K 189 -41.75 39.96 -52.37
C LYS K 189 -42.15 41.02 -51.36
N HIS K 190 -41.25 42.01 -51.18
CA HIS K 190 -41.38 42.96 -50.08
C HIS K 190 -42.54 43.93 -50.29
N GLU K 191 -42.67 44.47 -51.52
CA GLU K 191 -43.71 45.46 -51.76
C GLU K 191 -45.09 44.84 -51.88
N ASP K 192 -45.18 43.54 -52.13
CA ASP K 192 -46.47 42.85 -52.08
C ASP K 192 -46.96 42.68 -50.66
N LEU K 193 -46.06 42.61 -49.68
CA LEU K 193 -46.47 42.46 -48.30
C LEU K 193 -46.90 43.78 -47.68
N VAL K 194 -46.17 44.87 -48.00
CA VAL K 194 -46.50 46.16 -47.40
C VAL K 194 -47.76 46.77 -48.01
N ASN K 195 -48.17 46.36 -49.21
CA ASN K 195 -49.42 46.84 -49.79
C ASN K 195 -50.62 46.01 -49.35
N SER K 196 -50.40 44.77 -48.91
CA SER K 196 -51.48 43.99 -48.34
C SER K 196 -51.80 44.44 -46.92
N ILE K 197 -50.80 44.89 -46.17
CA ILE K 197 -51.04 45.44 -44.85
C ILE K 197 -51.65 46.84 -44.95
N GLU K 198 -51.18 47.64 -45.90
CA GLU K 198 -51.71 48.99 -46.07
C GLU K 198 -53.07 49.04 -46.76
N SER K 199 -53.50 47.94 -47.41
CA SER K 199 -54.86 47.87 -47.92
C SER K 199 -55.89 47.69 -46.82
N LYS K 200 -55.44 47.38 -45.61
CA LYS K 200 -56.18 47.49 -44.37
C LYS K 200 -55.49 48.55 -43.52
N ASN K 201 -55.90 48.67 -42.26
CA ASN K 201 -55.31 49.63 -41.33
C ASN K 201 -55.02 48.97 -39.99
N LEU K 202 -54.25 47.88 -40.05
CA LEU K 202 -53.82 47.14 -38.86
C LEU K 202 -53.10 48.04 -37.86
N SER K 203 -53.40 47.85 -36.58
CA SER K 203 -52.72 48.46 -35.44
C SER K 203 -53.11 47.68 -34.20
N LEU K 204 -52.12 47.23 -33.42
CA LEU K 204 -52.46 46.42 -32.25
C LEU K 204 -52.96 47.30 -31.10
N GLN K 205 -52.09 48.15 -30.57
CA GLN K 205 -52.44 49.05 -29.47
C GLN K 205 -51.34 50.10 -29.38
N THR K 206 -51.71 51.30 -28.95
CA THR K 206 -50.78 52.42 -28.84
C THR K 206 -50.27 52.55 -27.41
N GLY K 207 -48.95 52.66 -27.27
CA GLY K 207 -48.33 52.76 -25.97
C GLY K 207 -47.10 51.85 -25.88
N THR K 208 -46.38 51.97 -24.77
CA THR K 208 -45.16 51.21 -24.56
C THR K 208 -45.33 50.21 -23.42
N LYS K 209 -44.41 49.26 -23.35
CA LYS K 209 -44.45 48.17 -22.40
C LYS K 209 -43.86 48.61 -21.06
N PRO K 210 -44.11 47.88 -19.98
CA PRO K 210 -43.47 48.21 -18.70
C PRO K 210 -41.96 48.04 -18.74
N VAL K 211 -41.30 48.78 -17.85
CA VAL K 211 -39.85 48.78 -17.72
C VAL K 211 -39.49 48.09 -16.41
N LEU K 212 -38.73 47.02 -16.49
CA LEU K 212 -38.28 46.33 -15.29
C LEU K 212 -37.13 47.12 -14.65
N LYS K 213 -36.94 46.91 -13.36
CA LYS K 213 -36.00 47.73 -12.61
C LYS K 213 -34.68 47.03 -12.32
N LYS K 214 -34.70 45.72 -12.11
CA LYS K 214 -33.47 44.99 -11.87
C LYS K 214 -32.85 44.56 -13.20
N LYS K 215 -31.57 44.88 -13.36
CA LYS K 215 -30.78 44.44 -14.51
C LYS K 215 -30.12 43.11 -14.17
N ALA K 216 -29.75 42.36 -15.21
CA ALA K 216 -29.11 41.06 -15.03
C ALA K 216 -27.72 41.20 -14.42
N ALA K 217 -27.36 40.22 -13.59
CA ALA K 217 -26.08 40.22 -12.88
C ALA K 217 -25.64 38.79 -12.60
N PHE K 218 -24.39 38.48 -12.94
CA PHE K 218 -23.82 37.17 -12.72
C PHE K 218 -23.40 37.00 -11.26
N LEU K 219 -23.65 35.82 -10.70
CA LEU K 219 -23.22 35.48 -9.35
C LEU K 219 -22.61 34.09 -9.35
N GLY K 220 -21.42 33.96 -8.78
CA GLY K 220 -20.78 32.66 -8.67
C GLY K 220 -21.46 31.79 -7.63
N SER K 221 -22.01 30.65 -8.06
CA SER K 221 -22.84 29.81 -7.20
C SER K 221 -22.84 28.38 -7.72
N GLU K 222 -23.61 27.52 -7.07
CA GLU K 222 -23.78 26.14 -7.50
C GLU K 222 -25.10 25.59 -6.96
N VAL K 223 -25.65 24.62 -7.68
CA VAL K 223 -26.82 23.88 -7.25
C VAL K 223 -26.63 22.40 -7.61
N ARG K 224 -26.87 21.51 -6.65
CA ARG K 224 -26.66 20.08 -6.81
C ARG K 224 -27.97 19.33 -6.58
N LEU K 225 -28.35 18.49 -7.54
CA LEU K 225 -29.58 17.68 -7.44
C LEU K 225 -29.18 16.21 -7.55
N ARG K 226 -28.77 15.62 -6.43
CA ARG K 226 -28.21 14.27 -6.45
C ARG K 226 -29.32 13.22 -6.53
N ASP K 227 -29.16 12.26 -7.45
CA ASP K 227 -30.13 11.20 -7.68
C ASP K 227 -29.36 9.92 -7.99
N ASP K 228 -29.23 9.04 -7.01
CA ASP K 228 -28.42 7.84 -7.13
C ASP K 228 -29.09 6.72 -7.90
N THR K 229 -30.38 6.84 -8.24
CA THR K 229 -31.06 5.82 -9.02
C THR K 229 -30.99 6.05 -10.53
N LEU K 230 -30.33 7.12 -10.98
CA LEU K 230 -30.09 7.42 -12.39
C LEU K 230 -28.76 6.82 -12.84
N PRO K 231 -28.63 6.39 -14.10
CA PRO K 231 -27.43 5.67 -14.51
C PRO K 231 -26.22 6.52 -14.88
N LYS K 232 -26.37 7.84 -15.03
CA LYS K 232 -25.25 8.69 -15.45
C LYS K 232 -25.11 9.88 -14.52
N ALA K 233 -24.16 10.75 -14.86
CA ALA K 233 -24.02 12.08 -14.28
C ALA K 233 -24.06 13.12 -15.40
N TRP K 234 -24.75 14.23 -15.15
CA TRP K 234 -24.89 15.32 -16.12
C TRP K 234 -24.46 16.62 -15.45
N ILE K 235 -23.51 17.34 -16.05
CA ILE K 235 -22.88 18.52 -15.43
C ILE K 235 -22.79 19.64 -16.45
N SER K 236 -23.13 20.87 -16.03
CA SER K 236 -22.87 22.09 -16.80
C SER K 236 -22.05 23.08 -15.97
N LEU K 237 -21.19 23.84 -16.64
CA LEU K 237 -20.30 24.79 -15.98
C LEU K 237 -20.04 25.96 -16.92
N ALA K 238 -20.07 27.18 -16.38
CA ALA K 238 -19.94 28.37 -17.22
C ALA K 238 -19.38 29.56 -16.44
N VAL K 239 -18.84 30.52 -17.18
CA VAL K 239 -18.49 31.84 -16.66
C VAL K 239 -19.45 32.85 -17.29
N GLU K 240 -19.35 34.10 -16.84
CA GLU K 240 -20.10 35.18 -17.46
C GLU K 240 -19.56 35.50 -18.85
N GLY K 241 -20.44 35.56 -19.84
CA GLY K 241 -20.04 35.74 -21.23
C GLY K 241 -20.39 37.10 -21.83
N GLU K 242 -20.76 37.10 -23.13
CA GLU K 242 -20.99 38.32 -23.89
C GLU K 242 -22.47 38.50 -24.23
N PRO K 243 -22.97 39.72 -24.20
CA PRO K 243 -24.34 39.98 -24.67
C PRO K 243 -24.37 40.22 -26.17
N VAL K 244 -25.59 40.38 -26.69
CA VAL K 244 -25.78 40.89 -28.04
C VAL K 244 -25.35 42.36 -28.05
N ASN K 245 -24.82 42.81 -29.20
CA ASN K 245 -24.18 44.12 -29.43
C ASN K 245 -22.88 44.29 -28.66
N SER K 246 -22.15 43.22 -28.47
CA SER K 246 -20.83 43.30 -27.86
C SER K 246 -19.75 43.35 -28.94
N PRO K 247 -18.66 44.08 -28.70
CA PRO K 247 -17.54 44.06 -29.65
C PRO K 247 -16.74 42.76 -29.65
N ASN K 248 -16.88 41.94 -28.61
CA ASN K 248 -16.22 40.63 -28.54
C ASN K 248 -17.20 39.49 -28.78
N TYR K 249 -18.23 39.72 -29.58
CA TYR K 249 -19.27 38.72 -29.80
C TYR K 249 -18.75 37.55 -30.63
N PHE K 250 -18.02 37.83 -31.71
CA PHE K 250 -17.51 36.76 -32.56
C PHE K 250 -16.23 36.13 -32.02
N VAL K 251 -15.47 36.84 -31.19
CA VAL K 251 -14.28 36.25 -30.56
C VAL K 251 -14.68 35.20 -29.54
N ALA K 252 -15.79 35.39 -28.85
CA ALA K 252 -16.25 34.41 -27.87
C ALA K 252 -16.78 33.14 -28.54
N LYS K 253 -17.42 33.28 -29.71
CA LYS K 253 -17.88 32.12 -30.44
C LYS K 253 -16.73 31.33 -31.04
N LEU K 254 -15.64 31.99 -31.44
CA LEU K 254 -14.49 31.28 -31.97
C LEU K 254 -13.73 30.53 -30.88
N ALA K 255 -13.72 31.06 -29.66
CA ALA K 255 -13.05 30.39 -28.55
C ALA K 255 -13.77 29.10 -28.15
N ALA K 256 -15.10 29.07 -28.28
CA ALA K 256 -15.85 27.84 -28.00
C ALA K 256 -15.64 26.80 -29.11
N GLN K 257 -15.43 27.25 -30.35
CA GLN K 257 -15.19 26.35 -31.47
C GLN K 257 -13.83 25.65 -31.39
N ILE K 258 -12.89 26.20 -30.62
CA ILE K 258 -11.57 25.58 -30.44
C ILE K 258 -11.71 24.25 -29.70
N PHE K 259 -12.56 24.20 -28.69
CA PHE K 259 -12.74 22.97 -27.92
C PHE K 259 -13.88 22.10 -28.44
N GLY K 260 -14.95 22.71 -28.97
CA GLY K 260 -15.91 22.01 -29.82
C GLY K 260 -16.80 20.99 -29.11
N SER K 261 -17.20 19.97 -29.89
CA SER K 261 -18.12 18.93 -29.45
C SER K 261 -17.50 17.56 -29.70
N TYR K 262 -18.03 16.55 -29.02
CA TYR K 262 -17.44 15.22 -29.05
C TYR K 262 -18.50 14.16 -28.81
N ASN K 263 -18.34 13.02 -29.50
CA ASN K 263 -19.17 11.84 -29.30
C ASN K 263 -18.25 10.63 -29.32
N ALA K 264 -18.20 9.90 -28.20
CA ALA K 264 -17.28 8.78 -28.07
C ALA K 264 -17.66 7.57 -28.91
N PHE K 265 -18.89 7.49 -29.40
CA PHE K 265 -19.34 6.35 -30.18
C PHE K 265 -19.32 6.59 -31.68
N GLU K 266 -19.02 7.81 -32.14
CA GLU K 266 -18.85 8.06 -33.56
C GLU K 266 -17.37 8.02 -33.90
N PRO K 267 -16.95 7.20 -34.86
CA PRO K 267 -15.50 7.05 -35.13
C PRO K 267 -14.82 8.29 -35.69
N ALA K 268 -15.50 9.11 -36.50
CA ALA K 268 -14.88 10.32 -37.02
C ALA K 268 -14.82 11.43 -35.98
N SER K 269 -15.66 11.38 -34.95
CA SER K 269 -15.60 12.37 -33.88
C SER K 269 -14.36 12.18 -33.01
N ARG K 270 -13.82 10.97 -32.98
CA ARG K 270 -12.62 10.65 -32.20
C ARG K 270 -11.32 11.14 -32.85
N LEU K 271 -11.35 11.58 -34.11
CA LEU K 271 -10.16 11.95 -34.83
C LEU K 271 -10.02 13.46 -35.02
N GLN K 272 -10.76 14.27 -34.27
CA GLN K 272 -10.74 15.72 -34.45
C GLN K 272 -9.45 16.34 -33.90
N GLY K 273 -9.09 17.49 -34.45
CA GLY K 273 -7.90 18.20 -34.04
C GLY K 273 -8.06 19.02 -32.77
N ILE K 274 -8.42 18.36 -31.67
CA ILE K 274 -8.62 18.99 -30.37
C ILE K 274 -7.67 18.31 -29.40
N LYS K 275 -6.83 19.11 -28.72
CA LYS K 275 -5.82 18.56 -27.84
C LYS K 275 -6.39 18.02 -26.54
N LEU K 276 -7.63 18.36 -26.20
CA LEU K 276 -8.27 17.82 -25.00
C LEU K 276 -8.59 16.35 -25.15
N LEU K 277 -8.79 15.87 -26.39
CA LEU K 277 -9.17 14.48 -26.62
C LEU K 277 -8.07 13.47 -26.33
N ASP K 278 -6.82 13.91 -26.13
CA ASP K 278 -5.76 12.98 -25.75
C ASP K 278 -5.93 12.50 -24.31
N ASN K 279 -6.31 13.40 -23.40
CA ASN K 279 -6.48 13.02 -22.00
C ASN K 279 -7.76 12.22 -21.78
N ILE K 280 -8.81 12.53 -22.53
CA ILE K 280 -10.13 11.95 -22.29
C ILE K 280 -10.20 10.51 -22.78
N GLN K 281 -9.60 10.20 -23.92
CA GLN K 281 -9.74 8.86 -24.49
C GLN K 281 -8.79 7.85 -23.88
N GLU K 282 -7.84 8.28 -23.07
CA GLU K 282 -6.90 7.35 -22.44
C GLU K 282 -7.59 6.48 -21.39
N TYR K 283 -8.52 7.07 -20.63
CA TYR K 283 -9.25 6.31 -19.61
C TYR K 283 -10.76 6.41 -19.78
N GLN K 284 -11.23 6.96 -20.91
CA GLN K 284 -12.65 7.09 -21.27
C GLN K 284 -13.42 7.88 -20.21
N LEU K 285 -13.12 9.17 -20.14
CA LEU K 285 -13.59 10.01 -19.06
C LEU K 285 -15.03 10.50 -19.23
N CYS K 286 -15.62 10.38 -20.42
CA CYS K 286 -17.00 10.83 -20.64
C CYS K 286 -17.57 10.15 -21.87
N ASP K 287 -18.85 10.41 -22.12
CA ASP K 287 -19.55 9.94 -23.31
C ASP K 287 -19.71 11.01 -24.38
N ASN K 288 -20.00 12.26 -23.98
CA ASN K 288 -20.09 13.38 -24.92
C ASN K 288 -19.86 14.68 -24.16
N PHE K 289 -19.43 15.71 -24.90
CA PHE K 289 -19.47 17.07 -24.40
C PHE K 289 -19.73 18.02 -25.56
N ASN K 290 -20.07 19.27 -25.22
CA ASN K 290 -20.24 20.34 -26.19
C ASN K 290 -20.00 21.69 -25.51
N HIS K 291 -19.33 22.59 -26.21
CA HIS K 291 -19.05 23.93 -25.71
C HIS K 291 -20.03 24.92 -26.33
N PHE K 292 -20.34 25.99 -25.60
CA PHE K 292 -21.34 26.96 -26.05
C PHE K 292 -20.90 28.38 -25.74
N SER K 293 -21.59 29.32 -26.38
CA SER K 293 -21.44 30.75 -26.11
C SER K 293 -22.81 31.39 -26.36
N LEU K 294 -23.59 31.55 -25.29
CA LEU K 294 -24.94 32.09 -25.38
C LEU K 294 -24.93 33.58 -25.10
N SER K 295 -25.82 34.30 -25.78
CA SER K 295 -25.89 35.75 -25.69
C SER K 295 -27.32 36.21 -25.54
N TYR K 296 -27.54 37.16 -24.65
CA TYR K 296 -28.86 37.75 -24.47
C TYR K 296 -28.75 39.27 -24.55
N LYS K 297 -29.84 39.98 -24.22
CA LYS K 297 -29.83 41.42 -24.37
C LYS K 297 -28.95 42.11 -23.33
N ASP K 298 -28.74 41.50 -22.17
CA ASP K 298 -28.00 42.13 -21.10
C ASP K 298 -26.77 41.37 -20.63
N SER K 299 -26.65 40.07 -20.89
CA SER K 299 -25.55 39.26 -20.38
C SER K 299 -25.40 38.02 -21.25
N GLY K 300 -24.55 37.10 -20.82
CA GLY K 300 -24.34 35.86 -21.55
C GLY K 300 -23.63 34.82 -20.70
N LEU K 301 -23.46 33.64 -21.28
CA LEU K 301 -22.80 32.52 -20.61
C LEU K 301 -21.88 31.79 -21.56
N TRP K 302 -20.67 31.47 -21.09
CA TRP K 302 -19.67 30.75 -21.88
C TRP K 302 -19.20 29.54 -21.09
N GLY K 303 -19.35 28.35 -21.65
CA GLY K 303 -18.90 27.14 -20.98
C GLY K 303 -19.18 25.83 -21.71
N PHE K 304 -19.42 24.76 -20.97
CA PHE K 304 -19.63 23.45 -21.59
C PHE K 304 -20.58 22.60 -20.74
N SER K 305 -21.14 21.56 -21.38
CA SER K 305 -21.96 20.54 -20.73
C SER K 305 -21.40 19.17 -21.10
N THR K 306 -21.68 18.16 -20.25
CA THR K 306 -21.12 16.83 -20.46
C THR K 306 -21.99 15.78 -19.77
N ALA K 307 -21.89 14.54 -20.26
CA ALA K 307 -22.57 13.39 -19.68
C ALA K 307 -21.60 12.22 -19.57
N THR K 308 -21.66 11.49 -18.45
CA THR K 308 -20.61 10.57 -18.05
C THR K 308 -21.19 9.31 -17.40
N ARG K 309 -20.66 8.15 -17.75
CA ARG K 309 -20.89 6.90 -17.03
C ARG K 309 -19.74 6.52 -16.11
N ASN K 310 -18.57 7.15 -16.26
CA ASN K 310 -17.40 6.91 -15.42
C ASN K 310 -17.49 7.81 -14.18
N VAL K 311 -18.21 7.32 -13.16
CA VAL K 311 -18.58 8.16 -12.02
C VAL K 311 -17.50 8.24 -10.95
N THR K 312 -16.46 7.42 -11.02
CA THR K 312 -15.37 7.50 -10.06
C THR K 312 -14.23 8.40 -10.52
N MET K 313 -14.25 8.88 -11.75
CA MET K 313 -13.19 9.72 -12.30
C MET K 313 -13.75 11.06 -12.80
N ILE K 314 -14.76 11.59 -12.10
CA ILE K 314 -15.36 12.85 -12.48
C ILE K 314 -14.39 14.01 -12.25
N ASP K 315 -13.59 13.92 -11.18
CA ASP K 315 -12.65 14.99 -10.84
C ASP K 315 -11.53 15.11 -11.85
N ASP K 316 -11.16 14.02 -12.54
CA ASP K 316 -10.18 14.10 -13.60
C ASP K 316 -10.74 14.78 -14.85
N LEU K 317 -12.05 14.63 -15.09
CA LEU K 317 -12.66 15.21 -16.28
C LEU K 317 -12.77 16.73 -16.17
N ILE K 318 -13.12 17.24 -14.99
CA ILE K 318 -13.21 18.68 -14.78
C ILE K 318 -11.82 19.31 -14.77
N HIS K 319 -10.84 18.60 -14.22
CA HIS K 319 -9.49 19.13 -14.09
C HIS K 319 -8.80 19.25 -15.44
N PHE K 320 -8.97 18.27 -16.33
CA PHE K 320 -8.34 18.33 -17.64
C PHE K 320 -8.97 19.38 -18.54
N THR K 321 -10.29 19.59 -18.41
CA THR K 321 -10.97 20.59 -19.24
C THR K 321 -10.57 22.00 -18.85
N LEU K 322 -10.44 22.28 -17.55
CA LEU K 322 -10.09 23.62 -17.11
C LEU K 322 -8.63 23.95 -17.31
N LYS K 323 -7.74 22.96 -17.38
CA LYS K 323 -6.34 23.23 -17.72
C LYS K 323 -6.17 23.56 -19.19
N GLN K 324 -7.08 23.13 -20.06
CA GLN K 324 -7.04 23.55 -21.45
C GLN K 324 -7.58 24.94 -21.65
N TRP K 325 -8.51 25.38 -20.79
CA TRP K 325 -9.01 26.75 -20.85
C TRP K 325 -7.95 27.76 -20.43
N ASN K 326 -6.98 27.33 -19.60
CA ASN K 326 -5.87 28.20 -19.20
C ASN K 326 -4.97 28.54 -20.37
N ARG K 327 -4.92 27.68 -21.39
CA ARG K 327 -4.03 27.88 -22.51
C ARG K 327 -4.48 29.01 -23.44
N LEU K 328 -5.75 29.43 -23.36
CA LEU K 328 -6.21 30.54 -24.17
C LEU K 328 -5.61 31.88 -23.73
N THR K 329 -5.17 31.98 -22.49
CA THR K 329 -4.44 33.15 -22.01
C THR K 329 -2.94 33.01 -22.26
N ILE K 330 -2.41 31.80 -22.18
CA ILE K 330 -0.97 31.61 -22.15
C ILE K 330 -0.40 31.17 -23.50
N SER K 331 -0.85 30.03 -24.03
CA SER K 331 -0.09 29.37 -25.08
C SER K 331 -0.99 28.80 -26.19
N VAL K 332 -1.97 29.56 -26.66
CA VAL K 332 -2.78 29.11 -27.79
C VAL K 332 -1.99 29.33 -29.08
N THR K 333 -1.99 28.33 -29.96
CA THR K 333 -1.17 28.36 -31.17
C THR K 333 -1.95 28.91 -32.36
N ASP K 334 -1.21 29.19 -33.43
CA ASP K 334 -1.79 29.81 -34.62
C ASP K 334 -2.55 28.81 -35.47
N THR K 335 -2.17 27.53 -35.45
CA THR K 335 -2.88 26.51 -36.22
C THR K 335 -4.21 26.11 -35.58
N GLU K 336 -4.37 26.31 -34.25
CA GLU K 336 -5.67 26.07 -33.64
C GLU K 336 -6.66 27.17 -33.99
N VAL K 337 -6.18 28.40 -34.18
CA VAL K 337 -7.04 29.54 -34.49
C VAL K 337 -7.54 29.44 -35.94
N GLU K 338 -6.68 28.97 -36.86
CA GLU K 338 -7.09 28.84 -38.25
C GLU K 338 -8.09 27.71 -38.45
N ARG K 339 -7.98 26.64 -37.67
CA ARG K 339 -8.95 25.56 -37.73
C ARG K 339 -10.32 26.01 -37.21
N ALA K 340 -10.33 26.79 -36.14
CA ALA K 340 -11.59 27.29 -35.58
C ALA K 340 -12.26 28.32 -36.46
N LYS K 341 -11.50 29.00 -37.34
CA LYS K 341 -12.09 29.96 -38.26
C LYS K 341 -12.91 29.27 -39.33
N SER K 342 -12.40 28.17 -39.88
CA SER K 342 -13.12 27.46 -40.94
C SER K 342 -14.35 26.74 -40.39
N LEU K 343 -14.28 26.23 -39.17
CA LEU K 343 -15.41 25.50 -38.60
C LEU K 343 -16.50 26.43 -38.10
N LEU K 344 -16.14 27.63 -37.64
CA LEU K 344 -17.17 28.62 -37.27
C LEU K 344 -17.90 29.15 -38.50
N LYS K 345 -17.21 29.26 -39.64
CA LYS K 345 -17.88 29.72 -40.85
C LYS K 345 -18.80 28.65 -41.41
N LEU K 346 -18.45 27.38 -41.24
CA LEU K 346 -19.33 26.30 -41.69
C LEU K 346 -20.56 26.18 -40.79
N GLN K 347 -20.39 26.40 -39.49
CA GLN K 347 -21.49 26.30 -38.55
C GLN K 347 -22.47 27.46 -38.70
N LEU K 348 -21.95 28.68 -38.89
CA LEU K 348 -22.83 29.84 -39.08
C LEU K 348 -23.54 29.78 -40.43
N GLY K 349 -22.88 29.25 -41.45
CA GLY K 349 -23.51 29.13 -42.75
C GLY K 349 -24.61 28.09 -42.79
N GLN K 350 -24.53 27.07 -41.94
CA GLN K 350 -25.59 26.07 -41.88
C GLN K 350 -26.78 26.55 -41.07
N LEU K 351 -26.56 27.45 -40.11
CA LEU K 351 -27.65 27.98 -39.30
C LEU K 351 -28.51 28.96 -40.08
N TYR K 352 -27.90 29.81 -40.90
CA TYR K 352 -28.62 30.87 -41.59
C TYR K 352 -29.06 30.49 -43.00
N GLU K 353 -28.58 29.37 -43.55
CA GLU K 353 -28.90 28.99 -44.91
C GLU K 353 -29.49 27.60 -44.97
N SER K 354 -30.30 27.23 -43.98
CA SER K 354 -31.11 26.04 -44.09
C SER K 354 -32.32 26.33 -44.99
N GLY K 355 -33.00 25.26 -45.39
CA GLY K 355 -34.11 25.42 -46.32
C GLY K 355 -35.46 25.58 -45.66
N ASN K 356 -35.47 26.01 -44.40
CA ASN K 356 -36.71 26.12 -43.64
C ASN K 356 -37.07 27.59 -43.43
N PRO K 357 -38.15 28.10 -44.06
CA PRO K 357 -38.51 29.51 -43.85
C PRO K 357 -39.03 29.82 -42.45
N VAL K 358 -39.44 28.82 -41.67
CA VAL K 358 -39.85 29.07 -40.29
C VAL K 358 -38.63 29.39 -39.42
N ASN K 359 -37.51 28.71 -39.66
CA ASN K 359 -36.27 29.03 -38.97
C ASN K 359 -35.76 30.42 -39.35
N ASP K 360 -35.93 30.81 -40.60
CA ASP K 360 -35.48 32.12 -41.05
C ASP K 360 -36.35 33.24 -40.49
N ALA K 361 -37.64 32.97 -40.26
CA ALA K 361 -38.52 33.99 -39.72
C ALA K 361 -38.22 34.28 -38.25
N ASN K 362 -37.78 33.27 -37.50
CA ASN K 362 -37.43 33.48 -36.10
C ASN K 362 -36.12 34.24 -35.97
N LEU K 363 -35.15 33.95 -36.85
CA LEU K 363 -33.85 34.61 -36.76
C LEU K 363 -33.93 36.06 -37.22
N LEU K 364 -34.74 36.34 -38.24
CA LEU K 364 -34.82 37.69 -38.78
C LEU K 364 -35.54 38.63 -37.80
N GLY K 365 -36.64 38.16 -37.20
CA GLY K 365 -37.42 39.03 -36.34
C GLY K 365 -36.73 39.35 -35.03
N ALA K 366 -35.96 38.41 -34.49
CA ALA K 366 -35.28 38.64 -33.22
C ALA K 366 -34.12 39.62 -33.36
N GLU K 367 -33.51 39.69 -34.54
CA GLU K 367 -32.37 40.57 -34.73
C GLU K 367 -32.78 42.00 -35.07
N VAL K 368 -33.91 42.18 -35.77
CA VAL K 368 -34.40 43.52 -36.09
C VAL K 368 -34.97 44.19 -34.83
N LEU K 369 -35.49 43.39 -33.89
CA LEU K 369 -36.06 43.95 -32.66
C LEU K 369 -34.99 44.58 -31.77
N ILE K 370 -33.80 44.00 -31.74
CA ILE K 370 -32.72 44.52 -30.90
C ILE K 370 -31.91 45.58 -31.64
N LYS K 371 -31.41 45.27 -32.82
CA LYS K 371 -30.45 46.16 -33.49
C LYS K 371 -31.12 47.17 -34.41
N GLY K 372 -32.29 46.86 -34.96
CA GLY K 372 -32.91 47.71 -35.96
C GLY K 372 -32.61 47.34 -37.38
N SER K 373 -31.71 46.40 -37.61
CA SER K 373 -31.35 45.93 -38.94
C SER K 373 -30.83 44.51 -38.80
N LYS K 374 -30.29 43.96 -39.89
CA LYS K 374 -29.74 42.61 -39.88
C LYS K 374 -28.38 42.61 -40.56
N LEU K 375 -27.39 42.01 -39.90
CA LEU K 375 -26.07 41.85 -40.46
C LEU K 375 -26.06 40.69 -41.45
N SER K 376 -25.51 40.94 -42.64
CA SER K 376 -25.48 39.91 -43.67
C SER K 376 -24.40 38.87 -43.35
N LEU K 377 -24.51 37.71 -43.99
CA LEU K 377 -23.54 36.64 -43.79
C LEU K 377 -22.19 36.96 -44.44
N GLY K 378 -22.17 37.79 -45.48
CA GLY K 378 -20.92 38.21 -46.07
C GLY K 378 -20.13 39.15 -45.19
N GLU K 379 -20.80 40.00 -44.43
CA GLU K 379 -20.08 40.90 -43.53
C GLU K 379 -19.69 40.20 -42.23
N ALA K 380 -20.41 39.15 -41.84
CA ALA K 380 -20.01 38.37 -40.67
C ALA K 380 -18.78 37.53 -40.94
N PHE K 381 -18.59 37.11 -42.20
CA PHE K 381 -17.43 36.30 -42.54
C PHE K 381 -16.15 37.13 -42.52
N LYS K 382 -16.23 38.42 -42.84
CA LYS K 382 -15.06 39.28 -42.85
C LYS K 382 -14.61 39.69 -41.45
N LYS K 383 -15.52 39.73 -40.48
CA LYS K 383 -15.12 39.97 -39.10
C LYS K 383 -14.43 38.76 -38.48
N ILE K 384 -14.82 37.55 -38.91
CA ILE K 384 -14.20 36.34 -38.37
C ILE K 384 -12.79 36.17 -38.91
N ASP K 385 -12.57 36.52 -40.18
CA ASP K 385 -11.26 36.36 -40.81
C ASP K 385 -10.20 37.31 -40.24
N ALA K 386 -10.60 38.41 -39.61
CA ALA K 386 -9.67 39.41 -39.12
C ALA K 386 -9.22 39.16 -37.67
N ILE K 387 -9.68 38.08 -37.04
CA ILE K 387 -9.32 37.80 -35.66
C ILE K 387 -7.92 37.20 -35.61
N THR K 388 -7.08 37.69 -34.71
CA THR K 388 -5.72 37.20 -34.54
C THR K 388 -5.59 36.43 -33.23
N VAL K 389 -4.40 35.87 -33.01
CA VAL K 389 -4.10 35.17 -31.76
C VAL K 389 -4.09 36.15 -30.58
N LYS K 390 -3.61 37.38 -30.81
CA LYS K 390 -3.58 38.39 -29.76
C LYS K 390 -4.98 38.86 -29.36
N ASP K 391 -5.96 38.77 -30.26
CA ASP K 391 -7.34 39.04 -29.88
C ASP K 391 -7.88 37.97 -28.94
N VAL K 392 -7.49 36.71 -29.15
CA VAL K 392 -7.97 35.61 -28.32
C VAL K 392 -7.35 35.69 -26.93
N LYS K 393 -6.05 36.02 -26.85
CA LYS K 393 -5.36 36.11 -25.57
C LYS K 393 -5.84 37.28 -24.74
N ALA K 394 -6.24 38.39 -25.38
CA ALA K 394 -6.75 39.53 -24.65
C ALA K 394 -8.18 39.31 -24.17
N TRP K 395 -8.98 38.55 -24.91
CA TRP K 395 -10.33 38.23 -24.45
C TRP K 395 -10.32 37.27 -23.28
N ALA K 396 -9.43 36.25 -23.32
CA ALA K 396 -9.43 35.23 -22.29
C ALA K 396 -8.79 35.72 -21.00
N GLY K 397 -7.88 36.69 -21.07
CA GLY K 397 -7.34 37.30 -19.87
C GLY K 397 -8.35 38.12 -19.09
N LYS K 398 -9.41 38.58 -19.74
CA LYS K 398 -10.46 39.34 -19.09
C LYS K 398 -11.59 38.45 -18.59
N ARG K 399 -12.04 37.46 -19.39
CA ARG K 399 -13.23 36.71 -19.07
C ARG K 399 -12.97 35.35 -18.43
N LEU K 400 -11.78 34.77 -18.59
CA LEU K 400 -11.53 33.42 -18.12
C LEU K 400 -10.54 33.32 -16.97
N TRP K 401 -9.45 34.09 -17.02
CA TRP K 401 -8.36 33.93 -16.05
C TRP K 401 -8.77 34.47 -14.68
N ASP K 402 -8.81 33.57 -13.69
CA ASP K 402 -9.10 33.87 -12.28
C ASP K 402 -10.48 34.50 -12.08
N GLN K 403 -11.51 33.87 -12.65
CA GLN K 403 -12.87 34.40 -12.58
C GLN K 403 -13.80 33.40 -11.89
N ASP K 404 -14.96 33.91 -11.45
CA ASP K 404 -15.96 33.11 -10.79
C ASP K 404 -16.76 32.26 -11.79
N ILE K 405 -17.25 31.12 -11.31
CA ILE K 405 -17.94 30.14 -12.15
C ILE K 405 -19.29 29.81 -11.54
N ALA K 406 -20.13 29.17 -12.35
CA ALA K 406 -21.42 28.63 -11.92
C ALA K 406 -21.54 27.18 -12.34
N ILE K 407 -22.02 26.32 -11.44
CA ILE K 407 -22.05 24.87 -11.64
C ILE K 407 -23.47 24.37 -11.40
N ALA K 408 -23.90 23.41 -12.22
CA ALA K 408 -25.15 22.67 -11.99
C ALA K 408 -24.92 21.21 -12.33
N GLY K 409 -25.65 20.33 -11.64
CA GLY K 409 -25.47 18.90 -11.83
C GLY K 409 -26.56 18.01 -11.29
N THR K 410 -26.76 16.85 -11.90
CA THR K 410 -27.73 15.87 -11.41
C THR K 410 -27.21 14.45 -11.66
N GLY K 411 -27.83 13.49 -10.97
CA GLY K 411 -27.48 12.10 -11.10
C GLY K 411 -26.46 11.63 -10.08
N GLN K 412 -25.53 10.79 -10.50
CA GLN K 412 -24.51 10.23 -9.60
C GLN K 412 -23.31 11.18 -9.55
N ILE K 413 -23.45 12.22 -8.74
CA ILE K 413 -22.48 13.32 -8.73
C ILE K 413 -21.73 13.37 -7.41
N GLU K 414 -21.55 12.21 -6.77
CA GLU K 414 -20.82 12.15 -5.51
C GLU K 414 -19.34 12.47 -5.70
N GLY K 415 -18.77 12.06 -6.83
CA GLY K 415 -17.39 12.32 -7.15
C GLY K 415 -17.08 13.75 -7.58
N LEU K 416 -18.08 14.59 -7.73
CA LEU K 416 -17.86 16.00 -8.03
C LEU K 416 -17.43 16.72 -6.76
N LEU K 417 -16.23 17.29 -6.77
CA LEU K 417 -15.69 17.95 -5.59
C LEU K 417 -16.36 19.31 -5.38
N ASP K 418 -16.05 19.93 -4.25
CA ASP K 418 -16.75 21.14 -3.85
C ASP K 418 -16.19 22.34 -4.61
N TYR K 419 -16.73 23.53 -4.27
CA TYR K 419 -16.60 24.71 -5.11
C TYR K 419 -15.16 25.24 -5.18
N MET K 420 -14.47 25.30 -4.04
CA MET K 420 -13.17 25.96 -4.01
C MET K 420 -12.07 25.14 -4.67
N ARG K 421 -12.22 23.81 -4.73
CA ARG K 421 -11.28 23.00 -5.51
C ARG K 421 -11.43 23.23 -7.00
N ILE K 422 -12.64 23.51 -7.47
CA ILE K 422 -12.87 23.76 -8.88
C ILE K 422 -12.56 25.22 -9.23
N ARG K 423 -12.82 26.14 -8.30
CA ARG K 423 -12.54 27.56 -8.52
C ARG K 423 -11.05 27.84 -8.64
N SER K 424 -10.23 27.08 -7.93
CA SER K 424 -8.78 27.29 -7.96
C SER K 424 -8.14 26.78 -9.23
N ASP K 425 -8.83 25.98 -10.03
CA ASP K 425 -8.32 25.52 -11.32
C ASP K 425 -8.51 26.54 -12.44
N MET K 426 -9.10 27.70 -12.16
CA MET K 426 -9.25 28.75 -13.15
C MET K 426 -7.99 29.58 -13.34
N SER K 427 -6.95 29.33 -12.54
CA SER K 427 -5.62 29.86 -12.78
C SER K 427 -4.60 28.75 -12.64
N MET K 428 -3.47 28.94 -13.31
CA MET K 428 -2.26 28.21 -12.99
C MET K 428 -1.41 29.06 -12.07
N MET K 429 -0.78 28.41 -11.09
CA MET K 429 0.25 29.09 -10.32
C MET K 429 1.63 28.94 -10.96
N ARG K 430 1.67 28.84 -12.28
CA ARG K 430 2.87 28.86 -13.09
C ARG K 430 3.08 30.23 -13.72
N TRP K 431 2.06 30.77 -14.39
CA TRP K 431 2.11 32.16 -14.83
C TRP K 431 1.15 33.02 -14.01
N LEU L 1 -24.16 6.81 -64.66
CA LEU L 1 -23.47 8.00 -64.17
C LEU L 1 -24.26 9.26 -64.54
N THR L 2 -25.36 9.47 -63.83
CA THR L 2 -26.18 10.67 -64.00
C THR L 2 -25.66 11.77 -63.10
N VAL L 3 -25.48 12.97 -63.66
CA VAL L 3 -24.97 14.13 -62.94
C VAL L 3 -25.95 15.29 -63.13
N SER L 4 -26.40 15.88 -62.03
CA SER L 4 -27.25 17.06 -62.08
C SER L 4 -26.98 17.92 -60.86
N ALA L 5 -27.24 19.23 -60.99
CA ALA L 5 -26.98 20.18 -59.91
C ALA L 5 -27.85 21.41 -60.07
N ARG L 6 -28.01 22.13 -58.97
CA ARG L 6 -28.69 23.41 -58.94
C ARG L 6 -27.79 24.46 -58.31
N ASP L 7 -27.99 25.73 -58.69
CA ASP L 7 -27.11 26.82 -58.29
C ASP L 7 -27.88 27.87 -57.51
N ALA L 8 -27.14 28.69 -56.77
CA ALA L 8 -27.68 29.68 -55.86
C ALA L 8 -26.58 30.67 -55.50
N PRO L 9 -26.93 31.87 -55.00
CA PRO L 9 -25.90 32.76 -54.41
C PRO L 9 -25.69 32.51 -52.91
N THR L 10 -25.26 31.30 -52.58
CA THR L 10 -25.21 30.79 -51.21
C THR L 10 -23.77 30.41 -50.87
N LYS L 11 -23.39 30.57 -49.60
CA LYS L 11 -22.04 30.28 -49.15
C LYS L 11 -21.73 28.78 -49.00
N ILE L 12 -22.73 27.93 -48.79
CA ILE L 12 -22.52 26.54 -48.44
C ILE L 12 -23.03 25.65 -49.57
N SER L 13 -22.27 24.61 -49.90
CA SER L 13 -22.63 23.64 -50.93
C SER L 13 -22.75 22.24 -50.33
N THR L 14 -23.47 21.37 -51.03
CA THR L 14 -23.67 19.99 -50.61
C THR L 14 -23.54 19.08 -51.83
N LEU L 15 -22.77 18.00 -51.68
CA LEU L 15 -22.57 17.02 -52.74
C LEU L 15 -22.94 15.63 -52.23
N ALA L 16 -23.68 14.87 -53.04
CA ALA L 16 -24.17 13.56 -52.63
C ALA L 16 -24.01 12.52 -53.73
N VAL L 17 -23.69 11.29 -53.33
CA VAL L 17 -23.63 10.13 -54.24
C VAL L 17 -24.61 9.09 -53.73
N LYS L 18 -25.63 8.77 -54.55
CA LYS L 18 -26.71 7.87 -54.19
C LYS L 18 -26.47 6.51 -54.85
N VAL L 19 -26.26 5.47 -54.04
CA VAL L 19 -25.99 4.13 -54.52
C VAL L 19 -27.21 3.26 -54.22
N HIS L 20 -27.66 2.49 -55.22
CA HIS L 20 -28.72 1.49 -55.02
C HIS L 20 -28.14 0.26 -54.31
N GLY L 21 -27.87 0.44 -53.02
CA GLY L 21 -27.21 -0.58 -52.23
C GLY L 21 -27.75 -0.72 -50.82
N GLY L 22 -29.04 -0.45 -50.64
CA GLY L 22 -29.68 -0.56 -49.35
C GLY L 22 -29.88 -2.01 -48.92
N SER L 23 -30.58 -2.17 -47.81
CA SER L 23 -30.77 -3.48 -47.21
C SER L 23 -31.69 -4.39 -48.00
N ARG L 24 -32.44 -3.86 -48.96
CA ARG L 24 -33.25 -4.70 -49.83
C ARG L 24 -32.44 -5.45 -50.88
N TYR L 25 -31.16 -5.14 -51.03
CA TYR L 25 -30.28 -5.84 -51.96
C TYR L 25 -29.22 -6.66 -51.27
N ALA L 26 -29.27 -6.77 -49.94
CA ALA L 26 -28.19 -7.39 -49.17
C ALA L 26 -28.15 -8.90 -49.36
N THR L 27 -26.94 -9.44 -49.44
CA THR L 27 -26.75 -10.87 -49.70
C THR L 27 -26.94 -11.69 -48.43
N LYS L 28 -26.32 -11.28 -47.32
CA LYS L 28 -26.60 -11.84 -46.01
C LYS L 28 -27.21 -10.76 -45.13
N ASP L 29 -27.63 -11.16 -43.93
CA ASP L 29 -28.29 -10.25 -43.01
C ASP L 29 -27.27 -9.27 -42.41
N GLY L 30 -27.45 -7.99 -42.71
CA GLY L 30 -26.65 -6.94 -42.13
C GLY L 30 -25.38 -6.56 -42.87
N VAL L 31 -25.22 -6.98 -44.12
CA VAL L 31 -23.99 -6.64 -44.86
C VAL L 31 -24.01 -5.19 -45.32
N ALA L 32 -25.19 -4.66 -45.68
CA ALA L 32 -25.28 -3.26 -46.08
C ALA L 32 -25.06 -2.32 -44.90
N HIS L 33 -25.36 -2.77 -43.68
CA HIS L 33 -25.07 -1.97 -42.50
C HIS L 33 -23.57 -1.91 -42.24
N LEU L 34 -22.86 -3.02 -42.43
CA LEU L 34 -21.43 -3.04 -42.17
C LEU L 34 -20.62 -2.34 -43.27
N LEU L 35 -21.12 -2.31 -44.51
CA LEU L 35 -20.45 -1.53 -45.55
C LEU L 35 -20.65 -0.03 -45.31
N ASN L 36 -21.80 0.37 -44.76
CA ASN L 36 -22.05 1.77 -44.45
C ASN L 36 -21.12 2.29 -43.37
N ARG L 37 -20.73 1.45 -42.41
CA ARG L 37 -19.78 1.86 -41.38
C ARG L 37 -18.33 1.75 -41.84
N PHE L 38 -18.05 1.13 -42.99
CA PHE L 38 -16.71 1.11 -43.55
C PHE L 38 -16.38 2.35 -44.38
N ASN L 39 -17.37 3.13 -44.76
CA ASN L 39 -17.12 4.35 -45.54
C ASN L 39 -16.36 5.36 -44.72
N PHE L 40 -15.42 6.06 -45.39
CA PHE L 40 -14.50 7.06 -44.81
C PHE L 40 -13.58 6.46 -43.74
N GLN L 41 -13.25 5.18 -43.86
CA GLN L 41 -12.12 4.57 -43.16
C GLN L 41 -10.87 4.75 -44.01
N ASN L 42 -9.81 3.99 -43.74
CA ASN L 42 -8.54 4.14 -44.45
C ASN L 42 -8.67 3.80 -45.93
N THR L 43 -8.09 4.66 -46.76
CA THR L 43 -7.93 4.48 -48.20
C THR L 43 -6.48 4.04 -48.44
N ASN L 44 -6.24 3.44 -49.61
CA ASN L 44 -4.90 2.99 -49.98
C ASN L 44 -3.88 4.13 -50.03
N THR L 45 -4.32 5.36 -50.30
CA THR L 45 -3.42 6.49 -50.39
C THR L 45 -3.53 7.48 -49.24
N ARG L 46 -4.55 7.37 -48.38
CA ARG L 46 -4.77 8.36 -47.34
C ARG L 46 -5.47 7.71 -46.16
N SER L 47 -4.95 7.94 -44.95
CA SER L 47 -5.57 7.40 -43.76
C SER L 47 -6.80 8.21 -43.37
N ALA L 48 -7.63 7.61 -42.51
CA ALA L 48 -8.84 8.27 -42.05
C ALA L 48 -8.54 9.46 -41.15
N LEU L 49 -7.44 9.42 -40.41
CA LEU L 49 -7.03 10.55 -39.59
C LEU L 49 -6.60 11.73 -40.45
N LYS L 50 -5.91 11.47 -41.56
CA LYS L 50 -5.47 12.52 -42.48
C LYS L 50 -6.65 13.19 -43.17
N LEU L 51 -7.71 12.44 -43.49
CA LEU L 51 -8.88 13.00 -44.15
C LEU L 51 -9.65 13.96 -43.23
N VAL L 52 -9.69 13.67 -41.92
CA VAL L 52 -10.42 14.54 -40.99
C VAL L 52 -9.66 15.83 -40.75
N ARG L 53 -8.34 15.74 -40.58
CA ARG L 53 -7.52 16.92 -40.29
C ARG L 53 -7.43 17.86 -41.50
N GLU L 54 -7.43 17.33 -42.71
CA GLU L 54 -7.31 18.18 -43.90
C GLU L 54 -8.60 18.92 -44.21
N SER L 55 -9.75 18.25 -44.10
CA SER L 55 -11.01 18.88 -44.44
C SER L 55 -11.51 19.82 -43.36
N GLU L 56 -11.02 19.68 -42.13
CA GLU L 56 -11.37 20.63 -41.07
C GLU L 56 -10.75 21.99 -41.32
N LEU L 57 -9.55 22.03 -41.88
CA LEU L 57 -8.89 23.29 -42.19
C LEU L 57 -9.46 23.96 -43.42
N LEU L 58 -10.16 23.22 -44.28
CA LEU L 58 -10.91 23.82 -45.38
C LEU L 58 -12.34 24.16 -44.98
N GLY L 59 -12.87 23.56 -43.92
CA GLY L 59 -14.26 23.76 -43.53
C GLY L 59 -15.25 22.81 -44.17
N GLY L 60 -15.07 21.51 -43.99
CA GLY L 60 -15.98 20.53 -44.54
C GLY L 60 -16.07 19.28 -43.68
N THR L 61 -17.18 18.55 -43.83
CA THR L 61 -17.42 17.32 -43.10
C THR L 61 -18.02 16.27 -44.04
N PHE L 62 -17.95 15.01 -43.61
CA PHE L 62 -18.43 13.86 -44.37
C PHE L 62 -19.41 13.04 -43.54
N LYS L 63 -20.32 12.34 -44.22
CA LYS L 63 -21.31 11.50 -43.55
C LYS L 63 -21.81 10.42 -44.51
N SER L 64 -22.14 9.25 -43.94
CA SER L 64 -22.72 8.13 -44.68
C SER L 64 -24.01 7.68 -44.01
N THR L 65 -25.03 7.37 -44.84
CA THR L 65 -26.38 7.12 -44.33
C THR L 65 -26.99 5.92 -45.06
N LEU L 66 -27.63 5.03 -44.30
CA LEU L 66 -28.25 3.82 -44.83
C LEU L 66 -29.76 3.85 -44.64
N ASP L 67 -30.50 3.47 -45.68
CA ASP L 67 -31.93 3.17 -45.58
C ASP L 67 -32.20 1.90 -46.35
N ARG L 68 -33.48 1.58 -46.58
CA ARG L 68 -33.85 0.32 -47.21
C ARG L 68 -33.59 0.29 -48.72
N GLU L 69 -33.41 1.45 -49.34
CA GLU L 69 -33.13 1.52 -50.77
C GLU L 69 -31.71 1.99 -51.09
N TYR L 70 -31.17 2.92 -50.32
CA TYR L 70 -29.96 3.64 -50.69
C TYR L 70 -28.87 3.52 -49.65
N ILE L 71 -27.63 3.63 -50.12
CA ILE L 71 -26.50 4.09 -49.32
C ILE L 71 -26.10 5.45 -49.88
N THR L 72 -26.02 6.46 -49.02
CA THR L 72 -25.77 7.84 -49.43
C THR L 72 -24.50 8.35 -48.79
N LEU L 73 -23.56 8.82 -49.62
CA LEU L 73 -22.35 9.47 -49.16
C LEU L 73 -22.47 10.98 -49.41
N LYS L 74 -22.20 11.77 -48.38
CA LYS L 74 -22.51 13.20 -48.43
C LYS L 74 -21.35 14.04 -47.91
N ALA L 75 -21.17 15.21 -48.50
CA ALA L 75 -20.21 16.20 -48.04
C ALA L 75 -20.88 17.58 -47.99
N THR L 76 -20.53 18.37 -46.98
CA THR L 76 -21.03 19.72 -46.79
C THR L 76 -19.85 20.65 -46.54
N PHE L 77 -19.74 21.73 -47.31
CA PHE L 77 -18.47 22.44 -47.37
C PHE L 77 -18.68 23.87 -47.87
N LEU L 78 -17.63 24.68 -47.75
CA LEU L 78 -17.61 26.02 -48.32
C LEU L 78 -17.43 25.95 -49.83
N LYS L 79 -18.08 26.88 -50.54
CA LYS L 79 -18.49 26.67 -51.93
C LYS L 79 -17.32 26.51 -52.89
N ASP L 80 -16.25 27.26 -52.70
CA ASP L 80 -15.18 27.30 -53.68
C ASP L 80 -14.19 26.14 -53.57
N ASP L 81 -14.43 25.15 -52.71
CA ASP L 81 -13.53 24.03 -52.55
C ASP L 81 -14.04 22.76 -53.23
N LEU L 82 -14.87 22.90 -54.27
CA LEU L 82 -15.51 21.77 -54.93
C LEU L 82 -14.60 20.66 -55.48
N PRO L 83 -13.46 20.91 -56.16
CA PRO L 83 -12.69 19.77 -56.70
C PRO L 83 -12.02 18.90 -55.65
N TYR L 84 -11.79 19.40 -54.43
CA TYR L 84 -11.22 18.55 -53.38
C TYR L 84 -12.22 17.47 -52.94
N TYR L 85 -13.51 17.81 -52.89
CA TYR L 85 -14.51 16.89 -52.38
C TYR L 85 -15.06 15.94 -53.43
N VAL L 86 -14.92 16.27 -54.71
CA VAL L 86 -15.26 15.32 -55.77
C VAL L 86 -14.25 14.18 -55.77
N ASN L 87 -12.97 14.49 -55.58
CA ASN L 87 -11.93 13.47 -55.57
C ASN L 87 -11.93 12.64 -54.30
N ALA L 88 -12.34 13.22 -53.17
CA ALA L 88 -12.36 12.46 -51.92
C ALA L 88 -13.48 11.44 -51.90
N LEU L 89 -14.64 11.78 -52.48
CA LEU L 89 -15.73 10.83 -52.57
C LEU L 89 -15.45 9.73 -53.58
N ALA L 90 -14.68 10.04 -54.62
CA ALA L 90 -14.33 9.03 -55.62
C ALA L 90 -13.33 8.01 -55.08
N ASP L 91 -12.46 8.41 -54.15
CA ASP L 91 -11.49 7.48 -53.61
C ASP L 91 -12.12 6.49 -52.64
N VAL L 92 -13.25 6.85 -52.03
CA VAL L 92 -13.92 5.94 -51.10
C VAL L 92 -14.55 4.78 -51.86
N LEU L 93 -15.22 5.07 -52.98
CA LEU L 93 -15.86 4.03 -53.77
C LEU L 93 -14.86 3.16 -54.52
N TYR L 94 -13.64 3.64 -54.74
CA TYR L 94 -12.68 2.97 -55.61
C TYR L 94 -11.63 2.16 -54.85
N LYS L 95 -11.02 2.71 -53.81
CA LYS L 95 -9.83 2.09 -53.21
C LYS L 95 -9.87 2.12 -51.69
N THR L 96 -11.00 1.74 -51.09
CA THR L 96 -11.05 1.50 -49.66
C THR L 96 -10.20 0.28 -49.31
N ALA L 97 -9.45 0.39 -48.20
CA ALA L 97 -8.41 -0.59 -47.89
C ALA L 97 -8.98 -1.91 -47.36
N PHE L 98 -9.99 -1.86 -46.50
CA PHE L 98 -10.65 -3.01 -45.85
C PHE L 98 -9.65 -3.85 -45.04
N LYS L 99 -9.03 -3.20 -44.06
CA LYS L 99 -8.06 -3.87 -43.20
C LYS L 99 -8.78 -4.71 -42.14
N PRO L 100 -8.20 -5.86 -41.76
CA PRO L 100 -8.86 -6.70 -40.74
C PRO L 100 -8.84 -6.10 -39.34
N HIS L 101 -7.85 -5.29 -38.99
CA HIS L 101 -7.86 -4.63 -37.69
C HIS L 101 -8.82 -3.46 -37.65
N GLU L 102 -9.21 -2.91 -38.80
CA GLU L 102 -10.22 -1.87 -38.82
C GLU L 102 -11.61 -2.42 -38.56
N LEU L 103 -11.87 -3.67 -38.99
CA LEU L 103 -13.14 -4.31 -38.69
C LEU L 103 -13.29 -4.61 -37.20
N THR L 104 -12.20 -5.01 -36.55
CA THR L 104 -12.26 -5.37 -35.14
C THR L 104 -12.36 -4.14 -34.24
N GLU L 105 -11.59 -3.10 -34.54
CA GLU L 105 -11.46 -1.97 -33.63
C GLU L 105 -12.46 -0.86 -33.87
N SER L 106 -12.95 -0.68 -35.10
CA SER L 106 -13.81 0.45 -35.42
C SER L 106 -15.20 0.05 -35.89
N VAL L 107 -15.31 -0.84 -36.88
CA VAL L 107 -16.57 -1.03 -37.59
C VAL L 107 -17.55 -1.84 -36.75
N LEU L 108 -17.12 -2.97 -36.21
CA LEU L 108 -17.97 -3.80 -35.36
C LEU L 108 -18.38 -3.17 -34.02
N PRO L 109 -17.53 -2.41 -33.29
CA PRO L 109 -18.07 -1.71 -32.11
C PRO L 109 -19.02 -0.58 -32.46
N ALA L 110 -18.91 0.04 -33.64
CA ALA L 110 -19.85 1.07 -34.03
C ALA L 110 -21.21 0.49 -34.44
N ALA L 111 -21.21 -0.71 -35.02
CA ALA L 111 -22.45 -1.34 -35.42
C ALA L 111 -23.18 -1.95 -34.24
N ARG L 112 -22.46 -2.34 -33.18
CA ARG L 112 -23.11 -2.82 -31.97
C ARG L 112 -23.81 -1.71 -31.22
N TYR L 113 -23.28 -0.48 -31.31
CA TYR L 113 -23.92 0.66 -30.68
C TYR L 113 -25.19 1.08 -31.42
N ASP L 114 -25.18 0.95 -32.76
CA ASP L 114 -26.38 1.26 -33.54
C ASP L 114 -27.51 0.28 -33.23
N TYR L 115 -27.19 -0.99 -33.00
CA TYR L 115 -28.21 -1.99 -32.74
C TYR L 115 -28.77 -1.84 -31.33
N ALA L 116 -27.95 -1.47 -30.36
CA ALA L 116 -28.39 -1.37 -28.98
C ALA L 116 -29.26 -0.14 -28.73
N VAL L 117 -29.06 0.93 -29.49
CA VAL L 117 -29.90 2.12 -29.36
C VAL L 117 -31.30 1.84 -29.93
N ALA L 118 -31.36 1.21 -31.10
CA ALA L 118 -32.65 0.94 -31.74
C ALA L 118 -33.42 -0.18 -31.06
N GLU L 119 -32.77 -0.96 -30.20
CA GLU L 119 -33.43 -2.07 -29.53
C GLU L 119 -34.33 -1.61 -28.39
N GLN L 120 -34.13 -0.40 -27.86
CA GLN L 120 -34.91 0.11 -26.75
C GLN L 120 -36.15 0.88 -27.17
N CYS L 121 -36.45 0.94 -28.46
CA CYS L 121 -37.61 1.69 -28.94
C CYS L 121 -38.65 0.72 -29.48
N PRO L 122 -39.79 0.53 -28.81
CA PRO L 122 -40.78 -0.44 -29.28
C PRO L 122 -41.53 0.00 -30.53
N VAL L 123 -41.55 1.29 -30.85
CA VAL L 123 -42.14 1.75 -32.10
C VAL L 123 -41.29 1.30 -33.29
N LYS L 124 -39.97 1.35 -33.15
CA LYS L 124 -39.07 0.95 -34.21
C LYS L 124 -39.10 -0.57 -34.43
N SER L 125 -39.19 -1.34 -33.35
CA SER L 125 -39.27 -2.79 -33.50
C SER L 125 -40.62 -3.25 -34.04
N ALA L 126 -41.67 -2.44 -33.89
CA ALA L 126 -42.95 -2.77 -34.51
C ALA L 126 -42.93 -2.50 -36.01
N GLU L 127 -42.16 -1.50 -36.44
CA GLU L 127 -42.05 -1.21 -37.87
C GLU L 127 -41.20 -2.26 -38.59
N ASP L 128 -40.19 -2.81 -37.90
CA ASP L 128 -39.37 -3.87 -38.49
C ASP L 128 -40.19 -5.15 -38.70
N GLN L 129 -41.13 -5.43 -37.80
CA GLN L 129 -41.98 -6.60 -37.94
C GLN L 129 -43.01 -6.41 -39.05
N LEU L 130 -43.48 -5.18 -39.27
CA LEU L 130 -44.47 -4.93 -40.32
C LEU L 130 -43.87 -5.08 -41.71
N TYR L 131 -42.59 -4.72 -41.87
CA TYR L 131 -41.92 -4.93 -43.15
C TYR L 131 -41.66 -6.40 -43.41
N ALA L 132 -41.35 -7.16 -42.36
CA ALA L 132 -40.98 -8.57 -42.53
C ALA L 132 -42.18 -9.43 -42.91
N ILE L 133 -43.36 -9.17 -42.34
CA ILE L 133 -44.51 -10.00 -42.65
C ILE L 133 -45.30 -9.52 -43.87
N THR L 134 -44.95 -8.36 -44.43
CA THR L 134 -45.63 -7.88 -45.64
C THR L 134 -44.94 -8.35 -46.92
N PHE L 135 -43.62 -8.30 -46.97
CA PHE L 135 -42.87 -8.54 -48.20
C PHE L 135 -42.00 -9.78 -48.17
N ARG L 136 -41.42 -10.12 -47.04
CA ARG L 136 -40.75 -11.36 -46.61
C ARG L 136 -39.38 -11.65 -47.18
N LYS L 137 -38.97 -10.94 -48.28
CA LYS L 137 -37.58 -11.13 -48.69
C LYS L 137 -36.86 -9.85 -49.10
N GLY L 138 -37.43 -9.07 -50.01
CA GLY L 138 -36.69 -7.91 -50.47
C GLY L 138 -36.79 -6.74 -49.51
N LEU L 139 -37.97 -6.15 -49.41
CA LEU L 139 -38.17 -5.04 -48.49
C LEU L 139 -38.31 -5.49 -47.05
N GLY L 140 -38.51 -6.78 -46.81
CA GLY L 140 -38.61 -7.37 -45.50
C GLY L 140 -37.31 -7.76 -44.85
N ASN L 141 -36.17 -7.49 -45.50
CA ASN L 141 -34.87 -7.77 -44.91
C ASN L 141 -34.64 -6.93 -43.66
N PRO L 142 -33.93 -7.45 -42.67
CA PRO L 142 -33.56 -6.61 -41.52
C PRO L 142 -32.57 -5.53 -41.92
N LEU L 143 -32.72 -4.37 -41.29
CA LEU L 143 -31.91 -3.20 -41.64
C LEU L 143 -30.52 -3.26 -41.01
N LEU L 144 -30.46 -3.57 -39.72
CA LEU L 144 -29.20 -3.52 -38.98
C LEU L 144 -28.61 -4.92 -38.80
N TYR L 145 -27.35 -4.94 -38.37
CA TYR L 145 -26.62 -6.18 -38.14
C TYR L 145 -26.75 -6.59 -36.67
N ASP L 146 -27.17 -7.83 -36.43
CA ASP L 146 -27.28 -8.35 -35.08
C ASP L 146 -26.47 -9.61 -34.83
N GLY L 147 -26.01 -10.29 -35.86
CA GLY L 147 -25.11 -11.41 -35.69
C GLY L 147 -25.75 -12.79 -35.68
N VAL L 148 -26.98 -12.93 -36.17
CA VAL L 148 -27.52 -14.29 -36.27
C VAL L 148 -26.96 -14.98 -37.52
N GLU L 149 -26.58 -14.22 -38.53
CA GLU L 149 -25.76 -14.69 -39.64
C GLU L 149 -24.41 -14.03 -39.52
N ARG L 150 -23.34 -14.80 -39.49
CA ARG L 150 -22.02 -14.21 -39.37
C ARG L 150 -21.55 -13.71 -40.74
N VAL L 151 -20.91 -12.54 -40.73
CA VAL L 151 -20.46 -11.86 -41.93
C VAL L 151 -18.95 -11.70 -41.83
N SER L 152 -18.22 -12.28 -42.76
CA SER L 152 -16.77 -12.19 -42.77
C SER L 152 -16.32 -10.92 -43.51
N LEU L 153 -15.02 -10.67 -43.49
CA LEU L 153 -14.46 -9.51 -44.20
C LEU L 153 -14.56 -9.67 -45.70
N GLN L 154 -14.48 -10.91 -46.20
CA GLN L 154 -14.59 -11.16 -47.63
C GLN L 154 -16.04 -10.98 -48.10
N ASP L 155 -17.01 -11.18 -47.22
CA ASP L 155 -18.41 -10.94 -47.57
C ASP L 155 -18.68 -9.45 -47.77
N ILE L 156 -18.00 -8.59 -47.01
CA ILE L 156 -18.18 -7.15 -47.16
C ILE L 156 -17.54 -6.67 -48.46
N LYS L 157 -16.38 -7.21 -48.81
CA LYS L 157 -15.71 -6.80 -50.05
C LYS L 157 -16.42 -7.33 -51.29
N ASP L 158 -17.12 -8.45 -51.18
CA ASP L 158 -17.90 -8.94 -52.31
C ASP L 158 -19.15 -8.11 -52.53
N PHE L 159 -19.74 -7.57 -51.46
CA PHE L 159 -20.91 -6.73 -51.58
C PHE L 159 -20.54 -5.34 -52.11
N ALA L 160 -19.34 -4.85 -51.79
CA ALA L 160 -18.88 -3.56 -52.29
C ALA L 160 -18.60 -3.63 -53.79
N ASP L 161 -18.10 -4.77 -54.29
CA ASP L 161 -17.85 -4.94 -55.71
C ASP L 161 -19.13 -5.17 -56.51
N LYS L 162 -20.25 -5.42 -55.84
CA LYS L 162 -21.53 -5.62 -56.50
C LYS L 162 -22.32 -4.33 -56.67
N VAL L 163 -22.22 -3.38 -55.74
CA VAL L 163 -23.05 -2.19 -55.76
C VAL L 163 -22.32 -0.93 -56.21
N TYR L 164 -20.99 -0.89 -56.15
CA TYR L 164 -20.24 0.32 -56.53
C TYR L 164 -19.85 0.24 -58.00
N THR L 165 -20.85 0.38 -58.87
CA THR L 165 -20.66 0.34 -60.31
C THR L 165 -21.29 1.59 -60.94
N LYS L 166 -20.94 1.85 -62.20
CA LYS L 166 -21.31 3.11 -62.83
C LYS L 166 -22.78 3.16 -63.23
N GLU L 167 -23.37 2.01 -63.56
CA GLU L 167 -24.80 1.92 -63.83
C GLU L 167 -25.66 1.88 -62.58
N ASN L 168 -25.06 1.91 -61.39
CA ASN L 168 -25.82 1.76 -60.16
C ASN L 168 -25.77 3.00 -59.26
N LEU L 169 -25.29 4.14 -59.74
CA LEU L 169 -25.20 5.31 -58.88
C LEU L 169 -25.61 6.57 -59.63
N GLU L 170 -25.86 7.64 -58.87
CA GLU L 170 -26.14 8.96 -59.41
C GLU L 170 -25.56 10.03 -58.50
N VAL L 171 -25.11 11.12 -59.10
CA VAL L 171 -24.41 12.21 -58.40
C VAL L 171 -25.30 13.45 -58.44
N SER L 172 -25.45 14.11 -57.30
CA SER L 172 -26.26 15.31 -57.19
C SER L 172 -25.55 16.37 -56.37
N GLY L 173 -25.81 17.63 -56.70
CA GLY L 173 -25.22 18.73 -55.97
C GLY L 173 -26.17 19.89 -55.73
N GLU L 174 -26.10 20.50 -54.55
CA GLU L 174 -26.89 21.67 -54.24
C GLU L 174 -25.96 22.85 -54.03
N ASN L 175 -26.34 24.02 -54.57
CA ASN L 175 -25.52 25.24 -54.63
C ASN L 175 -24.20 24.94 -55.35
N VAL L 176 -24.31 24.37 -56.55
CA VAL L 176 -23.18 23.85 -57.31
C VAL L 176 -23.38 24.24 -58.77
N VAL L 177 -22.34 24.80 -59.39
CA VAL L 177 -22.35 25.04 -60.83
C VAL L 177 -22.33 23.70 -61.56
N GLU L 178 -23.32 23.48 -62.43
CA GLU L 178 -23.49 22.17 -63.06
C GLU L 178 -22.42 21.90 -64.11
N ALA L 179 -22.00 22.94 -64.84
CA ALA L 179 -20.98 22.74 -65.87
C ALA L 179 -19.62 22.45 -65.28
N ASP L 180 -19.34 22.95 -64.07
CA ASP L 180 -18.10 22.61 -63.39
C ASP L 180 -18.14 21.21 -62.79
N LEU L 181 -19.32 20.75 -62.37
CA LEU L 181 -19.43 19.45 -61.72
C LEU L 181 -19.24 18.30 -62.71
N LYS L 182 -19.77 18.45 -63.92
CA LYS L 182 -19.62 17.41 -64.93
C LYS L 182 -18.18 17.30 -65.42
N ARG L 183 -17.41 18.39 -65.35
CA ARG L 183 -16.02 18.33 -65.76
C ARG L 183 -15.15 17.65 -64.71
N PHE L 184 -15.43 17.89 -63.43
CA PHE L 184 -14.62 17.29 -62.37
C PHE L 184 -14.94 15.81 -62.17
N VAL L 185 -16.16 15.39 -62.49
CA VAL L 185 -16.53 13.99 -62.35
C VAL L 185 -15.85 13.14 -63.42
N ASP L 186 -15.79 13.66 -64.66
CA ASP L 186 -15.17 12.93 -65.76
C ASP L 186 -13.65 12.80 -65.60
N GLU L 187 -13.03 13.66 -64.81
CA GLU L 187 -11.60 13.58 -64.57
C GLU L 187 -11.23 12.74 -63.35
N SER L 188 -12.20 12.32 -62.56
CA SER L 188 -11.96 11.63 -61.31
C SER L 188 -11.97 10.12 -61.53
N LEU L 189 -11.79 9.38 -60.43
CA LEU L 189 -11.76 7.92 -60.47
C LEU L 189 -13.15 7.30 -60.58
N LEU L 190 -14.22 8.10 -60.58
CA LEU L 190 -15.56 7.56 -60.80
C LEU L 190 -15.73 7.02 -62.20
N SER L 191 -15.05 7.62 -63.18
CA SER L 191 -15.09 7.14 -64.55
C SER L 191 -14.19 5.93 -64.77
N THR L 192 -13.42 5.52 -63.77
CA THR L 192 -12.57 4.34 -63.86
C THR L 192 -13.22 3.13 -63.18
N LEU L 193 -14.39 3.33 -62.58
CA LEU L 193 -15.15 2.24 -61.96
C LEU L 193 -15.64 1.28 -63.04
N PRO L 194 -15.91 0.02 -62.67
CA PRO L 194 -16.55 -0.91 -63.62
C PRO L 194 -17.96 -0.46 -63.97
N ALA L 195 -18.40 -0.85 -65.17
CA ALA L 195 -19.72 -0.45 -65.64
C ALA L 195 -20.82 -1.18 -64.88
N GLY L 196 -20.81 -2.52 -64.93
CA GLY L 196 -21.74 -3.30 -64.14
C GLY L 196 -23.15 -3.23 -64.68
N LYS L 197 -24.11 -3.41 -63.79
CA LYS L 197 -25.52 -3.36 -64.15
C LYS L 197 -26.28 -2.64 -63.05
N SER L 198 -27.47 -2.16 -63.38
CA SER L 198 -28.35 -1.57 -62.38
C SER L 198 -29.13 -2.65 -61.67
N LEU L 199 -29.30 -2.48 -60.37
CA LEU L 199 -29.97 -3.48 -59.54
C LEU L 199 -31.46 -3.22 -59.37
N VAL L 200 -31.98 -2.13 -59.92
CA VAL L 200 -33.36 -1.72 -59.69
C VAL L 200 -34.30 -2.60 -60.51
N SER L 201 -35.21 -3.29 -59.83
CA SER L 201 -36.20 -4.11 -60.50
C SER L 201 -37.36 -3.24 -61.00
N LYS L 202 -37.99 -3.69 -62.08
CA LYS L 202 -39.05 -2.92 -62.71
C LYS L 202 -40.45 -3.34 -62.27
N SER L 203 -40.65 -4.63 -62.01
CA SER L 203 -41.98 -5.15 -61.71
C SER L 203 -42.41 -4.79 -60.29
N GLU L 204 -43.70 -5.00 -60.02
CA GLU L 204 -44.25 -4.78 -58.68
C GLU L 204 -43.73 -5.86 -57.73
N PRO L 205 -43.44 -5.52 -56.48
CA PRO L 205 -43.03 -6.53 -55.51
C PRO L 205 -44.21 -7.35 -55.01
N LYS L 206 -43.89 -8.56 -54.56
CA LYS L 206 -44.87 -9.49 -54.02
C LYS L 206 -45.20 -9.14 -52.58
N PHE L 207 -46.49 -9.11 -52.25
CA PHE L 207 -46.94 -8.74 -50.91
C PHE L 207 -47.93 -9.77 -50.38
N PHE L 208 -48.21 -9.68 -49.08
CA PHE L 208 -49.08 -10.62 -48.37
C PHE L 208 -50.02 -9.83 -47.47
N LEU L 209 -51.25 -10.32 -47.35
CA LEU L 209 -52.29 -9.63 -46.59
C LEU L 209 -52.87 -10.55 -45.51
N GLY L 210 -53.17 -9.98 -44.35
CA GLY L 210 -53.81 -10.71 -43.28
C GLY L 210 -52.87 -11.47 -42.36
N GLU L 211 -51.73 -10.88 -42.00
CA GLU L 211 -50.71 -11.54 -41.20
C GLU L 211 -50.64 -10.90 -39.82
N GLU L 212 -50.00 -11.61 -38.89
CA GLU L 212 -49.98 -11.21 -37.48
C GLU L 212 -48.69 -11.66 -36.83
N ASN L 213 -48.23 -10.90 -35.82
CA ASN L 213 -47.03 -11.25 -35.06
C ASN L 213 -47.09 -10.53 -33.71
N ARG L 214 -46.59 -11.20 -32.66
CA ARG L 214 -46.64 -10.71 -31.28
C ARG L 214 -45.29 -10.89 -30.62
N VAL L 215 -44.79 -9.84 -29.96
CA VAL L 215 -43.48 -9.84 -29.30
C VAL L 215 -43.64 -9.34 -27.87
N ARG L 216 -43.04 -10.05 -26.90
CA ARG L 216 -43.03 -9.61 -25.51
C ARG L 216 -41.89 -8.62 -25.26
N PHE L 217 -42.16 -7.61 -24.44
CA PHE L 217 -41.23 -6.50 -24.26
C PHE L 217 -41.53 -5.81 -22.94
N ILE L 218 -40.48 -5.36 -22.26
CA ILE L 218 -40.58 -4.62 -21.01
C ILE L 218 -40.54 -3.13 -21.32
N GLY L 219 -41.65 -2.45 -21.13
CA GLY L 219 -41.74 -1.02 -21.39
C GLY L 219 -43.15 -0.64 -21.80
N ASP L 220 -43.24 0.29 -22.74
CA ASP L 220 -44.54 0.69 -23.28
C ASP L 220 -45.08 -0.36 -24.22
N SER L 221 -46.40 -0.34 -24.42
CA SER L 221 -47.08 -1.21 -25.36
C SER L 221 -47.40 -0.46 -26.64
N VAL L 222 -47.27 -1.15 -27.78
CA VAL L 222 -47.51 -0.59 -29.10
C VAL L 222 -48.43 -1.53 -29.87
N ALA L 223 -49.46 -0.97 -30.51
CA ALA L 223 -50.23 -1.68 -31.52
C ALA L 223 -50.11 -0.94 -32.86
N ALA L 224 -49.93 -1.70 -33.94
CA ALA L 224 -49.62 -1.08 -35.23
C ALA L 224 -50.25 -1.87 -36.37
N ILE L 225 -50.77 -1.14 -37.36
CA ILE L 225 -51.32 -1.75 -38.56
C ILE L 225 -50.53 -1.27 -39.78
N GLY L 226 -50.55 -2.07 -40.84
CA GLY L 226 -49.80 -1.78 -42.05
C GLY L 226 -50.48 -2.22 -43.33
N ILE L 227 -50.50 -1.35 -44.34
CA ILE L 227 -51.16 -1.64 -45.63
C ILE L 227 -50.18 -1.44 -46.78
N PRO L 228 -50.01 -2.41 -47.67
CA PRO L 228 -49.18 -2.18 -48.87
C PRO L 228 -49.96 -1.44 -49.95
N VAL L 229 -49.26 -0.53 -50.63
CA VAL L 229 -49.88 0.41 -51.58
C VAL L 229 -49.21 0.22 -52.95
N ASN L 230 -50.02 0.15 -53.99
CA ASN L 230 -49.49 0.10 -55.35
C ASN L 230 -49.26 1.53 -55.86
N LYS L 231 -48.78 1.64 -57.11
CA LYS L 231 -48.33 2.92 -57.64
C LYS L 231 -49.49 3.83 -57.98
N ALA L 232 -50.63 3.28 -58.41
CA ALA L 232 -51.79 4.09 -58.77
C ALA L 232 -52.54 4.63 -57.56
N SER L 233 -52.28 4.12 -56.36
CA SER L 233 -52.99 4.54 -55.16
C SER L 233 -52.13 5.36 -54.22
N LEU L 234 -50.97 5.85 -54.67
CA LEU L 234 -50.06 6.56 -53.78
C LEU L 234 -50.61 7.93 -53.37
N ALA L 235 -51.43 8.55 -54.21
CA ALA L 235 -51.99 9.85 -53.88
C ALA L 235 -53.10 9.76 -52.83
N GLN L 236 -53.87 8.67 -52.84
CA GLN L 236 -54.96 8.53 -51.89
C GLN L 236 -54.45 8.30 -50.47
N TYR L 237 -53.41 7.49 -50.31
CA TYR L 237 -52.87 7.19 -48.98
C TYR L 237 -51.98 8.29 -48.45
N GLU L 238 -51.52 9.21 -49.31
CA GLU L 238 -50.77 10.37 -48.82
C GLU L 238 -51.70 11.39 -48.18
N VAL L 239 -52.91 11.56 -48.74
CA VAL L 239 -53.91 12.43 -48.13
C VAL L 239 -54.42 11.83 -46.83
N LEU L 240 -54.52 10.50 -46.74
CA LEU L 240 -55.01 9.85 -45.54
C LEU L 240 -54.03 10.00 -44.37
N ALA L 241 -52.73 9.97 -44.65
CA ALA L 241 -51.74 10.07 -43.58
C ALA L 241 -51.67 11.48 -43.01
N ASN L 242 -51.90 12.50 -43.83
CA ASN L 242 -51.90 13.87 -43.33
C ASN L 242 -53.23 14.23 -42.67
N TYR L 243 -54.33 13.60 -43.11
CA TYR L 243 -55.63 13.87 -42.52
C TYR L 243 -55.73 13.30 -41.11
N LEU L 244 -55.16 12.12 -40.88
CA LEU L 244 -55.30 11.43 -39.61
C LEU L 244 -54.51 12.09 -38.48
N THR L 245 -53.44 12.82 -38.80
CA THR L 245 -52.61 13.45 -37.78
C THR L 245 -52.82 14.96 -37.68
N SER L 246 -53.88 15.48 -38.27
CA SER L 246 -54.16 16.91 -38.23
C SER L 246 -55.39 17.18 -37.36
N ALA L 247 -55.72 18.46 -37.22
CA ALA L 247 -56.89 18.87 -36.44
C ALA L 247 -58.21 18.67 -37.17
N LEU L 248 -58.19 18.25 -38.43
CA LEU L 248 -59.41 17.97 -39.16
C LEU L 248 -60.06 16.66 -38.75
N SER L 249 -59.31 15.78 -38.10
CA SER L 249 -59.80 14.46 -37.70
C SER L 249 -59.97 14.39 -36.19
N GLU L 250 -61.09 13.81 -35.76
CA GLU L 250 -61.34 13.59 -34.35
C GLU L 250 -60.53 12.44 -33.76
N LEU L 251 -59.92 11.60 -34.59
CA LEU L 251 -59.13 10.48 -34.14
C LEU L 251 -57.67 10.83 -33.88
N SER L 252 -57.27 12.09 -34.08
CA SER L 252 -55.85 12.43 -34.02
C SER L 252 -55.30 12.42 -32.61
N GLY L 253 -56.14 12.55 -31.59
CA GLY L 253 -55.67 12.44 -30.22
C GLY L 253 -55.36 11.04 -29.77
N LEU L 254 -55.86 10.03 -30.48
CA LEU L 254 -55.61 8.64 -30.14
C LEU L 254 -54.45 8.03 -30.91
N ILE L 255 -54.02 8.66 -32.01
CA ILE L 255 -52.98 8.13 -32.89
C ILE L 255 -51.65 8.74 -32.48
N SER L 256 -50.62 7.91 -32.35
CA SER L 256 -49.28 8.41 -32.04
C SER L 256 -48.53 8.86 -33.29
N SER L 257 -48.64 8.11 -34.38
CA SER L 257 -47.92 8.42 -35.62
C SER L 257 -48.63 7.75 -36.80
N ALA L 258 -48.52 8.37 -37.97
CA ALA L 258 -49.01 7.79 -39.21
C ALA L 258 -48.23 8.39 -40.36
N LYS L 259 -47.77 7.55 -41.29
CA LYS L 259 -46.95 8.01 -42.41
C LYS L 259 -47.08 7.05 -43.58
N LEU L 260 -46.49 7.44 -44.70
CA LEU L 260 -46.43 6.62 -45.91
C LEU L 260 -45.01 6.66 -46.45
N ASP L 261 -44.34 5.51 -46.44
CA ASP L 261 -43.01 5.37 -47.03
C ASP L 261 -43.17 5.07 -48.52
N LYS L 262 -42.41 5.78 -49.34
CA LYS L 262 -42.58 5.72 -50.79
C LYS L 262 -41.32 5.16 -51.45
N PHE L 263 -41.52 4.35 -52.48
CA PHE L 263 -40.46 3.80 -53.32
C PHE L 263 -40.88 3.98 -54.78
N THR L 264 -39.99 3.59 -55.69
CA THR L 264 -40.29 3.75 -57.11
C THR L 264 -41.29 2.72 -57.62
N ASP L 265 -41.52 1.64 -56.87
CA ASP L 265 -42.44 0.59 -57.29
C ASP L 265 -43.66 0.45 -56.41
N GLY L 266 -43.80 1.26 -55.37
CA GLY L 266 -44.94 1.18 -54.48
C GLY L 266 -44.60 1.73 -53.12
N GLY L 267 -45.43 1.40 -52.14
CA GLY L 267 -45.21 1.92 -50.81
C GLY L 267 -45.89 1.11 -49.72
N LEU L 268 -45.76 1.61 -48.50
CA LEU L 268 -46.33 0.96 -47.31
C LEU L 268 -46.87 2.02 -46.36
N PHE L 269 -48.15 1.92 -46.02
CA PHE L 269 -48.79 2.80 -45.05
C PHE L 269 -48.68 2.21 -43.65
N THR L 270 -48.34 3.04 -42.67
CA THR L 270 -48.22 2.59 -41.29
C THR L 270 -49.02 3.49 -40.36
N LEU L 271 -49.38 2.95 -39.20
CA LEU L 271 -50.12 3.66 -38.16
C LEU L 271 -49.72 3.06 -36.82
N PHE L 272 -49.54 3.91 -35.80
CA PHE L 272 -49.03 3.45 -34.51
C PHE L 272 -49.85 4.02 -33.36
N VAL L 273 -50.00 3.21 -32.31
CA VAL L 273 -50.67 3.60 -31.06
C VAL L 273 -49.75 3.21 -29.91
N ARG L 274 -49.37 4.18 -29.08
CA ARG L 274 -48.39 3.95 -28.01
C ARG L 274 -48.90 4.52 -26.69
N ASP L 275 -48.79 3.72 -25.62
CA ASP L 275 -49.09 4.15 -24.27
C ASP L 275 -48.42 3.19 -23.30
N GLN L 276 -48.23 3.65 -22.06
CA GLN L 276 -47.61 2.79 -21.05
C GLN L 276 -48.62 1.89 -20.35
N ASP L 277 -49.91 2.17 -20.46
CA ASP L 277 -50.96 1.30 -19.94
C ASP L 277 -51.65 0.62 -21.11
N SER L 278 -51.67 -0.71 -21.08
CA SER L 278 -52.17 -1.49 -22.22
C SER L 278 -53.69 -1.51 -22.33
N ALA L 279 -54.41 -1.05 -21.30
CA ALA L 279 -55.85 -0.90 -21.43
C ALA L 279 -56.22 0.33 -22.26
N VAL L 280 -55.35 1.33 -22.29
CA VAL L 280 -55.56 2.48 -23.16
C VAL L 280 -55.27 2.11 -24.61
N VAL L 281 -54.25 1.28 -24.84
CA VAL L 281 -53.88 0.87 -26.19
C VAL L 281 -54.97 0.00 -26.81
N SER L 282 -55.58 -0.88 -26.02
CA SER L 282 -56.63 -1.76 -26.53
C SER L 282 -57.90 -0.99 -26.87
N SER L 283 -58.22 0.03 -26.07
CA SER L 283 -59.40 0.84 -26.34
C SER L 283 -59.20 1.75 -27.54
N ASN L 284 -57.97 2.22 -27.77
CA ASN L 284 -57.72 3.18 -28.84
C ASN L 284 -57.72 2.50 -30.20
N ILE L 285 -57.05 1.35 -30.32
CA ILE L 285 -56.93 0.67 -31.60
C ILE L 285 -58.25 0.06 -32.06
N LYS L 286 -59.17 -0.24 -31.13
CA LYS L 286 -60.47 -0.76 -31.54
C LYS L 286 -61.35 0.33 -32.12
N LYS L 287 -61.22 1.57 -31.64
CA LYS L 287 -61.99 2.67 -32.17
C LYS L 287 -61.46 3.14 -33.53
N ILE L 288 -60.15 3.05 -33.75
CA ILE L 288 -59.54 3.48 -35.01
C ILE L 288 -60.00 2.58 -36.16
N VAL L 289 -59.92 1.26 -35.96
CA VAL L 289 -60.23 0.31 -37.02
C VAL L 289 -61.72 0.31 -37.35
N ALA L 290 -62.57 0.45 -36.34
CA ALA L 290 -64.01 0.43 -36.57
C ALA L 290 -64.49 1.70 -37.28
N ASP L 291 -63.87 2.84 -37.00
CA ASP L 291 -64.26 4.08 -37.68
C ASP L 291 -63.70 4.15 -39.10
N LEU L 292 -62.55 3.55 -39.36
CA LEU L 292 -62.01 3.55 -40.71
C LEU L 292 -62.73 2.56 -41.62
N LYS L 293 -63.40 1.55 -41.05
CA LYS L 293 -64.14 0.60 -41.87
C LYS L 293 -65.47 1.15 -42.34
N LYS L 294 -66.01 2.17 -41.68
CA LYS L 294 -67.27 2.76 -42.13
C LYS L 294 -67.04 3.71 -43.30
N GLY L 295 -65.88 4.34 -43.35
CA GLY L 295 -65.54 5.21 -44.47
C GLY L 295 -65.33 6.65 -44.04
N LYS L 296 -64.42 7.33 -44.73
CA LYS L 296 -64.11 8.73 -44.48
C LYS L 296 -64.12 9.50 -45.79
N ASP L 297 -64.43 10.79 -45.70
CA ASP L 297 -64.33 11.70 -46.84
C ASP L 297 -63.06 12.51 -46.69
N LEU L 298 -62.19 12.43 -47.70
CA LEU L 298 -60.84 12.96 -47.61
C LEU L 298 -60.65 14.31 -48.31
N SER L 299 -61.60 14.74 -49.12
CA SER L 299 -61.51 16.00 -49.87
C SER L 299 -61.34 17.31 -49.08
N PRO L 300 -61.76 17.46 -47.80
CA PRO L 300 -61.38 18.68 -47.08
C PRO L 300 -59.90 18.80 -46.73
N ALA L 301 -59.09 17.74 -46.87
CA ALA L 301 -57.70 17.78 -46.48
C ALA L 301 -56.73 17.84 -47.65
N ILE L 302 -57.23 18.18 -48.85
CA ILE L 302 -56.40 18.15 -50.04
C ILE L 302 -55.43 19.32 -50.07
N ASN L 303 -55.92 20.53 -49.78
CA ASN L 303 -55.06 21.73 -49.80
C ASN L 303 -54.02 21.70 -48.68
N TYR L 304 -54.34 21.04 -47.56
CA TYR L 304 -53.37 20.89 -46.48
C TYR L 304 -52.28 19.90 -46.84
N THR L 305 -52.61 18.88 -47.63
CA THR L 305 -51.62 17.89 -48.07
C THR L 305 -50.66 18.47 -49.09
N LYS L 306 -51.14 19.39 -49.95
CA LYS L 306 -50.27 20.01 -50.94
C LYS L 306 -49.24 20.93 -50.30
N LEU L 307 -49.56 21.52 -49.16
CA LEU L 307 -48.55 22.29 -48.43
C LEU L 307 -47.52 21.40 -47.77
N LYS L 308 -47.97 20.29 -47.15
CA LYS L 308 -47.05 19.39 -46.45
C LYS L 308 -46.15 18.61 -47.42
N ASN L 309 -46.62 18.38 -48.63
CA ASN L 309 -45.81 17.68 -49.63
C ASN L 309 -44.67 18.58 -50.13
N ALA L 310 -44.93 19.88 -50.24
CA ALA L 310 -43.91 20.80 -50.73
C ALA L 310 -42.84 21.08 -49.68
N VAL L 311 -43.20 21.03 -48.39
CA VAL L 311 -42.23 21.23 -47.33
C VAL L 311 -41.29 20.03 -47.24
N GLN L 312 -41.83 18.82 -47.38
CA GLN L 312 -41.03 17.61 -47.25
C GLN L 312 -40.14 17.37 -48.45
N ASN L 313 -40.56 17.79 -49.64
CA ASN L 313 -39.83 17.52 -50.88
C ASN L 313 -38.67 18.47 -51.12
N GLU L 314 -38.35 19.37 -50.19
CA GLU L 314 -37.22 20.27 -50.38
C GLU L 314 -35.88 19.56 -50.21
N SER L 315 -35.85 18.38 -49.61
CA SER L 315 -34.64 17.59 -49.46
C SER L 315 -34.63 16.35 -50.35
N VAL L 316 -35.75 16.03 -51.00
CA VAL L 316 -35.92 14.81 -51.77
C VAL L 316 -35.93 15.20 -53.24
N SER L 317 -35.62 14.36 -54.10
CA SER L 317 -35.57 14.57 -55.55
C SER L 317 -36.96 14.49 -56.22
N SER L 318 -37.95 14.49 -55.46
CA SER L 318 -39.35 14.70 -55.85
C SER L 318 -39.95 13.62 -56.76
N PRO L 319 -40.25 12.40 -56.23
CA PRO L 319 -41.19 11.54 -56.95
C PRO L 319 -42.57 12.16 -57.01
N ILE L 320 -43.03 12.50 -58.22
CA ILE L 320 -44.18 13.38 -58.39
C ILE L 320 -45.43 12.51 -58.39
N GLU L 321 -45.97 12.26 -57.20
CA GLU L 321 -47.36 11.81 -57.07
C GLU L 321 -48.28 12.99 -56.81
N LEU L 322 -48.11 14.05 -57.59
CA LEU L 322 -48.84 15.30 -57.36
C LEU L 322 -50.02 15.38 -58.31
N ASN L 323 -51.00 14.50 -58.08
CA ASN L 323 -52.37 14.77 -58.52
C ASN L 323 -53.27 14.36 -57.36
N PHE L 324 -53.48 15.30 -56.44
CA PHE L 324 -54.33 15.09 -55.29
C PHE L 324 -55.77 15.45 -55.55
N ASP L 325 -56.09 15.94 -56.76
CA ASP L 325 -57.41 16.47 -57.06
C ASP L 325 -58.47 15.39 -57.23
N ALA L 326 -58.07 14.16 -57.55
CA ALA L 326 -59.00 13.07 -57.77
C ALA L 326 -59.28 12.26 -56.51
N VAL L 327 -58.65 12.60 -55.39
CA VAL L 327 -58.82 11.87 -54.14
C VAL L 327 -60.15 12.26 -53.51
N LYS L 328 -61.06 11.30 -53.36
CA LYS L 328 -62.33 11.59 -52.71
C LYS L 328 -62.57 10.76 -51.44
N ASP L 329 -62.51 9.43 -51.52
CA ASP L 329 -62.95 8.57 -50.42
C ASP L 329 -61.87 7.57 -50.02
N PHE L 330 -62.16 6.85 -48.94
CA PHE L 330 -61.32 5.74 -48.47
C PHE L 330 -62.18 4.83 -47.60
N LYS L 331 -62.00 3.52 -47.77
CA LYS L 331 -62.60 2.53 -46.88
C LYS L 331 -61.57 1.43 -46.63
N LEU L 332 -61.43 1.03 -45.37
CA LEU L 332 -60.38 0.08 -45.00
C LEU L 332 -60.74 -1.33 -45.44
N GLY L 333 -59.77 -2.02 -46.05
CA GLY L 333 -59.94 -3.41 -46.45
C GLY L 333 -59.18 -4.38 -45.57
N LYS L 334 -58.27 -5.14 -46.15
CA LYS L 334 -57.45 -6.09 -45.41
C LYS L 334 -56.10 -5.48 -45.06
N PHE L 335 -55.53 -5.93 -43.96
CA PHE L 335 -54.33 -5.28 -43.41
C PHE L 335 -53.58 -6.28 -42.55
N ASN L 336 -52.37 -5.88 -42.15
CA ASN L 336 -51.51 -6.65 -41.26
C ASN L 336 -51.42 -5.95 -39.90
N TYR L 337 -51.00 -6.70 -38.89
CA TYR L 337 -51.11 -6.23 -37.51
C TYR L 337 -49.98 -6.80 -36.67
N VAL L 338 -49.38 -5.97 -35.83
CA VAL L 338 -48.35 -6.40 -34.90
C VAL L 338 -48.65 -5.81 -33.52
N ALA L 339 -48.20 -6.52 -32.48
CA ALA L 339 -48.38 -6.09 -31.10
C ALA L 339 -47.09 -6.31 -30.34
N VAL L 340 -46.62 -5.26 -29.65
CA VAL L 340 -45.36 -5.29 -28.92
C VAL L 340 -45.61 -4.85 -27.48
N GLY L 341 -45.12 -5.63 -26.53
CA GLY L 341 -45.21 -5.24 -25.13
C GLY L 341 -45.89 -6.25 -24.24
N ASP L 342 -46.97 -5.82 -23.57
CA ASP L 342 -47.75 -6.69 -22.69
C ASP L 342 -48.83 -7.37 -23.52
N VAL L 343 -48.41 -8.44 -24.22
CA VAL L 343 -49.26 -9.03 -25.25
C VAL L 343 -50.40 -9.88 -24.70
N SER L 344 -50.39 -10.19 -23.40
CA SER L 344 -51.52 -10.88 -22.79
C SER L 344 -52.74 -9.98 -22.67
N ASN L 345 -52.56 -8.66 -22.69
CA ASN L 345 -53.66 -7.72 -22.56
C ASN L 345 -53.81 -6.86 -23.82
N LEU L 346 -53.45 -7.39 -24.97
CA LEU L 346 -53.57 -6.70 -26.24
C LEU L 346 -54.48 -7.50 -27.18
N PRO L 347 -55.20 -6.84 -28.08
CA PRO L 347 -56.16 -7.56 -28.93
C PRO L 347 -55.49 -8.45 -29.97
N TYR L 348 -56.29 -9.35 -30.52
CA TYR L 348 -55.90 -10.18 -31.64
C TYR L 348 -56.53 -9.64 -32.92
N LEU L 349 -56.09 -10.19 -34.06
CA LEU L 349 -56.50 -9.67 -35.36
C LEU L 349 -57.98 -9.94 -35.64
N ASP L 350 -58.48 -11.10 -35.23
CA ASP L 350 -59.88 -11.42 -35.48
C ASP L 350 -60.84 -10.79 -34.46
N GLU L 351 -60.32 -10.10 -33.46
CA GLU L 351 -61.16 -9.38 -32.49
C GLU L 351 -61.40 -7.93 -32.88
N LEU L 352 -60.83 -7.46 -33.99
CA LEU L 352 -61.01 -6.09 -34.43
C LEU L 352 -61.24 -6.01 -35.93
N MET M 1 6.63 18.60 56.85
CA MET M 1 7.71 19.04 57.73
C MET M 1 7.38 20.39 58.33
N THR M 2 8.12 20.77 59.38
CA THR M 2 7.93 22.06 60.02
C THR M 2 8.48 23.17 59.15
N ALA M 3 8.20 24.41 59.55
CA ALA M 3 8.66 25.57 58.79
C ALA M 3 10.16 25.79 58.95
N ALA M 4 10.74 25.34 60.05
CA ALA M 4 12.18 25.49 60.23
C ALA M 4 12.97 24.52 59.34
N GLU M 5 12.45 23.31 59.13
CA GLU M 5 13.13 22.34 58.30
C GLU M 5 13.04 22.67 56.81
N HIS M 6 12.04 23.44 56.40
CA HIS M 6 11.94 23.85 55.02
C HIS M 6 12.68 25.15 54.72
N GLY M 7 12.76 26.04 55.71
CA GLY M 7 13.41 27.32 55.52
C GLY M 7 12.40 28.45 55.35
N LEU M 8 12.80 29.64 55.76
CA LEU M 8 11.94 30.81 55.62
C LEU M 8 11.88 31.24 54.16
N HIS M 9 10.69 31.67 53.74
CA HIS M 9 10.47 32.05 52.34
C HIS M 9 11.09 33.40 52.05
N ALA M 10 11.75 33.49 50.90
CA ALA M 10 12.44 34.72 50.50
C ALA M 10 11.48 35.65 49.76
N PRO M 11 11.42 36.93 50.13
CA PRO M 11 10.49 37.85 49.46
C PRO M 11 10.99 38.27 48.09
N ALA M 12 10.12 38.99 47.37
CA ALA M 12 10.40 39.43 46.02
C ALA M 12 10.91 40.86 46.03
N TYR M 13 12.08 41.07 45.44
CA TYR M 13 12.67 42.40 45.29
C TYR M 13 12.57 42.86 43.85
N ALA M 14 12.71 44.16 43.64
CA ALA M 14 12.54 44.76 42.32
C ALA M 14 13.88 44.83 41.60
N TRP M 15 14.32 43.67 41.13
CA TRP M 15 15.54 43.57 40.33
C TRP M 15 15.33 44.23 38.99
N SER M 16 16.34 44.97 38.52
CA SER M 16 16.20 45.74 37.31
C SER M 16 16.34 44.91 36.03
N HIS M 17 16.64 43.62 36.14
CA HIS M 17 16.62 42.71 35.01
C HIS M 17 15.37 41.83 34.99
N ASN M 18 14.43 42.04 35.91
CA ASN M 18 13.15 41.35 35.86
C ASN M 18 12.25 42.03 34.83
N GLY M 19 11.70 41.25 33.93
CA GLY M 19 10.87 41.78 32.88
C GLY M 19 11.34 41.32 31.51
N PRO M 20 10.41 41.23 30.55
CA PRO M 20 10.77 40.69 29.23
C PRO M 20 11.61 41.62 28.37
N PHE M 21 11.73 42.90 28.71
CA PHE M 21 12.47 43.86 27.89
C PHE M 21 13.71 44.42 28.59
N GLU M 22 14.16 43.81 29.69
CA GLU M 22 15.24 44.37 30.48
C GLU M 22 16.55 43.61 30.26
N THR M 23 17.65 44.34 30.30
CA THR M 23 18.99 43.77 30.29
C THR M 23 19.57 43.81 31.71
N PHE M 24 20.79 43.29 31.85
CA PHE M 24 21.52 43.45 33.09
C PHE M 24 21.99 44.89 33.25
N ASP M 25 22.21 45.28 34.51
CA ASP M 25 22.89 46.54 34.82
C ASP M 25 24.38 46.24 34.87
N HIS M 26 25.12 46.72 33.87
CA HIS M 26 26.52 46.32 33.73
C HIS M 26 27.46 47.07 34.65
N ALA M 27 27.04 48.19 35.23
CA ALA M 27 27.83 48.82 36.28
C ALA M 27 27.72 48.06 37.59
N SER M 28 26.57 47.44 37.85
CA SER M 28 26.39 46.58 39.00
C SER M 28 27.13 45.25 38.85
N ILE M 29 27.35 44.79 37.62
CA ILE M 29 28.17 43.60 37.39
C ILE M 29 29.63 43.89 37.69
N ARG M 30 30.11 45.09 37.30
CA ARG M 30 31.50 45.45 37.49
C ARG M 30 31.85 45.63 38.95
N ARG M 31 30.95 46.27 39.72
CA ARG M 31 31.16 46.37 41.17
C ARG M 31 31.02 45.01 41.85
N GLY M 32 30.22 44.11 41.28
CA GLY M 32 30.04 42.79 41.88
C GLY M 32 31.26 41.90 41.78
N TYR M 33 32.06 42.08 40.72
CA TYR M 33 33.30 41.32 40.60
C TYR M 33 34.31 41.74 41.66
N GLN M 34 34.30 43.02 42.05
CA GLN M 34 35.24 43.48 43.08
C GLN M 34 34.90 42.90 44.45
N VAL M 35 33.62 42.67 44.73
CA VAL M 35 33.23 41.99 45.96
C VAL M 35 33.65 40.52 45.91
N TYR M 36 33.69 39.92 44.71
CA TYR M 36 34.13 38.54 44.61
C TYR M 36 35.62 38.39 44.89
N ARG M 37 36.45 39.28 44.35
CA ARG M 37 37.89 39.16 44.48
C ARG M 37 38.36 39.44 45.91
N GLU M 38 37.69 40.36 46.61
CA GLU M 38 38.16 40.78 47.92
C GLU M 38 37.52 40.02 49.08
N VAL M 39 36.37 39.37 48.86
CA VAL M 39 35.68 38.68 49.95
C VAL M 39 35.47 37.21 49.63
N CYS M 40 34.78 36.91 48.54
CA CYS M 40 34.28 35.55 48.30
C CYS M 40 35.40 34.58 47.93
N ALA M 41 36.39 35.04 47.19
CA ALA M 41 37.36 34.16 46.53
C ALA M 41 38.35 33.51 47.48
N ALA M 42 38.34 33.87 48.77
CA ALA M 42 39.17 33.18 49.74
C ALA M 42 38.73 31.74 49.97
N CYS M 43 37.48 31.41 49.69
CA CYS M 43 36.97 30.06 49.93
C CYS M 43 36.14 29.49 48.80
N HIS M 44 35.74 30.28 47.81
CA HIS M 44 34.87 29.82 46.74
C HIS M 44 35.57 29.86 45.40
N SER M 45 35.34 28.83 44.58
CA SER M 45 35.86 28.76 43.23
C SER M 45 34.80 29.20 42.23
N LEU M 46 35.27 29.58 41.04
CA LEU M 46 34.43 29.95 39.91
C LEU M 46 35.02 29.26 38.68
N ASP M 47 34.64 27.99 38.49
CA ASP M 47 35.40 27.10 37.61
C ASP M 47 34.93 27.11 36.16
N ARG M 48 33.70 27.52 35.90
CA ARG M 48 33.12 27.46 34.57
C ARG M 48 33.20 28.78 33.83
N VAL M 49 33.90 29.77 34.37
CA VAL M 49 34.00 31.10 33.77
C VAL M 49 35.42 31.30 33.26
N ALA M 50 35.55 31.58 31.98
CA ALA M 50 36.84 31.90 31.38
C ALA M 50 37.10 33.40 31.42
N TRP M 51 38.38 33.78 31.33
CA TRP M 51 38.79 35.17 31.45
C TRP M 51 38.27 36.01 30.28
N ARG M 52 38.22 35.42 29.08
CA ARG M 52 37.83 36.13 27.86
C ARG M 52 36.37 36.57 27.88
N THR M 53 35.52 35.94 28.69
CA THR M 53 34.10 36.28 28.72
C THR M 53 33.82 37.61 29.43
N LEU M 54 34.77 38.13 30.19
CA LEU M 54 34.60 39.41 30.88
C LEU M 54 34.84 40.62 29.97
N VAL M 55 35.46 40.44 28.82
CA VAL M 55 35.79 41.55 27.93
C VAL M 55 34.54 42.03 27.22
N GLY M 56 34.26 43.32 27.30
CA GLY M 56 33.08 43.89 26.70
C GLY M 56 31.81 43.72 27.50
N VAL M 57 31.90 43.26 28.74
CA VAL M 57 30.75 43.07 29.61
C VAL M 57 30.97 43.89 30.87
N SER M 58 32.15 43.77 31.47
CA SER M 58 32.49 44.50 32.68
C SER M 58 33.86 45.16 32.66
N HIS M 59 34.79 44.72 31.82
CA HIS M 59 36.13 45.28 31.80
C HIS M 59 36.61 45.41 30.36
N THR M 60 37.64 46.23 30.15
CA THR M 60 38.24 46.37 28.84
C THR M 60 39.26 45.24 28.61
N ASN M 61 39.83 45.20 27.40
CA ASN M 61 40.65 44.08 27.00
C ASN M 61 42.00 44.05 27.72
N GLU M 62 42.59 45.23 27.96
CA GLU M 62 43.86 45.26 28.67
C GLU M 62 43.68 45.21 30.18
N GLU M 63 42.47 45.44 30.68
CA GLU M 63 42.22 45.25 32.12
C GLU M 63 42.19 43.76 32.48
N VAL M 64 41.60 42.94 31.61
CA VAL M 64 41.52 41.51 31.90
C VAL M 64 42.87 40.82 31.71
N ARG M 65 43.70 41.34 30.79
CA ARG M 65 45.04 40.78 30.60
C ARG M 65 45.91 40.97 31.84
N ASN M 66 45.75 42.10 32.53
CA ASN M 66 46.51 42.34 33.74
C ASN M 66 45.98 41.53 34.92
N MET M 67 44.68 41.22 34.92
CA MET M 67 44.10 40.43 35.99
C MET M 67 44.53 38.97 35.91
N ALA M 68 44.57 38.42 34.69
CA ALA M 68 44.95 37.03 34.52
C ALA M 68 46.45 36.79 34.66
N GLU M 69 47.26 37.84 34.57
CA GLU M 69 48.71 37.70 34.66
C GLU M 69 49.22 37.69 36.10
N GLU M 70 48.33 37.73 37.09
CA GLU M 70 48.71 37.62 38.49
C GLU M 70 48.58 36.21 39.04
N PHE M 71 48.26 35.24 38.18
CA PHE M 71 48.18 33.83 38.57
C PHE M 71 49.08 33.03 37.64
N GLU M 72 49.57 31.90 38.13
CA GLU M 72 50.44 31.04 37.35
C GLU M 72 49.80 29.69 37.12
N TYR M 73 50.02 29.13 35.92
CA TYR M 73 49.37 27.92 35.45
C TYR M 73 50.42 26.90 35.06
N ASP M 74 49.98 25.66 34.85
CA ASP M 74 50.88 24.61 34.42
C ASP M 74 51.24 24.76 32.94
N ASP M 75 52.49 24.45 32.62
CA ASP M 75 53.01 24.53 31.27
C ASP M 75 53.45 23.15 30.80
N GLU M 76 53.75 23.05 29.51
CA GLU M 76 54.31 21.82 28.98
C GLU M 76 55.76 21.66 29.46
N PRO M 77 56.20 20.42 29.69
CA PRO M 77 57.56 20.22 30.21
C PRO M 77 58.64 20.58 29.19
N ASP M 78 59.84 20.80 29.72
CA ASP M 78 60.97 21.25 28.90
C ASP M 78 61.58 20.07 28.15
N GLU M 79 62.76 20.30 27.56
CA GLU M 79 63.39 19.28 26.73
C GLU M 79 63.94 18.10 27.54
N GLN M 80 64.13 18.28 28.84
CA GLN M 80 64.51 17.16 29.70
C GLN M 80 63.31 16.46 30.31
N GLY M 81 62.15 17.09 30.33
CA GLY M 81 60.94 16.48 30.85
C GLY M 81 60.48 16.97 32.19
N ASN M 82 61.06 18.05 32.72
CA ASN M 82 60.69 18.62 34.01
C ASN M 82 59.59 19.66 33.84
N PRO M 83 58.65 19.75 34.78
CA PRO M 83 57.51 20.66 34.61
C PRO M 83 57.89 22.12 34.83
N LYS M 84 57.08 22.99 34.21
CA LYS M 84 57.28 24.44 34.25
C LYS M 84 55.97 25.13 34.60
N LYS M 85 56.08 26.44 34.82
CA LYS M 85 54.95 27.31 35.09
C LYS M 85 54.97 28.48 34.11
N ARG M 86 53.83 29.16 33.99
CA ARG M 86 53.68 30.31 33.12
C ARG M 86 52.56 31.20 33.64
N PRO M 87 52.61 32.50 33.39
CA PRO M 87 51.48 33.36 33.76
C PRO M 87 50.27 33.13 32.88
N GLY M 88 49.12 33.63 33.36
CA GLY M 88 47.85 33.34 32.72
C GLY M 88 47.56 34.20 31.50
N LYS M 89 46.60 33.72 30.72
CA LYS M 89 46.16 34.41 29.50
C LYS M 89 44.64 34.37 29.43
N LEU M 90 44.09 34.90 28.35
CA LEU M 90 42.63 35.02 28.25
C LEU M 90 41.95 33.69 27.97
N SER M 91 42.68 32.67 27.51
CA SER M 91 42.09 31.37 27.28
C SER M 91 41.87 30.58 28.56
N ASP M 92 42.54 30.96 29.65
CA ASP M 92 42.47 30.21 30.90
C ASP M 92 41.15 30.47 31.62
N TYR M 93 40.85 29.59 32.57
CA TYR M 93 39.71 29.74 33.45
C TYR M 93 40.17 30.33 34.77
N ILE M 94 39.24 30.97 35.46
CA ILE M 94 39.54 31.64 36.74
C ILE M 94 39.87 30.59 37.80
N PRO M 95 41.00 30.69 38.48
CA PRO M 95 41.42 29.62 39.41
C PRO M 95 40.81 29.73 40.80
N GLY M 96 40.73 28.59 41.46
CA GLY M 96 40.16 28.49 42.79
C GLY M 96 41.19 28.46 43.89
N PRO M 97 40.75 28.59 45.14
CA PRO M 97 41.70 28.72 46.26
C PRO M 97 42.27 27.41 46.80
N TYR M 98 41.73 26.25 46.43
CA TYR M 98 42.17 25.00 47.02
C TYR M 98 42.60 24.00 45.96
N PRO M 99 43.60 23.16 46.26
CA PRO M 99 44.06 22.17 45.26
C PRO M 99 43.11 20.99 45.10
N ASN M 100 42.48 20.54 46.17
CA ASN M 100 41.53 19.42 46.09
C ASN M 100 40.47 19.57 47.16
N GLU M 101 39.56 18.60 47.20
CA GLU M 101 38.41 18.65 48.11
C GLU M 101 38.82 18.44 49.57
N GLN M 102 39.84 17.60 49.80
CA GLN M 102 40.28 17.33 51.17
C GLN M 102 40.94 18.54 51.81
N ALA M 103 41.64 19.36 51.02
CA ALA M 103 42.21 20.58 51.56
C ALA M 103 41.14 21.65 51.78
N ALA M 104 40.03 21.57 51.05
CA ALA M 104 38.94 22.53 51.25
C ALA M 104 38.18 22.25 52.54
N ARG M 105 37.94 20.98 52.84
CA ARG M 105 37.24 20.62 54.07
C ARG M 105 38.11 20.85 55.31
N ALA M 106 39.43 20.70 55.16
CA ALA M 106 40.33 20.89 56.30
C ALA M 106 40.43 22.35 56.71
N ALA M 107 40.17 23.28 55.80
CA ALA M 107 40.22 24.69 56.10
C ALA M 107 38.90 25.27 56.57
N ASN M 108 37.81 24.51 56.49
CA ASN M 108 36.47 25.00 56.82
C ASN M 108 35.74 24.05 57.77
N GLN M 109 36.49 23.38 58.66
CA GLN M 109 35.97 22.51 59.72
C GLN M 109 35.14 21.34 59.20
N GLY M 110 35.51 20.80 58.03
CA GLY M 110 34.84 19.65 57.46
C GLY M 110 33.77 19.98 56.45
N ALA M 111 33.37 21.25 56.33
CA ALA M 111 32.36 21.64 55.37
C ALA M 111 33.00 22.01 54.04
N LEU M 112 32.26 21.76 52.96
CA LEU M 112 32.75 22.02 51.61
C LEU M 112 32.01 23.20 50.99
N PRO M 113 32.65 24.33 50.74
CA PRO M 113 31.99 25.44 50.06
C PRO M 113 31.81 25.14 48.58
N PRO M 114 30.60 25.26 48.04
CA PRO M 114 30.36 24.86 46.65
C PRO M 114 30.84 25.88 45.63
N ASP M 115 31.01 25.39 44.41
CA ASP M 115 31.33 26.25 43.27
C ASP M 115 30.12 27.14 42.94
N LEU M 116 30.40 28.42 42.67
CA LEU M 116 29.35 29.42 42.56
C LEU M 116 29.02 29.80 41.11
N SER M 117 29.43 29.00 40.13
CA SER M 117 29.18 29.34 38.73
C SER M 117 27.73 29.16 38.34
N LEU M 118 26.99 28.28 39.03
CA LEU M 118 25.61 27.98 38.69
C LEU M 118 24.66 28.13 39.88
N ILE M 119 25.08 28.83 40.93
CA ILE M 119 24.37 28.82 42.20
C ILE M 119 23.03 29.55 42.14
N VAL M 120 22.83 30.46 41.18
CA VAL M 120 21.56 31.18 41.08
C VAL M 120 20.49 30.27 40.48
N LYS M 121 20.85 29.43 39.52
CA LYS M 121 19.91 28.50 38.91
C LYS M 121 19.78 27.19 39.67
N ALA M 122 20.63 26.92 40.65
CA ALA M 122 20.64 25.65 41.36
C ALA M 122 19.92 25.71 42.70
N ARG M 123 19.29 26.83 43.02
CA ARG M 123 18.53 26.98 44.25
C ARG M 123 17.14 27.51 43.93
N HIS M 124 16.14 27.03 44.67
CA HIS M 124 14.80 27.57 44.55
C HIS M 124 14.74 28.94 45.21
N GLY M 125 14.29 29.94 44.45
CA GLY M 125 14.28 31.32 44.89
C GLY M 125 15.10 32.24 44.02
N GLY M 126 16.21 31.73 43.47
CA GLY M 126 16.99 32.50 42.50
C GLY M 126 17.77 33.62 43.15
N CYS M 127 17.67 34.82 42.58
CA CYS M 127 18.38 35.98 43.10
C CYS M 127 17.85 36.41 44.46
N ASP M 128 16.56 36.17 44.72
CA ASP M 128 15.95 36.55 45.99
C ASP M 128 16.48 35.72 47.15
N TYR M 129 16.81 34.45 46.90
CA TYR M 129 17.31 33.60 47.98
C TYR M 129 18.76 33.94 48.34
N ILE M 130 19.59 34.22 47.34
CA ILE M 130 21.00 34.53 47.58
C ILE M 130 21.13 35.87 48.32
N PHE M 131 20.29 36.84 47.97
CA PHE M 131 20.32 38.13 48.64
C PHE M 131 19.82 38.04 50.07
N SER M 132 18.78 37.24 50.32
CA SER M 132 18.22 37.16 51.67
C SER M 132 19.10 36.36 52.60
N LEU M 133 19.90 35.43 52.06
CA LEU M 133 20.82 34.66 52.89
C LEU M 133 21.96 35.54 53.41
N LEU M 134 22.50 36.42 52.55
CA LEU M 134 23.66 37.21 52.93
C LEU M 134 23.31 38.31 53.92
N THR M 135 22.12 38.90 53.82
CA THR M 135 21.70 40.00 54.68
C THR M 135 20.76 39.54 55.79
N GLY M 136 20.73 38.24 56.10
CA GLY M 136 19.74 37.73 57.02
C GLY M 136 20.27 37.03 58.25
N TYR M 137 21.50 37.34 58.65
CA TYR M 137 22.05 36.78 59.88
C TYR M 137 21.58 37.59 61.08
N PRO M 138 20.88 36.99 62.04
CA PRO M 138 20.52 37.71 63.25
C PRO M 138 21.72 37.82 64.19
N ASP M 139 21.60 38.74 65.16
CA ASP M 139 22.66 38.91 66.13
C ASP M 139 22.74 37.73 67.10
N GLU M 140 21.61 37.09 67.38
CA GLU M 140 21.58 35.87 68.17
C GLU M 140 20.41 35.03 67.70
N PRO M 141 20.48 33.70 67.85
CA PRO M 141 19.34 32.85 67.45
C PRO M 141 18.17 33.04 68.38
N PRO M 142 16.97 32.57 68.00
CA PRO M 142 15.82 32.61 68.90
C PRO M 142 16.01 31.76 70.15
N ALA M 143 15.19 32.03 71.16
CA ALA M 143 15.35 31.39 72.46
C ALA M 143 14.97 29.91 72.38
N GLY M 144 15.89 29.05 72.80
CA GLY M 144 15.71 27.61 72.80
C GLY M 144 16.60 26.89 71.82
N VAL M 145 16.96 27.53 70.72
CA VAL M 145 17.75 26.90 69.66
C VAL M 145 19.20 26.81 70.11
N ALA M 146 19.73 25.59 70.18
CA ALA M 146 21.10 25.33 70.58
C ALA M 146 21.88 24.86 69.36
N LEU M 147 22.70 25.73 68.82
CA LEU M 147 23.52 25.36 67.67
C LEU M 147 24.71 24.53 68.11
N PRO M 148 25.14 23.56 67.30
CA PRO M 148 26.40 22.90 67.57
C PRO M 148 27.56 23.87 67.38
N PRO M 149 28.67 23.66 68.10
CA PRO M 149 29.83 24.55 67.94
C PRO M 149 30.46 24.40 66.57
N GLY M 150 30.69 25.54 65.91
CA GLY M 150 31.17 25.56 64.55
C GLY M 150 30.12 25.89 63.52
N SER M 151 28.91 26.25 63.92
CA SER M 151 27.84 26.59 63.00
C SER M 151 27.17 27.88 63.48
N ASN M 152 26.36 28.44 62.58
CA ASN M 152 25.75 29.75 62.77
C ASN M 152 24.28 29.65 62.42
N TYR M 153 23.49 30.60 62.92
CA TYR M 153 22.05 30.61 62.68
C TYR M 153 21.72 31.54 61.51
N ASN M 154 20.95 31.02 60.56
CA ASN M 154 20.36 31.79 59.47
C ASN M 154 19.00 31.20 59.16
N PRO M 155 17.91 31.98 59.23
CA PRO M 155 16.57 31.40 59.08
C PRO M 155 16.20 31.02 57.66
N TYR M 156 16.90 31.52 56.65
CA TYR M 156 16.61 31.17 55.26
C TYR M 156 17.26 29.87 54.81
N PHE M 157 18.21 29.36 55.58
CA PHE M 157 18.82 28.06 55.28
C PHE M 157 17.93 26.94 55.83
N PRO M 158 17.71 25.88 55.05
CA PRO M 158 16.85 24.78 55.52
C PRO M 158 17.46 24.04 56.70
N GLY M 159 16.73 24.05 57.82
CA GLY M 159 17.22 23.57 59.09
C GLY M 159 17.67 24.67 60.04
N GLY M 160 18.15 25.80 59.50
CA GLY M 160 18.51 26.94 60.29
C GLY M 160 19.95 27.01 60.73
N SER M 161 20.73 25.95 60.54
CA SER M 161 22.11 25.88 60.99
C SER M 161 23.02 25.78 59.76
N ILE M 162 23.80 26.83 59.51
CA ILE M 162 24.66 26.90 58.33
C ILE M 162 26.11 27.00 58.78
N ALA M 163 27.01 26.42 57.99
CA ALA M 163 28.42 26.32 58.34
C ALA M 163 29.26 27.52 57.90
N MET M 164 28.65 28.55 57.34
CA MET M 164 29.36 29.79 57.02
C MET M 164 28.87 30.90 57.93
N ALA M 165 29.78 31.79 58.32
CA ALA M 165 29.45 32.91 59.18
C ALA M 165 29.09 34.13 58.33
N ARG M 166 28.68 35.19 59.01
CA ARG M 166 28.40 36.45 58.33
C ARG M 166 29.69 37.10 57.88
N VAL M 167 29.76 37.50 56.62
CA VAL M 167 31.01 38.00 56.03
C VAL M 167 30.92 39.45 55.58
N LEU M 168 29.74 40.03 55.43
CA LEU M 168 29.60 41.38 54.90
C LEU M 168 29.36 42.37 56.04
N PHE M 169 30.21 43.39 56.11
CA PHE M 169 30.09 44.46 57.09
C PHE M 169 30.25 45.79 56.38
N ASP M 170 29.87 46.86 57.08
CA ASP M 170 29.80 48.18 56.47
C ASP M 170 31.19 48.73 56.16
N ASP M 171 31.35 49.17 54.90
CA ASP M 171 32.57 49.85 54.40
C ASP M 171 33.82 48.97 54.53
N MET M 172 33.72 47.73 54.05
CA MET M 172 34.87 46.85 53.97
C MET M 172 35.52 46.86 52.59
N VAL M 173 34.90 47.52 51.61
CA VAL M 173 35.38 47.57 50.23
C VAL M 173 35.34 49.02 49.78
N GLU M 174 36.41 49.48 49.14
CA GLU M 174 36.46 50.80 48.54
C GLU M 174 36.16 50.69 47.04
N TYR M 175 35.06 51.29 46.62
CA TYR M 175 34.61 51.20 45.23
C TYR M 175 35.32 52.22 44.35
N GLU M 176 35.39 51.90 43.05
CA GLU M 176 36.10 52.77 42.12
C GLU M 176 35.26 53.97 41.71
N ASP M 177 33.96 53.76 41.48
CA ASP M 177 33.08 54.84 41.04
C ASP M 177 32.56 55.69 42.18
N GLY M 178 32.83 55.35 43.44
CA GLY M 178 32.46 56.17 44.58
C GLY M 178 31.16 55.81 45.25
N THR M 179 30.64 54.60 45.03
CA THR M 179 29.40 54.20 45.68
C THR M 179 29.65 53.89 47.15
N PRO M 180 28.76 54.32 48.05
CA PRO M 180 28.88 53.90 49.46
C PRO M 180 28.66 52.40 49.60
N ALA M 181 29.61 51.74 50.27
CA ALA M 181 29.63 50.28 50.35
C ALA M 181 29.03 49.84 51.67
N THR M 182 27.69 49.88 51.74
CA THR M 182 26.98 49.32 52.86
C THR M 182 26.78 47.82 52.66
N THR M 183 26.14 47.17 53.64
CA THR M 183 25.90 45.73 53.55
C THR M 183 24.88 45.40 52.47
N SER M 184 23.85 46.24 52.33
CA SER M 184 22.80 45.99 51.35
C SER M 184 23.27 46.26 49.93
N GLN M 185 24.21 47.19 49.76
CA GLN M 185 24.70 47.52 48.42
C GLN M 185 25.64 46.43 47.91
N MET M 186 26.50 45.91 48.77
CA MET M 186 27.46 44.89 48.35
C MET M 186 26.79 43.54 48.09
N ALA M 187 25.71 43.24 48.81
CA ALA M 187 24.99 42.00 48.56
C ALA M 187 24.19 42.07 47.27
N LYS M 188 23.72 43.25 46.90
CA LYS M 188 22.97 43.41 45.66
C LYS M 188 23.89 43.29 44.44
N ASP M 189 25.11 43.81 44.55
CA ASP M 189 26.03 43.81 43.41
C ASP M 189 26.58 42.42 43.13
N VAL M 190 26.93 41.66 44.16
CA VAL M 190 27.52 40.35 43.95
C VAL M 190 26.47 39.32 43.52
N THR M 191 25.19 39.55 43.83
CA THR M 191 24.14 38.68 43.32
C THR M 191 23.89 38.92 41.83
N THR M 192 24.03 40.18 41.38
CA THR M 192 23.90 40.48 39.96
C THR M 192 25.06 39.91 39.17
N PHE M 193 26.27 39.93 39.75
CA PHE M 193 27.44 39.35 39.10
C PHE M 193 27.33 37.83 39.00
N LEU M 194 26.77 37.19 40.02
CA LEU M 194 26.59 35.75 39.99
C LEU M 194 25.47 35.31 39.06
N ASN M 195 24.48 36.17 38.79
CA ASN M 195 23.44 35.83 37.83
C ASN M 195 23.97 35.88 36.40
N TRP M 196 24.90 36.80 36.12
CA TRP M 196 25.55 36.80 34.81
C TRP M 196 26.46 35.59 34.63
N CYS M 197 27.09 35.12 35.71
CA CYS M 197 27.93 33.93 35.64
C CYS M 197 27.13 32.68 35.32
N ALA M 198 25.87 32.61 35.75
CA ALA M 198 25.00 31.49 35.43
C ALA M 198 24.30 31.64 34.08
N GLU M 199 23.98 32.86 33.67
CA GLU M 199 23.23 33.13 32.43
C GLU M 199 23.93 34.20 31.61
N PRO M 200 25.01 33.86 30.90
CA PRO M 200 25.71 34.89 30.09
C PRO M 200 24.99 35.27 28.81
N GLU M 201 24.07 34.44 28.33
CA GLU M 201 23.33 34.68 27.09
C GLU M 201 22.08 35.55 27.30
N HIS M 202 21.89 36.04 28.54
CA HIS M 202 20.63 36.63 28.99
C HIS M 202 20.20 37.85 28.17
N ASP M 203 21.14 38.74 27.86
CA ASP M 203 20.79 39.95 27.10
C ASP M 203 20.52 39.63 25.63
N GLU M 204 21.19 38.63 25.09
CA GLU M 204 20.98 38.21 23.70
C GLU M 204 19.71 37.38 23.53
N ARG M 205 19.36 36.57 24.53
CA ARG M 205 18.18 35.72 24.45
C ARG M 205 16.90 36.54 24.43
N LYS M 206 16.86 37.65 25.17
CA LYS M 206 15.66 38.47 25.22
C LYS M 206 15.50 39.34 23.97
N ARG M 207 16.61 39.67 23.30
CA ARG M 207 16.51 40.41 22.05
C ARG M 207 16.05 39.51 20.91
N LEU M 208 16.54 38.27 20.86
CA LEU M 208 16.12 37.33 19.84
C LEU M 208 14.68 36.87 20.05
N GLY M 209 14.23 36.83 21.31
CA GLY M 209 12.86 36.43 21.58
C GLY M 209 11.83 37.45 21.15
N LEU M 210 12.22 38.73 21.10
CA LEU M 210 11.29 39.77 20.67
C LEU M 210 11.02 39.70 19.18
N LYS M 211 12.03 39.36 18.37
CA LYS M 211 11.82 39.18 16.94
C LYS M 211 10.99 37.95 16.64
N THR M 212 11.13 36.89 17.44
CA THR M 212 10.42 35.64 17.17
C THR M 212 8.94 35.74 17.52
N VAL M 213 8.62 36.43 18.62
CA VAL M 213 7.24 36.54 19.07
C VAL M 213 6.44 37.46 18.14
N ILE M 214 7.07 38.52 17.61
CA ILE M 214 6.39 39.43 16.70
C ILE M 214 6.07 38.75 15.37
N ILE M 215 7.02 37.96 14.85
CA ILE M 215 6.80 37.26 13.57
C ILE M 215 5.75 36.17 13.73
N LEU M 216 5.82 35.40 14.81
CA LEU M 216 4.86 34.31 15.03
C LEU M 216 3.46 34.81 15.39
N SER M 217 3.35 36.02 15.96
CA SER M 217 2.03 36.58 16.23
C SER M 217 1.35 37.03 14.94
N SER M 218 2.12 37.57 14.00
CA SER M 218 1.56 38.02 12.73
C SER M 218 1.10 36.84 11.87
N LEU M 219 1.84 35.73 11.91
CA LEU M 219 1.44 34.55 11.14
C LEU M 219 0.22 33.88 11.74
N TYR M 220 0.01 34.01 13.05
CA TYR M 220 -1.17 33.45 13.69
C TYR M 220 -2.42 34.25 13.33
N LEU M 221 -2.33 35.59 13.30
CA LEU M 221 -3.49 36.40 13.00
C LEU M 221 -3.84 36.36 11.51
N LEU M 222 -2.86 36.20 10.64
CA LEU M 222 -3.14 36.08 9.22
C LEU M 222 -3.77 34.74 8.87
N SER M 223 -3.42 33.67 9.60
CA SER M 223 -3.98 32.36 9.29
C SER M 223 -5.44 32.24 9.72
N ILE M 224 -5.88 33.05 10.68
CA ILE M 224 -7.29 33.06 11.06
C ILE M 224 -8.14 33.71 9.98
N TRP M 225 -7.64 34.81 9.39
CA TRP M 225 -8.35 35.46 8.28
C TRP M 225 -8.43 34.56 7.06
N VAL M 226 -7.35 33.87 6.72
CA VAL M 226 -7.31 33.06 5.52
C VAL M 226 -8.18 31.82 5.67
N LYS M 227 -8.24 31.24 6.87
CA LYS M 227 -9.09 30.07 7.11
C LYS M 227 -10.56 30.44 7.06
N LYS M 228 -10.92 31.61 7.58
CA LYS M 228 -12.32 32.02 7.57
C LYS M 228 -12.79 32.45 6.19
N PHE M 229 -11.88 32.90 5.33
CA PHE M 229 -12.24 33.23 3.95
C PHE M 229 -12.50 31.96 3.15
N LYS M 230 -11.63 30.95 3.30
CA LYS M 230 -11.70 29.74 2.49
C LYS M 230 -12.77 28.76 2.96
N TRP M 231 -13.44 29.02 4.09
CA TRP M 231 -14.46 28.13 4.61
C TRP M 231 -15.86 28.70 4.48
N ALA M 232 -16.01 29.90 3.92
CA ALA M 232 -17.30 30.59 3.94
C ALA M 232 -18.33 29.98 3.02
N GLY M 233 -17.90 29.26 1.97
CA GLY M 233 -18.86 28.59 1.11
C GLY M 233 -19.50 27.38 1.77
N ILE M 234 -18.75 26.67 2.61
CA ILE M 234 -19.29 25.52 3.32
C ILE M 234 -20.20 25.96 4.45
N LYS M 235 -19.84 27.05 5.15
CA LYS M 235 -20.55 27.46 6.35
C LYS M 235 -21.94 28.06 6.06
N THR M 236 -22.19 28.52 4.84
CA THR M 236 -23.48 29.12 4.49
C THR M 236 -24.29 28.24 3.53
N ARG M 237 -23.93 26.97 3.42
CA ARG M 237 -24.62 26.03 2.55
C ARG M 237 -26.00 25.68 3.09
N LYS M 238 -26.97 25.52 2.18
CA LYS M 238 -28.37 25.25 2.55
C LYS M 238 -28.89 24.00 1.86
N PHE M 239 -29.77 23.27 2.55
CA PHE M 239 -30.33 22.01 2.06
C PHE M 239 -31.86 22.05 2.08
N VAL M 240 -32.48 21.39 1.12
CA VAL M 240 -33.93 21.32 0.97
C VAL M 240 -34.31 19.90 0.61
N PHE M 241 -35.32 19.35 1.28
CA PHE M 241 -35.79 17.99 1.04
C PHE M 241 -37.19 17.99 0.44
N ASN M 242 -37.35 17.33 -0.70
CA ASN M 242 -38.66 17.05 -1.28
C ASN M 242 -38.82 15.54 -1.37
N PRO M 243 -39.82 14.95 -0.72
CA PRO M 243 -39.94 13.47 -0.70
C PRO M 243 -40.30 12.92 -2.07
N PRO M 244 -39.59 11.89 -2.53
CA PRO M 244 -39.82 11.36 -3.87
C PRO M 244 -41.13 10.60 -3.97
N LYS M 245 -41.60 10.46 -5.21
CA LYS M 245 -42.81 9.70 -5.49
C LYS M 245 -42.56 8.21 -5.34
N PRO M 246 -43.51 7.45 -4.80
CA PRO M 246 -43.30 6.01 -4.63
C PRO M 246 -43.41 5.21 -5.92
N ARG M 247 -43.41 3.88 -5.79
CA ARG M 247 -43.47 2.91 -6.89
C ARG M 247 -42.30 3.10 -7.86
N LYS M 248 -41.10 2.82 -7.36
CA LYS M 248 -39.90 2.70 -8.19
C LYS M 248 -38.89 1.79 -7.49
N LYS N 1 -41.11 23.10 -2.07
CA LYS N 1 -41.42 23.99 -3.17
C LYS N 1 -40.52 23.73 -4.39
N SER N 2 -40.53 24.65 -5.34
CA SER N 2 -39.80 24.44 -6.59
C SER N 2 -38.29 24.56 -6.39
N THR N 3 -37.55 23.64 -7.00
CA THR N 3 -36.09 23.67 -6.90
C THR N 3 -35.45 24.81 -7.68
N TYR N 4 -36.19 25.49 -8.56
CA TYR N 4 -35.69 26.66 -9.25
C TYR N 4 -35.68 27.90 -8.37
N ARG N 5 -36.33 27.87 -7.20
CA ARG N 5 -36.29 28.97 -6.27
C ARG N 5 -35.08 28.82 -5.34
N THR N 6 -34.20 29.79 -5.39
CA THR N 6 -32.96 29.80 -4.60
C THR N 6 -33.26 30.44 -3.24
N PRO N 7 -32.79 29.84 -2.13
CA PRO N 7 -33.06 30.41 -0.80
C PRO N 7 -32.32 31.72 -0.57
N ASN N 8 -32.66 32.37 0.54
CA ASN N 8 -32.24 33.74 0.82
C ASN N 8 -30.78 33.77 1.29
N PHE N 9 -29.93 34.45 0.53
CA PHE N 9 -28.51 34.57 0.83
C PHE N 9 -28.12 36.01 1.12
N ASP N 10 -29.07 36.86 1.50
CA ASP N 10 -28.83 38.31 1.46
C ASP N 10 -28.05 38.84 2.65
N ASP N 11 -28.01 38.12 3.77
CA ASP N 11 -27.28 38.61 4.94
C ASP N 11 -25.78 38.34 4.88
N VAL N 12 -25.29 37.72 3.81
CA VAL N 12 -23.85 37.52 3.62
C VAL N 12 -23.34 38.11 2.32
N LEU N 13 -24.21 38.54 1.42
CA LEU N 13 -23.77 39.03 0.11
C LEU N 13 -23.31 40.48 0.20
N LYS N 14 -22.30 40.82 -0.59
CA LYS N 14 -21.82 42.19 -0.65
C LYS N 14 -22.80 43.07 -1.42
N GLU N 15 -22.82 44.37 -1.08
CA GLU N 15 -23.73 45.30 -1.73
C GLU N 15 -23.30 45.56 -3.18
N ASN N 16 -22.00 45.49 -3.44
CA ASN N 16 -21.46 45.57 -4.79
C ASN N 16 -20.39 44.49 -4.90
N ASN N 17 -20.50 43.63 -5.92
CA ASN N 17 -19.63 42.46 -5.98
C ASN N 17 -18.20 42.86 -6.37
N ASP N 18 -18.04 43.43 -7.58
CA ASP N 18 -16.84 44.17 -8.02
C ASP N 18 -15.59 43.29 -7.94
N ALA N 19 -15.57 42.31 -8.84
CA ALA N 19 -14.66 41.15 -8.81
C ALA N 19 -13.17 41.49 -8.73
N ASP N 20 -12.81 42.73 -9.06
CA ASP N 20 -11.38 43.15 -9.04
C ASP N 20 -10.96 43.47 -7.60
N LYS N 21 -11.92 43.83 -6.74
CA LYS N 21 -11.58 44.23 -5.38
C LYS N 21 -11.62 43.06 -4.40
N GLY N 22 -12.56 42.13 -4.58
CA GLY N 22 -12.62 40.96 -3.73
C GLY N 22 -11.45 40.00 -3.93
N ARG N 23 -10.95 39.69 -5.26
CA ARG N 23 -9.79 38.85 -5.50
C ARG N 23 -8.52 39.52 -4.99
N SER N 24 -8.48 41.03 -4.94
CA SER N 24 -7.25 41.75 -4.62
C SER N 24 -6.94 41.71 -3.13
N TYR N 25 -7.96 41.74 -2.28
CA TYR N 25 -7.71 41.73 -0.85
C TYR N 25 -7.40 40.34 -0.32
N ALA N 26 -7.99 39.31 -0.92
CA ALA N 26 -7.70 37.94 -0.49
C ALA N 26 -6.30 37.52 -0.90
N TYR N 27 -5.80 37.99 -2.03
CA TYR N 27 -4.46 37.64 -2.46
C TYR N 27 -3.40 38.49 -1.79
N PHE N 28 -3.78 39.60 -1.14
CA PHE N 28 -2.83 40.34 -0.33
C PHE N 28 -2.51 39.59 0.97
N MET N 29 -3.51 38.94 1.56
CA MET N 29 -3.31 38.26 2.84
C MET N 29 -2.60 36.92 2.65
N VAL N 30 -2.87 36.23 1.54
CA VAL N 30 -2.16 34.99 1.25
C VAL N 30 -0.72 35.29 0.85
N GLY N 31 -0.50 36.41 0.15
CA GLY N 31 0.86 36.79 -0.23
C GLY N 31 1.69 37.28 0.94
N ALA N 32 1.07 37.94 1.91
CA ALA N 32 1.80 38.35 3.10
C ALA N 32 2.17 37.16 3.98
N MET N 33 1.38 36.09 3.94
CA MET N 33 1.70 34.90 4.72
C MET N 33 2.87 34.13 4.13
N GLY N 34 2.94 34.02 2.81
CA GLY N 34 4.07 33.36 2.17
C GLY N 34 5.34 34.18 2.25
N LEU N 35 5.21 35.50 2.40
CA LEU N 35 6.37 36.36 2.58
C LEU N 35 7.00 36.15 3.96
N LEU N 36 6.19 36.10 5.02
CA LEU N 36 6.71 35.95 6.37
C LEU N 36 7.13 34.52 6.67
N SER N 37 6.49 33.53 6.04
CA SER N 37 6.86 32.14 6.27
C SER N 37 8.20 31.81 5.62
N SER N 38 8.54 32.46 4.51
CA SER N 38 9.81 32.19 3.85
C SER N 38 10.96 32.85 4.60
N ALA N 39 10.72 34.03 5.17
CA ALA N 39 11.76 34.69 5.96
C ALA N 39 11.96 34.02 7.31
N GLY N 40 10.91 33.37 7.83
CA GLY N 40 11.02 32.66 9.08
C GLY N 40 11.71 31.32 8.93
N ALA N 41 11.44 30.62 7.82
CA ALA N 41 12.08 29.34 7.59
C ALA N 41 13.55 29.50 7.22
N LYS N 42 13.93 30.64 6.66
CA LYS N 42 15.31 30.86 6.27
C LYS N 42 16.20 31.08 7.48
N SER N 43 15.74 31.88 8.45
CA SER N 43 16.54 32.14 9.64
C SER N 43 16.61 30.90 10.52
N THR N 44 15.58 30.03 10.45
CA THR N 44 15.57 28.81 11.24
C THR N 44 16.67 27.85 10.80
N VAL N 45 16.85 27.69 9.49
CA VAL N 45 17.89 26.79 8.98
C VAL N 45 19.28 27.35 9.27
N GLU N 46 19.44 28.67 9.17
CA GLU N 46 20.73 29.30 9.46
C GLU N 46 21.08 29.28 10.94
N THR N 47 20.11 29.16 11.84
CA THR N 47 20.42 28.97 13.25
C THR N 47 20.99 27.59 13.50
N PHE N 48 20.43 26.56 12.86
CA PHE N 48 20.91 25.20 13.06
C PHE N 48 22.25 24.97 12.37
N ILE N 49 22.46 25.59 11.20
CA ILE N 49 23.67 25.36 10.43
C ILE N 49 24.87 26.03 11.08
N SER N 50 24.68 27.25 11.61
CA SER N 50 25.77 27.98 12.23
C SER N 50 26.21 27.42 13.57
N SER N 51 25.45 26.50 14.16
CA SER N 51 25.88 25.81 15.37
C SER N 51 27.00 24.80 15.12
N MET N 52 27.28 24.47 13.86
CA MET N 52 28.37 23.59 13.51
C MET N 52 29.67 24.34 13.19
N THR N 53 29.68 25.67 13.22
CA THR N 53 30.94 26.38 13.09
C THR N 53 31.71 26.32 14.40
N ALA N 54 32.96 26.81 14.36
CA ALA N 54 33.90 26.63 15.46
C ALA N 54 33.45 27.37 16.72
N THR N 55 33.55 26.69 17.86
CA THR N 55 33.06 27.21 19.12
C THR N 55 33.98 28.29 19.67
N ALA N 56 33.54 28.92 20.77
CA ALA N 56 34.24 30.07 21.30
C ALA N 56 35.57 29.71 21.93
N ASP N 57 35.70 28.49 22.46
CA ASP N 57 36.97 28.05 23.02
C ASP N 57 37.95 27.60 21.95
N VAL N 58 37.46 27.19 20.77
CA VAL N 58 38.35 26.84 19.66
C VAL N 58 38.92 28.10 19.02
N LEU N 59 38.10 29.14 18.88
CA LEU N 59 38.56 30.40 18.30
C LEU N 59 39.54 31.15 19.18
N ALA N 60 39.54 30.88 20.49
CA ALA N 60 40.46 31.54 21.41
C ALA N 60 41.88 31.02 21.29
N MET N 61 42.08 29.84 20.73
CA MET N 61 43.40 29.29 20.46
C MET N 61 43.83 29.47 19.01
N ALA N 62 43.24 30.43 18.30
CA ALA N 62 43.62 30.65 16.91
C ALA N 62 44.91 31.46 16.80
N LYS N 63 45.26 32.22 17.82
CA LYS N 63 46.44 33.08 17.78
C LYS N 63 47.43 32.63 18.85
N VAL N 64 48.71 32.87 18.57
CA VAL N 64 49.80 32.59 19.50
C VAL N 64 50.63 33.85 19.67
N GLU N 65 50.81 34.27 20.91
CA GLU N 65 51.62 35.44 21.27
C GLU N 65 52.79 34.98 22.13
N VAL N 66 53.98 34.97 21.55
CA VAL N 66 55.22 34.84 22.31
C VAL N 66 56.05 36.08 22.06
N ASN N 67 56.65 36.61 23.13
CA ASN N 67 57.45 37.82 23.01
C ASN N 67 58.87 37.50 22.51
N LEU N 68 59.61 38.55 22.16
CA LEU N 68 60.76 38.40 21.27
C LEU N 68 61.99 37.82 21.98
N ALA N 69 62.26 38.25 23.20
CA ALA N 69 63.52 37.92 23.86
C ALA N 69 63.64 36.46 24.29
N ALA N 70 62.53 35.70 24.27
CA ALA N 70 62.57 34.36 24.85
C ALA N 70 63.04 33.31 23.86
N ILE N 71 63.09 33.63 22.57
CA ILE N 71 63.37 32.63 21.54
C ILE N 71 64.87 32.39 21.43
N PRO N 72 65.34 31.13 21.50
CA PRO N 72 66.76 30.85 21.26
C PRO N 72 67.08 30.64 19.79
N LEU N 73 68.36 30.65 19.43
CA LEU N 73 68.75 30.68 18.03
C LEU N 73 69.10 29.31 17.47
N GLY N 74 69.84 28.50 18.24
CA GLY N 74 70.26 27.18 17.78
C GLY N 74 69.29 26.07 18.10
N LYS N 75 68.23 26.35 18.85
CA LYS N 75 67.24 25.36 19.22
C LYS N 75 65.89 25.76 18.65
N ASN N 76 65.00 24.77 18.53
CA ASN N 76 63.79 24.87 17.73
C ASN N 76 62.58 25.08 18.63
N VAL N 77 61.70 25.99 18.22
CA VAL N 77 60.54 26.39 19.02
C VAL N 77 59.31 26.00 18.21
N VAL N 78 59.37 24.83 17.56
CA VAL N 78 58.27 24.33 16.74
C VAL N 78 57.00 24.16 17.58
N VAL N 79 55.91 24.77 17.12
CA VAL N 79 54.61 24.69 17.78
C VAL N 79 53.66 23.99 16.82
N LYS N 80 52.63 23.37 17.37
CA LYS N 80 51.52 22.79 16.62
C LYS N 80 50.32 23.74 16.56
N TRP N 81 50.60 25.04 16.39
CA TRP N 81 49.61 26.11 16.25
C TRP N 81 48.57 25.80 15.19
N GLN N 82 47.30 25.72 15.63
CA GLN N 82 46.14 25.36 14.81
C GLN N 82 46.29 24.02 14.11
N GLY N 83 47.10 23.12 14.68
CA GLY N 83 47.42 21.87 14.02
C GLY N 83 48.37 22.00 12.85
N LYS N 84 49.29 22.96 12.88
CA LYS N 84 50.31 23.09 11.84
C LYS N 84 51.65 22.98 12.56
N PRO N 85 52.55 22.08 12.14
CA PRO N 85 53.93 22.14 12.66
C PRO N 85 54.71 23.27 11.99
N VAL N 86 55.26 24.16 12.83
CA VAL N 86 55.83 25.42 12.34
C VAL N 86 57.30 25.48 12.75
N PHE N 87 58.19 25.06 11.85
CA PHE N 87 59.63 24.89 12.15
C PHE N 87 60.35 26.23 12.04
N ILE N 88 60.46 26.93 13.16
CA ILE N 88 60.89 28.32 13.17
C ILE N 88 62.03 28.52 14.16
N ARG N 89 62.65 29.68 14.09
CA ARG N 89 64.00 29.91 14.60
C ARG N 89 64.15 31.38 14.99
N HIS N 90 65.12 31.67 15.85
CA HIS N 90 65.72 32.99 15.94
C HIS N 90 66.91 33.00 14.97
N ARG N 91 66.83 33.82 13.92
CA ARG N 91 67.83 33.76 12.82
C ARG N 91 69.19 34.37 13.19
N THR N 92 69.11 35.76 13.78
CA THR N 92 70.33 36.58 14.01
C THR N 92 70.87 37.00 12.64
N PRO N 93 71.67 37.93 12.02
CA PRO N 93 72.17 38.33 10.70
C PRO N 93 72.97 37.27 9.91
N HIS N 94 73.89 36.19 10.37
CA HIS N 94 74.88 35.30 9.75
C HIS N 94 74.33 34.41 8.63
N GLU N 95 72.86 34.56 8.56
CA GLU N 95 72.40 33.73 7.45
C GLU N 95 71.28 34.41 6.66
N ILE N 96 71.43 35.71 6.41
CA ILE N 96 70.56 36.41 5.46
C ILE N 96 71.20 36.53 4.09
N GLN N 97 72.46 36.12 3.93
CA GLN N 97 73.10 36.02 2.62
C GLN N 97 73.30 34.57 2.20
N GLU N 98 72.74 33.62 2.96
CA GLU N 98 72.76 32.20 2.63
C GLU N 98 71.55 31.80 1.81
N ALA N 99 70.94 32.75 1.09
CA ALA N 99 69.79 32.45 0.25
C ALA N 99 69.78 33.16 -1.11
N ASN N 100 70.71 34.06 -1.41
CA ASN N 100 70.77 34.63 -2.76
C ASN N 100 71.77 33.91 -3.65
N SER N 101 72.49 32.93 -3.10
CA SER N 101 73.62 32.34 -3.82
C SER N 101 73.16 31.39 -4.91
N VAL N 102 72.03 30.71 -4.69
CA VAL N 102 71.35 30.02 -5.77
C VAL N 102 70.30 30.96 -6.34
N ASP N 103 70.44 31.30 -7.61
CA ASP N 103 69.57 32.25 -8.28
C ASP N 103 68.29 31.52 -8.71
N MET N 104 67.40 32.21 -9.42
CA MET N 104 66.16 31.58 -9.87
C MET N 104 66.38 30.62 -11.04
N SER N 105 67.61 30.54 -11.57
CA SER N 105 68.00 29.67 -12.69
C SER N 105 67.84 28.17 -12.42
N ALA N 106 67.44 27.77 -11.21
CA ALA N 106 67.19 26.37 -10.89
C ALA N 106 65.75 26.06 -10.51
N LEU N 107 64.89 27.06 -10.28
CA LEU N 107 63.57 26.81 -9.72
C LEU N 107 62.52 27.66 -10.43
N LYS N 108 61.28 27.19 -10.37
CA LYS N 108 60.17 27.71 -11.15
C LYS N 108 59.51 28.95 -10.58
N ASP N 109 59.63 29.23 -9.28
CA ASP N 109 58.84 30.32 -8.71
C ASP N 109 59.61 31.64 -8.78
N PRO N 110 58.97 32.74 -9.20
CA PRO N 110 59.57 34.08 -9.01
C PRO N 110 59.53 34.50 -7.55
N GLN N 111 60.35 33.84 -6.73
CA GLN N 111 60.48 34.17 -5.32
C GLN N 111 61.93 34.57 -5.01
N THR N 112 62.06 35.57 -4.15
CA THR N 112 63.36 35.99 -3.64
C THR N 112 63.15 36.24 -2.15
N ASP N 113 64.25 36.49 -1.42
CA ASP N 113 64.20 36.61 0.05
C ASP N 113 63.38 37.81 0.51
N ALA N 114 63.24 38.82 -0.33
CA ALA N 114 62.45 40.00 0.02
C ALA N 114 60.97 39.67 0.10
N ASP N 115 60.54 38.65 -0.63
CA ASP N 115 59.18 38.14 -0.55
C ASP N 115 59.05 36.99 0.44
N ARG N 116 60.17 36.35 0.81
CA ARG N 116 60.16 35.35 1.87
C ARG N 116 59.80 35.98 3.21
N VAL N 117 60.64 36.90 3.68
CA VAL N 117 60.60 37.42 5.04
C VAL N 117 60.39 38.92 4.97
N LYS N 118 59.70 39.48 5.95
CA LYS N 118 59.58 40.91 6.11
C LYS N 118 60.85 41.53 6.68
N ASP N 119 61.49 40.83 7.62
CA ASP N 119 62.42 41.43 8.57
C ASP N 119 63.54 40.40 8.77
N PRO N 120 64.78 40.72 8.37
CA PRO N 120 65.86 39.73 8.38
C PRO N 120 66.33 39.32 9.77
N GLN N 121 65.88 39.99 10.83
CA GLN N 121 66.23 39.57 12.18
C GLN N 121 65.55 38.26 12.55
N TRP N 122 64.28 38.09 12.16
CA TRP N 122 63.46 36.97 12.60
C TRP N 122 63.02 36.14 11.40
N LEU N 123 63.41 34.87 11.39
CA LEU N 123 63.09 33.94 10.31
C LEU N 123 61.97 33.01 10.74
N ILE N 124 60.84 33.10 10.04
CA ILE N 124 59.64 32.33 10.36
C ILE N 124 58.96 31.91 9.07
N MET N 125 58.74 30.61 8.90
CA MET N 125 57.97 30.06 7.79
C MET N 125 57.32 28.76 8.25
N LEU N 126 56.25 28.38 7.58
CA LEU N 126 55.44 27.25 8.00
C LEU N 126 55.75 26.01 7.17
N GLY N 127 55.58 24.85 7.79
CA GLY N 127 56.21 23.64 7.32
C GLY N 127 55.41 22.36 7.21
N ILE N 128 54.29 22.01 6.43
CA ILE N 128 53.51 20.76 6.51
C ILE N 128 54.01 19.73 5.50
N CYS N 129 53.74 20.00 4.21
CA CYS N 129 54.27 19.19 3.08
C CYS N 129 53.36 19.43 1.88
N THR N 130 53.96 20.00 0.73
CA THR N 130 53.16 20.33 -0.44
C THR N 130 52.23 19.20 -0.83
N HIS N 131 52.33 17.96 -0.16
CA HIS N 131 51.50 16.80 -0.47
C HIS N 131 50.74 16.28 0.73
N LEU N 132 51.44 15.84 1.79
CA LEU N 132 50.77 15.17 2.90
C LEU N 132 51.09 15.80 4.25
N GLY N 133 52.37 16.10 4.52
CA GLY N 133 52.70 16.73 5.78
C GLY N 133 53.77 16.20 6.72
N CYS N 134 54.76 15.42 6.27
CA CYS N 134 55.74 14.87 7.21
C CYS N 134 56.72 15.94 7.69
N VAL N 135 57.45 15.58 8.75
CA VAL N 135 58.34 16.48 9.48
C VAL N 135 59.79 16.07 9.27
N PRO N 136 60.74 17.00 9.28
CA PRO N 136 62.13 16.67 9.00
C PRO N 136 62.92 16.38 10.28
N ILE N 137 64.18 15.99 10.08
CA ILE N 137 65.16 15.88 11.16
C ILE N 137 65.87 17.23 11.28
N GLY N 138 66.18 17.62 12.52
CA GLY N 138 66.80 18.91 12.77
C GLY N 138 68.26 19.02 12.40
N GLU N 139 68.61 20.05 11.63
CA GLU N 139 69.96 20.50 11.28
C GLU N 139 70.77 19.49 10.47
N ALA N 140 70.17 18.43 9.96
CA ALA N 140 70.85 17.49 9.07
C ALA N 140 70.33 17.73 7.66
N GLY N 141 71.00 18.61 6.93
CA GLY N 141 70.61 18.94 5.57
C GLY N 141 71.79 19.07 4.64
N ASP N 142 71.56 19.55 3.41
CA ASP N 142 72.64 19.59 2.42
C ASP N 142 73.54 20.79 2.61
N PHE N 143 72.97 21.98 2.78
CA PHE N 143 73.79 23.13 3.16
C PHE N 143 72.87 23.97 4.04
N GLY N 144 73.00 23.78 5.36
CA GLY N 144 72.29 24.56 6.35
C GLY N 144 70.77 24.44 6.37
N GLY N 145 70.21 23.23 6.25
CA GLY N 145 68.78 23.06 6.21
C GLY N 145 68.32 21.80 6.94
N TRP N 146 67.13 21.32 6.53
CA TRP N 146 66.45 20.17 7.11
C TRP N 146 66.28 19.06 6.05
N PHE N 147 65.66 17.95 6.47
CA PHE N 147 65.42 16.81 5.58
C PHE N 147 64.37 15.86 6.17
N CYS N 148 63.18 15.79 5.57
CA CYS N 148 62.29 14.66 5.82
C CYS N 148 62.68 13.51 4.91
N PRO N 149 62.82 12.28 5.41
CA PRO N 149 63.10 11.13 4.53
C PRO N 149 61.84 10.56 3.88
N CYS N 150 60.77 11.35 3.89
CA CYS N 150 59.55 11.12 3.11
C CYS N 150 59.85 10.69 1.68
N HIS N 151 60.57 11.55 0.95
CA HIS N 151 60.54 11.60 -0.51
C HIS N 151 61.94 11.83 -1.10
N GLY N 152 62.95 12.01 -0.26
CA GLY N 152 64.10 12.78 -0.68
C GLY N 152 63.89 14.26 -0.45
N SER N 153 63.02 14.62 0.49
CA SER N 153 62.64 16.01 0.68
C SER N 153 63.74 16.80 1.36
N HIS N 154 64.68 17.32 0.58
CA HIS N 154 65.80 18.06 1.15
C HIS N 154 65.44 19.54 1.24
N TYR N 155 65.51 20.06 2.46
CA TYR N 155 65.15 21.42 2.80
C TYR N 155 66.43 22.22 3.01
N ASP N 156 66.46 23.44 2.49
CA ASP N 156 67.56 24.37 2.73
C ASP N 156 67.12 25.31 3.84
N ILE N 157 67.83 26.43 4.03
CA ILE N 157 67.32 27.46 4.94
C ILE N 157 66.07 28.09 4.34
N SER N 158 65.04 28.23 5.17
CA SER N 158 63.70 28.74 4.86
C SER N 158 62.99 27.95 3.76
N GLY N 159 63.43 26.73 3.47
CA GLY N 159 62.66 25.79 2.67
C GLY N 159 62.42 26.09 1.20
N ARG N 160 63.43 25.88 0.36
CA ARG N 160 63.25 25.88 -1.09
C ARG N 160 63.64 24.50 -1.62
N ILE N 161 62.61 23.71 -1.93
CA ILE N 161 62.67 22.38 -2.54
C ILE N 161 62.80 22.64 -4.05
N ARG N 162 62.90 21.47 -4.92
CA ARG N 162 63.82 21.41 -6.07
C ARG N 162 65.25 21.09 -5.64
N LYS N 163 65.52 20.67 -4.49
CA LYS N 163 66.58 19.75 -4.14
C LYS N 163 66.06 18.33 -4.08
N GLY N 164 64.76 18.17 -4.34
CA GLY N 164 64.12 16.91 -4.61
C GLY N 164 63.08 17.13 -5.69
N PRO N 165 61.95 16.40 -5.61
CA PRO N 165 60.92 16.52 -6.65
C PRO N 165 60.05 17.76 -6.59
N ALA N 166 59.60 18.17 -5.41
CA ALA N 166 58.55 19.18 -5.25
C ALA N 166 59.04 20.57 -5.64
N PRO N 167 58.43 21.22 -6.65
CA PRO N 167 58.90 22.55 -7.05
C PRO N 167 58.30 23.69 -6.23
N LEU N 168 57.10 23.49 -5.69
CA LEU N 168 56.41 24.55 -4.97
C LEU N 168 56.91 24.63 -3.52
N ASN N 169 57.13 25.85 -3.04
CA ASN N 169 57.44 26.09 -1.64
C ASN N 169 56.20 26.58 -0.91
N LEU N 170 56.11 26.26 0.39
CA LEU N 170 54.82 26.06 1.03
C LEU N 170 54.04 27.33 1.40
N GLU N 171 54.52 28.09 2.39
CA GLU N 171 53.68 29.07 3.08
C GLU N 171 54.47 29.92 4.08
N ILE N 172 54.06 31.17 4.25
CA ILE N 172 54.51 32.04 5.34
C ILE N 172 53.31 32.28 6.23
N PRO N 173 53.42 32.04 7.55
CA PRO N 173 52.27 32.33 8.42
C PRO N 173 52.07 33.83 8.59
N ALA N 174 50.87 34.19 9.03
CA ALA N 174 50.52 35.59 9.25
C ALA N 174 51.07 36.01 10.61
N TYR N 175 52.30 36.51 10.62
CA TYR N 175 52.91 36.99 11.85
C TYR N 175 53.07 38.51 11.80
N GLU N 176 52.71 39.16 12.91
CA GLU N 176 52.43 40.59 12.94
C GLU N 176 53.04 41.22 14.18
N PHE N 177 53.68 42.37 13.99
CA PHE N 177 54.26 43.15 15.07
C PHE N 177 53.37 44.36 15.34
N ASP N 178 53.05 44.60 16.61
CA ASP N 178 52.41 45.83 17.05
C ASP N 178 53.28 46.55 18.08
N GLY N 179 54.60 46.32 18.02
CA GLY N 179 55.52 46.87 18.99
C GLY N 179 56.02 45.81 19.96
N ASP N 180 57.23 45.31 19.69
CA ASP N 180 57.94 44.17 20.31
C ASP N 180 57.01 43.04 20.75
N LYS N 181 56.12 42.62 19.85
CA LYS N 181 55.12 41.61 20.17
C LYS N 181 54.72 40.96 18.85
N VAL N 182 55.27 39.79 18.56
CA VAL N 182 54.95 39.05 17.35
C VAL N 182 53.75 38.15 17.66
N ILE N 183 52.82 38.06 16.71
CA ILE N 183 51.58 37.31 16.89
C ILE N 183 51.45 36.40 15.67
N VAL N 184 51.78 35.13 15.85
CA VAL N 184 51.69 34.14 14.77
C VAL N 184 50.23 33.76 14.58
N GLY N 185 49.59 34.35 13.58
CA GLY N 185 48.20 34.05 13.30
C GLY N 185 47.43 35.17 12.61
N GLU O 1 29.54 57.24 57.24
CA GLU O 1 28.70 58.37 56.89
C GLU O 1 27.31 57.90 56.45
N VAL O 2 27.27 56.84 55.67
CA VAL O 2 26.02 56.22 55.21
C VAL O 2 25.86 54.90 55.94
N THR O 3 24.75 54.73 56.64
CA THR O 3 24.43 53.52 57.36
C THR O 3 23.65 52.57 56.45
N ASP O 4 23.34 51.38 56.97
CA ASP O 4 22.71 50.34 56.17
C ASP O 4 21.27 50.67 55.87
N GLN O 5 20.89 50.57 54.59
CA GLN O 5 19.53 50.90 54.17
C GLN O 5 18.54 49.86 54.66
N LEU O 6 18.92 48.59 54.70
CA LEU O 6 18.02 47.54 55.15
C LEU O 6 17.79 47.61 56.66
N GLU O 7 18.78 48.10 57.41
CA GLU O 7 18.62 48.23 58.86
C GLU O 7 17.71 49.40 59.23
N ASP O 8 17.68 50.45 58.41
CA ASP O 8 16.81 51.58 58.69
C ASP O 8 15.35 51.22 58.47
N LEU O 9 15.06 50.49 57.38
CA LEU O 9 13.68 50.12 57.08
C LEU O 9 13.14 49.08 58.05
N ARG O 10 14.00 48.18 58.54
CA ARG O 10 13.54 47.15 59.46
C ARG O 10 13.24 47.72 60.84
N GLU O 11 13.95 48.76 61.26
CA GLU O 11 13.71 49.36 62.57
C GLU O 11 12.49 50.27 62.55
N HIS O 12 12.23 50.93 61.42
CA HIS O 12 11.02 51.75 61.29
C HIS O 12 9.77 50.89 61.30
N PHE O 13 9.81 49.72 60.67
CA PHE O 13 8.64 48.87 60.57
C PHE O 13 8.47 47.94 61.75
N LYS O 14 9.35 48.01 62.75
CA LYS O 14 9.12 47.34 64.01
C LYS O 14 8.42 48.26 65.02
N ASN O 15 8.04 49.46 64.61
CA ASN O 15 7.37 50.44 65.46
C ASN O 15 6.15 51.04 64.76
N THR O 16 5.46 50.29 63.92
CA THR O 16 4.35 50.80 63.12
C THR O 16 3.02 50.13 63.49
N GLU O 17 2.76 49.99 64.80
CA GLU O 17 1.51 49.58 65.46
C GLU O 17 0.93 48.23 65.00
N GLU O 18 1.69 47.48 64.19
CA GLU O 18 1.48 46.06 63.99
C GLU O 18 2.73 45.26 64.33
N GLY O 19 3.91 45.80 64.04
CA GLY O 19 5.14 45.16 64.44
C GLY O 19 5.39 45.21 65.94
N LYS O 20 4.84 46.23 66.61
CA LYS O 20 4.92 46.28 68.07
C LYS O 20 4.10 45.17 68.72
N ALA O 21 3.02 44.73 68.05
CA ALA O 21 2.27 43.59 68.55
C ALA O 21 3.05 42.30 68.35
N LEU O 22 3.78 42.18 67.23
CA LEU O 22 4.53 40.96 66.96
C LEU O 22 5.85 40.91 67.71
N VAL O 23 6.45 42.06 68.02
CA VAL O 23 7.62 42.11 68.88
C VAL O 23 7.25 41.69 70.29
N HIS O 24 6.03 42.02 70.73
CA HIS O 24 5.56 41.67 72.06
C HIS O 24 5.35 40.17 72.21
N HIS O 25 4.81 39.51 71.18
CA HIS O 25 4.53 38.08 71.27
C HIS O 25 5.80 37.24 71.29
N TYR O 26 6.88 37.72 70.66
CA TYR O 26 8.14 36.99 70.71
C TYR O 26 8.79 37.12 72.08
N GLU O 27 8.68 38.29 72.71
CA GLU O 27 9.34 38.51 73.99
C GLU O 27 8.63 37.80 75.14
N GLU O 28 7.33 37.53 75.01
CA GLU O 28 6.65 36.73 76.02
C GLU O 28 6.97 35.24 75.85
N CYS O 29 7.23 34.77 74.63
CA CYS O 29 7.66 33.36 74.55
C CYS O 29 9.14 33.28 74.96
N ALA O 30 9.94 34.35 74.79
CA ALA O 30 11.37 34.27 75.09
C ALA O 30 11.64 34.20 76.59
N GLU O 31 10.78 34.82 77.39
CA GLU O 31 10.92 34.68 78.83
C GLU O 31 10.30 33.40 79.36
N ARG O 32 9.45 32.72 78.59
CA ARG O 32 8.93 31.44 79.04
C ARG O 32 9.97 30.33 78.91
N VAL O 33 10.80 30.39 77.87
CA VAL O 33 11.87 29.42 77.70
C VAL O 33 12.95 29.61 78.78
N LYS O 34 13.05 30.80 79.33
CA LYS O 34 13.95 31.11 80.45
C LYS O 34 13.61 30.31 81.70
N ILE O 35 12.38 30.48 82.21
CA ILE O 35 11.94 29.80 83.43
C ILE O 35 11.86 28.29 83.22
N GLN O 36 11.46 27.84 82.01
CA GLN O 36 11.09 26.45 81.75
C GLN O 36 12.21 25.46 81.98
N GLN O 37 13.45 25.78 81.64
CA GLN O 37 14.54 24.85 81.91
C GLN O 37 15.76 25.51 82.53
N GLN O 38 15.59 26.55 83.34
CA GLN O 38 16.72 27.04 84.13
C GLN O 38 16.90 26.22 85.40
N GLN O 39 15.89 26.20 86.25
CA GLN O 39 15.92 25.39 87.45
C GLN O 39 15.83 23.91 87.06
N PRO O 40 16.51 23.01 87.78
CA PRO O 40 16.91 21.71 87.22
C PRO O 40 15.73 20.75 87.03
N GLY O 41 16.09 19.56 86.54
CA GLY O 41 15.12 18.60 86.05
C GLY O 41 14.88 18.68 84.57
N TYR O 42 15.91 18.95 83.76
CA TYR O 42 15.70 19.37 82.38
C TYR O 42 16.55 18.63 81.35
N ALA O 43 17.46 17.76 81.78
CA ALA O 43 18.18 16.95 80.80
C ALA O 43 17.27 15.84 80.26
N ASP O 44 16.40 15.30 81.11
CA ASP O 44 15.46 14.26 80.69
C ASP O 44 14.08 14.85 80.43
N LEU O 45 14.04 15.84 79.53
CA LEU O 45 12.79 16.28 78.92
C LEU O 45 12.97 16.14 77.40
N GLU O 46 12.16 15.27 76.80
CA GLU O 46 12.41 14.83 75.43
C GLU O 46 12.08 15.92 74.41
N HIS O 47 11.05 16.73 74.67
CA HIS O 47 10.68 17.82 73.78
C HIS O 47 10.66 19.12 74.58
N LYS O 48 11.45 20.09 74.14
CA LYS O 48 11.47 21.42 74.73
C LYS O 48 11.09 22.47 73.70
N GLU O 49 10.67 23.62 74.21
CA GLU O 49 10.03 24.64 73.40
C GLU O 49 11.06 25.63 72.85
N ASP O 50 10.83 26.07 71.60
CA ASP O 50 11.59 27.13 70.97
C ASP O 50 10.67 28.32 70.76
N CYS O 51 11.21 29.42 70.25
CA CYS O 51 10.42 30.56 69.81
C CYS O 51 10.64 30.76 68.31
N VAL O 52 10.83 29.72 67.48
CA VAL O 52 11.12 29.84 66.05
C VAL O 52 9.89 30.34 65.30
N GLU O 53 8.69 29.83 65.65
CA GLU O 53 7.49 30.24 64.95
C GLU O 53 7.06 31.65 65.33
N GLU O 54 7.38 32.11 66.54
CA GLU O 54 7.16 33.51 66.87
C GLU O 54 8.16 34.40 66.16
N PHE O 55 9.40 33.92 65.98
CA PHE O 55 10.39 34.68 65.23
C PHE O 55 10.06 34.69 63.74
N PHE O 56 9.49 33.60 63.23
CA PHE O 56 9.14 33.54 61.82
C PHE O 56 7.96 34.45 61.48
N HIS O 57 7.06 34.69 62.44
CA HIS O 57 5.91 35.55 62.18
C HIS O 57 6.32 37.02 62.09
N LEU O 58 7.30 37.43 62.90
CA LEU O 58 7.77 38.81 62.82
C LEU O 58 8.61 39.04 61.58
N GLN O 59 9.41 38.04 61.19
CA GLN O 59 10.24 38.20 59.99
C GLN O 59 9.42 38.18 58.72
N HIS O 60 8.30 37.44 58.71
CA HIS O 60 7.44 37.44 57.54
C HIS O 60 6.66 38.74 57.40
N TYR O 61 6.40 39.45 58.49
CA TYR O 61 5.74 40.74 58.38
C TYR O 61 6.71 41.81 57.86
N LEU O 62 7.94 41.81 58.37
CA LEU O 62 8.92 42.81 57.96
C LEU O 62 9.37 42.61 56.51
N ASP O 63 9.25 41.40 55.99
CA ASP O 63 9.68 41.15 54.62
C ASP O 63 8.67 41.64 53.59
N THR O 64 7.37 41.55 53.87
CA THR O 64 6.38 42.05 52.93
C THR O 64 6.26 43.57 52.95
N ALA O 65 6.85 44.26 53.93
CA ALA O 65 6.85 45.70 53.96
C ALA O 65 8.13 46.32 53.40
N THR O 66 9.27 45.67 53.61
CA THR O 66 10.56 46.24 53.24
C THR O 66 10.93 45.96 51.78
N ALA O 67 10.63 44.75 51.30
CA ALA O 67 11.10 44.32 49.98
C ALA O 67 10.61 45.13 48.77
N PRO O 68 9.35 45.59 48.67
CA PRO O 68 9.00 46.40 47.48
C PRO O 68 9.52 47.83 47.49
N ARG O 69 10.34 48.24 48.46
CA ARG O 69 10.81 49.62 48.52
C ARG O 69 12.29 49.77 48.85
N LEU O 70 13.03 48.67 49.02
CA LEU O 70 14.44 48.78 49.36
C LEU O 70 15.28 49.19 48.17
N PHE O 71 15.01 48.62 46.98
CA PHE O 71 15.86 48.81 45.83
C PHE O 71 15.74 50.20 45.21
N ASP O 72 14.76 51.00 45.63
CA ASP O 72 14.69 52.40 45.22
C ASP O 72 15.72 53.26 45.93
N LYS O 73 16.22 52.83 47.08
CA LYS O 73 17.20 53.58 47.84
C LYS O 73 18.62 53.04 47.69
N LEU O 74 18.85 52.15 46.73
CA LEU O 74 20.18 51.63 46.45
C LEU O 74 20.61 52.06 45.05
N LYS O 75 21.91 52.28 44.88
CA LYS O 75 22.44 52.69 43.60
C LYS O 75 22.54 51.49 42.66
N PRO P 1 -22.70 -3.61 21.96
CA PRO P 1 -22.17 -4.62 22.86
C PRO P 1 -23.26 -5.34 23.64
N GLN P 2 -24.10 -4.61 24.37
CA GLN P 2 -25.30 -5.21 24.93
C GLN P 2 -26.36 -5.32 23.84
N SER P 3 -26.95 -6.49 23.69
CA SER P 3 -27.91 -6.73 22.62
C SER P 3 -29.24 -6.05 22.92
N PHE P 4 -29.98 -5.75 21.85
CA PHE P 4 -31.30 -5.14 22.00
C PHE P 4 -32.34 -6.12 22.53
N THR P 5 -32.09 -7.42 22.42
CA THR P 5 -32.95 -8.40 23.08
C THR P 5 -32.84 -8.30 24.59
N SER P 6 -31.63 -8.06 25.10
CA SER P 6 -31.41 -7.89 26.53
C SER P 6 -31.96 -6.56 27.04
N ILE P 7 -31.89 -5.50 26.22
CA ILE P 7 -32.41 -4.20 26.62
C ILE P 7 -33.93 -4.23 26.70
N ALA P 8 -34.57 -4.92 25.75
CA ALA P 8 -36.03 -4.99 25.76
C ALA P 8 -36.55 -5.90 26.87
N ARG P 9 -35.75 -6.88 27.30
CA ARG P 9 -36.18 -7.76 28.39
C ARG P 9 -36.19 -7.02 29.72
N ILE P 10 -35.17 -6.19 29.99
CA ILE P 10 -35.13 -5.40 31.20
C ILE P 10 -36.18 -4.29 31.16
N GLY P 11 -36.33 -3.65 29.99
CA GLY P 11 -37.21 -2.50 29.89
C GLY P 11 -38.68 -2.84 29.94
N ASP P 12 -39.07 -4.00 29.42
CA ASP P 12 -40.47 -4.40 29.49
C ASP P 12 -40.86 -4.92 30.86
N TYR P 13 -39.89 -5.35 31.66
CA TYR P 13 -40.17 -5.76 33.03
C TYR P 13 -40.48 -4.55 33.91
N ILE P 14 -39.79 -3.41 33.67
CA ILE P 14 -40.06 -2.20 34.42
C ILE P 14 -41.42 -1.61 34.03
N LEU P 15 -41.75 -1.64 32.74
CA LEU P 15 -42.96 -0.99 32.27
C LEU P 15 -44.23 -1.75 32.67
N LYS P 16 -44.11 -3.04 32.98
CA LYS P 16 -45.28 -3.78 33.45
C LYS P 16 -45.48 -3.62 34.96
N SER P 17 -44.41 -3.36 35.69
CA SER P 17 -44.53 -3.14 37.14
C SER P 17 -45.18 -1.79 37.40
N PRO P 18 -46.26 -1.72 38.18
CA PRO P 18 -46.89 -0.42 38.45
C PRO P 18 -46.11 0.46 39.42
N VAL P 19 -45.17 -0.10 40.18
CA VAL P 19 -44.42 0.68 41.17
C VAL P 19 -43.08 1.11 40.56
N LEU P 20 -42.52 0.29 39.67
CA LEU P 20 -41.26 0.66 39.02
C LEU P 20 -41.48 1.62 37.86
N SER P 21 -42.65 1.63 37.26
CA SER P 21 -42.95 2.59 36.19
C SER P 21 -43.39 3.94 36.73
N LYS P 22 -43.54 4.09 38.04
CA LYS P 22 -43.75 5.41 38.63
C LYS P 22 -42.46 6.07 39.06
N LEU P 23 -41.39 5.30 39.22
CA LEU P 23 -40.10 5.83 39.65
C LEU P 23 -39.17 6.13 38.47
N CYS P 24 -39.00 5.16 37.56
CA CYS P 24 -37.97 5.26 36.54
C CYS P 24 -38.41 6.07 35.33
N VAL P 25 -39.69 6.04 34.98
CA VAL P 25 -40.21 6.70 33.79
C VAL P 25 -40.17 8.23 33.88
N PRO P 26 -40.44 8.89 35.03
CA PRO P 26 -40.12 10.33 35.10
C PRO P 26 -38.64 10.66 34.98
N VAL P 27 -37.76 9.78 35.45
CA VAL P 27 -36.32 10.02 35.33
C VAL P 27 -35.87 9.86 33.88
N ALA P 28 -36.49 8.94 33.14
CA ALA P 28 -36.10 8.72 31.75
C ALA P 28 -36.55 9.86 30.84
N ASN P 29 -37.63 10.55 31.18
CA ASN P 29 -38.07 11.67 30.37
C ASN P 29 -37.18 12.89 30.55
N GLN P 30 -36.62 13.08 31.75
CA GLN P 30 -35.66 14.16 31.96
C GLN P 30 -34.32 13.84 31.32
N PHE P 31 -33.97 12.55 31.23
CA PHE P 31 -32.70 12.13 30.64
C PHE P 31 -32.68 12.39 29.14
N ILE P 32 -33.80 12.18 28.45
CA ILE P 32 -33.86 12.35 27.01
C ILE P 32 -33.88 13.84 26.64
N ASN P 33 -34.57 14.67 27.43
CA ASN P 33 -34.60 16.10 27.14
C ASN P 33 -33.26 16.76 27.41
N LEU P 34 -32.49 16.26 28.37
CA LEU P 34 -31.14 16.77 28.61
C LEU P 34 -30.14 16.26 27.59
N ALA P 35 -30.45 15.19 26.85
CA ALA P 35 -29.53 14.67 25.85
C ALA P 35 -29.41 15.61 24.66
N GLY P 36 -30.53 16.13 24.17
CA GLY P 36 -30.51 17.19 23.19
C GLY P 36 -30.41 16.79 21.74
N TYR P 37 -30.63 15.52 21.40
CA TYR P 37 -30.54 15.10 20.01
C TYR P 37 -31.75 15.57 19.20
N LYS P 38 -32.88 15.83 19.85
CA LYS P 38 -34.07 16.29 19.15
C LYS P 38 -33.96 17.73 18.67
N LYS P 39 -33.10 18.54 19.31
CA LYS P 39 -32.88 19.91 18.88
C LYS P 39 -31.99 20.00 17.65
N LEU P 40 -31.32 18.91 17.27
CA LEU P 40 -30.62 18.83 16.00
C LEU P 40 -31.45 18.16 14.92
N GLY P 41 -32.69 17.78 15.22
CA GLY P 41 -33.56 17.17 14.25
C GLY P 41 -33.39 15.67 14.08
N LEU P 42 -32.93 14.98 15.11
CA LEU P 42 -32.68 13.55 15.03
C LEU P 42 -33.66 12.76 15.90
N LYS P 43 -33.98 11.56 15.45
CA LYS P 43 -34.62 10.54 16.27
C LYS P 43 -33.54 9.65 16.88
N PHE P 44 -33.92 8.86 17.89
CA PHE P 44 -32.92 8.07 18.60
C PHE P 44 -32.35 6.96 17.74
N ASP P 45 -33.17 6.36 16.88
CA ASP P 45 -32.68 5.28 16.03
C ASP P 45 -31.72 5.75 14.94
N ASP P 46 -31.60 7.07 14.71
CA ASP P 46 -30.53 7.60 13.88
C ASP P 46 -29.17 7.53 14.56
N LEU P 47 -29.13 7.42 15.89
CA LEU P 47 -27.90 7.49 16.66
C LEU P 47 -27.23 6.14 16.88
N ILE P 48 -27.84 5.04 16.44
CA ILE P 48 -27.31 3.71 16.70
C ILE P 48 -26.11 3.46 15.78
N ALA P 49 -25.01 2.96 16.35
CA ALA P 49 -23.81 2.66 15.58
C ALA P 49 -24.06 1.49 14.64
N GLU P 50 -23.62 1.64 13.39
CA GLU P 50 -24.08 0.77 12.30
C GLU P 50 -23.00 -0.15 11.74
N GLU P 51 -21.78 -0.14 12.29
CA GLU P 51 -20.66 -0.86 11.69
C GLU P 51 -20.57 -2.29 12.25
N ASN P 52 -21.63 -3.06 12.05
CA ASN P 52 -21.71 -4.44 12.51
C ASN P 52 -22.72 -5.17 11.64
N PRO P 53 -22.61 -6.51 11.52
CA PRO P 53 -23.47 -7.23 10.56
C PRO P 53 -24.95 -7.22 10.88
N ILE P 54 -25.35 -7.12 12.16
CA ILE P 54 -26.78 -7.09 12.49
C ILE P 54 -27.41 -5.79 12.02
N MET P 55 -26.72 -4.66 12.21
CA MET P 55 -27.26 -3.37 11.81
C MET P 55 -27.25 -3.18 10.30
N GLN P 56 -26.30 -3.83 9.60
CA GLN P 56 -26.29 -3.75 8.14
C GLN P 56 -27.44 -4.55 7.54
N THR P 57 -27.85 -5.64 8.19
CA THR P 57 -29.01 -6.41 7.75
C THR P 57 -30.30 -5.61 7.93
N ALA P 58 -30.45 -4.95 9.08
CA ALA P 58 -31.67 -4.20 9.36
C ALA P 58 -31.81 -2.96 8.50
N LEU P 59 -30.69 -2.34 8.10
CA LEU P 59 -30.76 -1.16 7.25
C LEU P 59 -31.08 -1.51 5.80
N ARG P 60 -30.75 -2.73 5.37
CA ARG P 60 -31.10 -3.17 4.03
C ARG P 60 -32.60 -3.43 3.88
N ARG P 61 -33.25 -3.87 4.94
CA ARG P 61 -34.65 -4.27 4.90
C ARG P 61 -35.60 -3.13 5.20
N LEU P 62 -35.09 -1.93 5.45
CA LEU P 62 -35.94 -0.78 5.69
C LEU P 62 -36.60 -0.35 4.39
N PRO P 63 -37.89 0.01 4.41
CA PRO P 63 -38.55 0.52 3.20
C PRO P 63 -37.92 1.82 2.72
N GLU P 64 -37.96 2.03 1.40
CA GLU P 64 -37.13 3.04 0.78
C GLU P 64 -37.60 4.47 1.05
N ASP P 65 -38.88 4.68 1.35
CA ASP P 65 -39.34 6.04 1.69
C ASP P 65 -38.84 6.46 3.07
N GLU P 66 -38.67 5.51 3.99
CA GLU P 66 -38.06 5.81 5.28
C GLU P 66 -36.55 5.90 5.21
N SER P 67 -35.94 5.24 4.22
CA SER P 67 -34.50 5.33 4.05
C SER P 67 -34.08 6.68 3.47
N TYR P 68 -34.93 7.28 2.62
CA TYR P 68 -34.62 8.61 2.09
C TYR P 68 -34.76 9.68 3.17
N ALA P 69 -35.73 9.53 4.07
CA ALA P 69 -35.94 10.52 5.11
C ALA P 69 -34.88 10.43 6.20
N ARG P 70 -34.34 9.23 6.45
CA ARG P 70 -33.26 9.06 7.41
C ARG P 70 -31.98 9.72 6.92
N ALA P 71 -31.72 9.65 5.61
CA ALA P 71 -30.51 10.24 5.05
C ALA P 71 -30.54 11.77 5.09
N TYR P 72 -31.73 12.38 4.99
CA TYR P 72 -31.82 13.83 5.06
C TYR P 72 -31.61 14.34 6.49
N ARG P 73 -32.08 13.60 7.49
CA ARG P 73 -31.94 14.03 8.88
C ARG P 73 -30.49 13.96 9.33
N ILE P 74 -29.73 12.98 8.85
CA ILE P 74 -28.33 12.84 9.21
C ILE P 74 -27.49 13.95 8.57
N ILE P 75 -27.80 14.29 7.32
CA ILE P 75 -27.06 15.33 6.60
C ILE P 75 -27.34 16.71 7.19
N ARG P 76 -28.61 16.98 7.55
CA ARG P 76 -28.97 18.25 8.17
C ARG P 76 -28.35 18.41 9.56
N ALA P 77 -28.15 17.31 10.29
CA ALA P 77 -27.52 17.39 11.61
C ALA P 77 -26.02 17.66 11.52
N HIS P 78 -25.36 17.20 10.46
CA HIS P 78 -23.94 17.48 10.29
C HIS P 78 -23.70 18.94 9.93
N GLN P 79 -24.60 19.54 9.13
CA GLN P 79 -24.45 20.92 8.72
C GLN P 79 -24.74 21.88 9.88
N THR P 80 -25.69 21.54 10.74
CA THR P 80 -26.00 22.35 11.91
C THR P 80 -24.87 22.30 12.93
N GLU P 81 -24.18 21.16 13.01
CA GLU P 81 -23.11 20.98 13.99
C GLU P 81 -21.88 21.81 13.64
N LEU P 82 -21.53 21.91 12.35
CA LEU P 82 -20.34 22.66 11.98
C LEU P 82 -20.54 24.18 12.04
N THR P 83 -21.79 24.65 12.03
CA THR P 83 -22.05 26.08 12.21
C THR P 83 -22.17 26.48 13.68
N HIS P 84 -22.07 25.50 14.59
CA HIS P 84 -22.20 25.70 16.05
C HIS P 84 -23.52 26.37 16.43
N HIS P 85 -24.60 25.92 15.80
CA HIS P 85 -25.94 26.44 16.06
C HIS P 85 -26.88 25.29 16.36
N LEU P 86 -28.12 25.65 16.67
CA LEU P 86 -29.24 24.72 16.78
C LEU P 86 -30.25 25.05 15.70
N LEU P 87 -31.16 24.11 15.45
CA LEU P 87 -32.24 24.33 14.51
C LEU P 87 -33.23 25.34 15.07
N PRO P 88 -34.03 25.98 14.21
CA PRO P 88 -35.19 26.74 14.69
C PRO P 88 -36.17 25.85 15.42
N ARG P 89 -36.85 26.44 16.42
CA ARG P 89 -37.67 25.68 17.37
C ARG P 89 -38.88 25.02 16.73
N ASN P 90 -39.34 25.51 15.56
CA ASN P 90 -40.42 24.85 14.85
C ASN P 90 -39.95 23.69 13.99
N GLU P 91 -38.65 23.38 13.99
CA GLU P 91 -38.11 22.24 13.25
C GLU P 91 -37.58 21.16 14.18
N TRP P 92 -37.85 21.24 15.47
CA TRP P 92 -37.41 20.23 16.41
C TRP P 92 -38.30 18.98 16.30
N ILE P 93 -37.71 17.83 16.62
CA ILE P 93 -38.48 16.59 16.66
C ILE P 93 -39.37 16.60 17.89
N LYS P 94 -40.65 16.33 17.70
CA LYS P 94 -41.59 16.20 18.80
C LYS P 94 -41.54 14.78 19.38
N ALA P 95 -42.05 14.64 20.61
CA ALA P 95 -41.98 13.37 21.31
C ALA P 95 -42.86 12.30 20.68
N GLN P 96 -43.98 12.71 20.07
CA GLN P 96 -44.84 11.75 19.38
C GLN P 96 -44.31 11.35 18.01
N GLU P 97 -43.23 11.98 17.54
CA GLU P 97 -42.55 11.56 16.32
C GLU P 97 -41.29 10.75 16.60
N ASP P 98 -40.83 10.70 17.85
CA ASP P 98 -39.62 9.97 18.22
C ASP P 98 -39.98 8.51 18.52
N VAL P 99 -40.31 7.79 17.45
CA VAL P 99 -40.79 6.41 17.56
C VAL P 99 -39.66 5.45 17.17
N PRO P 100 -39.63 4.23 17.71
CA PRO P 100 -38.61 3.26 17.27
C PRO P 100 -38.95 2.57 15.95
N TYR P 101 -38.60 3.23 14.85
CA TYR P 101 -38.90 2.72 13.52
C TYR P 101 -38.01 1.55 13.10
N LEU P 102 -36.78 1.50 13.62
CA LEU P 102 -35.82 0.48 13.23
C LEU P 102 -35.79 -0.73 14.15
N LEU P 103 -36.38 -0.61 15.36
CA LEU P 103 -36.34 -1.67 16.36
C LEU P 103 -36.96 -3.01 15.95
N PRO P 104 -38.10 -3.11 15.25
CA PRO P 104 -38.57 -4.46 14.85
C PRO P 104 -37.68 -5.15 13.82
N TYR P 105 -36.97 -4.40 12.98
CA TYR P 105 -36.05 -5.05 12.04
C TYR P 105 -34.79 -5.54 12.74
N ILE P 106 -34.37 -4.86 13.80
CA ILE P 106 -33.18 -5.28 14.56
C ILE P 106 -33.47 -6.54 15.36
N LEU P 107 -34.64 -6.61 16.01
CA LEU P 107 -34.98 -7.75 16.85
C LEU P 107 -35.22 -9.01 16.04
N GLU P 108 -35.67 -8.87 14.79
CA GLU P 108 -35.88 -10.04 13.93
C GLU P 108 -34.56 -10.61 13.45
N ALA P 109 -33.58 -9.75 13.16
CA ALA P 109 -32.27 -10.24 12.71
C ALA P 109 -31.48 -10.83 13.87
N GLU P 110 -31.71 -10.37 15.10
CA GLU P 110 -31.00 -10.92 16.25
C GLU P 110 -31.51 -12.31 16.60
N ALA P 111 -32.81 -12.56 16.46
CA ALA P 111 -33.37 -13.86 16.77
C ALA P 111 -32.95 -14.92 15.76
N ALA P 112 -32.77 -14.53 14.50
CA ALA P 112 -32.33 -15.48 13.49
C ALA P 112 -30.86 -15.85 13.66
N ALA P 113 -30.04 -14.92 14.13
CA ALA P 113 -28.63 -15.23 14.36
C ALA P 113 -28.43 -16.07 15.61
N LYS P 114 -29.34 -15.97 16.59
CA LYS P 114 -29.24 -16.80 17.78
C LYS P 114 -29.65 -18.24 17.49
N GLU P 115 -30.68 -18.43 16.66
CA GLU P 115 -31.11 -19.77 16.30
C GLU P 115 -30.09 -20.49 15.43
N LYS P 116 -29.38 -19.75 14.58
CA LYS P 116 -28.33 -20.35 13.76
C LYS P 116 -27.14 -20.77 14.62
N ASP P 117 -26.82 -19.99 15.64
CA ASP P 117 -25.69 -20.31 16.52
C ASP P 117 -26.00 -21.52 17.41
N GLU P 118 -27.25 -21.72 17.77
CA GLU P 118 -27.62 -22.87 18.59
C GLU P 118 -27.64 -24.17 17.79
N LEU P 119 -27.98 -24.10 16.51
CA LEU P 119 -27.99 -25.29 15.67
C LEU P 119 -26.60 -25.69 15.19
N ASP P 120 -25.64 -24.76 15.21
CA ASP P 120 -24.28 -25.06 14.75
C ASP P 120 -23.40 -25.67 15.85
N ASN P 121 -23.74 -25.48 17.12
CA ASN P 121 -22.99 -26.04 18.25
C ASN P 121 -24.00 -26.80 19.10
N ILE P 122 -24.27 -28.06 18.74
CA ILE P 122 -25.46 -28.76 19.23
C ILE P 122 -25.07 -30.18 19.63
N GLU P 123 -25.82 -30.73 20.59
CA GLU P 123 -25.66 -32.10 21.04
C GLU P 123 -26.82 -32.95 20.50
N VAL P 124 -26.64 -34.26 20.57
CA VAL P 124 -27.68 -35.23 20.28
C VAL P 124 -27.68 -36.29 21.37
N SER P 125 -28.75 -37.09 21.39
CA SER P 125 -28.88 -38.21 22.31
C SER P 125 -29.75 -39.28 21.67
N LYS P 126 -29.38 -40.54 21.90
CA LYS P 126 -30.05 -41.67 21.27
C LYS P 126 -31.43 -41.92 21.89
N GLY Q 1 -1.84 -6.51 -7.21
CA GLY Q 1 -1.86 -7.15 -5.90
C GLY Q 1 -3.16 -7.85 -5.59
N PRO Q 2 -3.24 -8.50 -4.42
CA PRO Q 2 -4.47 -9.17 -4.05
C PRO Q 2 -5.51 -8.15 -3.59
N PRO Q 3 -6.80 -8.47 -3.71
CA PRO Q 3 -7.83 -7.58 -3.16
C PRO Q 3 -7.84 -7.61 -1.65
N SER Q 4 -8.31 -6.53 -1.05
CA SER Q 4 -8.26 -6.33 0.39
C SER Q 4 -9.49 -6.93 1.06
N GLY Q 5 -9.61 -6.73 2.38
CA GLY Q 5 -10.79 -7.14 3.12
C GLY Q 5 -11.91 -6.11 3.04
N LYS Q 6 -13.02 -6.45 3.70
CA LYS Q 6 -14.22 -5.62 3.66
C LYS Q 6 -14.16 -4.57 4.77
N THR Q 7 -14.35 -3.31 4.37
CA THR Q 7 -14.28 -2.17 5.29
C THR Q 7 -15.64 -1.48 5.32
N TYR Q 8 -15.68 -0.32 5.99
CA TYR Q 8 -16.91 0.47 6.11
C TYR Q 8 -16.76 1.85 5.47
N MET Q 9 -15.73 2.06 4.67
CA MET Q 9 -15.53 3.31 3.95
C MET Q 9 -14.92 3.01 2.58
N GLY Q 10 -15.40 3.72 1.57
CA GLY Q 10 -14.86 3.60 0.22
C GLY Q 10 -14.06 4.80 -0.23
N TRP Q 11 -14.28 5.24 -1.46
CA TRP Q 11 -13.60 6.41 -2.03
C TRP Q 11 -14.62 7.23 -2.81
N TRP Q 12 -14.15 8.28 -3.49
CA TRP Q 12 -15.03 9.20 -4.19
C TRP Q 12 -15.75 8.53 -5.35
N GLY Q 13 -17.09 8.52 -5.28
CA GLY Q 13 -17.93 7.82 -6.24
C GLY Q 13 -18.52 6.53 -5.71
N HIS Q 14 -17.84 5.87 -4.78
CA HIS Q 14 -18.32 4.62 -4.17
C HIS Q 14 -18.08 4.65 -2.66
N MET Q 15 -18.52 5.72 -2.00
CA MET Q 15 -18.17 5.97 -0.60
C MET Q 15 -18.79 4.96 0.36
N GLY Q 16 -19.96 4.44 0.04
CA GLY Q 16 -20.56 3.37 0.82
C GLY Q 16 -21.67 3.74 1.78
N GLY Q 17 -22.40 4.82 1.53
CA GLY Q 17 -23.56 5.15 2.31
C GLY Q 17 -24.84 4.68 1.66
N PRO Q 18 -25.99 5.11 2.16
CA PRO Q 18 -27.25 4.78 1.51
C PRO Q 18 -27.46 5.60 0.26
N LYS Q 19 -28.46 5.21 -0.52
CA LYS Q 19 -28.80 5.93 -1.74
C LYS Q 19 -29.59 7.19 -1.42
N GLN Q 20 -29.20 8.29 -2.07
CA GLN Q 20 -29.80 9.59 -1.82
C GLN Q 20 -30.70 9.98 -2.98
N LYS Q 21 -31.87 10.54 -2.64
CA LYS Q 21 -32.83 10.98 -3.64
C LYS Q 21 -33.73 12.03 -3.01
N GLY Q 22 -33.83 13.19 -3.66
CA GLY Q 22 -34.74 14.22 -3.23
C GLY Q 22 -34.14 15.40 -2.50
N ILE Q 23 -32.82 15.46 -2.35
CA ILE Q 23 -32.14 16.50 -1.59
C ILE Q 23 -31.42 17.43 -2.55
N THR Q 24 -31.68 18.73 -2.44
CA THR Q 24 -31.02 19.76 -3.22
C THR Q 24 -30.18 20.64 -2.31
N SER Q 25 -28.99 21.04 -2.78
CA SER Q 25 -28.10 21.91 -2.02
C SER Q 25 -27.72 23.14 -2.84
N TYR Q 26 -27.45 24.24 -2.13
CA TYR Q 26 -27.13 25.54 -2.72
C TYR Q 26 -25.93 26.14 -2.00
N ALA Q 27 -25.09 26.86 -2.74
CA ALA Q 27 -23.92 27.51 -2.17
C ALA Q 27 -23.55 28.73 -3.00
N VAL Q 28 -22.87 29.69 -2.36
CA VAL Q 28 -22.42 30.93 -2.98
C VAL Q 28 -20.90 30.99 -2.84
N SER Q 29 -20.23 31.56 -3.86
CA SER Q 29 -18.78 31.70 -3.89
C SER Q 29 -18.28 32.56 -2.72
N PRO Q 30 -17.15 32.21 -2.11
CA PRO Q 30 -16.57 33.05 -1.06
C PRO Q 30 -16.08 34.41 -1.55
N TYR Q 31 -15.78 34.55 -2.85
CA TYR Q 31 -15.37 35.83 -3.40
C TYR Q 31 -16.50 36.84 -3.47
N ALA Q 32 -17.75 36.40 -3.34
CA ALA Q 32 -18.91 37.28 -3.42
C ALA Q 32 -19.59 37.48 -2.07
N GLN Q 33 -18.90 37.17 -0.97
CA GLN Q 33 -19.47 37.30 0.36
C GLN Q 33 -18.78 38.41 1.14
N LYS Q 34 -19.41 38.82 2.24
CA LYS Q 34 -18.85 39.88 3.07
C LYS Q 34 -17.63 39.37 3.84
N PRO Q 35 -16.57 40.17 3.92
CA PRO Q 35 -15.36 39.73 4.65
C PRO Q 35 -15.54 39.90 6.16
N LEU Q 36 -15.56 38.48 6.90
CA LEU Q 36 -15.43 38.63 8.35
C LEU Q 36 -16.60 39.39 8.99
N GLN Q 37 -17.87 38.72 8.91
CA GLN Q 37 -19.04 39.02 9.73
C GLN Q 37 -19.01 38.18 11.04
N GLY Q 38 -17.81 37.93 11.56
CA GLY Q 38 -17.60 36.91 12.57
C GLY Q 38 -17.69 37.28 14.04
N ILE Q 39 -17.03 38.36 14.46
CA ILE Q 39 -16.81 38.59 15.89
C ILE Q 39 -18.08 39.04 16.60
N PHE Q 40 -18.94 39.82 15.94
CA PHE Q 40 -20.23 40.12 16.54
C PHE Q 40 -21.30 39.17 15.99
N HIS Q 41 -22.35 38.95 16.78
CA HIS Q 41 -23.40 37.92 16.72
C HIS Q 41 -22.83 36.53 17.04
N ASN Q 42 -21.55 36.43 17.38
CA ASN Q 42 -20.96 35.20 17.89
C ASN Q 42 -20.34 35.36 19.26
N ALA Q 43 -19.72 36.51 19.55
CA ALA Q 43 -19.33 36.85 20.91
C ALA Q 43 -20.44 37.54 21.68
N VAL Q 44 -21.52 37.94 21.00
CA VAL Q 44 -22.68 38.49 21.70
C VAL Q 44 -23.38 37.39 22.49
N PHE Q 45 -23.89 36.38 21.79
CA PHE Q 45 -24.72 35.34 22.38
C PHE Q 45 -24.25 33.92 22.09
N ASN Q 46 -23.53 33.70 20.99
CA ASN Q 46 -23.21 32.33 20.59
C ASN Q 46 -22.09 31.75 21.46
N SER Q 47 -21.04 32.52 21.72
CA SER Q 47 -19.97 32.01 22.58
C SER Q 47 -20.20 32.35 24.04
N PHE Q 48 -21.41 32.13 24.52
CA PHE Q 48 -21.73 32.04 25.93
C PHE Q 48 -22.59 30.83 26.22
N ARG Q 49 -23.55 30.51 25.35
CA ARG Q 49 -24.41 29.36 25.57
C ARG Q 49 -23.72 28.05 25.22
N ARG Q 50 -22.66 28.12 24.39
CA ARG Q 50 -21.98 26.92 23.95
C ARG Q 50 -21.18 26.26 25.07
N PHE Q 51 -20.85 27.00 26.12
CA PHE Q 51 -20.20 26.43 27.29
C PHE Q 51 -21.02 26.51 28.56
N LYS Q 52 -21.94 27.47 28.67
CA LYS Q 52 -22.79 27.57 29.85
C LYS Q 52 -24.08 26.78 29.72
N SER Q 53 -24.24 26.00 28.66
CA SER Q 53 -25.14 24.85 28.67
C SER Q 53 -24.38 23.57 28.95
N GLN Q 54 -23.10 23.69 29.28
CA GLN Q 54 -22.19 22.58 29.50
C GLN Q 54 -21.37 22.77 30.77
N PHE Q 55 -21.42 23.96 31.38
CA PHE Q 55 -20.54 24.33 32.48
C PHE Q 55 -20.79 23.50 33.74
N LEU Q 56 -21.99 22.95 33.90
CA LEU Q 56 -22.32 22.26 35.14
C LEU Q 56 -21.76 20.85 35.17
N TYR Q 57 -21.43 20.26 34.02
CA TYR Q 57 -20.77 18.96 33.98
C TYR Q 57 -19.28 19.05 34.29
N VAL Q 58 -18.70 20.24 34.24
CA VAL Q 58 -17.29 20.45 34.51
C VAL Q 58 -17.05 21.00 35.91
N LEU Q 59 -17.86 21.95 36.35
CA LEU Q 59 -17.57 22.68 37.58
C LEU Q 59 -18.07 21.98 38.84
N ILE Q 60 -19.02 21.06 38.74
CA ILE Q 60 -19.35 20.24 39.91
C ILE Q 60 -18.23 19.23 40.19
N PRO Q 61 -17.66 18.49 39.21
CA PRO Q 61 -16.46 17.70 39.56
C PRO Q 61 -15.24 18.53 39.91
N ALA Q 62 -15.13 19.76 39.40
CA ALA Q 62 -13.99 20.60 39.77
C ALA Q 62 -14.11 21.14 41.17
N GLY Q 63 -15.33 21.43 41.63
CA GLY Q 63 -15.52 21.92 42.97
C GLY Q 63 -15.38 20.85 44.03
N ILE Q 64 -15.65 19.58 43.67
CA ILE Q 64 -15.47 18.48 44.60
C ILE Q 64 -13.98 18.23 44.85
N TYR Q 65 -13.18 18.25 43.79
CA TYR Q 65 -11.76 17.95 43.92
C TYR Q 65 -10.96 19.12 44.47
N TRP Q 66 -11.43 20.35 44.25
CA TRP Q 66 -10.73 21.50 44.83
C TRP Q 66 -11.04 21.65 46.31
N TYR Q 67 -12.24 21.27 46.75
CA TYR Q 67 -12.55 21.27 48.18
C TYR Q 67 -11.78 20.20 48.92
N TRP Q 68 -11.53 19.06 48.28
CA TRP Q 68 -10.83 17.95 48.93
C TRP Q 68 -9.34 18.26 49.09
N TRP Q 69 -8.74 18.90 48.09
CA TRP Q 69 -7.31 19.21 48.16
C TRP Q 69 -7.03 20.34 49.14
N LYS Q 70 -7.90 21.35 49.16
CA LYS Q 70 -7.71 22.49 50.07
C LYS Q 70 -7.92 22.09 51.52
N ASN Q 71 -8.81 21.13 51.78
CA ASN Q 71 -9.05 20.69 53.15
C ASN Q 71 -7.90 19.85 53.67
N GLY Q 72 -7.29 19.03 52.81
CA GLY Q 72 -6.17 18.22 53.25
C GLY Q 72 -4.89 19.02 53.41
N ASN Q 73 -4.75 20.12 52.68
CA ASN Q 73 -3.55 20.94 52.80
C ASN Q 73 -3.54 21.75 54.10
N GLU Q 74 -4.72 22.16 54.57
CA GLU Q 74 -4.80 22.89 55.84
C GLU Q 74 -4.64 21.97 57.04
N TYR Q 75 -4.95 20.69 56.89
CA TYR Q 75 -4.78 19.74 58.00
C TYR Q 75 -3.32 19.33 58.16
N ASN Q 76 -2.59 19.21 57.05
CA ASN Q 76 -1.16 18.95 57.12
C ASN Q 76 -0.40 20.14 57.69
N GLU Q 77 -0.88 21.35 57.42
CA GLU Q 77 -0.26 22.55 57.98
C GLU Q 77 -0.49 22.66 59.48
N PHE Q 78 -1.64 22.17 59.96
CA PHE Q 78 -1.92 22.19 61.39
C PHE Q 78 -1.08 21.17 62.15
N LEU Q 79 -0.80 20.03 61.52
CA LEU Q 79 -0.14 18.92 62.21
C LEU Q 79 1.33 19.21 62.48
N TYR Q 80 1.97 20.03 61.66
CA TYR Q 80 3.39 20.32 61.80
C TYR Q 80 3.65 21.68 62.43
N SER Q 81 2.64 22.31 63.01
CA SER Q 81 2.81 23.53 63.76
C SER Q 81 2.99 23.20 65.25
N LYS Q 82 3.02 24.22 66.10
CA LYS Q 82 3.17 23.98 67.53
C LYS Q 82 1.88 23.47 68.15
N ALA Q 83 0.74 23.99 67.70
CA ALA Q 83 -0.55 23.64 68.28
C ALA Q 83 -0.98 22.22 67.92
N GLY Q 84 -0.50 21.68 66.82
CA GLY Q 84 -0.89 20.35 66.41
C GLY Q 84 0.17 19.30 66.70
N ARG Q 85 1.00 19.56 67.71
CA ARG Q 85 2.06 18.63 68.03
C ARG Q 85 1.54 17.37 68.71
N GLU Q 86 0.51 17.50 69.57
CA GLU Q 86 0.01 16.36 70.32
C GLU Q 86 -0.79 15.40 69.45
N GLU Q 87 -1.49 15.91 68.43
CA GLU Q 87 -2.20 15.04 67.51
C GLU Q 87 -1.23 14.30 66.59
N LEU Q 88 -0.05 14.87 66.36
CA LEU Q 88 0.90 14.30 65.42
C LEU Q 88 1.48 12.97 65.90
N GLU Q 89 1.73 12.81 67.22
CA GLU Q 89 2.19 11.51 67.70
C GLU Q 89 1.07 10.48 67.68
N ARG Q 90 -0.18 10.92 67.76
CA ARG Q 90 -1.30 9.99 67.80
C ARG Q 90 -1.56 9.36 66.44
N VAL Q 91 -1.46 10.15 65.36
CA VAL Q 91 -1.83 9.66 64.04
C VAL Q 91 -0.66 9.08 63.25
N ASN Q 92 0.57 9.18 63.75
CA ASN Q 92 1.69 8.48 63.16
C ASN Q 92 1.91 7.10 63.76
N VAL Q 93 1.02 6.65 64.64
CA VAL Q 93 1.09 5.29 65.17
C VAL Q 93 0.68 4.31 64.08
N SER R 1 -9.89 47.77 -10.36
CA SER R 1 -8.83 48.03 -11.34
C SER R 1 -8.06 46.76 -11.68
N SER R 2 -6.74 46.85 -11.68
CA SER R 2 -5.85 45.74 -11.99
C SER R 2 -4.67 45.68 -11.04
N LEU R 3 -4.94 45.72 -9.72
CA LEU R 3 -3.87 45.51 -8.74
C LEU R 3 -3.35 44.07 -8.79
N TYR R 4 -4.16 43.14 -9.28
CA TYR R 4 -3.78 41.73 -9.34
C TYR R 4 -2.75 41.46 -10.44
N LYS R 5 -2.61 42.38 -11.41
CA LYS R 5 -2.12 42.07 -12.76
C LYS R 5 -0.68 41.56 -12.79
N THR R 6 0.19 42.17 -12.00
CA THR R 6 1.58 41.73 -11.90
C THR R 6 1.97 41.41 -10.47
N PHE R 7 1.27 42.01 -9.51
CA PHE R 7 1.69 41.92 -8.12
C PHE R 7 1.37 40.54 -7.55
N PHE R 8 0.34 39.86 -8.10
CA PHE R 8 0.00 38.49 -7.71
C PHE R 8 -0.31 37.52 -8.86
N LYS R 9 -0.61 38.01 -10.07
CA LYS R 9 -1.00 37.12 -11.17
C LYS R 9 0.18 36.30 -11.69
N ARG R 10 1.25 36.97 -12.12
CA ARG R 10 2.37 36.27 -12.76
C ARG R 10 3.15 35.51 -11.72
N ASN R 11 3.01 34.18 -11.71
CA ASN R 11 3.49 33.34 -10.64
C ASN R 11 4.88 32.76 -10.92
N ALA R 12 5.59 33.36 -11.88
CA ALA R 12 7.04 33.35 -11.90
C ALA R 12 7.60 34.56 -11.16
N VAL R 13 6.85 35.64 -11.12
CA VAL R 13 7.04 36.89 -10.39
C VAL R 13 6.34 36.87 -9.03
N PHE R 14 5.45 36.07 -8.77
CA PHE R 14 4.81 35.97 -7.46
C PHE R 14 5.67 35.19 -6.47
N VAL R 15 5.98 33.94 -6.80
CA VAL R 15 6.88 33.11 -6.00
C VAL R 15 8.27 33.75 -5.91
N GLY R 16 8.55 34.34 -7.11
CA GLY R 16 9.67 35.27 -7.06
C GLY R 16 9.50 36.38 -6.03
N THR R 17 8.50 37.22 -5.94
CA THR R 17 8.31 38.36 -5.03
C THR R 17 7.98 37.90 -3.61
N ILE R 18 7.39 36.71 -3.47
CA ILE R 18 7.27 36.06 -2.16
C ILE R 18 8.65 35.81 -1.57
N PHE R 19 9.61 35.49 -2.44
CA PHE R 19 10.99 35.36 -2.01
C PHE R 19 11.74 36.69 -2.09
N ALA R 20 11.34 37.62 -2.98
CA ALA R 20 12.11 38.85 -3.16
C ALA R 20 11.95 39.81 -1.99
N GLY R 21 10.73 40.01 -1.52
CA GLY R 21 10.51 40.95 -0.44
C GLY R 21 10.99 40.49 0.92
N ALA R 22 11.30 39.21 1.07
CA ALA R 22 11.70 38.67 2.36
C ALA R 22 13.16 38.89 2.68
N PHE R 23 13.96 39.31 1.69
CA PHE R 23 15.40 39.50 1.91
C PHE R 23 15.72 40.90 2.40
N VAL R 24 15.09 41.91 1.82
CA VAL R 24 15.23 43.27 2.37
C VAL R 24 14.45 43.39 3.68
N PHE R 25 13.54 42.44 3.95
CA PHE R 25 12.78 42.45 5.19
C PHE R 25 13.64 42.12 6.40
N GLN R 26 14.70 41.31 6.23
CA GLN R 26 15.47 40.87 7.38
C GLN R 26 16.35 41.99 7.95
N THR R 27 16.90 42.85 7.09
CA THR R 27 17.79 43.89 7.60
C THR R 27 17.03 45.08 8.19
N VAL R 28 15.87 45.43 7.63
CA VAL R 28 15.13 46.57 8.17
C VAL R 28 14.41 46.19 9.46
N PHE R 29 14.05 44.91 9.62
CA PHE R 29 13.40 44.46 10.84
C PHE R 29 14.41 44.35 11.97
N ASP R 30 15.62 43.85 11.68
CA ASP R 30 16.64 43.69 12.71
C ASP R 30 17.23 45.02 13.14
N THR R 31 17.22 46.02 12.25
CA THR R 31 17.72 47.35 12.62
C THR R 31 16.71 48.07 13.52
N ALA R 32 15.41 47.88 13.26
CA ALA R 32 14.39 48.61 13.99
C ALA R 32 14.24 48.10 15.42
N ILE R 33 14.35 46.78 15.62
CA ILE R 33 14.16 46.21 16.95
C ILE R 33 15.37 46.49 17.84
N THR R 34 16.58 46.35 17.28
CA THR R 34 17.80 46.57 18.05
C THR R 34 17.91 48.02 18.52
N SER R 35 17.45 48.97 17.69
CA SER R 35 17.45 50.37 18.09
C SER R 35 16.42 50.65 19.18
N TRP R 36 15.27 49.97 19.12
CA TRP R 36 14.27 50.12 20.17
C TRP R 36 14.72 49.45 21.47
N TYR R 37 15.37 48.30 21.36
CA TYR R 37 15.77 47.53 22.53
C TYR R 37 16.90 48.20 23.30
N GLU R 38 17.80 48.87 22.60
CA GLU R 38 18.91 49.55 23.26
C GLU R 38 18.51 50.90 23.84
N ASN R 39 17.53 51.57 23.24
CA ASN R 39 17.04 52.83 23.80
C ASN R 39 16.19 52.61 25.04
N HIS R 40 15.50 51.49 25.11
CA HIS R 40 14.72 51.15 26.31
C HIS R 40 15.63 50.84 27.49
N ASN R 41 16.86 50.40 27.23
CA ASN R 41 17.81 50.01 28.26
C ASN R 41 19.03 50.93 28.29
N LYS R 42 18.84 52.21 28.03
CA LYS R 42 19.96 53.14 28.01
C LYS R 42 20.44 53.43 29.43
N GLY R 43 21.75 53.65 29.56
CA GLY R 43 22.37 53.82 30.86
C GLY R 43 22.76 52.53 31.54
N LYS R 44 22.41 51.38 30.98
CA LYS R 44 22.73 50.09 31.57
C LYS R 44 23.69 49.25 30.76
N LEU R 45 23.90 49.56 29.48
CA LEU R 45 24.77 48.77 28.62
C LEU R 45 26.24 49.07 28.93
N TRP R 46 27.11 48.21 28.40
CA TRP R 46 28.54 48.40 28.61
C TRP R 46 29.08 49.62 27.87
N LYS R 47 28.46 49.97 26.73
CA LYS R 47 28.92 51.17 26.01
C LYS R 47 28.55 52.44 26.74
N ASP R 48 27.47 52.43 27.54
CA ASP R 48 27.14 53.59 28.36
C ASP R 48 27.95 53.61 29.64
N VAL R 49 28.53 52.49 30.05
CA VAL R 49 29.40 52.42 31.21
C VAL R 49 30.81 52.84 30.85
N LYS R 50 31.33 52.36 29.70
CA LYS R 50 32.70 52.66 29.28
C LYS R 50 32.90 54.14 28.99
N ALA R 51 31.83 54.86 28.63
CA ALA R 51 31.91 56.29 28.32
C ALA R 51 32.16 57.16 29.54
N ARG R 52 32.08 56.63 30.77
CA ARG R 52 32.46 57.42 31.93
C ARG R 52 33.26 56.63 32.97
N ILE R 53 33.65 55.40 32.70
CA ILE R 53 34.70 54.71 33.44
C ILE R 53 36.05 54.99 32.78
N ALA R 54 36.02 55.65 31.62
CA ALA R 54 37.23 56.11 30.93
C ALA R 54 37.99 57.16 31.75
N LYS S 1 4.18 23.60 -43.13
CA LYS S 1 5.40 22.88 -42.75
C LYS S 1 5.23 22.38 -41.32
N THR S 2 6.23 21.62 -40.87
CA THR S 2 6.47 21.36 -39.46
C THR S 2 7.91 20.87 -39.35
N GLY S 3 8.46 20.92 -38.13
CA GLY S 3 9.85 20.59 -37.94
C GLY S 3 10.10 19.55 -36.87
N LEU S 4 11.16 19.73 -36.08
CA LEU S 4 11.53 18.80 -35.02
C LEU S 4 10.63 19.07 -33.82
N HIS S 5 9.72 18.12 -33.53
CA HIS S 5 8.70 18.35 -32.51
C HIS S 5 9.21 18.15 -31.08
N PHE S 6 10.48 17.77 -30.92
CA PHE S 6 11.22 17.67 -29.67
C PHE S 6 10.68 16.61 -28.70
N GLY S 7 9.67 15.83 -29.11
CA GLY S 7 9.00 14.86 -28.25
C GLY S 7 7.87 15.45 -27.41
N ARG S 8 8.23 16.12 -26.33
CA ARG S 8 7.27 16.95 -25.60
C ARG S 8 7.86 18.30 -25.25
N LEU S 9 9.14 18.50 -25.59
CA LEU S 9 9.80 19.81 -25.35
C LEU S 9 9.48 20.74 -26.53
N SER S 10 8.26 20.65 -27.07
CA SER S 10 7.86 21.48 -28.23
C SER S 10 8.46 22.88 -28.09
N LEU S 11 9.20 23.33 -29.11
CA LEU S 11 9.77 24.71 -29.10
C LEU S 11 8.63 25.70 -29.30
N ARG S 12 7.57 25.30 -30.03
CA ARG S 12 6.46 26.20 -30.32
C ARG S 12 5.98 26.44 -28.87
N SER S 13 6.06 25.40 -27.95
CA SER S 13 5.76 25.70 -26.57
C SER S 13 6.99 26.12 -25.78
N LEU S 14 8.32 26.08 -26.20
CA LEU S 14 9.43 26.55 -25.37
C LEU S 14 9.34 28.06 -25.17
N THR S 15 9.44 28.84 -26.25
CA THR S 15 9.29 30.29 -26.08
C THR S 15 7.83 30.72 -25.99
N ALA S 16 6.90 29.77 -25.89
CA ALA S 16 5.61 30.04 -25.26
C ALA S 16 5.62 29.73 -23.77
N TYR S 17 6.78 29.33 -23.21
CA TYR S 17 6.94 29.17 -21.77
C TYR S 17 8.19 29.90 -21.27
N ALA S 18 9.29 29.82 -22.03
CA ALA S 18 10.62 30.33 -21.65
C ALA S 18 10.81 31.84 -21.45
N PRO S 19 10.01 32.76 -22.00
CA PRO S 19 10.15 34.17 -21.58
C PRO S 19 9.88 34.40 -20.10
N ASN S 20 9.13 33.49 -19.49
CA ASN S 20 8.89 33.47 -18.05
C ASN S 20 9.74 32.43 -17.33
N LEU S 21 10.75 31.86 -18.11
CA LEU S 21 11.89 31.18 -17.50
C LEU S 21 13.05 32.14 -17.27
N MET S 22 13.01 33.33 -17.89
CA MET S 22 13.84 34.42 -17.39
C MET S 22 13.39 34.86 -16.00
N LEU S 23 12.15 34.56 -15.60
CA LEU S 23 11.70 34.75 -14.22
C LEU S 23 11.47 33.45 -13.46
N TRP S 24 11.37 32.29 -14.17
CA TRP S 24 11.33 30.94 -13.49
C TRP S 24 12.75 30.49 -13.19
N GLY S 25 13.73 30.91 -13.99
CA GLY S 25 15.10 30.55 -13.56
C GLY S 25 15.48 31.71 -12.66
N GLY S 26 14.63 32.71 -12.77
CA GLY S 26 14.83 33.89 -11.88
C GLY S 26 14.00 33.80 -10.60
N ALA S 27 13.11 32.79 -10.46
CA ALA S 27 12.42 32.63 -9.17
C ALA S 27 13.21 31.79 -8.17
N SER S 28 14.07 30.90 -8.65
CA SER S 28 14.97 30.18 -7.75
C SER S 28 16.33 30.83 -7.65
N MET S 29 16.70 31.68 -8.62
CA MET S 29 17.79 32.62 -8.37
C MET S 29 17.30 33.81 -7.54
N LEU S 30 15.95 34.17 -7.53
CA LEU S 30 15.28 34.83 -6.42
C LEU S 30 15.14 33.91 -5.20
N GLY S 31 15.47 32.69 -5.21
CA GLY S 31 15.36 31.82 -4.05
C GLY S 31 16.65 31.73 -3.23
N LEU S 32 17.77 31.45 -3.89
CA LEU S 32 19.08 31.45 -3.20
C LEU S 32 19.54 32.87 -2.88
N PHE S 33 18.91 33.87 -3.49
CA PHE S 33 18.79 35.26 -3.06
C PHE S 33 18.47 35.41 -1.57
N VAL S 34 17.70 34.48 -1.01
CA VAL S 34 17.27 34.51 0.39
C VAL S 34 18.11 33.59 1.25
N PHE S 35 18.32 32.36 0.78
CA PHE S 35 18.72 31.23 1.60
C PHE S 35 20.26 31.04 1.64
N THR S 36 21.05 32.09 1.36
CA THR S 36 22.50 31.91 1.34
C THR S 36 23.22 32.93 2.19
N GLU S 37 22.53 33.59 3.10
CA GLU S 37 23.05 34.80 3.73
C GLU S 37 23.01 34.70 5.24
N GLY S 38 23.49 33.59 5.78
CA GLY S 38 23.84 33.49 7.18
C GLY S 38 25.34 33.54 7.42
N TRP S 39 26.14 33.69 6.37
CA TRP S 39 27.59 33.68 6.39
C TRP S 39 28.05 34.58 5.25
N PRO S 40 29.10 35.38 5.45
CA PRO S 40 29.43 36.45 4.48
C PRO S 40 30.04 35.90 3.20
N LYS S 41 29.37 36.17 2.07
CA LYS S 41 29.89 35.94 0.74
C LYS S 41 29.13 36.85 -0.22
N PHE S 42 29.86 37.45 -1.17
CA PHE S 42 29.28 38.40 -2.12
C PHE S 42 29.68 37.99 -3.52
N GLN S 43 28.72 38.02 -4.45
CA GLN S 43 28.98 37.59 -5.82
C GLN S 43 27.94 38.22 -6.73
N ASP S 44 28.39 38.94 -7.75
CA ASP S 44 27.50 39.50 -8.76
C ASP S 44 27.62 38.72 -10.07
N THR T 2 -31.52 -29.73 23.86
CA THR T 2 -30.29 -30.53 23.71
C THR T 2 -29.32 -29.78 22.80
N GLY T 3 -28.28 -29.20 23.41
CA GLY T 3 -27.37 -28.31 22.71
C GLY T 3 -26.09 -27.99 23.47
N LEU T 4 -25.04 -27.67 22.73
CA LEU T 4 -23.68 -27.54 23.24
C LEU T 4 -23.41 -26.10 23.70
N HIS T 5 -22.19 -25.76 23.85
CA HIS T 5 -21.71 -24.45 24.30
C HIS T 5 -21.82 -23.40 23.19
N PHE T 6 -21.27 -22.25 23.62
CA PHE T 6 -21.73 -21.01 23.01
C PHE T 6 -20.53 -20.09 22.72
N GLY T 7 -20.82 -18.98 22.04
CA GLY T 7 -19.93 -17.82 21.94
C GLY T 7 -18.59 -18.01 21.27
N ARG T 8 -18.60 -18.29 19.95
CA ARG T 8 -17.44 -18.34 19.02
C ARG T 8 -16.29 -19.26 19.48
N LEU T 9 -16.53 -20.10 20.48
CA LEU T 9 -15.67 -21.20 20.86
C LEU T 9 -16.57 -22.36 21.23
N SER T 10 -15.97 -23.48 21.59
CA SER T 10 -16.73 -24.68 21.88
C SER T 10 -16.01 -25.53 22.91
N LEU T 11 -16.77 -26.12 23.82
CA LEU T 11 -16.24 -27.15 24.69
C LEU T 11 -15.94 -28.42 23.90
N ARG T 12 -16.59 -28.60 22.75
CA ARG T 12 -16.22 -29.69 21.85
C ARG T 12 -14.87 -29.43 21.20
N SER T 13 -14.58 -28.17 20.89
CA SER T 13 -13.25 -27.78 20.39
C SER T 13 -12.17 -27.88 21.46
N LEU T 14 -12.56 -27.97 22.73
CA LEU T 14 -11.61 -28.10 23.83
C LEU T 14 -11.64 -29.48 24.49
N THR T 15 -12.58 -30.34 24.13
CA THR T 15 -12.53 -31.73 24.61
C THR T 15 -11.73 -32.63 23.67
N ALA T 16 -11.39 -32.15 22.47
CA ALA T 16 -10.35 -32.75 21.65
C ALA T 16 -9.02 -32.07 21.89
N TYR T 17 -9.06 -30.77 22.19
CA TYR T 17 -7.88 -30.00 22.58
C TYR T 17 -7.84 -29.86 24.11
N ALA T 18 -8.22 -30.92 24.80
CA ALA T 18 -7.87 -31.03 26.22
C ALA T 18 -6.43 -31.50 26.42
N PRO T 19 -5.97 -32.66 25.94
CA PRO T 19 -4.64 -33.12 26.36
C PRO T 19 -3.49 -32.69 25.46
N ASN T 20 -3.66 -31.70 24.57
CA ASN T 20 -2.59 -31.30 23.67
C ASN T 20 -2.10 -29.87 23.86
N LEU T 21 -2.75 -29.06 24.69
CA LEU T 21 -2.04 -27.93 25.27
C LEU T 21 -1.20 -28.37 26.47
N MET T 22 -1.33 -29.63 26.88
CA MET T 22 -0.28 -30.31 27.63
C MET T 22 1.03 -30.32 26.84
N LEU T 23 0.95 -30.39 25.51
CA LEU T 23 2.12 -30.44 24.66
C LEU T 23 2.26 -29.23 23.73
N TRP T 24 1.20 -28.42 23.54
CA TRP T 24 1.40 -27.11 22.92
C TRP T 24 1.84 -26.07 23.95
N GLY T 25 1.29 -26.11 25.16
CA GLY T 25 1.99 -25.49 26.26
C GLY T 25 3.32 -26.13 26.53
N GLY T 26 3.40 -27.46 26.34
CA GLY T 26 4.65 -28.17 26.35
C GLY T 26 5.56 -27.91 25.17
N ALA T 27 5.03 -27.33 24.09
CA ALA T 27 5.90 -26.89 23.00
C ALA T 27 6.75 -25.71 23.44
N SER T 28 6.18 -24.82 24.24
CA SER T 28 6.90 -23.69 24.82
C SER T 28 7.29 -23.90 26.28
N MET T 29 6.92 -25.03 26.88
CA MET T 29 7.74 -25.56 27.96
C MET T 29 9.10 -25.97 27.43
N LEU T 30 9.12 -26.44 26.18
CA LEU T 30 10.37 -26.73 25.50
C LEU T 30 10.98 -25.50 24.85
N GLY T 31 10.25 -24.39 24.84
CA GLY T 31 10.76 -23.11 24.37
C GLY T 31 11.79 -22.49 25.30
N LEU T 32 11.39 -22.21 26.55
CA LEU T 32 12.33 -21.70 27.54
C LEU T 32 13.18 -22.81 28.15
N PHE T 33 12.94 -24.08 27.76
CA PHE T 33 13.94 -25.12 27.95
C PHE T 33 15.23 -24.76 27.24
N VAL T 34 15.17 -24.68 25.90
CA VAL T 34 16.38 -24.47 25.12
C VAL T 34 16.86 -23.02 25.20
N PHE T 35 15.95 -22.05 25.22
CA PHE T 35 16.35 -20.64 25.10
C PHE T 35 16.99 -20.11 26.37
N THR T 36 16.93 -20.85 27.48
CA THR T 36 17.54 -20.46 28.74
C THR T 36 18.62 -21.50 29.06
N GLU T 37 19.88 -21.16 28.74
CA GLU T 37 21.04 -22.02 28.96
C GLU T 37 22.24 -21.13 29.23
N GLY T 38 23.05 -21.53 30.22
CA GLY T 38 24.27 -20.83 30.52
C GLY T 38 24.10 -19.68 31.49
N TRP T 39 22.85 -19.29 31.76
CA TRP T 39 22.49 -18.37 32.82
C TRP T 39 22.96 -18.92 34.17
N PRO T 40 23.36 -18.06 35.11
CA PRO T 40 23.55 -18.51 36.49
C PRO T 40 22.24 -18.71 37.25
N LYS T 41 21.10 -18.50 36.61
CA LYS T 41 19.79 -18.60 37.22
C LYS T 41 19.24 -20.01 37.22
N PHE T 42 19.44 -20.75 36.14
CA PHE T 42 18.63 -21.91 35.79
C PHE T 42 19.41 -23.21 35.91
N GLN T 43 20.29 -23.29 36.91
CA GLN T 43 21.18 -24.44 37.01
C GLN T 43 21.06 -25.22 38.31
N ASP T 44 20.31 -24.74 39.31
CA ASP T 44 20.04 -25.55 40.50
C ASP T 44 18.85 -26.48 40.31
N THR T 45 18.21 -26.45 39.15
CA THR T 45 17.18 -27.40 38.79
C THR T 45 17.44 -28.12 37.48
N LEU T 46 18.41 -27.67 36.68
CA LEU T 46 18.66 -28.25 35.36
C LEU T 46 20.08 -28.79 35.15
N TYR T 47 21.05 -28.44 35.98
CA TYR T 47 22.34 -29.10 35.88
C TYR T 47 22.52 -30.23 36.88
N LYS T 48 21.58 -30.41 37.80
CA LYS T 48 21.66 -31.42 38.84
C LYS T 48 21.39 -32.84 38.33
N LYS T 49 20.86 -32.96 37.11
CA LYS T 49 20.51 -34.25 36.52
C LYS T 49 21.74 -35.14 36.34
N ILE T 50 21.47 -36.45 36.28
CA ILE T 50 22.56 -37.45 36.32
C ILE T 50 23.50 -37.42 35.12
N PRO T 51 23.07 -37.14 33.82
CA PRO T 51 24.11 -37.08 32.78
C PRO T 51 24.66 -35.68 32.51
N LEU T 52 25.84 -35.63 31.88
CA LEU T 52 26.45 -34.48 31.20
C LEU T 52 26.44 -33.14 31.95
#